data_7SVN
#
_entry.id   7SVN
#
_cell.length_a   119.789
_cell.length_b   117.439
_cell.length_c   163.455
_cell.angle_alpha   90.000
_cell.angle_beta   105.490
_cell.angle_gamma   90.000
#
_symmetry.space_group_name_H-M   'P 1 21 1'
#
loop_
_entity.id
_entity.type
_entity.pdbx_description
1 polymer 'Dipeptidyl peptidase 9'
2 non-polymer (2S,4S)-1-[(2S)-2-amino-2-cyclohexylacetyl]-4-fluoropyrrolidine-2-carbonitrile
3 water water
#
_entity_poly.entity_id   1
_entity_poly.type   'polypeptide(L)'
_entity_poly.pdbx_seq_one_letter_code
;MATTGTPTADRGDAAATDDPAARFQVQKHSWDGLRSIIHGSRKYSGLIVNKAPHDFQFVQKTDESGPHSHRLYYLGMPYG
SRENSLLYSEIPKKVRKEALLLLSWKQMLDHFQATPHHGVYSREEELLRERKRLGVFGITSYDFHSESGLFLFQASNSLF
HCRDGGKNGFMVSPMKPLEIKTQCSGPRMDPKICPADPAFFSFINNSDLWVANIETGEERRLTFCHQGLSNVLDDPKSAG
VATFVIQEEFDRFTGYWWCPTASWEGSEGLKTLRILYEEVDESEVEVIHVPSPALEERKTDSYRYPRTGSKNPKIALKLA
EFQTDSQGKIVSTQEKELVQPFSSLFPKVEYIARAGWTRDGKYAWAMFLDRPQQWLQLVLLPPALFIPSTENEEQRLASA
RAVPRNVQPYVVYEEVTNVWINVHDIFYPFPQSEGEDELCFLRANECKTGFCHLYKVTAVLKSQGYDWSEPFSPGEDEFK
CPIKEEIALTSGEWEVLARHGSKIWVNEETKLVYFQGTKDTPLEHHLYVVSYEAAGEIVRLTTPGFSHSCSMSQNFDMFV
SHYSSVSTPPCVHVYKLSGPDDDPLHKQPRFWASMMEAASCPPDYVPPEIFHFHTRSDVRLYGMIYKPHALQPGKKHPTV
LFVYGGPQVQLVNNSFKGIKYLRLNTLASLGYAVVVIDGRGSCQRGLRFEGALKNQMGQVEIEDQVEGLQFVAEKYGFID
LSRVAIHGWSYGGFLSLMGLIHKPQVFKVAIAGAPVTVWMAYDTGYTERYMDVPENNQHGYEAGSVALHVEKLPNEPNRL
LILHGFLDENVHFFHTNFLVSQLIRAGKPYQLQIYPNERHSIRCPESGEHYEVTLLHFLQEYLHHHHHH
;
_entity_poly.pdbx_strand_id   A,B,C,D
#
# COMPACT_ATOMS: atom_id res chain seq x y z
N ASP A 19 -76.40 -17.69 44.90
CA ASP A 19 -75.71 -16.58 44.14
C ASP A 19 -74.85 -15.58 44.95
N PRO A 20 -75.35 -15.02 46.10
CA PRO A 20 -74.46 -14.17 46.92
C PRO A 20 -73.47 -14.99 47.75
N ALA A 21 -73.95 -15.68 48.78
CA ALA A 21 -73.10 -16.54 49.61
C ALA A 21 -72.42 -17.69 48.85
N ALA A 22 -73.04 -18.14 47.74
CA ALA A 22 -72.47 -19.18 46.85
C ALA A 22 -71.10 -18.84 46.23
N ARG A 23 -70.91 -17.60 45.78
CA ARG A 23 -69.63 -17.23 45.15
C ARG A 23 -68.60 -17.03 46.26
N PHE A 24 -67.54 -17.85 46.23
CA PHE A 24 -66.40 -17.75 47.14
C PHE A 24 -65.57 -16.57 46.70
N GLN A 25 -65.35 -15.63 47.63
CA GLN A 25 -64.48 -14.50 47.39
C GLN A 25 -63.11 -14.85 47.96
N VAL A 26 -62.08 -14.73 47.11
CA VAL A 26 -60.69 -14.90 47.51
C VAL A 26 -60.35 -13.79 48.52
N GLN A 27 -59.58 -14.14 49.55
CA GLN A 27 -59.05 -13.13 50.49
C GLN A 27 -58.04 -12.18 49.81
N LYS A 28 -58.28 -10.87 49.92
CA LYS A 28 -57.43 -9.82 49.35
C LYS A 28 -56.32 -9.45 50.34
N HIS A 29 -55.10 -9.88 50.02
CA HIS A 29 -53.85 -9.50 50.75
C HIS A 29 -53.18 -8.27 50.14
N SER A 30 -52.46 -7.51 50.99
CA SER A 30 -51.53 -6.50 50.53
C SER A 30 -50.34 -7.12 49.78
N TRP A 31 -49.53 -6.28 49.13
CA TRP A 31 -48.39 -6.75 48.33
C TRP A 31 -47.32 -7.45 49.17
N ASP A 32 -47.00 -6.88 50.34
CA ASP A 32 -46.12 -7.56 51.31
C ASP A 32 -46.70 -8.90 51.80
N GLY A 33 -48.02 -8.94 51.99
CA GLY A 33 -48.75 -10.17 52.34
C GLY A 33 -48.60 -11.29 51.31
N LEU A 34 -48.81 -10.95 50.04
CA LEU A 34 -48.59 -11.86 48.92
C LEU A 34 -47.11 -12.33 48.81
N ARG A 35 -46.17 -11.41 49.05
CA ARG A 35 -44.72 -11.72 49.10
C ARG A 35 -44.39 -12.81 50.13
N SER A 36 -44.94 -12.66 51.34
CA SER A 36 -44.76 -13.64 52.43
C SER A 36 -45.43 -14.99 52.13
N ILE A 37 -46.61 -14.95 51.49
CA ILE A 37 -47.29 -16.14 50.97
C ILE A 37 -46.39 -16.90 49.98
N ILE A 38 -45.86 -16.18 48.98
CA ILE A 38 -44.98 -16.81 47.95
C ILE A 38 -43.66 -17.27 48.58
N HIS A 39 -43.10 -16.47 49.48
CA HIS A 39 -41.86 -16.86 50.21
C HIS A 39 -42.06 -18.09 51.12
N GLY A 40 -43.21 -18.17 51.79
CA GLY A 40 -43.55 -19.29 52.67
C GLY A 40 -43.72 -20.64 51.96
N SER A 41 -44.33 -20.61 50.78
CA SER A 41 -44.53 -21.79 49.93
C SER A 41 -43.21 -22.41 49.42
N ARG A 42 -42.30 -21.57 48.95
CA ARG A 42 -41.01 -22.02 48.42
C ARG A 42 -39.94 -22.38 49.48
N LYS A 43 -40.19 -22.16 50.77
CA LYS A 43 -39.15 -22.34 51.82
C LYS A 43 -38.95 -23.81 52.18
N ALA A 52 -32.46 -35.29 41.01
CA ALA A 52 -32.43 -36.73 41.31
C ALA A 52 -31.44 -37.48 40.42
N PRO A 53 -30.95 -38.66 40.88
CA PRO A 53 -29.93 -39.39 40.14
C PRO A 53 -30.26 -39.69 38.69
N HIS A 54 -29.36 -39.28 37.79
CA HIS A 54 -29.53 -39.43 36.35
C HIS A 54 -28.18 -39.64 35.69
N ASP A 55 -28.21 -39.93 34.40
CA ASP A 55 -27.01 -40.04 33.55
C ASP A 55 -26.14 -41.21 34.10
N PHE A 56 -26.76 -42.39 34.18
CA PHE A 56 -26.20 -43.58 34.89
C PHE A 56 -25.17 -44.36 34.08
N GLN A 57 -24.25 -45.02 34.78
CA GLN A 57 -23.32 -45.99 34.18
C GLN A 57 -23.15 -47.17 35.12
N PHE A 58 -23.62 -48.35 34.69
CA PHE A 58 -23.43 -49.59 35.44
C PHE A 58 -22.08 -50.21 35.08
N VAL A 59 -21.26 -50.44 36.10
CA VAL A 59 -19.92 -51.03 35.95
C VAL A 59 -19.82 -52.22 36.91
N GLN A 60 -19.58 -53.42 36.35
CA GLN A 60 -19.41 -54.64 37.13
C GLN A 60 -18.03 -54.67 37.81
N LYS A 61 -18.01 -55.15 39.05
CA LYS A 61 -16.75 -55.31 39.82
C LYS A 61 -16.25 -56.70 39.59
N THR A 62 -15.01 -56.82 39.09
CA THR A 62 -14.36 -58.12 38.86
C THR A 62 -13.47 -58.44 40.06
N ASP A 63 -14.13 -58.77 41.17
CA ASP A 63 -13.47 -59.20 42.41
C ASP A 63 -14.49 -59.94 43.30
N GLU A 64 -14.44 -61.27 43.28
CA GLU A 64 -15.41 -62.13 44.01
C GLU A 64 -15.30 -62.04 45.55
N SER A 65 -14.10 -61.76 46.05
CA SER A 65 -13.82 -61.63 47.49
C SER A 65 -14.41 -60.39 48.18
N GLY A 66 -14.55 -59.29 47.45
CA GLY A 66 -15.24 -58.08 47.96
C GLY A 66 -16.76 -58.22 48.12
N PRO A 67 -17.41 -57.30 48.87
CA PRO A 67 -18.85 -57.38 49.14
C PRO A 67 -19.81 -56.78 48.07
N HIS A 68 -19.27 -56.08 47.07
CA HIS A 68 -20.05 -55.30 46.09
C HIS A 68 -19.97 -55.89 44.68
N SER A 69 -21.13 -56.05 44.06
CA SER A 69 -21.28 -56.62 42.72
C SER A 69 -21.08 -55.60 41.59
N HIS A 70 -21.56 -54.38 41.82
CA HIS A 70 -21.44 -53.27 40.88
C HIS A 70 -21.07 -51.99 41.59
N ARG A 71 -20.53 -51.06 40.81
CA ARG A 71 -20.47 -49.64 41.15
C ARG A 71 -21.35 -48.93 40.13
N LEU A 72 -22.34 -48.20 40.64
CA LEU A 72 -23.25 -47.40 39.82
C LEU A 72 -22.78 -45.96 39.87
N TYR A 73 -22.32 -45.43 38.72
CA TYR A 73 -21.87 -44.04 38.59
C TYR A 73 -23.01 -43.22 38.03
N TYR A 74 -23.11 -41.97 38.48
CA TYR A 74 -24.20 -41.06 38.06
C TYR A 74 -23.96 -39.59 38.39
N LEU A 75 -24.74 -38.73 37.72
CA LEU A 75 -24.83 -37.32 38.08
C LEU A 75 -25.93 -37.16 39.13
N GLY A 76 -25.71 -36.28 40.11
CA GLY A 76 -26.70 -35.99 41.14
C GLY A 76 -26.38 -34.79 42.02
N MET A 77 -27.43 -34.17 42.53
CA MET A 77 -27.38 -33.00 43.40
C MET A 77 -27.98 -33.41 44.75
N PRO A 78 -27.14 -33.60 45.79
CA PRO A 78 -27.64 -33.77 47.18
C PRO A 78 -28.39 -32.55 47.73
N TYR A 79 -29.31 -32.78 48.68
CA TYR A 79 -30.13 -31.70 49.29
C TYR A 79 -29.30 -30.58 49.93
N GLY A 80 -28.21 -30.95 50.56
CA GLY A 80 -27.25 -30.00 51.15
C GLY A 80 -26.45 -29.22 50.11
N SER A 81 -26.04 -29.88 49.02
CA SER A 81 -25.23 -29.28 47.95
C SER A 81 -25.96 -28.20 47.15
N ARG A 82 -25.20 -27.19 46.72
CA ARG A 82 -25.67 -26.20 45.76
C ARG A 82 -25.80 -26.77 44.33
N GLU A 83 -24.80 -27.56 43.91
CA GLU A 83 -24.56 -27.88 42.50
C GLU A 83 -24.68 -29.38 42.17
N ASN A 84 -24.92 -29.68 40.90
CA ASN A 84 -24.93 -31.03 40.35
C ASN A 84 -23.49 -31.54 40.28
N SER A 85 -23.28 -32.84 40.50
CA SER A 85 -21.92 -33.41 40.52
C SER A 85 -21.86 -34.90 40.24
N LEU A 86 -20.65 -35.37 39.91
CA LEU A 86 -20.40 -36.79 39.66
C LEU A 86 -20.34 -37.53 41.00
N LEU A 87 -21.16 -38.58 41.11
CA LEU A 87 -21.32 -39.38 42.33
C LEU A 87 -21.27 -40.86 42.00
N TYR A 88 -21.19 -41.68 43.04
CA TYR A 88 -21.31 -43.15 42.89
C TYR A 88 -21.94 -43.80 44.14
N SER A 89 -22.60 -44.93 43.90
CA SER A 89 -23.09 -45.82 44.96
C SER A 89 -22.49 -47.20 44.75
N GLU A 90 -22.35 -47.94 45.86
CA GLU A 90 -21.83 -49.30 45.87
C GLU A 90 -23.02 -50.24 45.97
N ILE A 91 -23.20 -51.10 44.97
CA ILE A 91 -24.29 -52.05 44.93
C ILE A 91 -23.82 -53.35 45.60
N PRO A 92 -24.44 -53.79 46.72
CA PRO A 92 -23.97 -55.00 47.42
C PRO A 92 -24.38 -56.33 46.76
N LYS A 93 -23.65 -57.40 47.13
CA LYS A 93 -23.84 -58.75 46.56
C LYS A 93 -25.05 -59.49 47.15
N LYS A 94 -25.34 -59.29 48.45
CA LYS A 94 -26.56 -59.83 49.11
C LYS A 94 -27.12 -58.83 50.14
N VAL A 95 -28.45 -58.75 50.23
CA VAL A 95 -29.18 -57.77 51.05
C VAL A 95 -30.07 -58.55 52.03
N ARG A 96 -30.25 -58.02 53.23
CA ARG A 96 -31.16 -58.57 54.22
C ARG A 96 -32.36 -57.69 54.10
N LEU A 100 -35.03 -53.07 53.85
CA LEU A 100 -34.97 -51.93 52.94
C LEU A 100 -33.57 -51.28 52.98
N LEU A 101 -32.73 -51.57 51.98
CA LEU A 101 -31.41 -50.93 51.85
C LEU A 101 -31.57 -49.50 51.30
N LEU A 102 -30.89 -48.52 51.91
CA LEU A 102 -30.61 -47.21 51.29
C LEU A 102 -29.13 -47.18 50.92
N LEU A 103 -28.83 -46.84 49.68
CA LEU A 103 -27.45 -46.77 49.17
C LEU A 103 -26.86 -45.40 49.51
N SER A 104 -25.60 -45.38 49.92
CA SER A 104 -24.86 -44.13 50.19
C SER A 104 -24.49 -43.42 48.88
N TRP A 105 -24.52 -42.09 48.88
CA TRP A 105 -24.07 -41.27 47.75
C TRP A 105 -22.65 -40.82 48.07
N LYS A 106 -21.68 -41.58 47.55
CA LYS A 106 -20.26 -41.30 47.73
C LYS A 106 -19.85 -40.25 46.68
N GLN A 107 -19.12 -39.21 47.12
CA GLN A 107 -18.57 -38.19 46.22
C GLN A 107 -17.39 -38.75 45.41
N MET A 108 -17.29 -38.31 44.15
CA MET A 108 -16.20 -38.70 43.25
C MET A 108 -15.11 -37.64 43.23
N LEU A 109 -15.49 -36.38 43.03
CA LEU A 109 -14.54 -35.23 42.99
C LEU A 109 -14.48 -34.59 44.40
N ASP A 110 -13.26 -34.30 44.87
CA ASP A 110 -13.00 -33.90 46.26
C ASP A 110 -13.06 -32.39 46.43
N HIS A 111 -14.18 -31.92 47.00
CA HIS A 111 -14.48 -30.49 47.26
C HIS A 111 -14.31 -29.58 46.01
N PHE A 112 -14.97 -30.00 44.92
CA PHE A 112 -14.83 -29.40 43.58
C PHE A 112 -16.06 -28.55 43.19
N GLN A 113 -15.82 -27.27 42.88
CA GLN A 113 -16.82 -26.37 42.28
C GLN A 113 -16.73 -26.48 40.75
N ALA A 114 -17.69 -27.19 40.15
CA ALA A 114 -17.86 -27.24 38.70
C ALA A 114 -18.48 -25.98 38.10
N THR A 115 -19.37 -25.32 38.85
CA THR A 115 -20.02 -24.08 38.39
C THR A 115 -19.04 -22.91 38.46
N PRO A 116 -18.95 -22.06 37.40
CA PRO A 116 -18.06 -20.89 37.46
C PRO A 116 -18.56 -19.78 38.40
N HIS A 117 -17.69 -18.82 38.69
CA HIS A 117 -17.91 -17.76 39.71
C HIS A 117 -19.25 -17.01 39.54
N HIS A 118 -20.08 -17.03 40.59
CA HIS A 118 -21.44 -16.47 40.60
C HIS A 118 -22.46 -17.07 39.59
N GLY A 119 -22.22 -18.31 39.18
CA GLY A 119 -23.03 -18.98 38.14
C GLY A 119 -22.97 -18.39 36.74
N VAL A 120 -21.88 -17.68 36.43
CA VAL A 120 -21.77 -16.88 35.20
C VAL A 120 -21.00 -17.68 34.17
N TYR A 121 -21.73 -18.42 33.33
CA TYR A 121 -21.15 -19.23 32.25
C TYR A 121 -20.67 -18.37 31.07
N SER A 122 -19.87 -18.98 30.19
CA SER A 122 -19.57 -18.36 28.87
C SER A 122 -20.82 -18.31 27.99
N ARG A 123 -20.78 -17.50 26.94
CA ARG A 123 -21.93 -17.32 26.02
C ARG A 123 -22.36 -18.63 25.35
N GLU A 124 -21.39 -19.37 24.81
CA GLU A 124 -21.64 -20.69 24.19
C GLU A 124 -22.24 -21.69 25.16
N GLU A 125 -21.62 -21.81 26.34
CA GLU A 125 -22.07 -22.75 27.40
C GLU A 125 -23.43 -22.39 28.05
N GLU A 126 -23.71 -21.08 28.18
CA GLU A 126 -25.04 -20.63 28.64
C GLU A 126 -26.14 -20.95 27.63
N LEU A 127 -25.84 -20.74 26.35
CA LEU A 127 -26.79 -21.04 25.25
C LEU A 127 -27.06 -22.53 25.07
N LEU A 128 -26.05 -23.38 25.28
CA LEU A 128 -26.28 -24.85 25.33
C LEU A 128 -27.27 -25.24 26.48
N ARG A 129 -27.14 -24.56 27.63
CA ARG A 129 -28.03 -24.77 28.79
C ARG A 129 -29.49 -24.33 28.58
N GLU A 130 -29.70 -23.33 27.72
CA GLU A 130 -31.02 -22.92 27.24
C GLU A 130 -31.65 -23.90 26.26
N ARG A 131 -30.85 -24.36 25.29
CA ARG A 131 -31.29 -25.38 24.31
C ARG A 131 -31.59 -26.75 24.93
N LYS A 132 -30.85 -27.11 25.99
CA LYS A 132 -31.13 -28.33 26.81
C LYS A 132 -32.09 -28.12 28.03
N ARG A 133 -32.66 -26.93 28.22
CA ARG A 133 -33.59 -26.57 29.33
C ARG A 133 -33.02 -26.82 30.75
N LEU A 134 -31.70 -26.69 30.90
CA LEU A 134 -30.98 -27.06 32.11
C LEU A 134 -31.13 -25.97 33.14
N GLY A 135 -31.99 -26.21 34.13
CA GLY A 135 -32.15 -25.36 35.30
C GLY A 135 -31.06 -25.47 36.36
N VAL A 136 -30.35 -26.62 36.39
CA VAL A 136 -29.43 -26.96 37.50
C VAL A 136 -28.02 -26.49 37.19
N PHE A 137 -27.31 -25.99 38.21
CA PHE A 137 -25.88 -25.62 38.11
C PHE A 137 -24.94 -26.85 38.26
N GLY A 138 -23.74 -26.77 37.68
CA GLY A 138 -22.69 -27.81 37.80
C GLY A 138 -22.58 -28.74 36.60
N ILE A 139 -22.13 -29.98 36.82
CA ILE A 139 -21.81 -30.92 35.72
C ILE A 139 -23.13 -31.49 35.20
N THR A 140 -23.50 -31.14 33.96
CA THR A 140 -24.79 -31.51 33.36
C THR A 140 -24.71 -32.62 32.31
N SER A 141 -23.58 -32.72 31.60
CA SER A 141 -23.20 -33.89 30.83
C SER A 141 -21.82 -34.40 31.27
N TYR A 142 -21.57 -35.68 31.01
CA TYR A 142 -20.23 -36.23 30.98
C TYR A 142 -20.14 -37.38 29.99
N ASP A 143 -18.90 -37.64 29.54
CA ASP A 143 -18.56 -38.75 28.67
C ASP A 143 -17.79 -39.81 29.45
N PHE A 144 -18.02 -41.08 29.11
CA PHE A 144 -17.45 -42.22 29.84
C PHE A 144 -16.93 -43.27 28.86
N HIS A 145 -15.76 -43.84 29.18
CA HIS A 145 -15.18 -44.96 28.42
C HIS A 145 -14.90 -46.13 29.41
N SER A 146 -15.63 -47.24 29.27
CA SER A 146 -15.71 -48.28 30.34
C SER A 146 -14.44 -49.11 30.60
N GLU A 147 -13.79 -49.53 29.51
CA GLU A 147 -12.57 -50.39 29.54
C GLU A 147 -11.38 -49.74 30.27
N SER A 148 -11.11 -48.50 29.88
CA SER A 148 -10.12 -47.63 30.57
C SER A 148 -10.61 -46.96 31.86
N GLY A 149 -11.92 -46.72 31.98
CA GLY A 149 -12.52 -46.03 33.14
C GLY A 149 -12.27 -44.52 33.22
N LEU A 150 -12.21 -43.90 32.04
CA LEU A 150 -11.90 -42.47 31.90
C LEU A 150 -13.21 -41.69 31.83
N PHE A 151 -13.33 -40.67 32.68
CA PHE A 151 -14.47 -39.74 32.67
C PHE A 151 -13.99 -38.41 32.10
N LEU A 152 -14.76 -37.84 31.16
CA LEU A 152 -14.44 -36.55 30.51
C LEU A 152 -15.66 -35.62 30.55
N PHE A 153 -15.46 -34.36 30.95
CA PHE A 153 -16.56 -33.42 31.17
C PHE A 153 -16.13 -31.94 31.18
N GLN A 154 -17.07 -31.04 30.83
CA GLN A 154 -16.91 -29.60 31.05
C GLN A 154 -17.06 -29.25 32.53
N ALA A 155 -16.32 -28.23 32.95
CA ALA A 155 -16.40 -27.64 34.30
C ALA A 155 -15.54 -26.36 34.37
N SER A 156 -16.00 -25.38 35.15
CA SER A 156 -15.29 -24.10 35.38
C SER A 156 -14.92 -23.36 34.06
N ASN A 157 -15.83 -23.43 33.09
CA ASN A 157 -15.58 -22.97 31.70
C ASN A 157 -14.29 -23.54 31.09
N SER A 158 -14.06 -24.82 31.37
CA SER A 158 -12.83 -25.54 31.01
C SER A 158 -13.12 -27.02 30.87
N LEU A 159 -12.08 -27.83 30.60
CA LEU A 159 -12.18 -29.32 30.53
C LEU A 159 -11.44 -30.02 31.67
N PHE A 160 -12.01 -31.14 32.10
CA PHE A 160 -11.57 -31.90 33.28
C PHE A 160 -11.73 -33.41 33.06
N HIS A 161 -10.95 -34.18 33.82
CA HIS A 161 -10.97 -35.65 33.74
C HIS A 161 -10.51 -36.32 35.05
N CYS A 162 -10.97 -37.55 35.23
CA CYS A 162 -10.54 -38.42 36.32
C CYS A 162 -10.71 -39.89 35.91
N ARG A 163 -9.99 -40.77 36.61
CA ARG A 163 -9.92 -42.19 36.32
C ARG A 163 -10.36 -43.02 37.52
N ASP A 164 -11.32 -43.93 37.29
CA ASP A 164 -11.79 -44.89 38.30
C ASP A 164 -12.33 -46.14 37.60
N GLY A 165 -12.16 -47.29 38.24
CA GLY A 165 -12.46 -48.59 37.62
C GLY A 165 -11.42 -49.02 36.59
N GLY A 166 -11.56 -50.25 36.12
CA GLY A 166 -10.67 -50.83 35.09
C GLY A 166 -9.23 -50.98 35.54
N LYS A 167 -8.28 -50.56 34.68
CA LYS A 167 -6.83 -50.64 34.96
C LYS A 167 -6.38 -49.73 36.12
N ASN A 168 -7.02 -48.57 36.26
CA ASN A 168 -6.77 -47.66 37.38
C ASN A 168 -7.20 -48.18 38.76
N GLY A 169 -8.23 -49.04 38.81
CA GLY A 169 -8.76 -49.64 40.05
C GLY A 169 -9.84 -48.78 40.71
N PHE A 170 -10.51 -49.36 41.70
CA PHE A 170 -11.60 -48.68 42.45
C PHE A 170 -11.14 -47.94 43.71
N MET A 171 -11.40 -46.63 43.74
CA MET A 171 -11.10 -45.75 44.88
C MET A 171 -12.19 -45.84 45.98
N VAL A 172 -11.77 -45.60 47.22
CA VAL A 172 -12.66 -45.49 48.38
C VAL A 172 -12.98 -44.01 48.63
N SER A 173 -11.93 -43.19 48.80
CA SER A 173 -12.06 -41.71 48.99
C SER A 173 -12.08 -40.97 47.63
N PRO A 174 -12.65 -39.73 47.59
CA PRO A 174 -12.67 -38.96 46.32
C PRO A 174 -11.29 -38.48 45.83
N MET A 175 -11.20 -38.26 44.52
CA MET A 175 -9.97 -37.87 43.81
C MET A 175 -10.21 -36.51 43.13
N LYS A 176 -9.19 -35.67 43.16
CA LYS A 176 -9.25 -34.34 42.56
C LYS A 176 -9.21 -34.48 41.02
N PRO A 177 -10.13 -33.82 40.26
CA PRO A 177 -10.16 -33.98 38.80
C PRO A 177 -9.08 -33.14 38.14
N LEU A 178 -8.28 -33.78 37.30
CA LEU A 178 -7.11 -33.13 36.68
C LEU A 178 -7.60 -32.26 35.53
N GLU A 179 -7.28 -30.96 35.56
CA GLU A 179 -7.57 -30.04 34.43
C GLU A 179 -6.67 -30.37 33.22
N ILE A 180 -7.22 -30.26 32.00
CA ILE A 180 -6.53 -30.55 30.73
C ILE A 180 -6.09 -29.20 30.13
N LYS A 181 -4.77 -29.00 30.00
CA LYS A 181 -4.21 -27.72 29.55
C LYS A 181 -4.43 -27.56 28.04
N THR A 182 -4.47 -26.30 27.60
CA THR A 182 -4.79 -25.96 26.21
C THR A 182 -4.11 -24.65 25.77
N GLN A 183 -3.65 -24.64 24.52
CA GLN A 183 -3.16 -23.41 23.85
C GLN A 183 -4.31 -22.62 23.20
N CYS A 184 -5.51 -23.21 23.11
CA CYS A 184 -6.68 -22.54 22.51
C CYS A 184 -7.23 -21.46 23.44
N SER A 185 -7.72 -20.36 22.84
CA SER A 185 -8.49 -19.32 23.54
C SER A 185 -10.00 -19.52 23.28
N GLY A 186 -10.82 -19.09 24.23
CA GLY A 186 -12.29 -19.30 24.18
C GLY A 186 -12.72 -20.67 24.70
N PRO A 187 -14.04 -20.95 24.71
CA PRO A 187 -14.52 -22.23 25.27
C PRO A 187 -14.23 -23.46 24.39
N ARG A 188 -14.00 -24.57 25.07
CA ARG A 188 -13.88 -25.90 24.45
C ARG A 188 -15.20 -26.66 24.68
N MET A 189 -16.04 -26.68 23.65
CA MET A 189 -17.40 -27.22 23.69
C MET A 189 -17.41 -28.65 23.23
N ASP A 190 -18.28 -29.45 23.83
CA ASP A 190 -18.68 -30.79 23.34
C ASP A 190 -17.50 -31.81 23.40
N PRO A 191 -16.92 -32.02 24.59
CA PRO A 191 -15.86 -33.02 24.72
C PRO A 191 -16.39 -34.46 24.58
N LYS A 192 -15.66 -35.26 23.80
CA LYS A 192 -15.92 -36.68 23.63
C LYS A 192 -14.61 -37.45 23.59
N ILE A 193 -14.54 -38.52 24.37
CA ILE A 193 -13.42 -39.47 24.34
C ILE A 193 -13.55 -40.27 23.05
N CYS A 194 -12.41 -40.56 22.42
CA CYS A 194 -12.34 -41.41 21.21
C CYS A 194 -12.61 -42.86 21.64
N PRO A 195 -13.66 -43.52 21.07
CA PRO A 195 -13.95 -44.92 21.50
C PRO A 195 -12.85 -45.93 21.18
N ALA A 196 -12.29 -45.83 19.97
CA ALA A 196 -11.17 -46.65 19.50
C ALA A 196 -9.86 -46.54 20.30
N ASP A 197 -9.61 -45.40 20.94
CA ASP A 197 -8.36 -45.15 21.70
C ASP A 197 -8.59 -44.08 22.80
N PRO A 198 -8.74 -44.51 24.09
CA PRO A 198 -8.98 -43.54 25.19
C PRO A 198 -7.87 -42.53 25.51
N ALA A 199 -6.66 -42.76 24.99
CA ALA A 199 -5.63 -41.69 24.93
C ALA A 199 -6.09 -40.42 24.18
N PHE A 200 -6.99 -40.59 23.21
CA PHE A 200 -7.51 -39.50 22.41
C PHE A 200 -8.89 -38.99 22.83
N PHE A 201 -9.11 -37.71 22.54
CA PHE A 201 -10.39 -37.04 22.74
C PHE A 201 -10.52 -35.83 21.79
N SER A 202 -11.74 -35.30 21.68
CA SER A 202 -12.11 -34.25 20.70
C SER A 202 -12.91 -33.15 21.37
N PHE A 203 -13.02 -32.02 20.67
CA PHE A 203 -13.82 -30.85 21.12
C PHE A 203 -14.03 -29.85 20.00
N ILE A 204 -14.91 -28.89 20.25
CA ILE A 204 -15.12 -27.77 19.37
C ILE A 204 -14.51 -26.56 20.03
N ASN A 205 -13.70 -25.83 19.27
CA ASN A 205 -13.17 -24.52 19.66
C ASN A 205 -13.38 -23.61 18.46
N ASN A 206 -14.07 -22.48 18.69
CA ASN A 206 -14.30 -21.47 17.67
C ASN A 206 -14.86 -22.03 16.37
N SER A 207 -15.96 -22.77 16.51
CA SER A 207 -16.70 -23.39 15.38
C SER A 207 -15.85 -24.31 14.45
N ASP A 208 -14.86 -25.01 15.01
CA ASP A 208 -14.05 -25.99 14.26
C ASP A 208 -13.78 -27.23 15.12
N LEU A 209 -13.51 -28.34 14.43
CA LEU A 209 -13.20 -29.60 15.09
C LEU A 209 -11.72 -29.61 15.47
N TRP A 210 -11.47 -29.89 16.74
CA TRP A 210 -10.13 -30.18 17.27
C TRP A 210 -10.07 -31.60 17.81
N VAL A 211 -8.85 -32.10 17.94
CA VAL A 211 -8.57 -33.38 18.58
C VAL A 211 -7.31 -33.21 19.43
N ALA A 212 -7.16 -34.09 20.41
CA ALA A 212 -6.09 -33.98 21.41
C ALA A 212 -5.81 -35.28 22.10
N ASN A 213 -4.63 -35.34 22.71
CA ASN A 213 -4.12 -36.53 23.39
C ASN A 213 -4.08 -36.22 24.89
N ILE A 214 -4.94 -36.90 25.65
CA ILE A 214 -5.05 -36.68 27.11
C ILE A 214 -3.77 -37.03 27.88
N GLU A 215 -3.01 -38.02 27.38
CA GLU A 215 -1.78 -38.50 28.04
C GLU A 215 -0.59 -37.56 27.83
N THR A 216 -0.35 -37.15 26.56
CA THR A 216 0.79 -36.30 26.16
C THR A 216 0.54 -34.78 26.11
N GLY A 217 -0.73 -34.36 26.18
CA GLY A 217 -1.09 -32.94 26.09
C GLY A 217 -1.11 -32.31 24.70
N GLU A 218 -0.85 -33.10 23.65
CA GLU A 218 -0.79 -32.64 22.25
C GLU A 218 -2.20 -32.33 21.74
N GLU A 219 -2.37 -31.19 21.09
CA GLU A 219 -3.63 -30.74 20.47
C GLU A 219 -3.42 -30.55 18.97
N ARG A 220 -4.44 -30.89 18.18
CA ARG A 220 -4.44 -30.67 16.72
C ARG A 220 -5.81 -30.25 16.20
N ARG A 221 -5.83 -29.13 15.48
CA ARG A 221 -7.02 -28.62 14.77
C ARG A 221 -7.21 -29.42 13.48
N LEU A 222 -8.45 -29.84 13.21
CA LEU A 222 -8.78 -30.64 12.00
C LEU A 222 -9.63 -29.96 10.92
N THR A 223 -10.40 -28.94 11.27
CA THR A 223 -11.14 -28.11 10.30
C THR A 223 -10.71 -26.64 10.40
N PHE A 224 -10.88 -25.92 9.31
CA PHE A 224 -10.43 -24.51 9.16
C PHE A 224 -11.51 -23.61 8.50
N CYS A 225 -12.76 -23.85 8.90
CA CYS A 225 -13.92 -23.06 8.47
C CYS A 225 -14.02 -21.65 9.09
N HIS A 226 -13.47 -21.49 10.29
CA HIS A 226 -13.63 -20.28 11.08
C HIS A 226 -12.30 -19.55 11.23
N GLN A 227 -12.37 -18.22 11.32
CA GLN A 227 -11.22 -17.29 11.20
C GLN A 227 -11.02 -16.48 12.50
N ASN A 231 -13.58 -12.60 11.09
CA ASN A 231 -14.42 -11.71 11.92
C ASN A 231 -15.84 -12.31 12.29
N VAL A 232 -16.96 -11.57 12.16
CA VAL A 232 -18.32 -12.01 12.66
C VAL A 232 -19.35 -12.41 11.53
N LEU A 233 -20.23 -11.50 11.04
CA LEU A 233 -21.11 -11.76 9.80
C LEU A 233 -20.31 -12.11 8.53
N ASP A 234 -19.09 -11.58 8.51
CA ASP A 234 -18.04 -11.97 7.55
C ASP A 234 -17.46 -13.40 7.68
N ASP A 235 -17.82 -14.13 8.74
CA ASP A 235 -17.31 -15.47 9.03
C ASP A 235 -18.43 -16.52 9.16
N PRO A 236 -19.15 -16.84 8.05
CA PRO A 236 -20.36 -17.68 8.11
C PRO A 236 -20.15 -19.24 8.14
N LYS A 237 -18.93 -19.71 7.92
CA LYS A 237 -18.66 -21.15 7.86
C LYS A 237 -18.34 -21.66 9.28
N SER A 238 -18.84 -22.85 9.58
CA SER A 238 -18.57 -23.54 10.86
C SER A 238 -18.51 -25.05 10.62
N ALA A 239 -17.80 -25.76 11.49
CA ALA A 239 -17.59 -27.20 11.38
C ALA A 239 -17.72 -27.91 12.73
N GLY A 240 -18.43 -29.05 12.77
CA GLY A 240 -18.65 -29.83 14.01
C GLY A 240 -19.74 -29.29 14.93
N VAL A 241 -20.61 -28.42 14.40
CA VAL A 241 -21.54 -27.62 15.19
C VAL A 241 -22.98 -27.88 14.72
N ALA A 242 -23.87 -28.10 15.68
CA ALA A 242 -25.31 -28.04 15.46
C ALA A 242 -25.70 -26.58 15.56
N THR A 243 -26.36 -26.06 14.52
CA THR A 243 -26.88 -24.69 14.51
C THR A 243 -28.13 -24.56 15.39
N PHE A 244 -28.57 -23.31 15.60
CA PHE A 244 -29.70 -22.96 16.49
C PHE A 244 -30.92 -23.87 16.27
N VAL A 245 -31.48 -23.83 15.06
CA VAL A 245 -32.72 -24.58 14.71
C VAL A 245 -32.56 -26.08 14.88
N ILE A 246 -31.34 -26.58 14.64
CA ILE A 246 -31.02 -27.98 14.89
C ILE A 246 -31.05 -28.32 16.38
N GLN A 247 -30.38 -27.50 17.21
CA GLN A 247 -30.43 -27.65 18.67
C GLN A 247 -31.85 -27.52 19.23
N GLU A 248 -32.53 -26.43 18.91
CA GLU A 248 -33.81 -26.04 19.51
C GLU A 248 -35.01 -26.89 19.03
N GLU A 249 -35.07 -27.16 17.72
CA GLU A 249 -36.23 -27.80 17.07
C GLU A 249 -36.08 -29.27 16.67
N PHE A 250 -34.86 -29.77 16.54
CA PHE A 250 -34.54 -31.17 16.21
C PHE A 250 -33.76 -31.94 17.31
N ASP A 251 -33.57 -31.33 18.49
CA ASP A 251 -33.02 -32.00 19.66
C ASP A 251 -31.61 -32.65 19.48
N ARG A 252 -30.81 -32.11 18.54
CA ARG A 252 -29.45 -32.56 18.27
C ARG A 252 -28.49 -31.51 18.79
N PHE A 253 -27.60 -31.90 19.69
CA PHE A 253 -26.67 -31.00 20.37
C PHE A 253 -25.20 -31.25 19.98
N THR A 254 -25.00 -31.72 18.75
CA THR A 254 -23.67 -32.07 18.25
C THR A 254 -23.70 -32.23 16.71
N GLY A 255 -22.60 -31.91 16.03
CA GLY A 255 -22.44 -32.11 14.60
C GLY A 255 -21.11 -32.76 14.22
N TYR A 256 -20.59 -33.59 15.13
CA TYR A 256 -19.50 -34.48 14.83
C TYR A 256 -19.70 -35.82 15.55
N TRP A 257 -19.24 -36.91 14.93
CA TRP A 257 -19.42 -38.29 15.45
C TRP A 257 -18.14 -39.07 15.20
N TRP A 258 -17.52 -39.56 16.27
CA TRP A 258 -16.34 -40.42 16.19
C TRP A 258 -16.69 -41.72 15.49
N CYS A 259 -15.82 -42.15 14.59
CA CYS A 259 -15.83 -43.52 14.10
C CYS A 259 -15.41 -44.44 15.28
N PRO A 260 -16.16 -45.53 15.54
CA PRO A 260 -15.90 -46.36 16.74
C PRO A 260 -14.73 -47.35 16.70
N THR A 261 -14.07 -47.49 15.54
CA THR A 261 -12.92 -48.38 15.36
C THR A 261 -11.85 -47.72 14.49
N ALA A 262 -10.64 -48.29 14.58
CA ALA A 262 -9.45 -47.75 13.94
C ALA A 262 -9.00 -48.63 12.77
N SER A 263 -8.50 -48.02 11.70
CA SER A 263 -7.79 -48.70 10.61
C SER A 263 -6.27 -48.72 10.90
N TRP A 264 -5.58 -49.61 10.20
CA TRP A 264 -4.10 -49.71 10.24
C TRP A 264 -3.55 -49.66 8.82
N GLU A 265 -4.04 -48.69 8.06
CA GLU A 265 -3.60 -48.44 6.69
C GLU A 265 -2.29 -47.67 6.77
N GLY A 266 -1.48 -47.83 5.73
CA GLY A 266 -0.24 -47.07 5.55
C GLY A 266 0.95 -47.89 5.13
N SER A 267 2.06 -47.18 4.93
CA SER A 267 3.35 -47.77 4.53
C SER A 267 4.02 -48.61 5.64
N GLU A 268 4.17 -48.00 6.82
CA GLU A 268 4.86 -48.63 7.97
C GLU A 268 4.01 -48.51 9.27
N GLY A 269 2.84 -49.12 9.22
CA GLY A 269 2.07 -49.51 10.40
C GLY A 269 1.38 -48.47 11.29
N LEU A 270 1.06 -47.30 10.75
CA LEU A 270 0.37 -46.25 11.53
C LEU A 270 -1.14 -46.54 11.66
N LYS A 271 -1.72 -46.08 12.79
CA LYS A 271 -3.14 -46.30 13.15
C LYS A 271 -3.92 -45.04 12.78
N THR A 272 -5.01 -45.22 12.03
CA THR A 272 -5.88 -44.13 11.56
C THR A 272 -7.19 -44.03 12.40
N LEU A 273 -7.61 -42.79 12.64
CA LEU A 273 -8.82 -42.46 13.40
C LEU A 273 -9.65 -41.50 12.58
N ARG A 274 -10.96 -41.65 12.64
CA ARG A 274 -11.95 -40.93 11.79
C ARG A 274 -13.03 -40.22 12.61
N ILE A 275 -13.51 -39.10 12.09
CA ILE A 275 -14.66 -38.35 12.64
C ILE A 275 -15.53 -37.88 11.45
N LEU A 276 -16.75 -38.39 11.38
CA LEU A 276 -17.81 -37.82 10.53
C LEU A 276 -18.22 -36.49 11.12
N TYR A 277 -18.49 -35.48 10.25
CA TYR A 277 -18.89 -34.14 10.74
C TYR A 277 -19.74 -33.32 9.78
N GLU A 278 -20.63 -32.49 10.36
CA GLU A 278 -21.46 -31.58 9.59
C GLU A 278 -20.67 -30.28 9.39
N GLU A 279 -20.49 -29.89 8.13
CA GLU A 279 -19.99 -28.55 7.78
C GLU A 279 -21.19 -27.68 7.48
N VAL A 280 -21.07 -26.40 7.82
CA VAL A 280 -22.18 -25.46 7.76
C VAL A 280 -21.69 -24.15 7.14
N ASP A 281 -22.48 -23.64 6.18
CA ASP A 281 -22.36 -22.30 5.63
C ASP A 281 -23.67 -21.50 5.88
N GLU A 282 -23.59 -20.49 6.75
CA GLU A 282 -24.75 -19.65 7.15
C GLU A 282 -24.80 -18.27 6.45
N SER A 283 -24.27 -18.18 5.23
CA SER A 283 -24.09 -16.87 4.55
C SER A 283 -25.44 -16.18 4.26
N GLU A 284 -26.32 -16.94 3.64
CA GLU A 284 -27.66 -16.48 3.24
C GLU A 284 -28.76 -16.64 4.31
N VAL A 285 -28.38 -16.92 5.57
CA VAL A 285 -29.36 -17.01 6.69
C VAL A 285 -29.46 -15.66 7.39
N GLU A 286 -30.69 -15.18 7.58
CA GLU A 286 -30.96 -13.87 8.16
C GLU A 286 -30.40 -13.77 9.59
N VAL A 287 -29.98 -12.55 9.91
CA VAL A 287 -29.35 -12.21 11.18
C VAL A 287 -30.41 -11.47 11.99
N ILE A 288 -30.40 -11.74 13.28
CA ILE A 288 -31.16 -10.95 14.24
C ILE A 288 -30.23 -10.65 15.41
N HIS A 289 -30.54 -9.57 16.11
CA HIS A 289 -29.81 -9.10 17.28
C HIS A 289 -30.64 -9.38 18.54
N VAL A 290 -30.02 -9.98 19.57
CA VAL A 290 -30.65 -10.18 20.90
C VAL A 290 -29.78 -9.52 21.95
N PRO A 291 -30.37 -8.87 23.01
CA PRO A 291 -29.55 -8.20 24.00
C PRO A 291 -28.63 -9.10 24.83
N SER A 292 -27.45 -8.58 25.18
CA SER A 292 -26.49 -9.25 26.02
C SER A 292 -27.01 -9.29 27.46
N PRO A 293 -26.68 -10.37 28.21
CA PRO A 293 -26.83 -10.39 29.69
C PRO A 293 -26.20 -9.20 30.45
N ALA A 294 -25.09 -8.67 29.94
CA ALA A 294 -24.40 -7.48 30.52
C ALA A 294 -25.17 -6.21 30.13
N LEU A 295 -26.22 -5.91 30.91
CA LEU A 295 -27.16 -4.83 30.57
C LEU A 295 -26.51 -3.43 30.56
N GLU A 296 -25.57 -3.23 31.50
CA GLU A 296 -24.73 -2.02 31.54
C GLU A 296 -23.95 -1.71 30.24
N GLU A 297 -23.41 -2.75 29.61
CA GLU A 297 -22.78 -2.62 28.26
C GLU A 297 -23.71 -2.08 27.15
N ARG A 298 -25.01 -2.35 27.24
CA ARG A 298 -26.04 -1.87 26.30
C ARG A 298 -25.80 -2.39 24.85
N LYS A 299 -25.20 -3.57 24.71
CA LYS A 299 -24.95 -4.18 23.39
C LYS A 299 -25.94 -5.34 23.16
N THR A 300 -25.94 -5.85 21.92
CA THR A 300 -26.63 -7.09 21.52
C THR A 300 -25.56 -8.09 21.05
N ASP A 301 -26.02 -9.30 20.78
CA ASP A 301 -25.25 -10.32 20.09
C ASP A 301 -25.97 -10.63 18.76
N SER A 302 -25.19 -10.77 17.69
CA SER A 302 -25.66 -11.22 16.38
C SER A 302 -25.88 -12.75 16.37
N TYR A 303 -26.81 -13.23 15.52
CA TYR A 303 -27.25 -14.63 15.55
C TYR A 303 -27.89 -14.96 14.25
N ARG A 304 -27.47 -16.08 13.65
CA ARG A 304 -28.13 -16.64 12.49
C ARG A 304 -29.41 -17.30 12.99
N TYR A 305 -30.56 -16.73 12.62
CA TYR A 305 -31.92 -17.19 13.03
C TYR A 305 -32.77 -17.37 11.75
N PRO A 306 -32.93 -18.62 11.29
CA PRO A 306 -33.74 -18.86 10.09
C PRO A 306 -35.20 -18.77 10.43
N ARG A 307 -35.82 -17.66 10.06
CA ARG A 307 -37.28 -17.53 10.19
C ARG A 307 -37.98 -18.41 9.13
N THR A 308 -39.16 -18.90 9.48
CA THR A 308 -40.02 -19.65 8.57
C THR A 308 -40.10 -18.99 7.18
N GLY A 309 -39.93 -19.78 6.13
CA GLY A 309 -39.91 -19.28 4.75
C GLY A 309 -38.52 -18.89 4.25
N SER A 310 -37.68 -18.34 5.14
CA SER A 310 -36.32 -17.93 4.80
C SER A 310 -35.36 -19.10 4.76
N LYS A 311 -34.15 -18.85 4.28
CA LYS A 311 -33.15 -19.90 4.05
C LYS A 311 -32.55 -20.45 5.37
N ASN A 312 -32.57 -21.78 5.52
CA ASN A 312 -31.76 -22.52 6.52
C ASN A 312 -30.31 -22.59 6.05
N PRO A 313 -29.38 -23.02 6.94
CA PRO A 313 -27.99 -23.16 6.50
C PRO A 313 -27.78 -24.15 5.34
N LYS A 314 -26.80 -23.86 4.47
CA LYS A 314 -26.31 -24.79 3.45
C LYS A 314 -25.38 -25.80 4.15
N ILE A 315 -25.72 -27.10 4.03
CA ILE A 315 -25.14 -28.17 4.88
C ILE A 315 -24.34 -29.17 4.07
N ALA A 316 -23.49 -29.88 4.80
CA ALA A 316 -22.76 -31.02 4.25
C ALA A 316 -22.22 -31.93 5.34
N LEU A 317 -22.23 -33.24 5.06
CA LEU A 317 -21.40 -34.20 5.79
C LEU A 317 -20.03 -34.26 5.14
N LYS A 318 -19.00 -34.12 5.98
CA LYS A 318 -17.61 -34.28 5.59
C LYS A 318 -16.96 -35.23 6.57
N LEU A 319 -15.74 -35.66 6.23
CA LEU A 319 -14.98 -36.64 7.01
C LEU A 319 -13.59 -36.11 7.31
N ALA A 320 -13.09 -36.40 8.50
CA ALA A 320 -11.78 -35.94 8.96
C ALA A 320 -10.98 -37.13 9.47
N GLU A 321 -9.91 -37.49 8.74
CA GLU A 321 -8.92 -38.52 9.16
C GLU A 321 -7.77 -37.90 9.97
N PHE A 322 -7.17 -38.69 10.85
CA PHE A 322 -5.87 -38.38 11.41
C PHE A 322 -5.14 -39.66 11.83
N GLN A 323 -3.84 -39.72 11.53
CA GLN A 323 -3.03 -40.89 11.81
C GLN A 323 -2.23 -40.68 13.08
N THR A 324 -1.93 -41.80 13.78
CA THR A 324 -1.15 -41.83 15.03
C THR A 324 -0.05 -42.89 14.93
N ASP A 325 1.12 -42.62 15.51
CA ASP A 325 2.20 -43.62 15.63
C ASP A 325 2.02 -44.46 16.91
N SER A 326 2.89 -45.45 17.08
CA SER A 326 2.91 -46.29 18.28
C SER A 326 3.13 -45.51 19.60
N GLN A 327 3.83 -44.38 19.54
CA GLN A 327 4.02 -43.46 20.70
C GLN A 327 2.83 -42.51 21.02
N GLY A 328 1.73 -42.57 20.26
CA GLY A 328 0.58 -41.69 20.45
C GLY A 328 0.73 -40.27 19.91
N LYS A 329 1.74 -40.04 19.05
CA LYS A 329 1.97 -38.73 18.40
C LYS A 329 1.04 -38.70 17.18
N ILE A 330 0.38 -37.56 16.99
CA ILE A 330 -0.51 -37.35 15.86
C ILE A 330 0.41 -36.96 14.68
N VAL A 331 0.51 -37.86 13.70
CA VAL A 331 1.47 -37.71 12.59
C VAL A 331 0.88 -36.74 11.57
N SER A 332 -0.19 -37.18 10.92
CA SER A 332 -0.82 -36.45 9.83
C SER A 332 -2.32 -36.26 10.10
N THR A 333 -2.91 -35.26 9.45
CA THR A 333 -4.36 -34.98 9.51
C THR A 333 -4.88 -34.67 8.11
N GLN A 334 -6.11 -35.06 7.82
CA GLN A 334 -6.71 -34.93 6.48
C GLN A 334 -8.18 -34.45 6.54
N GLU A 335 -8.54 -33.55 5.63
CA GLU A 335 -9.91 -33.08 5.40
C GLU A 335 -10.46 -33.84 4.17
N LYS A 336 -11.45 -34.71 4.38
CA LYS A 336 -12.17 -35.37 3.29
C LYS A 336 -13.60 -34.82 3.09
N GLU A 337 -14.07 -34.91 1.84
CA GLU A 337 -15.41 -34.51 1.42
C GLU A 337 -15.98 -35.58 0.49
N LEU A 338 -17.31 -35.64 0.36
CA LEU A 338 -17.96 -36.62 -0.56
C LEU A 338 -17.51 -36.42 -2.01
N VAL A 339 -17.25 -37.53 -2.72
CA VAL A 339 -16.75 -37.56 -4.11
C VAL A 339 -17.61 -36.78 -5.11
N GLN A 340 -18.93 -36.76 -4.89
CA GLN A 340 -19.84 -35.82 -5.50
C GLN A 340 -20.35 -34.89 -4.38
N PRO A 341 -20.85 -33.69 -4.74
CA PRO A 341 -21.43 -32.81 -3.74
C PRO A 341 -22.60 -33.40 -2.94
N PHE A 342 -22.78 -32.93 -1.71
CA PHE A 342 -23.92 -33.30 -0.86
C PHE A 342 -25.26 -32.84 -1.49
N SER A 343 -25.29 -31.60 -2.00
CA SER A 343 -26.46 -31.06 -2.71
C SER A 343 -26.85 -31.76 -4.03
N SER A 344 -25.92 -32.47 -4.67
CA SER A 344 -26.19 -33.22 -5.92
C SER A 344 -26.68 -34.65 -5.61
N LEU A 345 -25.92 -35.38 -4.79
CA LEU A 345 -26.25 -36.74 -4.30
C LEU A 345 -27.56 -36.85 -3.53
N PHE A 346 -27.83 -35.84 -2.71
CA PHE A 346 -28.99 -35.81 -1.82
C PHE A 346 -29.73 -34.48 -2.06
N PRO A 347 -30.26 -34.27 -3.30
CA PRO A 347 -30.80 -32.96 -3.73
C PRO A 347 -31.98 -32.40 -2.93
N LYS A 348 -32.85 -33.28 -2.40
CA LYS A 348 -34.05 -32.88 -1.60
C LYS A 348 -33.87 -32.71 -0.07
N VAL A 349 -32.68 -33.04 0.43
CA VAL A 349 -32.38 -33.02 1.86
C VAL A 349 -32.13 -31.59 2.36
N GLU A 350 -32.81 -31.19 3.45
CA GLU A 350 -32.70 -29.86 4.06
C GLU A 350 -32.00 -29.83 5.44
N TYR A 351 -32.24 -30.82 6.30
CA TYR A 351 -31.60 -30.91 7.62
C TYR A 351 -30.98 -32.28 7.82
N ILE A 352 -29.88 -32.36 8.58
CA ILE A 352 -29.37 -33.64 9.09
C ILE A 352 -29.94 -33.68 10.50
N ALA A 353 -30.92 -34.55 10.69
CA ALA A 353 -31.52 -34.81 11.99
C ALA A 353 -30.54 -35.49 12.95
N ARG A 354 -29.96 -36.61 12.54
CA ARG A 354 -29.08 -37.45 13.40
C ARG A 354 -28.02 -38.10 12.56
N ALA A 355 -26.94 -38.52 13.20
CA ALA A 355 -25.92 -39.31 12.53
C ALA A 355 -25.08 -40.15 13.51
N GLY A 356 -24.28 -41.04 12.92
CA GLY A 356 -23.34 -41.88 13.66
C GLY A 356 -22.67 -42.87 12.72
N TRP A 357 -22.28 -44.01 13.28
CA TRP A 357 -21.63 -45.09 12.52
C TRP A 357 -22.18 -46.45 12.92
N THR A 358 -21.93 -47.46 12.07
CA THR A 358 -22.11 -48.87 12.43
C THR A 358 -21.05 -49.22 13.47
N ARG A 359 -21.31 -50.25 14.27
CA ARG A 359 -20.41 -50.63 15.38
C ARG A 359 -19.02 -51.14 14.95
N ASP A 360 -18.96 -51.79 13.79
CA ASP A 360 -17.68 -52.23 13.18
C ASP A 360 -16.89 -51.11 12.43
N GLY A 361 -17.49 -49.93 12.25
CA GLY A 361 -16.87 -48.81 11.55
C GLY A 361 -16.97 -48.87 10.04
N LYS A 362 -17.81 -49.76 9.52
CA LYS A 362 -17.88 -50.06 8.07
C LYS A 362 -18.52 -48.90 7.32
N TYR A 363 -19.67 -48.46 7.82
CA TYR A 363 -20.41 -47.32 7.27
C TYR A 363 -20.63 -46.23 8.34
N ALA A 364 -20.47 -44.97 7.93
CA ALA A 364 -21.16 -43.86 8.62
C ALA A 364 -22.63 -43.93 8.23
N TRP A 365 -23.48 -43.35 9.07
CA TRP A 365 -24.89 -43.19 8.71
C TRP A 365 -25.42 -41.83 9.10
N ALA A 366 -26.51 -41.47 8.43
CA ALA A 366 -27.19 -40.21 8.66
C ALA A 366 -28.69 -40.38 8.50
N MET A 367 -29.43 -39.53 9.21
CA MET A 367 -30.89 -39.40 9.14
C MET A 367 -31.15 -38.02 8.50
N PHE A 368 -31.69 -38.02 7.29
CA PHE A 368 -31.97 -36.80 6.50
C PHE A 368 -33.45 -36.46 6.53
N LEU A 369 -33.80 -35.23 6.13
CA LEU A 369 -35.18 -34.71 6.09
C LEU A 369 -35.33 -33.64 5.01
N ASP A 370 -36.46 -33.64 4.31
CA ASP A 370 -36.82 -32.57 3.37
C ASP A 370 -37.36 -31.35 4.15
N ARG A 371 -37.52 -30.23 3.44
CA ARG A 371 -37.92 -28.95 4.08
C ARG A 371 -39.35 -28.96 4.67
N PRO A 372 -40.32 -29.60 3.95
CA PRO A 372 -41.64 -29.86 4.57
C PRO A 372 -41.66 -30.77 5.81
N GLN A 373 -40.63 -31.59 5.98
CA GLN A 373 -40.54 -32.59 7.02
C GLN A 373 -41.65 -33.65 6.87
N GLN A 374 -41.73 -34.20 5.65
CA GLN A 374 -42.67 -35.27 5.27
C GLN A 374 -42.03 -36.47 4.51
N TRP A 375 -40.70 -36.59 4.60
CA TRP A 375 -39.91 -37.55 3.84
C TRP A 375 -38.55 -37.61 4.54
N LEU A 376 -38.29 -38.71 5.24
CA LEU A 376 -37.01 -38.96 5.94
C LEU A 376 -36.28 -40.12 5.26
N GLN A 377 -34.94 -40.13 5.33
CA GLN A 377 -34.09 -41.15 4.72
C GLN A 377 -32.91 -41.54 5.63
N LEU A 378 -32.80 -42.83 5.97
CA LEU A 378 -31.64 -43.38 6.65
C LEU A 378 -30.68 -43.83 5.57
N VAL A 379 -29.52 -43.17 5.52
CA VAL A 379 -28.54 -43.31 4.46
C VAL A 379 -27.24 -43.82 5.09
N LEU A 380 -26.66 -44.87 4.51
CA LEU A 380 -25.27 -45.29 4.81
C LEU A 380 -24.32 -44.55 3.90
N LEU A 381 -23.17 -44.19 4.47
CA LEU A 381 -22.11 -43.46 3.76
C LEU A 381 -20.78 -44.20 4.04
N PRO A 382 -20.29 -44.99 3.06
CA PRO A 382 -18.98 -45.64 3.22
C PRO A 382 -17.83 -44.61 3.25
N PRO A 383 -16.81 -44.81 4.10
CA PRO A 383 -15.60 -43.98 4.10
C PRO A 383 -14.88 -43.78 2.75
N ALA A 384 -14.80 -44.84 1.93
CA ALA A 384 -14.28 -44.77 0.55
C ALA A 384 -15.02 -43.79 -0.38
N LEU A 385 -16.29 -43.53 -0.12
CA LEU A 385 -17.09 -42.48 -0.79
C LEU A 385 -16.56 -41.04 -0.60
N PHE A 386 -15.84 -40.81 0.50
CA PHE A 386 -15.19 -39.55 0.79
C PHE A 386 -13.74 -39.50 0.27
N ILE A 387 -13.40 -38.40 -0.42
CA ILE A 387 -12.03 -38.16 -0.97
C ILE A 387 -11.45 -36.83 -0.42
N PRO A 388 -10.10 -36.67 -0.37
CA PRO A 388 -9.53 -35.41 0.17
C PRO A 388 -10.01 -34.15 -0.57
N SER A 389 -10.29 -33.08 0.18
CA SER A 389 -10.68 -31.80 -0.41
C SER A 389 -9.41 -31.18 -1.01
N THR A 390 -9.55 -30.55 -2.19
CA THR A 390 -8.51 -29.68 -2.77
C THR A 390 -9.18 -28.54 -3.55
N GLU A 391 -8.55 -27.35 -3.60
CA GLU A 391 -9.00 -26.23 -4.47
C GLU A 391 -8.62 -26.37 -5.96
N ASN A 392 -7.73 -27.32 -6.29
CA ASN A 392 -7.30 -27.65 -7.65
C ASN A 392 -8.25 -28.63 -8.37
N GLU A 393 -8.74 -28.23 -9.55
CA GLU A 393 -9.70 -29.02 -10.35
C GLU A 393 -9.12 -30.34 -10.90
N GLU A 394 -7.84 -30.34 -11.25
CA GLU A 394 -7.13 -31.53 -11.75
C GLU A 394 -7.07 -32.69 -10.70
N GLN A 395 -6.69 -32.35 -9.47
CA GLN A 395 -6.50 -33.31 -8.39
C GLN A 395 -7.77 -34.09 -8.00
N ARG A 396 -8.92 -33.40 -8.02
CA ARG A 396 -10.20 -33.97 -7.55
C ARG A 396 -10.72 -35.13 -8.43
N LEU A 397 -10.62 -34.96 -9.75
CA LEU A 397 -10.97 -36.03 -10.70
C LEU A 397 -10.07 -37.30 -10.64
N ALA A 398 -8.82 -37.11 -10.19
CA ALA A 398 -7.87 -38.23 -9.96
C ALA A 398 -8.35 -39.07 -8.80
N SER A 399 -8.55 -38.41 -7.66
CA SER A 399 -9.12 -39.05 -6.45
C SER A 399 -10.53 -39.62 -6.63
N ALA A 400 -11.36 -38.93 -7.45
CA ALA A 400 -12.69 -39.42 -7.84
C ALA A 400 -12.69 -40.69 -8.68
N ARG A 401 -11.78 -40.77 -9.65
CA ARG A 401 -11.54 -42.01 -10.43
C ARG A 401 -11.05 -43.20 -9.57
N ALA A 402 -10.24 -42.89 -8.55
CA ALA A 402 -9.70 -43.87 -7.60
C ALA A 402 -10.71 -44.48 -6.62
N VAL A 403 -11.88 -43.86 -6.43
CA VAL A 403 -12.99 -44.45 -5.66
C VAL A 403 -13.52 -45.68 -6.47
N PRO A 404 -13.65 -46.87 -5.82
CA PRO A 404 -14.28 -48.04 -6.47
C PRO A 404 -15.67 -47.78 -7.07
N ARG A 405 -15.96 -48.47 -8.17
CA ARG A 405 -17.24 -48.32 -8.88
C ARG A 405 -18.41 -48.86 -8.04
N ASN A 406 -18.18 -49.98 -7.37
CA ASN A 406 -19.14 -50.57 -6.43
C ASN A 406 -19.57 -49.68 -5.21
N VAL A 407 -18.69 -48.81 -4.74
CA VAL A 407 -18.93 -47.93 -3.58
C VAL A 407 -20.04 -46.92 -3.89
N GLN A 408 -20.90 -46.68 -2.90
CA GLN A 408 -22.02 -45.72 -3.05
C GLN A 408 -22.78 -45.46 -1.75
N PRO A 409 -23.64 -44.40 -1.74
CA PRO A 409 -24.66 -44.33 -0.69
C PRO A 409 -25.67 -45.49 -0.77
N TYR A 410 -26.14 -45.94 0.39
CA TYR A 410 -27.18 -46.97 0.50
C TYR A 410 -28.28 -46.43 1.38
N VAL A 411 -29.40 -46.06 0.76
CA VAL A 411 -30.59 -45.61 1.48
C VAL A 411 -31.32 -46.86 2.01
N VAL A 412 -31.07 -47.18 3.29
CA VAL A 412 -31.68 -48.37 3.91
C VAL A 412 -33.15 -48.21 4.40
N TYR A 413 -33.60 -46.97 4.61
CA TYR A 413 -34.96 -46.71 5.09
C TYR A 413 -35.54 -45.40 4.58
N GLU A 414 -36.87 -45.34 4.49
CA GLU A 414 -37.61 -44.21 3.91
C GLU A 414 -38.97 -44.14 4.59
N GLU A 415 -39.14 -43.14 5.48
CA GLU A 415 -40.37 -42.85 6.19
C GLU A 415 -41.07 -41.67 5.54
N VAL A 416 -42.35 -41.81 5.21
CA VAL A 416 -43.12 -40.81 4.43
C VAL A 416 -44.51 -40.61 5.08
N THR A 417 -45.09 -39.41 4.96
CA THR A 417 -46.34 -39.07 5.63
C THR A 417 -47.02 -37.80 5.08
N ASN A 418 -48.36 -37.76 5.16
CA ASN A 418 -49.16 -36.54 4.97
C ASN A 418 -49.14 -35.57 6.15
N VAL A 419 -48.82 -36.05 7.36
CA VAL A 419 -48.80 -35.25 8.59
C VAL A 419 -47.41 -34.58 8.75
N TRP A 420 -46.49 -35.26 9.44
CA TRP A 420 -45.09 -34.84 9.56
C TRP A 420 -44.25 -35.96 10.18
N ILE A 421 -42.96 -35.92 9.90
CA ILE A 421 -41.97 -36.78 10.55
C ILE A 421 -41.47 -36.10 11.82
N ASN A 422 -41.89 -36.67 12.94
CA ASN A 422 -41.22 -36.50 14.22
C ASN A 422 -39.94 -37.33 14.13
N VAL A 423 -38.84 -36.77 14.59
CA VAL A 423 -37.56 -37.49 14.60
C VAL A 423 -37.56 -38.42 15.81
N HIS A 424 -37.41 -39.73 15.56
CA HIS A 424 -37.29 -40.76 16.61
C HIS A 424 -35.87 -41.29 16.65
N ASP A 425 -35.30 -41.31 17.86
CA ASP A 425 -33.86 -41.57 18.06
C ASP A 425 -33.44 -43.01 17.73
N ILE A 426 -34.34 -43.97 17.95
CA ILE A 426 -34.03 -45.43 17.89
C ILE A 426 -33.65 -45.90 16.47
N PHE A 427 -32.40 -46.33 16.34
CA PHE A 427 -31.87 -46.92 15.10
C PHE A 427 -30.63 -47.74 15.50
N TYR A 428 -30.83 -49.05 15.67
CA TYR A 428 -29.82 -49.97 16.11
C TYR A 428 -29.42 -50.94 14.95
N PRO A 429 -28.29 -50.65 14.23
CA PRO A 429 -27.82 -51.58 13.20
C PRO A 429 -27.09 -52.78 13.81
N PHE A 430 -27.51 -54.00 13.45
CA PHE A 430 -26.80 -55.22 13.86
C PHE A 430 -25.56 -55.41 12.96
N PRO A 431 -24.48 -55.99 13.54
CA PRO A 431 -23.28 -56.17 12.74
C PRO A 431 -23.55 -57.28 11.72
N GLN A 432 -22.96 -57.13 10.54
CA GLN A 432 -23.28 -57.95 9.39
C GLN A 432 -22.67 -59.34 9.44
N SER A 433 -23.48 -60.37 9.12
CA SER A 433 -22.96 -61.72 8.74
C SER A 433 -24.04 -62.60 8.03
N GLU A 436 -22.19 -59.43 4.77
CA GLU A 436 -22.11 -58.53 3.63
C GLU A 436 -23.19 -58.85 2.59
N ASP A 437 -23.56 -57.83 1.81
CA ASP A 437 -24.72 -57.82 0.86
C ASP A 437 -26.15 -57.56 1.45
N GLU A 438 -26.27 -57.39 2.77
CA GLU A 438 -27.53 -57.03 3.47
C GLU A 438 -27.24 -56.29 4.80
N LEU A 439 -28.26 -55.65 5.38
CA LEU A 439 -28.15 -55.05 6.72
C LEU A 439 -29.44 -55.17 7.49
N CYS A 440 -29.33 -55.84 8.65
CA CYS A 440 -30.40 -55.96 9.65
C CYS A 440 -30.31 -54.76 10.63
N PHE A 441 -31.44 -54.08 10.86
CA PHE A 441 -31.55 -53.06 11.92
C PHE A 441 -32.95 -52.94 12.56
N LEU A 442 -32.98 -52.50 13.83
CA LEU A 442 -34.22 -52.07 14.52
C LEU A 442 -34.47 -50.60 14.22
N ARG A 443 -35.73 -50.26 14.00
CA ARG A 443 -36.12 -48.90 13.72
C ARG A 443 -37.50 -48.58 14.32
N ALA A 444 -37.56 -47.46 15.05
CA ALA A 444 -38.79 -46.85 15.48
C ALA A 444 -39.41 -46.11 14.31
N ASN A 445 -40.70 -46.36 14.07
CA ASN A 445 -41.44 -45.82 12.93
C ASN A 445 -42.86 -45.50 13.40
N GLU A 446 -43.28 -44.25 13.20
CA GLU A 446 -44.62 -43.76 13.56
C GLU A 446 -45.57 -43.62 12.37
N CYS A 447 -45.04 -43.22 11.22
CA CYS A 447 -45.85 -42.93 10.05
C CYS A 447 -46.52 -44.13 9.39
N LYS A 448 -46.04 -45.36 9.63
CA LYS A 448 -46.60 -46.56 9.03
C LYS A 448 -48.04 -46.76 9.47
N THR A 449 -48.26 -46.83 10.79
CA THR A 449 -49.61 -47.05 11.42
C THR A 449 -50.26 -45.85 12.14
N GLY A 450 -49.47 -44.80 12.39
CA GLY A 450 -49.85 -43.67 13.24
C GLY A 450 -49.36 -43.69 14.68
N PHE A 451 -48.71 -44.77 15.11
CA PHE A 451 -48.06 -44.86 16.43
C PHE A 451 -46.65 -45.38 16.28
N CYS A 452 -45.79 -44.89 17.16
CA CYS A 452 -44.37 -45.22 17.12
C CYS A 452 -44.16 -46.62 17.68
N HIS A 453 -43.62 -47.50 16.81
CA HIS A 453 -43.45 -48.90 17.10
C HIS A 453 -42.12 -49.41 16.54
N LEU A 454 -41.59 -50.44 17.22
CA LEU A 454 -40.35 -51.12 16.79
C LEU A 454 -40.63 -52.11 15.67
N TYR A 455 -39.76 -52.06 14.67
CA TYR A 455 -39.72 -52.96 13.55
C TYR A 455 -38.29 -53.44 13.39
N LYS A 456 -38.13 -54.73 13.05
CA LYS A 456 -36.85 -55.29 12.57
C LYS A 456 -36.90 -55.23 11.05
N VAL A 457 -35.83 -54.75 10.43
CA VAL A 457 -35.78 -54.52 8.97
C VAL A 457 -34.48 -55.05 8.40
N THR A 458 -34.56 -55.67 7.21
CA THR A 458 -33.39 -56.11 6.46
C THR A 458 -33.43 -55.38 5.12
N ALA A 459 -32.45 -54.50 4.90
CA ALA A 459 -32.29 -53.79 3.62
C ALA A 459 -31.21 -54.48 2.80
N VAL A 460 -31.41 -54.52 1.49
CA VAL A 460 -30.56 -55.30 0.59
C VAL A 460 -29.60 -54.33 -0.05
N LEU A 461 -28.31 -54.51 0.25
CA LEU A 461 -27.23 -53.68 -0.26
C LEU A 461 -26.65 -54.33 -1.50
N LYS A 462 -27.04 -53.83 -2.68
CA LYS A 462 -26.55 -54.31 -3.98
C LYS A 462 -26.01 -53.13 -4.81
N SER A 463 -24.71 -53.19 -5.15
CA SER A 463 -23.99 -52.08 -5.83
C SER A 463 -24.38 -51.93 -7.31
N GLN A 464 -25.02 -50.81 -7.65
CA GLN A 464 -25.40 -50.49 -9.05
C GLN A 464 -24.21 -50.22 -9.98
N GLY A 465 -23.08 -49.79 -9.41
CA GLY A 465 -21.89 -49.44 -10.15
C GLY A 465 -22.00 -48.02 -10.70
N TYR A 466 -21.11 -47.13 -10.24
CA TYR A 466 -21.12 -45.68 -10.65
C TYR A 466 -19.77 -45.09 -11.10
N ASP A 467 -19.78 -44.40 -12.24
CA ASP A 467 -18.64 -43.59 -12.73
C ASP A 467 -18.67 -42.29 -11.91
N TRP A 468 -17.97 -42.32 -10.77
CA TRP A 468 -17.86 -41.17 -9.87
C TRP A 468 -17.07 -39.96 -10.37
N SER A 469 -16.21 -40.16 -11.37
CA SER A 469 -15.49 -39.05 -12.03
C SER A 469 -16.43 -38.14 -12.85
N GLU A 470 -17.27 -38.74 -13.69
CA GLU A 470 -18.27 -37.98 -14.52
C GLU A 470 -19.46 -37.51 -13.66
N PRO A 471 -19.97 -36.25 -13.85
CA PRO A 471 -21.00 -35.70 -12.96
C PRO A 471 -22.37 -36.35 -13.10
N PHE A 472 -23.21 -36.22 -12.07
CA PHE A 472 -24.20 -37.22 -11.75
C PHE A 472 -25.50 -36.58 -11.23
N SER A 473 -26.63 -36.91 -11.86
CA SER A 473 -27.97 -36.45 -11.46
C SER A 473 -28.83 -37.65 -10.98
N PRO A 474 -29.09 -37.76 -9.66
CA PRO A 474 -29.85 -38.92 -9.15
C PRO A 474 -31.35 -38.86 -9.50
N GLY A 475 -31.95 -40.02 -9.79
CA GLY A 475 -33.42 -40.17 -9.89
C GLY A 475 -34.17 -40.13 -8.57
N GLU A 476 -35.49 -40.30 -8.65
CA GLU A 476 -36.41 -40.15 -7.51
C GLU A 476 -36.22 -41.20 -6.40
N ASP A 477 -35.78 -42.40 -6.77
CA ASP A 477 -35.42 -43.45 -5.83
C ASP A 477 -34.08 -44.08 -6.27
N GLU A 478 -33.05 -43.24 -6.22
CA GLU A 478 -31.75 -43.54 -6.83
C GLU A 478 -30.96 -44.60 -6.07
N PHE A 479 -30.83 -44.41 -4.76
CA PHE A 479 -30.06 -45.32 -3.88
C PHE A 479 -30.90 -46.21 -2.94
N LYS A 480 -32.21 -46.32 -3.25
CA LYS A 480 -33.19 -46.98 -2.35
C LYS A 480 -33.02 -48.50 -2.35
N CYS A 481 -32.47 -49.02 -1.27
CA CYS A 481 -32.33 -50.47 -1.06
C CYS A 481 -33.70 -51.14 -1.03
N PRO A 482 -33.83 -52.32 -1.67
CA PRO A 482 -35.04 -53.14 -1.44
C PRO A 482 -35.10 -53.71 -0.01
N ILE A 483 -36.29 -53.75 0.58
CA ILE A 483 -36.51 -54.29 1.93
C ILE A 483 -36.77 -55.78 1.74
N LYS A 484 -35.93 -56.62 2.35
CA LYS A 484 -36.08 -58.10 2.27
C LYS A 484 -37.24 -58.53 3.16
N GLU A 485 -37.21 -58.10 4.42
CA GLU A 485 -38.37 -58.18 5.32
C GLU A 485 -38.46 -56.98 6.25
N GLU A 486 -39.66 -56.77 6.76
CA GLU A 486 -39.99 -55.72 7.72
C GLU A 486 -41.03 -56.29 8.73
N ILE A 487 -40.52 -56.77 9.87
CA ILE A 487 -41.34 -57.40 10.90
C ILE A 487 -41.73 -56.36 11.95
N ALA A 488 -43.03 -56.26 12.25
CA ALA A 488 -43.53 -55.49 13.42
C ALA A 488 -43.25 -56.20 14.73
N LEU A 489 -42.38 -55.62 15.57
CA LEU A 489 -42.10 -56.13 16.94
C LEU A 489 -43.13 -55.69 18.00
N THR A 490 -43.66 -54.48 17.83
CA THR A 490 -44.70 -53.88 18.68
C THR A 490 -45.88 -53.35 17.83
N SER A 491 -47.06 -53.28 18.44
CA SER A 491 -48.28 -52.86 17.76
C SER A 491 -49.35 -52.48 18.77
N GLY A 492 -50.30 -51.67 18.32
CA GLY A 492 -51.44 -51.21 19.11
C GLY A 492 -51.61 -49.71 19.16
N GLU A 493 -52.65 -49.30 19.89
CA GLU A 493 -53.05 -47.91 20.07
C GLU A 493 -52.24 -47.28 21.24
N TRP A 494 -50.93 -47.23 21.06
CA TRP A 494 -49.97 -46.81 22.11
C TRP A 494 -48.59 -46.64 21.47
N GLU A 495 -47.68 -45.93 22.13
CA GLU A 495 -46.38 -45.65 21.54
C GLU A 495 -45.19 -46.20 22.36
N VAL A 496 -44.16 -46.56 21.59
CA VAL A 496 -42.78 -46.69 22.08
C VAL A 496 -42.24 -45.27 22.18
N LEU A 497 -41.52 -45.01 23.28
CA LEU A 497 -40.87 -43.76 23.52
C LEU A 497 -39.52 -43.76 22.82
N ALA A 498 -39.29 -42.77 21.95
CA ALA A 498 -38.03 -42.62 21.19
C ALA A 498 -37.49 -41.19 21.06
N ARG A 499 -37.96 -40.25 21.89
CA ARG A 499 -37.62 -38.80 21.77
C ARG A 499 -37.28 -38.27 23.12
N HIS A 500 -36.67 -37.09 23.16
CA HIS A 500 -36.25 -36.41 24.40
C HIS A 500 -35.55 -37.34 25.39
N GLY A 501 -34.55 -38.04 24.87
CA GLY A 501 -33.72 -38.94 25.67
C GLY A 501 -34.19 -40.37 25.88
N SER A 502 -35.41 -40.71 25.44
CA SER A 502 -35.87 -42.09 25.45
C SER A 502 -35.06 -42.88 24.42
N LYS A 503 -34.82 -44.14 24.76
CA LYS A 503 -33.95 -45.01 23.97
C LYS A 503 -34.19 -46.49 24.30
N ILE A 504 -33.74 -47.36 23.39
CA ILE A 504 -33.81 -48.82 23.60
C ILE A 504 -32.45 -49.34 24.08
N TRP A 505 -32.51 -50.50 24.71
CA TRP A 505 -31.36 -51.27 25.07
C TRP A 505 -31.58 -52.65 24.47
N VAL A 506 -30.60 -53.12 23.71
CA VAL A 506 -30.71 -54.35 22.94
C VAL A 506 -29.68 -55.34 23.48
N ASN A 507 -30.13 -56.55 23.82
CA ASN A 507 -29.30 -57.68 24.26
C ASN A 507 -29.23 -58.71 23.14
N GLU A 508 -28.02 -58.94 22.61
CA GLU A 508 -27.78 -59.84 21.48
C GLU A 508 -27.58 -61.33 21.84
N GLU A 509 -27.20 -61.65 23.09
CA GLU A 509 -27.15 -63.03 23.59
C GLU A 509 -28.56 -63.63 23.56
N THR A 510 -29.46 -62.99 24.29
CA THR A 510 -30.86 -63.46 24.49
C THR A 510 -31.86 -63.08 23.39
N LYS A 511 -31.43 -62.21 22.46
CA LYS A 511 -32.28 -61.70 21.38
C LYS A 511 -33.50 -60.87 21.86
N LEU A 512 -33.32 -60.14 22.96
CA LEU A 512 -34.36 -59.27 23.56
C LEU A 512 -34.01 -57.78 23.34
N VAL A 513 -35.05 -56.98 23.07
CA VAL A 513 -34.97 -55.50 23.00
C VAL A 513 -35.80 -54.94 24.16
N TYR A 514 -35.12 -54.21 25.06
CA TYR A 514 -35.75 -53.53 26.18
C TYR A 514 -36.14 -52.11 25.71
N PHE A 515 -37.37 -51.68 25.98
CA PHE A 515 -37.86 -50.32 25.63
C PHE A 515 -38.86 -49.73 26.63
N GLN A 516 -39.24 -48.47 26.40
CA GLN A 516 -40.24 -47.77 27.24
C GLN A 516 -41.44 -47.33 26.44
N GLY A 517 -42.59 -47.29 27.10
CA GLY A 517 -43.84 -47.03 26.39
C GLY A 517 -45.08 -46.81 27.20
N THR A 518 -46.14 -46.55 26.44
CA THR A 518 -47.44 -46.16 26.96
C THR A 518 -48.53 -47.27 26.84
N LYS A 519 -48.12 -48.53 26.74
CA LYS A 519 -49.03 -49.65 26.43
C LYS A 519 -50.13 -49.78 27.51
N ASP A 520 -49.72 -49.71 28.78
CA ASP A 520 -50.67 -49.69 29.88
C ASP A 520 -51.64 -48.49 29.84
N THR A 521 -51.09 -47.28 29.58
CA THR A 521 -51.85 -46.04 29.61
C THR A 521 -50.97 -44.85 29.13
N PRO A 522 -51.55 -43.87 28.40
CA PRO A 522 -50.86 -42.58 28.05
C PRO A 522 -50.29 -41.75 29.21
N LEU A 523 -50.87 -41.93 30.38
CA LEU A 523 -50.54 -41.22 31.57
C LEU A 523 -49.33 -41.78 32.34
N GLU A 524 -48.77 -42.93 31.96
CA GLU A 524 -47.66 -43.55 32.71
C GLU A 524 -46.66 -44.08 31.70
N HIS A 525 -45.40 -43.70 31.85
CA HIS A 525 -44.29 -44.40 31.12
C HIS A 525 -43.94 -45.70 31.84
N HIS A 526 -43.77 -46.78 31.07
CA HIS A 526 -43.37 -48.08 31.59
C HIS A 526 -42.31 -48.78 30.78
N LEU A 527 -41.47 -49.55 31.48
CA LEU A 527 -40.43 -50.37 30.88
C LEU A 527 -41.01 -51.73 30.40
N TYR A 528 -40.85 -52.03 29.11
CA TYR A 528 -41.17 -53.36 28.53
C TYR A 528 -39.95 -54.07 27.92
N VAL A 529 -40.11 -55.37 27.71
CA VAL A 529 -39.13 -56.21 27.02
C VAL A 529 -39.87 -57.08 25.99
N VAL A 530 -39.24 -57.28 24.83
CA VAL A 530 -39.78 -58.08 23.73
C VAL A 530 -38.63 -58.69 22.92
N SER A 531 -38.87 -59.87 22.35
CA SER A 531 -37.87 -60.56 21.57
C SER A 531 -37.91 -60.00 20.15
N TYR A 532 -36.76 -59.51 19.68
CA TYR A 532 -36.62 -59.02 18.28
C TYR A 532 -36.51 -60.17 17.26
N GLU A 533 -36.10 -61.35 17.72
CA GLU A 533 -36.12 -62.59 16.91
C GLU A 533 -37.55 -63.05 16.65
N ALA A 534 -38.32 -63.15 17.74
CA ALA A 534 -39.68 -63.72 17.74
C ALA A 534 -40.64 -62.74 18.39
N ALA A 535 -41.37 -61.97 17.57
CA ALA A 535 -42.29 -60.94 18.06
C ALA A 535 -43.51 -61.54 18.80
N GLY A 536 -43.31 -61.93 20.06
CA GLY A 536 -44.32 -62.60 20.87
C GLY A 536 -44.77 -61.72 22.03
N GLU A 537 -44.65 -62.26 23.25
CA GLU A 537 -45.17 -61.58 24.44
C GLU A 537 -44.25 -60.42 24.85
N ILE A 538 -44.83 -59.22 24.89
CA ILE A 538 -44.24 -58.03 25.52
C ILE A 538 -44.57 -58.13 27.02
N VAL A 539 -43.52 -58.17 27.85
CA VAL A 539 -43.62 -58.26 29.30
C VAL A 539 -43.29 -56.89 29.90
N ARG A 540 -44.16 -56.44 30.82
CA ARG A 540 -43.94 -55.21 31.62
C ARG A 540 -43.10 -55.49 32.86
N LEU A 541 -42.07 -54.67 33.08
CA LEU A 541 -41.10 -54.84 34.19
C LEU A 541 -41.19 -53.80 35.31
N THR A 542 -42.04 -52.78 35.13
CA THR A 542 -42.26 -51.70 36.11
C THR A 542 -43.67 -51.82 36.73
N THR A 543 -43.83 -51.42 37.99
CA THR A 543 -45.11 -51.60 38.72
C THR A 543 -46.17 -50.58 38.25
N PRO A 544 -47.44 -51.00 38.02
CA PRO A 544 -48.48 -49.99 37.63
C PRO A 544 -48.91 -49.04 38.73
N GLY A 545 -49.53 -47.93 38.32
CA GLY A 545 -49.87 -46.79 39.22
C GLY A 545 -48.81 -45.70 39.38
N PHE A 546 -47.70 -45.83 38.67
CA PHE A 546 -46.59 -44.85 38.65
C PHE A 546 -46.06 -44.74 37.23
N SER A 547 -45.44 -43.60 36.92
CA SER A 547 -44.72 -43.36 35.64
C SER A 547 -43.22 -43.49 35.91
N HIS A 548 -42.51 -44.10 34.96
CA HIS A 548 -41.14 -44.56 35.18
C HIS A 548 -40.16 -43.98 34.14
N SER A 549 -39.04 -43.46 34.64
CA SER A 549 -37.88 -43.08 33.84
C SER A 549 -36.72 -44.03 34.15
N CYS A 550 -36.44 -44.94 33.22
CA CYS A 550 -35.57 -46.09 33.46
C CYS A 550 -34.23 -46.07 32.70
N SER A 551 -33.29 -46.83 33.23
CA SER A 551 -31.91 -46.94 32.75
C SER A 551 -31.40 -48.36 33.01
N MET A 552 -30.86 -49.00 31.97
CA MET A 552 -30.50 -50.44 31.98
C MET A 552 -28.99 -50.62 32.15
N SER A 553 -28.60 -51.69 32.87
CA SER A 553 -27.20 -52.18 32.81
C SER A 553 -26.92 -52.68 31.38
N GLN A 554 -25.76 -52.34 30.80
CA GLN A 554 -25.30 -52.98 29.54
C GLN A 554 -25.04 -54.49 29.70
N ASN A 555 -24.82 -54.95 30.94
CA ASN A 555 -24.83 -56.38 31.33
C ASN A 555 -26.24 -57.03 31.51
N PHE A 556 -27.30 -56.22 31.47
CA PHE A 556 -28.72 -56.67 31.53
C PHE A 556 -29.18 -57.46 32.79
N ASP A 557 -28.39 -57.38 33.87
CA ASP A 557 -28.65 -58.07 35.15
C ASP A 557 -29.45 -57.21 36.15
N MET A 558 -29.42 -55.89 35.99
CA MET A 558 -30.21 -54.94 36.81
C MET A 558 -30.50 -53.60 36.12
N PHE A 559 -31.62 -52.97 36.50
CA PHE A 559 -31.99 -51.61 36.05
C PHE A 559 -32.38 -50.69 37.20
N VAL A 560 -32.18 -49.39 36.99
CA VAL A 560 -32.76 -48.32 37.82
C VAL A 560 -34.06 -47.82 37.20
N SER A 561 -35.03 -47.48 38.05
CA SER A 561 -36.20 -46.69 37.67
C SER A 561 -36.39 -45.51 38.64
N HIS A 562 -36.25 -44.29 38.11
CA HIS A 562 -36.66 -43.03 38.77
C HIS A 562 -38.15 -42.83 38.45
N TYR A 563 -39.00 -43.16 39.45
CA TYR A 563 -40.47 -43.22 39.25
C TYR A 563 -41.24 -42.41 40.27
N SER A 564 -42.48 -42.09 39.91
CA SER A 564 -43.36 -41.22 40.70
C SER A 564 -44.83 -41.35 40.31
N SER A 565 -45.69 -40.71 41.09
CA SER A 565 -47.14 -40.55 40.79
C SER A 565 -47.61 -39.13 41.13
N VAL A 566 -48.83 -38.82 40.70
CA VAL A 566 -49.48 -37.51 41.02
C VAL A 566 -49.58 -37.30 42.53
N SER A 567 -49.97 -38.36 43.23
CA SER A 567 -50.16 -38.37 44.67
C SER A 567 -48.90 -38.51 45.52
N THR A 568 -47.83 -39.12 44.97
CA THR A 568 -46.62 -39.48 45.74
C THR A 568 -45.37 -38.88 45.14
N PRO A 569 -44.45 -38.33 45.97
CA PRO A 569 -43.20 -37.79 45.39
C PRO A 569 -42.29 -38.86 44.78
N PRO A 570 -41.28 -38.45 43.99
CA PRO A 570 -40.50 -39.43 43.25
C PRO A 570 -39.51 -40.22 44.14
N CYS A 571 -39.36 -41.50 43.79
CA CYS A 571 -38.28 -42.37 44.32
C CYS A 571 -37.32 -42.79 43.19
N VAL A 572 -36.15 -43.30 43.58
CA VAL A 572 -35.19 -43.95 42.64
C VAL A 572 -34.78 -45.30 43.27
N HIS A 573 -35.26 -46.39 42.67
CA HIS A 573 -35.04 -47.76 43.12
C HIS A 573 -34.15 -48.52 42.13
N VAL A 574 -33.47 -49.56 42.64
CA VAL A 574 -32.61 -50.45 41.87
C VAL A 574 -33.29 -51.82 41.89
N TYR A 575 -33.71 -52.29 40.70
CA TYR A 575 -34.31 -53.61 40.49
C TYR A 575 -33.30 -54.53 39.82
N LYS A 576 -33.13 -55.72 40.40
CA LYS A 576 -32.28 -56.79 39.84
C LYS A 576 -33.17 -57.77 39.07
N LEU A 577 -32.83 -58.03 37.81
CA LEU A 577 -33.54 -59.02 36.98
C LEU A 577 -33.05 -60.43 37.30
N SER A 578 -33.97 -61.28 37.78
CA SER A 578 -33.68 -62.62 38.28
C SER A 578 -34.59 -63.69 37.68
N GLY A 579 -34.09 -64.92 37.66
CA GLY A 579 -34.79 -66.11 37.18
C GLY A 579 -33.88 -67.08 36.44
N PRO A 580 -34.44 -68.23 35.97
CA PRO A 580 -33.70 -69.15 35.09
C PRO A 580 -33.27 -68.51 33.75
N ASP A 581 -32.03 -68.77 33.33
CA ASP A 581 -31.50 -68.27 32.06
C ASP A 581 -32.14 -68.90 30.78
N ASP A 582 -32.86 -70.01 30.91
CA ASP A 582 -33.62 -70.67 29.81
C ASP A 582 -34.84 -69.87 29.24
N ASP A 583 -35.39 -68.93 30.00
CA ASP A 583 -36.47 -67.98 29.54
C ASP A 583 -36.16 -66.57 30.05
N PRO A 584 -35.23 -65.85 29.36
CA PRO A 584 -34.83 -64.49 29.79
C PRO A 584 -35.92 -63.42 29.59
N LEU A 585 -36.88 -63.67 28.69
CA LEU A 585 -38.07 -62.80 28.53
C LEU A 585 -38.85 -62.62 29.82
N HIS A 586 -38.95 -63.67 30.65
CA HIS A 586 -39.69 -63.70 31.89
C HIS A 586 -38.84 -63.65 33.15
N LYS A 587 -37.79 -62.83 33.12
CA LYS A 587 -37.00 -62.51 34.32
C LYS A 587 -37.86 -61.61 35.21
N GLN A 588 -38.17 -62.07 36.43
CA GLN A 588 -38.98 -61.29 37.39
C GLN A 588 -38.12 -60.17 38.01
N PRO A 589 -38.57 -58.89 37.90
CA PRO A 589 -37.81 -57.79 38.50
C PRO A 589 -38.01 -57.77 40.01
N ARG A 590 -36.95 -58.04 40.75
CA ARG A 590 -36.99 -58.06 42.23
C ARG A 590 -36.34 -56.78 42.73
N PHE A 591 -37.03 -56.05 43.62
CA PHE A 591 -36.47 -54.85 44.29
C PHE A 591 -35.19 -55.24 45.01
N TRP A 592 -34.08 -54.57 44.69
CA TRP A 592 -32.77 -54.84 45.30
C TRP A 592 -32.52 -53.83 46.41
N ALA A 593 -32.53 -52.56 46.03
CA ALA A 593 -32.15 -51.46 46.92
C ALA A 593 -32.69 -50.15 46.39
N SER A 594 -32.69 -49.14 47.26
CA SER A 594 -33.17 -47.78 46.97
C SER A 594 -32.04 -46.76 47.04
N MET A 595 -32.22 -45.68 46.28
CA MET A 595 -31.29 -44.55 46.21
C MET A 595 -31.86 -43.23 46.73
N MET A 596 -33.12 -42.96 46.40
CA MET A 596 -33.85 -41.79 46.89
C MET A 596 -35.27 -42.21 47.32
N GLU A 597 -35.75 -41.64 48.43
CA GLU A 597 -37.09 -41.92 49.01
C GLU A 597 -37.76 -40.61 49.38
N ALA A 598 -39.08 -40.51 49.16
CA ALA A 598 -39.88 -39.31 49.49
C ALA A 598 -39.34 -38.01 48.87
N ASP A 604 -48.10 -27.20 52.61
CA ASP A 604 -49.35 -27.94 52.67
C ASP A 604 -49.71 -28.34 51.22
N TYR A 605 -49.05 -29.39 50.70
CA TYR A 605 -49.24 -29.87 49.31
C TYR A 605 -50.40 -30.87 49.20
N VAL A 606 -51.36 -30.58 48.33
CA VAL A 606 -52.50 -31.47 48.05
C VAL A 606 -52.43 -31.80 46.57
N PRO A 607 -52.28 -33.10 46.22
CA PRO A 607 -52.14 -33.43 44.81
C PRO A 607 -53.42 -33.20 43.99
N PRO A 608 -53.29 -33.00 42.65
CA PRO A 608 -54.45 -32.94 41.82
C PRO A 608 -55.03 -34.32 41.53
N GLU A 609 -56.15 -34.32 40.80
CA GLU A 609 -56.90 -35.51 40.41
C GLU A 609 -56.90 -35.56 38.90
N ILE A 610 -56.43 -36.66 38.32
CA ILE A 610 -56.59 -36.89 36.89
C ILE A 610 -58.06 -37.28 36.66
N PHE A 611 -58.60 -36.77 35.57
CA PHE A 611 -59.85 -37.20 35.02
C PHE A 611 -59.72 -37.30 33.52
N HIS A 612 -60.81 -37.74 32.89
CA HIS A 612 -60.94 -37.77 31.43
C HIS A 612 -62.37 -37.57 31.02
N PHE A 613 -62.56 -37.25 29.75
CA PHE A 613 -63.86 -36.97 29.19
C PHE A 613 -63.80 -37.04 27.67
N HIS A 614 -64.98 -37.10 27.05
CA HIS A 614 -65.11 -37.20 25.59
C HIS A 614 -65.65 -35.91 25.01
N THR A 615 -65.11 -35.51 23.87
CA THR A 615 -65.63 -34.38 23.10
C THR A 615 -66.90 -34.79 22.36
N ARG A 616 -67.64 -33.78 21.91
CA ARG A 616 -68.81 -33.98 21.00
C ARG A 616 -68.51 -34.80 19.74
N SER A 617 -67.25 -34.77 19.29
CA SER A 617 -66.69 -35.65 18.25
C SER A 617 -66.07 -37.01 18.73
N ASP A 618 -66.40 -37.47 19.95
CA ASP A 618 -65.97 -38.77 20.54
C ASP A 618 -64.43 -39.02 20.64
N VAL A 619 -63.70 -38.00 21.10
CA VAL A 619 -62.25 -38.07 21.31
C VAL A 619 -62.01 -37.96 22.82
N ARG A 620 -61.30 -38.93 23.38
CA ARG A 620 -60.98 -38.93 24.81
C ARG A 620 -59.89 -37.90 25.08
N LEU A 621 -60.19 -36.92 25.91
CA LEU A 621 -59.19 -35.95 26.41
C LEU A 621 -59.00 -36.20 27.89
N TYR A 622 -57.73 -36.13 28.34
CA TYR A 622 -57.39 -36.22 29.77
C TYR A 622 -57.21 -34.84 30.35
N GLY A 623 -57.52 -34.75 31.63
CA GLY A 623 -57.41 -33.50 32.36
C GLY A 623 -56.97 -33.70 33.78
N MET A 624 -56.59 -32.60 34.38
CA MET A 624 -56.08 -32.54 35.74
C MET A 624 -56.84 -31.41 36.44
N ILE A 625 -57.30 -31.64 37.66
CA ILE A 625 -57.79 -30.57 38.53
C ILE A 625 -57.11 -30.55 39.92
N TYR A 626 -56.70 -29.36 40.36
CA TYR A 626 -56.38 -29.09 41.76
C TYR A 626 -57.65 -28.45 42.35
N LYS A 627 -58.26 -29.12 43.33
CA LYS A 627 -59.44 -28.57 44.03
C LYS A 627 -58.97 -27.45 44.97
N PRO A 628 -59.83 -26.45 45.24
CA PRO A 628 -59.54 -25.50 46.32
C PRO A 628 -59.38 -26.16 47.69
N HIS A 629 -58.33 -25.78 48.41
CA HIS A 629 -58.00 -26.38 49.71
C HIS A 629 -59.06 -25.97 50.72
N ALA A 630 -59.41 -26.90 51.60
CA ALA A 630 -60.52 -26.75 52.55
C ALA A 630 -61.85 -26.33 51.87
N LEU A 631 -62.21 -27.03 50.78
CA LEU A 631 -63.44 -26.74 49.99
C LEU A 631 -64.70 -26.95 50.82
N GLN A 632 -65.65 -26.06 50.63
CA GLN A 632 -66.98 -26.14 51.22
C GLN A 632 -67.96 -26.38 50.05
N PRO A 633 -68.56 -27.60 49.94
CA PRO A 633 -69.49 -27.88 48.84
C PRO A 633 -70.68 -26.94 48.82
N GLY A 634 -71.09 -26.57 47.60
CA GLY A 634 -72.06 -25.50 47.37
C GLY A 634 -71.46 -24.16 46.98
N LYS A 635 -70.23 -23.88 47.42
CA LYS A 635 -69.49 -22.69 47.01
C LYS A 635 -69.04 -22.84 45.55
N LYS A 636 -69.02 -21.72 44.83
CA LYS A 636 -68.46 -21.61 43.49
C LYS A 636 -67.21 -20.71 43.56
N HIS A 637 -66.09 -21.21 43.05
CA HIS A 637 -64.78 -20.61 43.21
C HIS A 637 -64.25 -20.09 41.86
N PRO A 638 -63.43 -19.02 41.90
CA PRO A 638 -62.84 -18.54 40.65
C PRO A 638 -61.76 -19.54 40.18
N THR A 639 -61.58 -19.60 38.86
CA THR A 639 -60.86 -20.71 38.26
C THR A 639 -59.76 -20.20 37.35
N VAL A 640 -58.59 -20.82 37.46
CA VAL A 640 -57.41 -20.56 36.61
C VAL A 640 -57.24 -21.76 35.67
N LEU A 641 -57.51 -21.57 34.39
CA LEU A 641 -57.17 -22.54 33.35
C LEU A 641 -55.69 -22.40 32.99
N PHE A 642 -54.84 -23.19 33.64
CA PHE A 642 -53.43 -23.26 33.24
C PHE A 642 -53.31 -24.03 31.92
N VAL A 643 -52.64 -23.43 30.94
CA VAL A 643 -52.52 -23.99 29.61
C VAL A 643 -51.07 -24.01 29.11
N TYR A 644 -50.72 -25.05 28.34
CA TYR A 644 -49.61 -25.00 27.37
C TYR A 644 -50.18 -25.24 25.95
N GLY A 645 -50.53 -26.48 25.63
CA GLY A 645 -51.35 -26.80 24.45
C GLY A 645 -50.71 -26.92 23.09
N GLY A 646 -49.40 -26.64 23.00
CA GLY A 646 -48.61 -26.87 21.80
C GLY A 646 -48.09 -28.29 21.63
N PRO A 647 -47.54 -28.62 20.43
CA PRO A 647 -46.96 -29.92 20.16
C PRO A 647 -45.68 -30.23 20.93
N GLN A 648 -45.49 -31.52 21.20
CA GLN A 648 -44.34 -32.10 21.94
C GLN A 648 -44.39 -31.89 23.45
N VAL A 649 -45.58 -31.60 23.99
CA VAL A 649 -45.80 -31.55 25.45
C VAL A 649 -47.10 -32.28 25.81
N GLN A 650 -47.02 -33.05 26.89
CA GLN A 650 -48.14 -33.58 27.63
C GLN A 650 -47.98 -33.05 29.05
N LEU A 651 -48.92 -32.21 29.48
CA LEU A 651 -49.01 -31.75 30.87
C LEU A 651 -49.63 -32.78 31.81
N VAL A 652 -50.70 -33.42 31.32
CA VAL A 652 -51.57 -34.33 32.09
C VAL A 652 -51.04 -35.73 31.93
N ASN A 653 -50.34 -36.17 32.98
CA ASN A 653 -49.97 -37.56 33.19
C ASN A 653 -49.80 -37.85 34.69
N ASN A 654 -49.69 -39.14 35.02
CA ASN A 654 -49.58 -39.64 36.38
C ASN A 654 -48.12 -39.68 36.84
N SER A 655 -47.62 -38.50 37.17
CA SER A 655 -46.30 -38.31 37.80
C SER A 655 -46.37 -37.06 38.66
N PHE A 656 -45.39 -36.90 39.55
CA PHE A 656 -45.42 -35.84 40.56
C PHE A 656 -45.25 -34.45 39.94
N LYS A 657 -46.21 -33.58 40.27
CA LYS A 657 -46.31 -32.22 39.76
C LYS A 657 -45.85 -31.13 40.73
N GLY A 658 -45.77 -31.43 42.02
CA GLY A 658 -45.48 -30.42 43.03
C GLY A 658 -44.10 -29.73 42.99
N ILE A 659 -43.15 -30.23 42.19
CA ILE A 659 -41.81 -29.61 42.00
C ILE A 659 -41.95 -28.45 41.01
N LYS A 660 -42.30 -28.79 39.77
CA LYS A 660 -42.39 -27.84 38.66
C LYS A 660 -43.66 -26.98 38.71
N TYR A 661 -44.75 -27.51 39.29
CA TYR A 661 -46.05 -26.85 39.31
C TYR A 661 -46.56 -26.64 40.78
N LEU A 662 -45.61 -26.25 41.66
CA LEU A 662 -45.91 -25.78 43.02
C LEU A 662 -46.85 -24.58 43.03
N ARG A 663 -46.64 -23.65 42.09
CA ARG A 663 -47.48 -22.45 41.95
C ARG A 663 -48.97 -22.73 41.76
N LEU A 664 -49.30 -23.82 41.07
CA LEU A 664 -50.69 -24.25 40.93
C LEU A 664 -51.29 -24.72 42.26
N ASN A 665 -50.51 -25.44 43.07
CA ASN A 665 -50.91 -25.75 44.46
C ASN A 665 -51.03 -24.47 45.34
N THR A 666 -50.07 -23.55 45.21
CA THR A 666 -50.15 -22.26 45.90
C THR A 666 -51.44 -21.51 45.55
N LEU A 667 -51.80 -21.47 44.26
CA LEU A 667 -53.11 -20.94 43.79
C LEU A 667 -54.27 -21.60 44.52
N ALA A 668 -54.26 -22.93 44.50
CA ALA A 668 -55.24 -23.74 45.22
C ALA A 668 -55.31 -23.48 46.74
N SER A 669 -54.15 -23.28 47.40
CA SER A 669 -54.11 -22.87 48.82
C SER A 669 -54.89 -21.57 49.17
N LEU A 670 -54.98 -20.65 48.18
CA LEU A 670 -55.78 -19.40 48.31
C LEU A 670 -57.26 -19.53 47.93
N GLY A 671 -57.66 -20.64 47.30
CA GLY A 671 -59.04 -20.88 46.90
C GLY A 671 -59.37 -20.74 45.44
N TYR A 672 -58.36 -20.81 44.58
CA TYR A 672 -58.55 -20.90 43.13
C TYR A 672 -58.74 -22.37 42.74
N ALA A 673 -59.73 -22.67 41.92
CA ALA A 673 -59.75 -23.93 41.19
C ALA A 673 -58.70 -23.82 40.06
N VAL A 674 -57.85 -24.83 39.89
CA VAL A 674 -56.84 -24.85 38.82
C VAL A 674 -57.10 -26.10 38.00
N VAL A 675 -57.30 -25.89 36.70
CA VAL A 675 -57.68 -26.90 35.73
C VAL A 675 -56.61 -26.96 34.63
N VAL A 676 -56.13 -28.17 34.30
CA VAL A 676 -55.25 -28.40 33.14
C VAL A 676 -55.87 -29.46 32.21
N ILE A 677 -55.93 -29.13 30.93
CA ILE A 677 -56.54 -29.94 29.88
C ILE A 677 -55.43 -30.22 28.82
N ASP A 678 -55.14 -31.49 28.52
CA ASP A 678 -54.38 -31.87 27.33
C ASP A 678 -55.35 -32.05 26.15
N GLY A 679 -55.54 -30.98 25.40
CA GLY A 679 -56.31 -31.03 24.17
C GLY A 679 -55.59 -31.70 23.00
N ARG A 680 -56.34 -31.83 21.89
CA ARG A 680 -55.81 -32.32 20.62
C ARG A 680 -54.64 -31.45 20.16
N GLY A 681 -53.59 -32.09 19.69
CA GLY A 681 -52.30 -31.45 19.43
C GLY A 681 -51.22 -31.99 20.32
N SER A 682 -51.51 -32.14 21.61
CA SER A 682 -50.53 -32.59 22.61
C SER A 682 -49.94 -33.97 22.25
N CYS A 683 -48.73 -34.28 22.77
CA CYS A 683 -48.05 -35.56 22.45
C CYS A 683 -48.46 -36.72 23.43
N GLN A 684 -47.86 -37.90 23.22
CA GLN A 684 -48.15 -39.20 23.89
C GLN A 684 -49.38 -39.97 23.34
N ARG A 685 -50.11 -39.43 22.34
CA ARG A 685 -51.35 -40.04 21.77
C ARG A 685 -51.24 -40.37 20.28
N GLY A 686 -50.00 -40.41 19.77
CA GLY A 686 -49.73 -40.74 18.38
C GLY A 686 -49.92 -39.58 17.44
N LEU A 687 -49.69 -39.85 16.16
CA LEU A 687 -49.57 -38.84 15.11
C LEU A 687 -50.88 -38.18 14.78
N ARG A 688 -51.97 -38.94 14.64
CA ARG A 688 -53.28 -38.39 14.24
C ARG A 688 -53.89 -37.42 15.25
N PHE A 689 -53.64 -37.67 16.54
CA PHE A 689 -54.08 -36.79 17.63
C PHE A 689 -53.32 -35.45 17.63
N GLU A 690 -52.00 -35.57 17.52
CA GLU A 690 -51.05 -34.45 17.28
C GLU A 690 -51.41 -33.68 16.02
N GLY A 691 -51.78 -34.42 14.97
CA GLY A 691 -52.05 -33.90 13.64
C GLY A 691 -53.28 -33.04 13.43
N ALA A 692 -54.17 -32.96 14.43
CA ALA A 692 -55.30 -31.98 14.44
C ALA A 692 -54.86 -30.48 14.31
N LEU A 693 -53.65 -30.19 14.76
CA LEU A 693 -53.00 -28.87 14.58
C LEU A 693 -52.68 -28.45 13.14
N LYS A 694 -52.53 -29.41 12.23
CA LYS A 694 -51.82 -29.18 10.95
C LYS A 694 -52.42 -28.02 10.14
N ASN A 695 -51.65 -26.94 10.00
CA ASN A 695 -51.98 -25.72 9.23
C ASN A 695 -53.15 -24.90 9.79
N GLN A 696 -53.42 -25.02 11.10
CA GLN A 696 -54.46 -24.24 11.77
C GLN A 696 -54.20 -24.13 13.27
N MET A 697 -52.96 -23.80 13.63
CA MET A 697 -52.58 -23.57 15.03
C MET A 697 -53.36 -22.36 15.54
N GLY A 698 -53.83 -22.49 16.78
CA GLY A 698 -54.84 -21.62 17.38
C GLY A 698 -56.32 -22.00 17.22
N GLN A 699 -56.66 -22.77 16.18
CA GLN A 699 -58.06 -22.98 15.75
C GLN A 699 -58.78 -24.10 16.50
N VAL A 700 -58.09 -25.24 16.67
CA VAL A 700 -58.64 -26.43 17.36
C VAL A 700 -58.52 -26.38 18.90
N GLU A 701 -57.47 -25.74 19.43
CA GLU A 701 -57.01 -25.95 20.82
C GLU A 701 -57.94 -25.39 21.87
N ILE A 702 -58.44 -24.17 21.65
CA ILE A 702 -59.31 -23.47 22.61
C ILE A 702 -60.68 -24.15 22.76
N GLU A 703 -61.23 -24.69 21.65
CA GLU A 703 -62.50 -25.43 21.67
C GLU A 703 -62.41 -26.59 22.67
N ASP A 704 -61.36 -27.41 22.53
CA ASP A 704 -61.05 -28.50 23.48
C ASP A 704 -60.85 -28.01 24.92
N GLN A 705 -60.21 -26.86 25.09
CA GLN A 705 -60.02 -26.23 26.41
C GLN A 705 -61.33 -25.77 27.02
N VAL A 706 -62.21 -25.19 26.20
CA VAL A 706 -63.58 -24.79 26.62
C VAL A 706 -64.40 -26.02 27.03
N GLU A 707 -64.44 -27.04 26.16
CA GLU A 707 -65.08 -28.34 26.45
C GLU A 707 -64.59 -28.99 27.76
N GLY A 708 -63.28 -28.99 27.97
CA GLY A 708 -62.68 -29.47 29.23
C GLY A 708 -63.10 -28.68 30.47
N LEU A 709 -63.08 -27.36 30.34
CA LEU A 709 -63.53 -26.44 31.37
C LEU A 709 -65.05 -26.63 31.73
N GLN A 710 -65.91 -26.70 30.71
CA GLN A 710 -67.34 -27.03 30.88
C GLN A 710 -67.60 -28.44 31.46
N PHE A 711 -66.76 -29.42 31.11
CA PHE A 711 -66.87 -30.77 31.68
C PHE A 711 -66.57 -30.74 33.18
N VAL A 712 -65.45 -30.09 33.52
CA VAL A 712 -65.02 -29.89 34.91
C VAL A 712 -66.11 -29.18 35.75
N ALA A 713 -66.84 -28.25 35.12
CA ALA A 713 -67.98 -27.56 35.76
C ALA A 713 -69.13 -28.47 36.16
N GLU A 714 -69.50 -29.39 35.28
CA GLU A 714 -70.64 -30.31 35.52
C GLU A 714 -70.26 -31.42 36.52
N LYS A 715 -69.10 -32.05 36.32
CA LYS A 715 -68.59 -33.12 37.17
C LYS A 715 -68.36 -32.64 38.61
N TYR A 716 -67.51 -31.64 38.77
CA TYR A 716 -67.12 -31.08 40.08
C TYR A 716 -67.98 -29.84 40.33
N GLY A 717 -68.59 -29.74 41.50
CA GLY A 717 -69.53 -28.65 41.76
C GLY A 717 -69.01 -27.27 42.09
N PHE A 718 -67.72 -26.98 41.86
CA PHE A 718 -67.05 -25.79 42.50
C PHE A 718 -66.48 -24.70 41.58
N ILE A 719 -66.75 -24.80 40.28
CA ILE A 719 -66.25 -23.87 39.27
C ILE A 719 -67.30 -22.77 39.09
N ASP A 720 -66.88 -21.52 39.27
CA ASP A 720 -67.64 -20.35 38.84
C ASP A 720 -67.15 -19.98 37.44
N LEU A 721 -67.95 -20.34 36.43
CA LEU A 721 -67.64 -20.00 35.01
C LEU A 721 -67.70 -18.53 34.65
N SER A 722 -68.30 -17.73 35.51
CA SER A 722 -68.21 -16.26 35.45
C SER A 722 -66.83 -15.66 35.83
N ARG A 723 -65.98 -16.45 36.52
CA ARG A 723 -64.64 -16.04 36.95
C ARG A 723 -63.50 -17.02 36.52
N VAL A 724 -63.40 -17.23 35.21
CA VAL A 724 -62.32 -18.07 34.64
C VAL A 724 -61.18 -17.20 34.06
N ALA A 725 -59.95 -17.50 34.47
CA ALA A 725 -58.72 -16.90 33.92
C ALA A 725 -57.90 -17.93 33.16
N ILE A 726 -57.37 -17.53 32.00
CA ILE A 726 -56.49 -18.36 31.16
C ILE A 726 -55.04 -17.89 31.34
N HIS A 727 -54.12 -18.82 31.54
CA HIS A 727 -52.72 -18.49 31.85
C HIS A 727 -51.79 -19.56 31.27
N GLY A 728 -50.76 -19.14 30.55
CA GLY A 728 -49.72 -20.03 30.05
C GLY A 728 -48.50 -19.29 29.50
N TRP A 729 -47.40 -20.02 29.39
N TRP A 729 -47.40 -20.02 29.39
CA TRP A 729 -46.12 -19.51 28.91
CA TRP A 729 -46.12 -19.51 28.90
C TRP A 729 -45.85 -20.04 27.51
C TRP A 729 -45.84 -20.04 27.51
N SER A 730 -45.24 -19.21 26.65
CA SER A 730 -44.85 -19.60 25.27
C SER A 730 -46.05 -19.91 24.33
N TYR A 731 -46.33 -21.18 24.04
CA TYR A 731 -47.53 -21.58 23.32
C TYR A 731 -48.77 -21.30 24.17
N GLY A 732 -48.65 -21.52 25.49
CA GLY A 732 -49.71 -21.23 26.45
C GLY A 732 -50.12 -19.78 26.51
N GLY A 733 -49.16 -18.87 26.31
CA GLY A 733 -49.39 -17.43 26.24
C GLY A 733 -50.10 -17.10 24.95
N PHE A 734 -49.62 -17.70 23.88
CA PHE A 734 -50.32 -17.67 22.58
C PHE A 734 -51.77 -18.15 22.72
N LEU A 735 -51.99 -19.28 23.36
CA LEU A 735 -53.35 -19.78 23.62
C LEU A 735 -54.16 -18.92 24.60
N SER A 736 -53.51 -18.35 25.61
CA SER A 736 -54.18 -17.43 26.51
C SER A 736 -54.80 -16.25 25.75
N LEU A 737 -54.03 -15.71 24.79
CA LEU A 737 -54.49 -14.66 23.89
C LEU A 737 -55.59 -15.11 22.95
N MET A 738 -55.45 -16.30 22.38
CA MET A 738 -56.54 -16.93 21.59
C MET A 738 -57.84 -17.18 22.33
N GLY A 739 -57.72 -17.59 23.59
CA GLY A 739 -58.88 -17.70 24.49
C GLY A 739 -59.64 -16.39 24.67
N LEU A 740 -58.90 -15.31 24.86
CA LEU A 740 -59.46 -13.97 25.07
C LEU A 740 -60.06 -13.39 23.80
N ILE A 741 -59.37 -13.57 22.67
CA ILE A 741 -59.84 -13.17 21.33
C ILE A 741 -61.15 -13.87 20.96
N HIS A 742 -61.10 -15.20 20.88
CA HIS A 742 -62.22 -16.02 20.37
C HIS A 742 -63.33 -16.39 21.39
N LYS A 743 -63.02 -16.38 22.68
CA LYS A 743 -63.97 -16.75 23.75
C LYS A 743 -64.01 -15.73 24.93
N PRO A 744 -64.27 -14.43 24.63
CA PRO A 744 -64.29 -13.37 25.68
C PRO A 744 -65.38 -13.52 26.77
N GLN A 745 -66.54 -14.07 26.40
CA GLN A 745 -67.57 -14.48 27.39
C GLN A 745 -67.19 -15.66 28.32
N VAL A 746 -66.20 -16.47 27.93
CA VAL A 746 -65.71 -17.60 28.75
C VAL A 746 -64.62 -17.16 29.73
N PHE A 747 -63.57 -16.51 29.19
CA PHE A 747 -62.41 -16.06 29.99
C PHE A 747 -62.45 -14.57 30.37
N LYS A 748 -62.43 -14.27 31.67
CA LYS A 748 -62.47 -12.85 32.13
C LYS A 748 -61.11 -12.15 32.01
N VAL A 749 -60.02 -12.83 32.40
CA VAL A 749 -58.66 -12.28 32.22
C VAL A 749 -57.75 -13.23 31.45
N ALA A 750 -56.60 -12.71 31.03
CA ALA A 750 -55.53 -13.47 30.36
C ALA A 750 -54.17 -13.02 30.84
N ILE A 751 -53.36 -13.96 31.31
CA ILE A 751 -51.96 -13.70 31.69
C ILE A 751 -51.08 -14.44 30.68
N ALA A 752 -50.77 -13.76 29.58
CA ALA A 752 -49.95 -14.33 28.49
C ALA A 752 -48.47 -14.14 28.78
N GLY A 753 -47.76 -15.23 29.10
CA GLY A 753 -46.30 -15.23 29.23
C GLY A 753 -45.58 -15.60 27.95
N ALA A 754 -44.47 -14.92 27.66
CA ALA A 754 -43.65 -15.06 26.42
C ALA A 754 -44.38 -15.54 25.12
N PRO A 755 -45.47 -14.87 24.75
CA PRO A 755 -46.39 -15.44 23.79
C PRO A 755 -45.85 -15.34 22.38
N VAL A 756 -46.29 -16.30 21.56
CA VAL A 756 -46.09 -16.29 20.12
C VAL A 756 -47.25 -15.51 19.51
N THR A 757 -46.92 -14.30 19.07
CA THR A 757 -47.87 -13.36 18.49
C THR A 757 -47.87 -13.29 16.95
N VAL A 758 -46.74 -13.67 16.34
CA VAL A 758 -46.56 -13.64 14.89
C VAL A 758 -45.80 -14.91 14.51
N TRP A 759 -46.48 -15.84 13.84
CA TRP A 759 -45.83 -17.09 13.41
C TRP A 759 -44.74 -16.86 12.35
N MET A 760 -44.90 -15.83 11.51
CA MET A 760 -43.83 -15.35 10.58
C MET A 760 -42.47 -15.00 11.23
N ALA A 761 -42.48 -14.60 12.49
CA ALA A 761 -41.26 -14.32 13.28
C ALA A 761 -40.64 -15.53 13.97
N TYR A 762 -41.32 -16.68 14.00
CA TYR A 762 -40.76 -17.90 14.61
C TYR A 762 -39.94 -18.64 13.55
N ASP A 763 -39.16 -19.62 13.98
CA ASP A 763 -38.20 -20.31 13.08
C ASP A 763 -38.78 -21.30 11.99
N THR A 764 -37.89 -21.78 11.12
CA THR A 764 -38.19 -22.78 10.08
C THR A 764 -38.64 -24.12 10.63
N GLY A 765 -37.77 -24.73 11.43
CA GLY A 765 -37.91 -26.12 11.90
C GLY A 765 -39.21 -26.47 12.60
N TYR A 766 -39.61 -25.67 13.58
CA TYR A 766 -40.88 -25.83 14.28
C TYR A 766 -42.04 -25.43 13.42
N THR A 767 -41.98 -24.22 12.87
CA THR A 767 -43.18 -23.61 12.28
C THR A 767 -43.60 -24.29 10.97
N GLU A 768 -42.64 -24.58 10.10
CA GLU A 768 -42.95 -25.18 8.79
C GLU A 768 -43.53 -26.61 8.91
N ARG A 769 -42.99 -27.38 9.84
CA ARG A 769 -43.49 -28.69 10.24
C ARG A 769 -45.01 -28.74 10.52
N TYR A 770 -45.52 -27.82 11.37
CA TYR A 770 -46.95 -27.77 11.75
C TYR A 770 -47.80 -26.84 10.87
N MET A 771 -47.24 -25.71 10.47
CA MET A 771 -47.98 -24.66 9.80
C MET A 771 -47.63 -24.43 8.31
N ASP A 772 -46.69 -25.20 7.74
CA ASP A 772 -46.21 -25.02 6.34
C ASP A 772 -45.37 -23.73 6.23
N VAL A 773 -44.88 -23.47 5.03
CA VAL A 773 -44.25 -22.18 4.64
C VAL A 773 -45.33 -21.05 4.52
N PRO A 774 -44.99 -19.77 4.82
CA PRO A 774 -46.03 -18.69 4.82
C PRO A 774 -46.75 -18.45 3.50
N GLU A 775 -46.00 -18.42 2.42
CA GLU A 775 -46.58 -18.34 1.04
C GLU A 775 -47.54 -19.50 0.67
N ASN A 776 -47.41 -20.66 1.32
CA ASN A 776 -48.33 -21.80 1.16
C ASN A 776 -49.53 -21.88 2.12
N ASN A 777 -49.55 -21.06 3.17
CA ASN A 777 -50.64 -21.09 4.18
C ASN A 777 -50.91 -19.68 4.74
N GLN A 778 -51.27 -18.77 3.84
CA GLN A 778 -51.53 -17.38 4.19
C GLN A 778 -52.71 -17.31 5.17
N HIS A 779 -53.80 -18.02 4.89
CA HIS A 779 -55.01 -18.08 5.75
C HIS A 779 -54.74 -18.57 7.18
N GLY A 780 -53.90 -19.61 7.31
CA GLY A 780 -53.61 -20.24 8.61
C GLY A 780 -52.62 -19.48 9.50
N TYR A 781 -51.52 -19.01 8.89
CA TYR A 781 -50.59 -18.05 9.52
C TYR A 781 -51.29 -16.79 10.07
N GLU A 782 -52.18 -16.21 9.25
CA GLU A 782 -52.96 -15.02 9.67
C GLU A 782 -53.95 -15.37 10.80
N ALA A 783 -54.76 -16.40 10.59
CA ALA A 783 -55.77 -16.86 11.57
C ALA A 783 -55.21 -17.21 12.95
N GLY A 784 -54.00 -17.79 12.97
CA GLY A 784 -53.30 -18.18 14.20
C GLY A 784 -52.28 -17.18 14.77
N SER A 785 -52.19 -15.96 14.23
CA SER A 785 -51.27 -14.90 14.69
C SER A 785 -52.02 -13.91 15.56
N VAL A 786 -51.87 -14.03 16.88
CA VAL A 786 -52.68 -13.18 17.82
C VAL A 786 -52.50 -11.65 17.70
N ALA A 787 -51.34 -11.23 17.19
CA ALA A 787 -51.07 -9.79 16.90
C ALA A 787 -51.94 -9.18 15.80
N LEU A 788 -52.37 -10.01 14.83
CA LEU A 788 -53.24 -9.53 13.74
C LEU A 788 -54.73 -9.45 14.10
N HIS A 789 -55.13 -9.96 15.28
CA HIS A 789 -56.55 -9.97 15.70
C HIS A 789 -56.82 -9.14 16.92
N VAL A 790 -56.09 -8.05 17.01
CA VAL A 790 -56.06 -7.17 18.15
C VAL A 790 -57.38 -6.37 18.29
N GLU A 791 -58.05 -6.05 17.18
CA GLU A 791 -59.43 -5.48 17.26
C GLU A 791 -60.38 -6.35 18.12
N LYS A 792 -60.25 -7.67 18.00
CA LYS A 792 -61.03 -8.61 18.81
C LYS A 792 -60.65 -8.69 20.30
N LEU A 793 -59.50 -8.14 20.70
CA LEU A 793 -59.08 -8.07 22.14
C LEU A 793 -59.90 -7.04 22.92
N PRO A 794 -59.96 -7.16 24.26
CA PRO A 794 -60.99 -6.39 24.98
C PRO A 794 -60.82 -4.85 25.04
N ASN A 795 -61.94 -4.13 24.91
CA ASN A 795 -62.04 -2.69 25.18
C ASN A 795 -61.91 -2.37 26.67
N GLU A 796 -62.25 -3.33 27.53
CA GLU A 796 -62.15 -3.17 28.98
C GLU A 796 -60.68 -3.40 29.40
N PRO A 797 -60.10 -2.49 30.23
CA PRO A 797 -58.79 -2.78 30.85
C PRO A 797 -58.86 -3.82 31.97
N ASN A 798 -57.71 -4.15 32.56
CA ASN A 798 -57.55 -5.22 33.59
C ASN A 798 -57.90 -6.66 33.18
N ARG A 799 -57.97 -6.94 31.88
CA ARG A 799 -58.32 -8.29 31.33
C ARG A 799 -57.15 -8.97 30.56
N LEU A 800 -55.99 -8.32 30.47
CA LEU A 800 -54.85 -8.80 29.71
C LEU A 800 -53.57 -8.35 30.41
N LEU A 801 -52.79 -9.29 30.92
CA LEU A 801 -51.46 -9.08 31.44
C LEU A 801 -50.47 -9.82 30.52
N ILE A 802 -49.53 -9.08 29.92
CA ILE A 802 -48.45 -9.66 29.10
C ILE A 802 -47.16 -9.75 29.93
N LEU A 803 -46.41 -10.84 29.79
CA LEU A 803 -45.11 -11.03 30.46
C LEU A 803 -44.11 -11.52 29.42
N HIS A 804 -42.87 -11.06 29.52
CA HIS A 804 -41.82 -11.48 28.59
C HIS A 804 -40.45 -11.22 29.19
N GLY A 805 -39.53 -12.16 28.94
CA GLY A 805 -38.12 -12.03 29.26
C GLY A 805 -37.44 -11.19 28.20
N PHE A 806 -36.72 -10.14 28.63
CA PHE A 806 -36.00 -9.29 27.68
C PHE A 806 -34.90 -9.99 26.85
N LEU A 807 -34.17 -10.89 27.51
CA LEU A 807 -33.09 -11.65 26.88
C LEU A 807 -33.54 -12.97 26.20
N ASP A 808 -34.83 -13.08 25.82
CA ASP A 808 -35.38 -14.31 25.26
C ASP A 808 -34.88 -14.45 23.81
N GLU A 809 -34.04 -15.46 23.58
CA GLU A 809 -33.48 -15.80 22.24
C GLU A 809 -34.19 -16.97 21.52
N ASN A 810 -35.33 -17.40 22.07
CA ASN A 810 -36.18 -18.42 21.51
C ASN A 810 -37.37 -17.72 20.90
N VAL A 811 -38.21 -17.16 21.77
CA VAL A 811 -39.34 -16.32 21.40
C VAL A 811 -38.90 -14.88 21.67
N HIS A 812 -38.53 -14.18 20.62
CA HIS A 812 -37.90 -12.86 20.80
C HIS A 812 -38.89 -11.87 21.38
N PHE A 813 -38.39 -10.98 22.25
CA PHE A 813 -39.23 -9.94 22.90
C PHE A 813 -40.04 -9.15 21.86
N PHE A 814 -39.51 -9.02 20.63
CA PHE A 814 -40.26 -8.56 19.46
C PHE A 814 -41.75 -8.95 19.48
N HIS A 815 -42.03 -10.23 19.76
CA HIS A 815 -43.38 -10.75 19.78
C HIS A 815 -44.30 -9.90 20.67
N THR A 816 -43.88 -9.67 21.92
CA THR A 816 -44.56 -8.77 22.87
C THR A 816 -44.56 -7.34 22.34
N ASN A 817 -43.40 -6.88 21.88
CA ASN A 817 -43.23 -5.52 21.35
C ASN A 817 -44.25 -5.24 20.22
N PHE A 818 -44.33 -6.17 19.28
CA PHE A 818 -45.24 -6.10 18.16
C PHE A 818 -46.71 -6.22 18.55
N LEU A 819 -47.01 -7.04 19.57
CA LEU A 819 -48.36 -7.11 20.15
C LEU A 819 -48.73 -5.75 20.77
N VAL A 820 -47.82 -5.12 21.51
CA VAL A 820 -48.04 -3.81 22.11
C VAL A 820 -48.22 -2.72 21.04
N SER A 821 -47.38 -2.76 20.01
CA SER A 821 -47.48 -1.87 18.84
C SER A 821 -48.90 -1.89 18.26
N GLN A 822 -49.41 -3.09 18.05
CA GLN A 822 -50.74 -3.33 17.48
C GLN A 822 -51.89 -3.04 18.46
N LEU A 823 -51.68 -3.28 19.75
CA LEU A 823 -52.61 -2.87 20.83
C LEU A 823 -52.82 -1.35 20.92
N ILE A 824 -51.72 -0.59 20.73
CA ILE A 824 -51.75 0.87 20.65
C ILE A 824 -52.53 1.34 19.40
N ARG A 825 -52.26 0.73 18.24
CA ARG A 825 -52.96 1.02 16.96
C ARG A 825 -54.48 0.80 17.00
N ALA A 826 -54.92 -0.27 17.67
CA ALA A 826 -56.35 -0.57 17.87
C ALA A 826 -57.01 0.19 19.03
N GLY A 827 -56.22 0.86 19.86
CA GLY A 827 -56.72 1.69 20.99
C GLY A 827 -57.03 0.88 22.22
N LYS A 828 -56.23 -0.16 22.47
CA LYS A 828 -56.58 -1.24 23.39
C LYS A 828 -55.74 -1.20 24.65
N PRO A 829 -56.39 -1.33 25.83
CA PRO A 829 -55.62 -1.38 27.07
C PRO A 829 -54.79 -2.67 27.28
N TYR A 830 -53.71 -2.57 28.03
CA TYR A 830 -52.85 -3.69 28.41
C TYR A 830 -52.04 -3.35 29.67
N GLN A 831 -51.62 -4.37 30.39
CA GLN A 831 -50.57 -4.29 31.43
C GLN A 831 -49.40 -5.14 30.94
N LEU A 832 -48.20 -4.80 31.38
CA LEU A 832 -46.97 -5.45 30.93
C LEU A 832 -45.96 -5.56 32.06
N GLN A 833 -45.21 -6.68 32.07
CA GLN A 833 -44.06 -6.92 32.97
C GLN A 833 -42.92 -7.45 32.15
N ILE A 834 -41.75 -6.82 32.30
CA ILE A 834 -40.50 -7.29 31.70
C ILE A 834 -39.68 -8.01 32.78
N TYR A 835 -38.89 -8.99 32.35
CA TYR A 835 -37.88 -9.66 33.18
C TYR A 835 -36.56 -9.36 32.48
N PRO A 836 -35.84 -8.32 32.93
CA PRO A 836 -34.65 -7.86 32.17
C PRO A 836 -33.45 -8.77 32.11
N ASN A 837 -33.31 -9.67 33.09
CA ASN A 837 -32.13 -10.57 33.15
C ASN A 837 -32.49 -12.04 32.92
N GLU A 838 -33.47 -12.27 32.04
CA GLU A 838 -34.16 -13.56 31.88
C GLU A 838 -34.47 -13.84 30.41
N ARG A 839 -34.25 -15.08 29.98
CA ARG A 839 -34.43 -15.46 28.58
C ARG A 839 -35.86 -16.04 28.46
N HIS A 840 -36.02 -17.20 27.84
CA HIS A 840 -37.34 -17.84 27.71
C HIS A 840 -37.97 -18.38 29.01
N SER A 841 -37.16 -18.69 30.03
CA SER A 841 -37.62 -19.13 31.36
C SER A 841 -37.03 -18.23 32.46
N ILE A 842 -37.82 -18.03 33.52
CA ILE A 842 -37.43 -17.22 34.66
C ILE A 842 -36.63 -18.13 35.62
N ARG A 843 -35.30 -18.14 35.47
CA ARG A 843 -34.43 -19.02 36.32
C ARG A 843 -34.10 -18.45 37.69
N CYS A 844 -33.68 -17.17 37.74
CA CYS A 844 -33.30 -16.51 39.01
C CYS A 844 -34.48 -16.45 40.01
N PRO A 845 -34.27 -16.96 41.26
CA PRO A 845 -35.39 -17.13 42.19
C PRO A 845 -36.14 -15.85 42.54
N GLU A 846 -35.39 -14.76 42.78
CA GLU A 846 -35.97 -13.44 43.12
C GLU A 846 -36.92 -12.90 42.03
N SER A 847 -36.54 -13.08 40.76
CA SER A 847 -37.43 -12.80 39.62
C SER A 847 -38.65 -13.73 39.65
N GLY A 848 -38.38 -15.02 39.88
CA GLY A 848 -39.43 -16.03 39.99
C GLY A 848 -40.51 -15.74 41.03
N GLU A 849 -40.07 -15.41 42.25
CA GLU A 849 -40.99 -15.00 43.34
C GLU A 849 -41.79 -13.74 42.97
N HIS A 850 -41.12 -12.75 42.36
CA HIS A 850 -41.81 -11.51 41.88
C HIS A 850 -42.91 -11.84 40.86
N TYR A 851 -42.61 -12.77 39.93
CA TYR A 851 -43.59 -13.24 38.92
C TYR A 851 -44.85 -13.81 39.58
N GLU A 852 -44.65 -14.69 40.56
CA GLU A 852 -45.75 -15.32 41.28
C GLU A 852 -46.59 -14.33 42.09
N VAL A 853 -45.92 -13.36 42.73
CA VAL A 853 -46.61 -12.32 43.52
C VAL A 853 -47.52 -11.45 42.64
N THR A 854 -46.99 -11.05 41.48
CA THR A 854 -47.72 -10.27 40.48
C THR A 854 -48.99 -11.00 40.02
N LEU A 855 -48.83 -12.28 39.67
CA LEU A 855 -49.94 -13.14 39.23
C LEU A 855 -51.04 -13.20 40.29
N LEU A 856 -50.66 -13.42 41.54
CA LEU A 856 -51.61 -13.46 42.64
C LEU A 856 -52.38 -12.16 42.78
N HIS A 857 -51.66 -11.04 42.70
CA HIS A 857 -52.25 -9.70 42.76
C HIS A 857 -53.19 -9.44 41.60
N PHE A 858 -52.76 -9.75 40.38
CA PHE A 858 -53.60 -9.59 39.18
C PHE A 858 -54.89 -10.38 39.28
N LEU A 859 -54.81 -11.62 39.77
CA LEU A 859 -56.02 -12.46 39.94
C LEU A 859 -56.92 -11.95 41.09
N GLN A 860 -56.29 -11.62 42.23
CA GLN A 860 -56.96 -11.06 43.42
C GLN A 860 -57.80 -9.83 43.11
N GLU A 861 -57.16 -8.84 42.51
CA GLU A 861 -57.79 -7.54 42.23
C GLU A 861 -58.80 -7.60 41.07
N TYR A 862 -58.44 -8.30 39.98
CA TYR A 862 -59.13 -8.21 38.67
C TYR A 862 -59.94 -9.41 38.16
N LEU A 863 -59.84 -10.57 38.80
CA LEU A 863 -60.63 -11.75 38.39
C LEU A 863 -61.98 -11.77 39.12
N HIS A 864 -62.94 -11.04 38.56
CA HIS A 864 -64.28 -10.85 39.16
C HIS A 864 -65.39 -10.71 38.12
N PRO B 20 -64.87 14.65 53.24
CA PRO B 20 -66.33 14.57 53.33
C PRO B 20 -67.00 14.80 51.94
N ALA B 21 -68.17 15.43 51.88
CA ALA B 21 -68.73 15.99 50.62
C ALA B 21 -67.80 17.00 49.90
N ALA B 22 -66.91 17.66 50.67
CA ALA B 22 -65.83 18.53 50.17
C ALA B 22 -64.87 17.93 49.12
N ARG B 23 -64.50 16.67 49.25
CA ARG B 23 -63.59 16.01 48.30
C ARG B 23 -64.32 15.79 46.97
N PHE B 24 -63.81 16.43 45.93
CA PHE B 24 -64.36 16.34 44.58
C PHE B 24 -63.86 15.06 44.00
N GLN B 25 -64.78 14.18 43.60
CA GLN B 25 -64.43 12.90 43.02
C GLN B 25 -64.57 13.07 41.52
N VAL B 26 -63.50 12.73 40.79
CA VAL B 26 -63.51 12.72 39.33
C VAL B 26 -64.52 11.67 38.87
N GLN B 27 -65.26 12.02 37.82
CA GLN B 27 -66.15 11.08 37.16
C GLN B 27 -65.38 9.92 36.48
N LYS B 28 -65.76 8.69 36.84
CA LYS B 28 -65.14 7.48 36.33
C LYS B 28 -65.80 7.05 35.02
N HIS B 29 -65.09 7.24 33.92
CA HIS B 29 -65.48 6.76 32.57
C HIS B 29 -64.89 5.37 32.26
N SER B 30 -65.56 4.61 31.40
CA SER B 30 -64.96 3.42 30.75
C SER B 30 -63.82 3.85 29.81
N TRP B 31 -63.05 2.87 29.34
CA TRP B 31 -61.93 3.10 28.42
C TRP B 31 -62.37 3.70 27.09
N ASP B 32 -63.49 3.21 26.52
CA ASP B 32 -64.10 3.82 25.32
C ASP B 32 -64.48 5.30 25.57
N GLY B 33 -65.00 5.58 26.77
CA GLY B 33 -65.32 6.94 27.18
C GLY B 33 -64.13 7.88 27.22
N LEU B 34 -63.04 7.44 27.85
CA LEU B 34 -61.80 8.22 27.89
C LEU B 34 -61.17 8.43 26.49
N ARG B 35 -61.24 7.40 25.64
CA ARG B 35 -60.80 7.49 24.22
C ARG B 35 -61.53 8.60 23.44
N SER B 36 -62.85 8.65 23.59
CA SER B 36 -63.68 9.68 22.95
C SER B 36 -63.41 11.09 23.51
N ILE B 37 -63.18 11.17 24.83
CA ILE B 37 -62.74 12.40 25.50
C ILE B 37 -61.43 12.92 24.90
N ILE B 38 -60.42 12.04 24.80
CA ILE B 38 -59.12 12.41 24.23
C ILE B 38 -59.24 12.75 22.74
N HIS B 39 -60.02 11.96 21.99
CA HIS B 39 -60.27 12.24 20.57
C HIS B 39 -61.03 13.56 20.33
N GLY B 40 -61.99 13.88 21.19
CA GLY B 40 -62.72 15.15 21.18
C GLY B 40 -61.89 16.41 21.42
N SER B 41 -60.89 16.30 22.30
CA SER B 41 -59.98 17.41 22.59
C SER B 41 -59.07 17.77 21.41
N ARG B 42 -58.46 16.77 20.80
CA ARG B 42 -57.50 16.96 19.71
C ARG B 42 -58.11 17.25 18.32
N LYS B 43 -59.44 17.17 18.17
CA LYS B 43 -60.10 17.29 16.87
C LYS B 43 -60.12 18.75 16.37
N LYS B 51 -47.18 24.80 12.22
CA LYS B 51 -46.10 25.68 12.68
C LYS B 51 -46.20 27.09 12.08
N ALA B 52 -45.90 28.11 12.89
CA ALA B 52 -45.96 29.51 12.47
C ALA B 52 -44.78 29.87 11.55
N PRO B 53 -44.89 30.95 10.75
CA PRO B 53 -43.79 31.47 9.95
C PRO B 53 -42.48 31.70 10.73
N HIS B 54 -41.43 31.08 10.21
CA HIS B 54 -40.11 31.10 10.81
C HIS B 54 -39.07 31.03 9.67
N ASP B 55 -37.81 31.20 10.07
CA ASP B 55 -36.66 31.13 9.17
C ASP B 55 -36.81 32.21 8.07
N PHE B 56 -36.92 33.46 8.54
CA PHE B 56 -37.24 34.64 7.67
C PHE B 56 -36.05 35.18 6.89
N GLN B 57 -36.36 35.73 5.71
CA GLN B 57 -35.38 36.51 4.93
C GLN B 57 -36.04 37.75 4.34
N PHE B 58 -35.63 38.93 4.81
CA PHE B 58 -36.05 40.21 4.23
C PHE B 58 -35.19 40.54 3.02
N VAL B 59 -35.85 40.82 1.90
CA VAL B 59 -35.23 41.22 0.65
C VAL B 59 -35.95 42.49 0.15
N GLN B 60 -35.19 43.57 -0.05
CA GLN B 60 -35.74 44.83 -0.61
C GLN B 60 -36.04 44.72 -2.10
N LYS B 61 -37.15 45.35 -2.53
CA LYS B 61 -37.50 45.51 -3.95
C LYS B 61 -36.80 46.77 -4.46
N THR B 62 -35.99 46.61 -5.50
CA THR B 62 -35.19 47.71 -6.06
C THR B 62 -35.94 48.29 -7.27
N ASP B 63 -37.07 48.95 -6.99
CA ASP B 63 -38.02 49.41 -8.02
C ASP B 63 -38.98 50.44 -7.40
N GLU B 64 -38.69 51.73 -7.64
CA GLU B 64 -39.49 52.85 -7.10
C GLU B 64 -40.91 52.94 -7.66
N SER B 65 -41.11 52.51 -8.91
CA SER B 65 -42.43 52.51 -9.57
C SER B 65 -43.42 51.46 -9.04
N GLY B 66 -42.91 50.30 -8.60
CA GLY B 66 -43.74 49.20 -8.10
C GLY B 66 -44.39 49.45 -6.73
N PRO B 67 -45.46 48.70 -6.40
CA PRO B 67 -46.25 48.95 -5.18
C PRO B 67 -45.74 48.31 -3.86
N HIS B 68 -44.72 47.43 -3.94
CA HIS B 68 -44.16 46.67 -2.79
C HIS B 68 -42.75 47.15 -2.44
N SER B 69 -42.50 47.35 -1.14
CA SER B 69 -41.20 47.76 -0.61
C SER B 69 -40.24 46.59 -0.39
N HIS B 70 -40.79 45.47 0.09
CA HIS B 70 -40.02 44.23 0.37
C HIS B 70 -40.78 42.98 -0.07
N ARG B 71 -40.03 41.89 -0.22
CA ARG B 71 -40.54 40.53 -0.25
C ARG B 71 -39.94 39.84 0.98
N LEU B 72 -40.81 39.30 1.82
CA LEU B 72 -40.42 38.53 3.01
C LEU B 72 -40.54 37.05 2.65
N TYR B 73 -39.41 36.34 2.60
CA TYR B 73 -39.36 34.88 2.41
C TYR B 73 -39.33 34.19 3.75
N TYR B 74 -39.97 33.02 3.84
CA TYR B 74 -40.04 32.25 5.08
C TYR B 74 -40.50 30.80 4.88
N LEU B 75 -40.21 29.97 5.88
CA LEU B 75 -40.78 28.62 5.96
C LEU B 75 -42.09 28.71 6.72
N GLY B 76 -43.09 27.95 6.26
CA GLY B 76 -44.41 27.90 6.92
C GLY B 76 -45.33 26.79 6.45
N MET B 77 -46.34 26.52 7.27
CA MET B 77 -47.30 25.43 7.10
C MET B 77 -48.71 26.02 7.24
N PRO B 78 -49.45 26.17 6.11
CA PRO B 78 -50.87 26.56 6.17
C PRO B 78 -51.78 25.54 6.89
N TYR B 79 -52.91 26.02 7.44
CA TYR B 79 -53.84 25.20 8.24
C TYR B 79 -54.37 23.97 7.49
N GLY B 80 -54.67 24.15 6.20
CA GLY B 80 -55.08 23.06 5.33
C GLY B 80 -53.96 22.10 4.97
N SER B 81 -52.77 22.65 4.72
CA SER B 81 -51.62 21.86 4.22
C SER B 81 -51.05 20.87 5.24
N ARG B 82 -50.56 19.75 4.71
CA ARG B 82 -49.88 18.72 5.52
C ARG B 82 -48.47 19.16 5.95
N GLU B 83 -47.70 19.77 5.03
CA GLU B 83 -46.25 19.90 5.14
C GLU B 83 -45.77 21.34 5.28
N ASN B 84 -44.60 21.49 5.89
CA ASN B 84 -43.85 22.75 5.95
C ASN B 84 -43.27 23.01 4.56
N SER B 85 -43.22 24.28 4.16
CA SER B 85 -42.78 24.65 2.81
C SER B 85 -42.30 26.09 2.69
N LEU B 86 -41.57 26.34 1.61
CA LEU B 86 -40.98 27.67 1.35
C LEU B 86 -42.08 28.57 0.79
N LEU B 87 -42.28 29.72 1.44
CA LEU B 87 -43.36 30.68 1.14
C LEU B 87 -42.80 32.09 1.04
N TYR B 88 -43.63 32.99 0.55
CA TYR B 88 -43.36 34.43 0.64
C TYR B 88 -44.63 35.28 0.84
N SER B 89 -44.45 36.47 1.43
CA SER B 89 -45.47 37.53 1.45
C SER B 89 -44.89 38.79 0.80
N GLU B 90 -45.76 39.61 0.23
CA GLU B 90 -45.39 40.90 -0.38
C GLU B 90 -45.71 41.99 0.62
N ILE B 91 -44.69 42.75 1.01
CA ILE B 91 -44.88 43.87 1.93
C ILE B 91 -45.15 45.13 1.07
N PRO B 92 -46.36 45.76 1.23
CA PRO B 92 -46.70 46.94 0.42
C PRO B 92 -46.03 48.25 0.89
N LYS B 93 -45.96 49.22 -0.03
CA LYS B 93 -45.33 50.53 0.20
C LYS B 93 -46.16 51.49 1.06
N LYS B 94 -47.48 51.43 0.90
CA LYS B 94 -48.42 52.03 1.84
C LYS B 94 -49.56 51.07 2.14
N VAL B 95 -49.97 51.04 3.41
CA VAL B 95 -51.13 50.29 3.90
C VAL B 95 -52.15 51.28 4.40
N ARG B 96 -53.43 51.00 4.17
CA ARG B 96 -54.54 51.73 4.83
C ARG B 96 -54.50 51.47 6.36
N LYS B 97 -54.43 52.54 7.15
CA LYS B 97 -54.35 52.45 8.63
C LYS B 97 -55.74 52.28 9.34
N GLU B 98 -56.84 52.42 8.59
CA GLU B 98 -58.20 52.11 9.04
C GLU B 98 -58.44 50.59 9.06
N ALA B 99 -58.20 49.92 7.93
CA ALA B 99 -58.24 48.44 7.87
C ALA B 99 -56.99 47.77 8.49
N LEU B 100 -57.17 46.68 9.24
CA LEU B 100 -56.04 45.78 9.64
C LEU B 100 -55.70 44.85 8.46
N LEU B 101 -54.60 45.15 7.76
CA LEU B 101 -54.21 44.41 6.54
C LEU B 101 -53.59 43.04 6.88
N LEU B 102 -54.07 41.98 6.23
CA LEU B 102 -53.52 40.62 6.36
C LEU B 102 -52.79 40.31 5.05
N LEU B 103 -51.55 39.83 5.16
CA LEU B 103 -50.70 39.52 4.02
C LEU B 103 -51.01 38.10 3.53
N SER B 104 -50.99 37.93 2.20
CA SER B 104 -51.15 36.62 1.57
C SER B 104 -49.89 35.77 1.75
N TRP B 105 -50.09 34.46 1.91
CA TRP B 105 -49.00 33.47 1.94
C TRP B 105 -48.91 32.87 0.53
N LYS B 106 -48.06 33.47 -0.31
CA LYS B 106 -47.85 33.03 -1.69
C LYS B 106 -46.87 31.84 -1.70
N GLN B 107 -47.21 30.79 -2.45
CA GLN B 107 -46.33 29.61 -2.62
C GLN B 107 -45.12 29.96 -3.50
N MET B 108 -43.97 29.39 -3.19
CA MET B 108 -42.75 29.44 -4.02
C MET B 108 -42.69 28.27 -5.00
N LEU B 109 -42.96 27.07 -4.50
CA LEU B 109 -42.85 25.81 -5.26
C LEU B 109 -44.21 25.44 -5.87
N ASP B 110 -44.22 25.00 -7.14
CA ASP B 110 -45.46 24.65 -7.88
C ASP B 110 -45.82 23.18 -7.67
N HIS B 111 -46.79 22.92 -6.77
CA HIS B 111 -47.31 21.58 -6.42
C HIS B 111 -46.22 20.55 -6.09
N PHE B 112 -45.35 20.93 -5.14
CA PHE B 112 -44.16 20.14 -4.73
C PHE B 112 -44.33 19.48 -3.34
N GLN B 113 -44.16 18.16 -3.27
CA GLN B 113 -44.10 17.40 -2.02
C GLN B 113 -42.63 17.32 -1.56
N ALA B 114 -42.30 18.11 -0.54
CA ALA B 114 -40.97 18.08 0.10
C ALA B 114 -40.74 16.87 1.02
N THR B 115 -41.81 16.39 1.66
CA THR B 115 -41.77 15.24 2.56
C THR B 115 -41.63 13.94 1.73
N PRO B 116 -40.72 13.01 2.14
CA PRO B 116 -40.60 11.76 1.37
C PRO B 116 -41.78 10.80 1.57
N HIS B 117 -41.87 9.79 0.72
CA HIS B 117 -43.01 8.84 0.68
C HIS B 117 -43.33 8.19 2.05
N HIS B 118 -44.59 8.37 2.50
CA HIS B 118 -45.08 7.92 3.83
C HIS B 118 -44.42 8.58 5.06
N GLY B 119 -43.80 9.75 4.88
CA GLY B 119 -43.01 10.42 5.92
C GLY B 119 -41.77 9.71 6.43
N VAL B 120 -41.20 8.83 5.59
CA VAL B 120 -40.10 7.94 5.98
C VAL B 120 -38.79 8.57 5.49
N TYR B 121 -38.11 9.29 6.39
CA TYR B 121 -36.79 9.87 6.12
C TYR B 121 -35.66 8.83 6.14
N SER B 122 -34.50 9.20 5.62
CA SER B 122 -33.26 8.41 5.80
C SER B 122 -32.82 8.42 7.26
N ARG B 123 -31.90 7.50 7.62
CA ARG B 123 -31.41 7.36 9.01
C ARG B 123 -30.73 8.67 9.52
N GLU B 124 -29.84 9.24 8.70
CA GLU B 124 -29.13 10.49 9.06
C GLU B 124 -30.13 11.68 9.27
N GLU B 125 -31.04 11.82 8.30
CA GLU B 125 -32.04 12.90 8.28
C GLU B 125 -33.13 12.77 9.37
N GLU B 126 -33.54 11.54 9.69
CA GLU B 126 -34.48 11.28 10.82
C GLU B 126 -33.83 11.63 12.15
N LEU B 127 -32.54 11.26 12.33
CA LEU B 127 -31.80 11.57 13.54
C LEU B 127 -31.50 13.05 13.74
N LEU B 128 -31.26 13.78 12.66
CA LEU B 128 -31.17 15.25 12.71
C LEU B 128 -32.48 15.89 13.23
N ARG B 129 -33.63 15.36 12.80
CA ARG B 129 -34.96 15.85 13.27
C ARG B 129 -35.26 15.56 14.76
N GLU B 130 -34.68 14.46 15.29
CA GLU B 130 -34.69 14.15 16.74
C GLU B 130 -33.78 15.10 17.56
N ARG B 131 -32.57 15.35 17.05
CA ARG B 131 -31.61 16.30 17.66
C ARG B 131 -32.08 17.74 17.67
N LYS B 132 -32.81 18.14 16.61
CA LYS B 132 -33.45 19.46 16.51
C LYS B 132 -34.89 19.57 17.12
N ARG B 133 -35.45 18.48 17.67
CA ARG B 133 -36.87 18.40 18.13
C ARG B 133 -37.93 18.81 17.06
N LEU B 134 -37.60 18.56 15.78
CA LEU B 134 -38.43 18.97 14.65
C LEU B 134 -39.58 17.99 14.50
N GLY B 135 -40.76 18.43 14.92
CA GLY B 135 -42.00 17.66 14.79
C GLY B 135 -42.64 17.68 13.40
N VAL B 136 -42.32 18.69 12.60
CA VAL B 136 -43.06 19.03 11.39
C VAL B 136 -42.41 18.35 10.18
N PHE B 137 -43.26 17.88 9.26
CA PHE B 137 -42.83 17.29 7.97
C PHE B 137 -42.55 18.38 6.91
N GLY B 138 -41.69 18.07 5.93
CA GLY B 138 -41.31 18.98 4.82
C GLY B 138 -39.96 19.67 5.02
N ILE B 139 -39.80 20.86 4.45
CA ILE B 139 -38.50 21.58 4.42
C ILE B 139 -38.32 22.23 5.81
N THR B 140 -37.33 21.75 6.58
CA THR B 140 -37.07 22.29 7.97
C THR B 140 -35.97 23.36 8.08
N SER B 141 -35.00 23.30 7.17
CA SER B 141 -33.99 24.34 6.96
C SER B 141 -33.86 24.69 5.48
N TYR B 142 -33.35 25.87 5.18
CA TYR B 142 -32.84 26.22 3.85
C TYR B 142 -31.69 27.23 3.96
N ASP B 143 -30.90 27.29 2.88
CA ASP B 143 -29.86 28.31 2.71
C ASP B 143 -30.27 29.28 1.61
N PHE B 144 -29.89 30.55 1.79
CA PHE B 144 -30.17 31.63 0.84
C PHE B 144 -28.91 32.44 0.57
N HIS B 145 -28.74 32.85 -0.69
CA HIS B 145 -27.69 33.80 -1.11
C HIS B 145 -28.38 35.03 -1.72
N SER B 146 -28.11 36.19 -1.12
CA SER B 146 -28.93 37.39 -1.31
C SER B 146 -28.79 38.08 -2.69
N GLU B 147 -27.55 38.25 -3.16
CA GLU B 147 -27.25 38.97 -4.42
C GLU B 147 -27.80 38.24 -5.66
N SER B 148 -27.48 36.95 -5.75
CA SER B 148 -27.98 36.05 -6.80
C SER B 148 -29.43 35.54 -6.63
N GLY B 149 -29.91 35.46 -5.39
CA GLY B 149 -31.27 34.98 -5.09
C GLY B 149 -31.44 33.46 -5.18
N LEU B 150 -30.41 32.72 -4.79
CA LEU B 150 -30.38 31.26 -4.89
C LEU B 150 -30.87 30.66 -3.58
N PHE B 151 -31.88 29.79 -3.65
CA PHE B 151 -32.36 29.00 -2.50
C PHE B 151 -31.86 27.57 -2.62
N LEU B 152 -31.32 27.02 -1.52
CA LEU B 152 -30.81 25.64 -1.47
C LEU B 152 -31.37 24.92 -0.24
N PHE B 153 -31.84 23.68 -0.41
CA PHE B 153 -32.56 22.95 0.65
C PHE B 153 -32.70 21.46 0.38
N GLN B 154 -32.73 20.69 1.46
CA GLN B 154 -33.06 19.26 1.41
C GLN B 154 -34.57 19.05 1.18
N ALA B 155 -34.90 17.98 0.47
CA ALA B 155 -36.29 17.57 0.18
C ALA B 155 -36.31 16.21 -0.53
N SER B 156 -37.32 15.40 -0.24
CA SER B 156 -37.50 14.06 -0.85
C SER B 156 -36.25 13.13 -0.71
N ASN B 157 -35.57 13.23 0.43
CA ASN B 157 -34.24 12.60 0.65
C ASN B 157 -33.24 12.89 -0.48
N SER B 158 -33.26 14.15 -0.93
CA SER B 158 -32.45 14.65 -2.04
C SER B 158 -32.19 16.13 -1.85
N LEU B 159 -31.54 16.76 -2.85
CA LEU B 159 -31.27 18.22 -2.87
C LEU B 159 -31.96 18.94 -4.02
N PHE B 160 -32.38 20.18 -3.73
CA PHE B 160 -33.23 20.99 -4.61
C PHE B 160 -32.83 22.47 -4.55
N HIS B 161 -33.16 23.20 -5.62
CA HIS B 161 -32.87 24.64 -5.70
C HIS B 161 -33.86 25.37 -6.63
N CYS B 162 -34.00 26.66 -6.37
CA CYS B 162 -34.77 27.58 -7.20
C CYS B 162 -34.23 29.02 -7.05
N ARG B 163 -34.54 29.85 -8.05
CA ARG B 163 -34.00 31.20 -8.17
C ARG B 163 -35.13 32.22 -8.21
N ASP B 164 -35.06 33.21 -7.32
CA ASP B 164 -36.05 34.30 -7.22
C ASP B 164 -35.39 35.49 -6.53
N GLY B 165 -35.78 36.70 -6.95
CA GLY B 165 -35.15 37.95 -6.52
C GLY B 165 -33.78 38.18 -7.12
N GLY B 166 -33.25 39.38 -6.89
CA GLY B 166 -31.90 39.77 -7.36
C GLY B 166 -31.77 39.81 -8.88
N LYS B 167 -30.73 39.17 -9.40
CA LYS B 167 -30.49 39.06 -10.86
C LYS B 167 -31.58 38.22 -11.59
N ASN B 168 -32.10 37.19 -10.93
CA ASN B 168 -33.21 36.39 -11.46
C ASN B 168 -34.54 37.13 -11.57
N GLY B 169 -34.80 38.08 -10.66
CA GLY B 169 -36.05 38.89 -10.64
C GLY B 169 -37.20 38.24 -9.88
N PHE B 170 -38.23 39.03 -9.55
CA PHE B 170 -39.32 38.61 -8.63
C PHE B 170 -40.55 38.02 -9.38
N MET B 171 -40.82 36.72 -9.19
CA MET B 171 -41.95 36.02 -9.85
C MET B 171 -43.28 36.24 -9.10
N VAL B 172 -44.42 36.13 -9.81
CA VAL B 172 -45.77 36.26 -9.24
C VAL B 172 -46.30 34.88 -8.86
N SER B 173 -46.34 33.96 -9.83
CA SER B 173 -46.79 32.55 -9.61
C SER B 173 -45.61 31.62 -9.26
N PRO B 174 -45.89 30.47 -8.59
CA PRO B 174 -44.80 29.55 -8.21
C PRO B 174 -44.12 28.82 -9.38
N MET B 175 -42.88 28.40 -9.14
CA MET B 175 -42.00 27.70 -10.10
C MET B 175 -41.56 26.32 -9.53
N LYS B 176 -41.37 25.34 -10.42
CA LYS B 176 -40.92 24.00 -10.02
C LYS B 176 -39.43 24.07 -9.59
N PRO B 177 -39.07 23.51 -8.41
CA PRO B 177 -37.65 23.54 -7.98
C PRO B 177 -36.84 22.48 -8.70
N LEU B 178 -35.69 22.86 -9.27
CA LEU B 178 -34.87 21.94 -10.07
C LEU B 178 -34.08 21.04 -9.12
N GLU B 179 -34.22 19.71 -9.27
CA GLU B 179 -33.40 18.73 -8.52
C GLU B 179 -31.95 18.76 -9.05
N ILE B 180 -30.98 18.56 -8.13
CA ILE B 180 -29.54 18.58 -8.44
C ILE B 180 -29.08 17.12 -8.59
N LYS B 181 -28.62 16.74 -9.79
CA LYS B 181 -28.17 15.36 -10.08
C LYS B 181 -26.82 15.11 -9.40
N THR B 182 -26.57 13.85 -9.06
CA THR B 182 -25.42 13.42 -8.25
C THR B 182 -25.02 11.98 -8.54
N GLN B 183 -23.71 11.75 -8.55
CA GLN B 183 -23.13 10.39 -8.60
C GLN B 183 -22.90 9.81 -7.20
N CYS B 184 -23.16 10.57 -6.14
CA CYS B 184 -23.07 10.07 -4.76
C CYS B 184 -24.24 9.16 -4.45
N SER B 185 -23.96 8.11 -3.69
CA SER B 185 -24.99 7.19 -3.15
C SER B 185 -25.19 7.49 -1.66
N GLY B 186 -26.42 7.30 -1.19
CA GLY B 186 -26.83 7.70 0.16
C GLY B 186 -27.25 9.18 0.23
N PRO B 187 -27.65 9.65 1.44
CA PRO B 187 -28.10 11.05 1.56
C PRO B 187 -27.00 12.10 1.47
N ARG B 188 -27.37 13.26 0.93
CA ARG B 188 -26.53 14.45 0.88
C ARG B 188 -27.01 15.42 1.98
N MET B 189 -26.25 15.43 3.08
CA MET B 189 -26.59 16.16 4.30
C MET B 189 -25.95 17.55 4.30
N ASP B 190 -26.63 18.50 4.94
CA ASP B 190 -26.07 19.80 5.29
C ASP B 190 -25.65 20.67 4.07
N PRO B 191 -26.59 20.89 3.12
CA PRO B 191 -26.24 21.71 1.94
C PRO B 191 -26.09 23.19 2.29
N LYS B 192 -25.03 23.80 1.77
CA LYS B 192 -24.75 25.25 1.92
C LYS B 192 -24.20 25.80 0.64
N ILE B 193 -24.75 26.94 0.21
CA ILE B 193 -24.21 27.72 -0.91
C ILE B 193 -22.91 28.36 -0.43
N CYS B 194 -21.93 28.41 -1.34
CA CYS B 194 -20.67 29.15 -1.10
C CYS B 194 -20.98 30.66 -1.13
N PRO B 195 -20.67 31.42 -0.05
CA PRO B 195 -20.92 32.89 -0.07
C PRO B 195 -20.13 33.64 -1.15
N ALA B 196 -18.85 33.33 -1.27
CA ALA B 196 -17.95 33.92 -2.29
C ALA B 196 -18.33 33.68 -3.76
N ASP B 197 -19.03 32.57 -4.04
CA ASP B 197 -19.43 32.20 -5.41
C ASP B 197 -20.70 31.32 -5.42
N PRO B 198 -21.90 31.90 -5.70
CA PRO B 198 -23.16 31.10 -5.71
C PRO B 198 -23.28 29.99 -6.78
N ALA B 199 -22.40 29.99 -7.77
CA ALA B 199 -22.19 28.81 -8.64
C ALA B 199 -21.80 27.54 -7.86
N PHE B 200 -21.13 27.71 -6.70
CA PHE B 200 -20.72 26.61 -5.86
C PHE B 200 -21.60 26.36 -4.65
N PHE B 201 -21.62 25.08 -4.24
CA PHE B 201 -22.23 24.63 -3.01
C PHE B 201 -21.50 23.40 -2.46
N SER B 202 -21.81 23.07 -1.21
CA SER B 202 -21.17 21.98 -0.46
C SER B 202 -22.21 21.08 0.18
N PHE B 203 -21.77 19.90 0.64
CA PHE B 203 -22.59 18.93 1.37
C PHE B 203 -21.73 17.84 2.01
N ILE B 204 -22.37 17.05 2.87
CA ILE B 204 -21.76 15.87 3.48
C ILE B 204 -22.39 14.67 2.78
N ASN B 205 -21.54 13.75 2.34
CA ASN B 205 -21.93 12.45 1.87
C ASN B 205 -20.98 11.43 2.52
N ASN B 206 -21.55 10.44 3.21
CA ASN B 206 -20.79 9.37 3.85
C ASN B 206 -19.66 9.89 4.75
N SER B 207 -20.04 10.81 5.65
CA SER B 207 -19.13 11.41 6.65
C SER B 207 -17.85 12.11 6.06
N ASP B 208 -17.96 12.68 4.86
CA ASP B 208 -16.87 13.44 4.22
C ASP B 208 -17.43 14.69 3.55
N LEU B 209 -16.56 15.68 3.39
CA LEU B 209 -16.92 16.93 2.75
C LEU B 209 -16.84 16.76 1.24
N TRP B 210 -17.92 17.13 0.56
CA TRP B 210 -17.97 17.25 -0.90
C TRP B 210 -18.28 18.70 -1.29
N VAL B 211 -17.97 19.03 -2.53
CA VAL B 211 -18.32 20.30 -3.14
C VAL B 211 -18.78 20.06 -4.56
N ALA B 212 -19.59 20.98 -5.06
CA ALA B 212 -20.15 20.85 -6.41
C ALA B 212 -20.53 22.19 -7.00
N ASN B 213 -20.69 22.19 -8.31
CA ASN B 213 -21.02 23.38 -9.11
C ASN B 213 -22.46 23.22 -9.58
N ILE B 214 -23.36 24.06 -9.05
CA ILE B 214 -24.79 24.02 -9.38
C ILE B 214 -25.08 24.29 -10.87
N GLU B 215 -24.27 25.13 -11.51
CA GLU B 215 -24.45 25.51 -12.92
C GLU B 215 -24.01 24.42 -13.90
N THR B 216 -22.81 23.87 -13.69
CA THR B 216 -22.19 22.85 -14.57
C THR B 216 -22.42 21.37 -14.20
N GLY B 217 -22.90 21.11 -12.98
CA GLY B 217 -23.11 19.73 -12.50
C GLY B 217 -21.87 18.95 -12.04
N GLU B 218 -20.69 19.60 -12.02
CA GLU B 218 -19.45 18.96 -11.57
C GLU B 218 -19.46 18.79 -10.05
N GLU B 219 -19.06 17.62 -9.56
CA GLU B 219 -18.94 17.30 -8.12
C GLU B 219 -17.49 16.91 -7.82
N ARG B 220 -17.01 17.29 -6.63
CA ARG B 220 -15.69 16.87 -6.12
C ARG B 220 -15.69 16.61 -4.61
N ARG B 221 -15.19 15.43 -4.21
CA ARG B 221 -14.95 15.06 -2.81
C ARG B 221 -13.66 15.73 -2.33
N LEU B 222 -13.71 16.31 -1.14
CA LEU B 222 -12.56 17.04 -0.54
C LEU B 222 -11.87 16.36 0.65
N THR B 223 -12.57 15.49 1.40
CA THR B 223 -11.98 14.72 2.52
C THR B 223 -12.13 13.21 2.28
N PHE B 224 -11.24 12.43 2.89
CA PHE B 224 -11.15 10.96 2.64
C PHE B 224 -11.01 10.16 3.96
N CYS B 225 -11.74 10.59 4.98
CA CYS B 225 -11.78 9.91 6.29
C CYS B 225 -12.59 8.61 6.32
N HIS B 226 -13.58 8.49 5.43
CA HIS B 226 -14.57 7.38 5.46
C HIS B 226 -14.35 6.45 4.26
N GLN B 227 -14.60 5.15 4.47
CA GLN B 227 -14.14 4.08 3.59
C GLN B 227 -15.33 3.24 3.12
N GLY B 228 -15.89 2.39 3.99
CA GLY B 228 -16.84 1.34 3.63
C GLY B 228 -16.32 -0.02 4.08
N VAL B 232 -20.74 -0.05 11.60
CA VAL B 232 -19.64 0.82 11.16
C VAL B 232 -18.67 1.02 12.34
N LEU B 233 -18.07 -0.10 12.75
CA LEU B 233 -17.12 -0.15 13.88
C LEU B 233 -15.70 -0.05 13.40
N ASP B 234 -15.38 -0.68 12.25
CA ASP B 234 -14.04 -0.59 11.64
C ASP B 234 -13.65 0.78 11.02
N ASP B 235 -14.59 1.73 10.94
CA ASP B 235 -14.46 2.95 10.12
C ASP B 235 -14.76 4.24 10.96
N PRO B 236 -13.90 4.55 11.96
CA PRO B 236 -14.24 5.56 12.99
C PRO B 236 -14.00 7.05 12.65
N LYS B 237 -13.32 7.34 11.56
CA LYS B 237 -12.94 8.72 11.22
C LYS B 237 -14.02 9.33 10.35
N SER B 238 -14.27 10.62 10.54
CA SER B 238 -15.29 11.39 9.79
C SER B 238 -14.82 12.83 9.64
N ALA B 239 -15.29 13.52 8.60
CA ALA B 239 -14.91 14.91 8.31
C ALA B 239 -16.12 15.76 7.93
N GLY B 240 -16.21 16.94 8.54
CA GLY B 240 -17.34 17.87 8.33
C GLY B 240 -18.61 17.55 9.12
N VAL B 241 -18.50 16.68 10.13
CA VAL B 241 -19.65 16.10 10.82
C VAL B 241 -19.70 16.57 12.28
N ALA B 242 -20.88 16.96 12.71
CA ALA B 242 -21.17 17.16 14.12
C ALA B 242 -21.51 15.78 14.71
N THR B 243 -20.77 15.35 15.73
CA THR B 243 -21.02 14.07 16.42
C THR B 243 -22.24 14.19 17.33
N PHE B 244 -22.71 13.03 17.82
CA PHE B 244 -23.93 12.93 18.66
C PHE B 244 -23.99 13.98 19.78
N VAL B 245 -23.03 13.93 20.69
CA VAL B 245 -22.99 14.81 21.88
C VAL B 245 -22.88 16.29 21.49
N ILE B 246 -22.22 16.58 20.36
CA ILE B 246 -22.12 17.93 19.82
C ILE B 246 -23.50 18.43 19.32
N GLN B 247 -24.22 17.60 18.57
CA GLN B 247 -25.61 17.91 18.18
C GLN B 247 -26.53 18.04 19.43
N GLU B 248 -26.58 16.99 20.24
CA GLU B 248 -27.57 16.82 21.33
C GLU B 248 -27.42 17.77 22.52
N GLU B 249 -26.17 18.02 22.90
CA GLU B 249 -25.79 18.76 24.12
C GLU B 249 -25.11 20.13 23.92
N PHE B 250 -24.64 20.44 22.71
CA PHE B 250 -24.02 21.75 22.35
C PHE B 250 -24.68 22.51 21.20
N ASP B 251 -25.81 22.04 20.71
CA ASP B 251 -26.64 22.78 19.72
C ASP B 251 -25.91 23.15 18.38
N ARG B 252 -24.87 22.39 18.02
CA ARG B 252 -24.15 22.55 16.76
C ARG B 252 -24.47 21.38 15.87
N PHE B 253 -25.01 21.67 14.69
CA PHE B 253 -25.51 20.67 13.74
C PHE B 253 -24.68 20.68 12.43
N THR B 254 -23.40 21.02 12.54
CA THR B 254 -22.56 21.25 11.37
C THR B 254 -21.12 21.30 11.82
N GLY B 255 -20.25 20.71 11.00
CA GLY B 255 -18.81 20.59 11.30
C GLY B 255 -17.89 21.16 10.22
N TYR B 256 -18.45 22.01 9.36
CA TYR B 256 -17.74 22.68 8.32
C TYR B 256 -18.30 24.08 8.13
N TRP B 257 -17.42 25.02 7.80
CA TRP B 257 -17.76 26.43 7.65
C TRP B 257 -17.06 27.02 6.42
N TRP B 258 -17.84 27.54 5.48
CA TRP B 258 -17.32 28.22 4.30
C TRP B 258 -16.57 29.47 4.72
N CYS B 259 -15.42 29.70 4.10
CA CYS B 259 -14.79 31.00 4.09
C CYS B 259 -15.67 31.95 3.24
N PRO B 260 -15.95 33.17 3.72
CA PRO B 260 -16.88 34.09 2.98
C PRO B 260 -16.33 34.85 1.76
N THR B 261 -15.02 34.72 1.49
CA THR B 261 -14.35 35.39 0.38
C THR B 261 -13.38 34.47 -0.31
N ALA B 262 -12.99 34.87 -1.53
CA ALA B 262 -12.05 34.15 -2.38
C ALA B 262 -10.71 34.86 -2.44
N SER B 263 -9.61 34.10 -2.44
CA SER B 263 -8.28 34.63 -2.81
C SER B 263 -7.97 34.30 -4.28
N TRP B 264 -7.02 35.04 -4.85
CA TRP B 264 -6.63 34.95 -6.27
C TRP B 264 -5.10 34.98 -6.34
N LEU B 270 -7.13 31.96 -12.17
CA LEU B 270 -7.53 31.09 -11.07
C LEU B 270 -7.93 31.87 -9.81
N LYS B 271 -8.85 31.27 -9.04
CA LYS B 271 -9.32 31.75 -7.73
C LYS B 271 -9.49 30.56 -6.77
N THR B 272 -9.04 30.69 -5.50
CA THR B 272 -9.24 29.69 -4.44
C THR B 272 -10.48 29.98 -3.54
N LEU B 273 -11.15 28.90 -3.15
CA LEU B 273 -12.24 28.91 -2.19
C LEU B 273 -11.86 27.98 -1.05
N ARG B 274 -12.26 28.35 0.17
CA ARG B 274 -11.83 27.68 1.42
C ARG B 274 -13.02 27.17 2.25
N ILE B 275 -12.79 26.05 2.95
CA ILE B 275 -13.74 25.51 3.95
C ILE B 275 -12.92 25.08 5.20
N LEU B 276 -13.15 25.75 6.33
CA LEU B 276 -12.74 25.28 7.66
C LEU B 276 -13.60 24.05 7.98
N TYR B 277 -12.99 23.02 8.61
CA TYR B 277 -13.72 21.82 9.02
C TYR B 277 -13.18 21.09 10.23
N GLU B 278 -14.11 20.49 11.02
CA GLU B 278 -13.76 19.62 12.13
C GLU B 278 -13.56 18.22 11.57
N GLU B 279 -12.37 17.66 11.77
CA GLU B 279 -12.11 16.25 11.45
C GLU B 279 -12.14 15.51 12.75
N VAL B 280 -12.67 14.30 12.72
CA VAL B 280 -13.10 13.58 13.94
C VAL B 280 -12.69 12.11 13.88
N ASP B 281 -12.08 11.60 14.97
CA ASP B 281 -11.79 10.19 15.18
C ASP B 281 -12.59 9.65 16.40
N GLU B 282 -13.53 8.73 16.13
CA GLU B 282 -14.37 8.09 17.17
C GLU B 282 -13.89 6.68 17.63
N SER B 283 -12.59 6.40 17.51
CA SER B 283 -12.06 5.03 17.70
C SER B 283 -12.21 4.53 19.13
N GLU B 284 -11.74 5.37 20.07
CA GLU B 284 -11.75 5.08 21.52
C GLU B 284 -13.11 5.36 22.24
N VAL B 285 -14.16 5.72 21.47
CA VAL B 285 -15.50 6.00 22.01
C VAL B 285 -16.32 4.73 21.98
N GLU B 286 -16.93 4.42 23.13
CA GLU B 286 -17.71 3.21 23.30
C GLU B 286 -18.90 3.14 22.35
N VAL B 287 -19.24 1.90 21.99
CA VAL B 287 -20.33 1.60 21.09
C VAL B 287 -21.50 1.12 21.93
N ILE B 288 -22.68 1.52 21.51
CA ILE B 288 -23.94 0.96 22.04
C ILE B 288 -24.87 0.65 20.89
N HIS B 289 -25.79 -0.29 21.11
CA HIS B 289 -26.73 -0.77 20.10
C HIS B 289 -28.13 -0.28 20.49
N VAL B 290 -28.85 0.33 19.53
CA VAL B 290 -30.25 0.84 19.72
C VAL B 290 -31.12 0.21 18.64
N PRO B 291 -32.40 -0.15 18.96
CA PRO B 291 -33.23 -0.82 17.93
C PRO B 291 -33.58 0.07 16.72
N SER B 292 -33.58 -0.54 15.53
CA SER B 292 -33.98 0.12 14.30
C SER B 292 -35.50 0.36 14.30
N PRO B 293 -35.98 1.42 13.61
CA PRO B 293 -37.42 1.61 13.32
C PRO B 293 -38.14 0.41 12.67
N ALA B 294 -37.43 -0.36 11.84
CA ALA B 294 -37.90 -1.60 11.25
C ALA B 294 -37.89 -2.73 12.29
N LEU B 295 -38.96 -2.78 13.10
CA LEU B 295 -39.09 -3.76 14.19
C LEU B 295 -39.14 -5.21 13.69
N GLU B 296 -39.77 -5.43 12.54
CA GLU B 296 -39.78 -6.73 11.82
C GLU B 296 -38.36 -7.32 11.54
N GLU B 297 -37.41 -6.45 11.15
CA GLU B 297 -35.99 -6.82 11.00
C GLU B 297 -35.32 -7.34 12.29
N ARG B 298 -35.76 -6.86 13.45
CA ARG B 298 -35.18 -7.22 14.78
C ARG B 298 -33.66 -6.96 14.89
N LYS B 299 -33.24 -5.88 14.24
CA LYS B 299 -31.87 -5.45 14.18
C LYS B 299 -31.73 -4.20 15.07
N THR B 300 -30.48 -3.83 15.28
CA THR B 300 -30.07 -2.63 15.97
C THR B 300 -29.14 -1.85 15.07
N ASP B 301 -28.90 -0.61 15.47
CA ASP B 301 -27.91 0.26 14.90
C ASP B 301 -26.83 0.57 15.94
N SER B 302 -25.57 0.51 15.50
CA SER B 302 -24.42 0.91 16.32
C SER B 302 -24.30 2.45 16.35
N TYR B 303 -23.75 2.94 17.44
CA TYR B 303 -23.76 4.36 17.79
C TYR B 303 -22.53 4.58 18.61
N ARG B 304 -21.76 5.60 18.26
CA ARG B 304 -20.71 6.11 19.16
C ARG B 304 -21.44 6.93 20.22
N TYR B 305 -21.43 6.43 21.46
CA TYR B 305 -22.11 7.08 22.60
C TYR B 305 -21.09 7.28 23.72
N PRO B 306 -20.58 8.52 23.87
CA PRO B 306 -19.63 8.79 24.94
C PRO B 306 -20.39 8.93 26.26
N ARG B 307 -20.34 7.87 27.08
CA ARG B 307 -20.93 7.94 28.41
C ARG B 307 -20.03 8.78 29.32
N THR B 308 -20.65 9.47 30.29
CA THR B 308 -19.96 10.25 31.29
C THR B 308 -18.75 9.51 31.87
N GLY B 309 -17.62 10.19 31.95
CA GLY B 309 -16.36 9.59 32.40
C GLY B 309 -15.53 8.97 31.28
N SER B 310 -16.18 8.39 30.28
CA SER B 310 -15.50 7.73 29.16
C SER B 310 -15.02 8.76 28.12
N LYS B 311 -14.24 8.28 27.15
CA LYS B 311 -13.60 9.14 26.16
C LYS B 311 -14.59 9.73 25.13
N ASN B 312 -14.56 11.06 25.02
CA ASN B 312 -15.10 11.80 23.84
C ASN B 312 -14.20 11.66 22.63
N PRO B 313 -14.66 12.06 21.43
CA PRO B 313 -13.82 11.93 20.25
C PRO B 313 -12.48 12.68 20.29
N LYS B 314 -11.45 12.15 19.62
CA LYS B 314 -10.22 12.93 19.27
C LYS B 314 -10.57 13.81 18.08
N ILE B 315 -10.43 15.14 18.25
CA ILE B 315 -10.93 16.18 17.31
C ILE B 315 -9.82 17.04 16.73
N ALA B 316 -10.14 17.78 15.67
CA ALA B 316 -9.19 18.72 15.03
C ALA B 316 -9.88 19.65 14.05
N LEU B 317 -9.41 20.90 13.99
CA LEU B 317 -9.74 21.81 12.89
C LEU B 317 -8.74 21.60 11.76
N LYS B 318 -9.28 21.39 10.56
CA LYS B 318 -8.50 21.27 9.33
C LYS B 318 -9.14 22.18 8.29
N LEU B 319 -8.44 22.39 7.19
CA LEU B 319 -8.83 23.29 6.10
C LEU B 319 -8.77 22.56 4.79
N ALA B 320 -9.75 22.81 3.92
CA ALA B 320 -9.88 22.18 2.61
C ALA B 320 -10.04 23.28 1.55
N GLU B 321 -9.01 23.45 0.73
CA GLU B 321 -8.93 24.44 -0.32
C GLU B 321 -9.25 23.80 -1.67
N PHE B 322 -9.84 24.61 -2.55
CA PHE B 322 -10.03 24.18 -3.94
C PHE B 322 -10.02 25.38 -4.87
N GLN B 323 -9.33 25.22 -6.01
CA GLN B 323 -9.13 26.30 -6.97
C GLN B 323 -10.13 26.13 -8.10
N THR B 324 -10.56 27.27 -8.65
CA THR B 324 -11.53 27.33 -9.76
C THR B 324 -10.99 28.21 -10.88
N ASP B 325 -11.24 27.84 -12.13
CA ASP B 325 -10.94 28.71 -13.28
C ASP B 325 -12.09 29.65 -13.59
N SER B 326 -11.90 30.60 -14.51
CA SER B 326 -12.97 31.51 -14.94
C SER B 326 -14.21 30.81 -15.56
N GLN B 327 -14.00 29.62 -16.15
CA GLN B 327 -15.10 28.76 -16.67
C GLN B 327 -15.89 27.94 -15.60
N GLY B 328 -15.55 28.06 -14.31
CA GLY B 328 -16.21 27.33 -13.24
C GLY B 328 -15.81 25.87 -13.08
N LYS B 329 -14.69 25.47 -13.68
CA LYS B 329 -14.13 24.11 -13.52
C LYS B 329 -13.33 24.14 -12.21
N ILE B 330 -13.51 23.10 -11.40
CA ILE B 330 -12.68 22.85 -10.22
C ILE B 330 -11.35 22.27 -10.74
N VAL B 331 -10.28 23.06 -10.65
CA VAL B 331 -8.95 22.67 -11.19
C VAL B 331 -8.31 21.67 -10.21
N SER B 332 -7.98 22.17 -9.03
CA SER B 332 -7.21 21.43 -8.03
C SER B 332 -7.92 21.49 -6.68
N THR B 333 -7.60 20.53 -5.82
CA THR B 333 -8.07 20.46 -4.43
C THR B 333 -6.90 20.11 -3.54
N GLN B 334 -6.89 20.66 -2.32
CA GLN B 334 -5.86 20.39 -1.32
C GLN B 334 -6.45 20.16 0.09
N GLU B 335 -5.92 19.17 0.81
CA GLU B 335 -6.27 18.87 2.20
C GLU B 335 -5.19 19.51 3.11
N LYS B 336 -5.56 20.56 3.86
CA LYS B 336 -4.64 21.25 4.77
C LYS B 336 -4.90 20.95 6.24
N GLU B 337 -3.83 20.96 7.03
CA GLU B 337 -3.87 20.74 8.47
C GLU B 337 -3.05 21.81 9.17
N LEU B 338 -3.32 22.04 10.45
CA LEU B 338 -2.50 22.96 11.27
C LEU B 338 -1.02 22.55 11.31
N VAL B 339 -0.12 23.54 11.18
CA VAL B 339 1.34 23.34 11.14
C VAL B 339 1.92 22.54 12.31
N GLN B 340 1.34 22.72 13.49
CA GLN B 340 1.52 21.82 14.64
C GLN B 340 0.18 21.09 14.88
N PRO B 341 0.21 19.95 15.59
CA PRO B 341 -1.02 19.26 15.99
C PRO B 341 -2.02 20.12 16.77
N PHE B 342 -3.30 19.76 16.65
CA PHE B 342 -4.36 20.34 17.46
C PHE B 342 -4.15 20.05 18.97
N SER B 343 -3.80 18.80 19.31
CA SER B 343 -3.52 18.44 20.71
C SER B 343 -2.28 19.14 21.37
N SER B 344 -1.33 19.64 20.56
CA SER B 344 -0.14 20.34 21.07
C SER B 344 -0.38 21.85 21.25
N LEU B 345 -0.97 22.47 20.21
CA LEU B 345 -1.39 23.89 20.26
C LEU B 345 -2.45 24.20 21.34
N PHE B 346 -3.41 23.28 21.45
CA PHE B 346 -4.63 23.48 22.25
C PHE B 346 -4.83 22.23 23.15
N PRO B 347 -3.86 22.00 24.08
CA PRO B 347 -3.80 20.75 24.87
C PRO B 347 -5.00 20.41 25.76
N LYS B 348 -5.67 21.45 26.30
CA LYS B 348 -6.83 21.30 27.21
C LYS B 348 -8.23 21.32 26.56
N VAL B 349 -8.31 21.52 25.24
CA VAL B 349 -9.57 21.64 24.54
C VAL B 349 -10.16 20.25 24.28
N GLU B 350 -11.41 20.05 24.73
CA GLU B 350 -12.16 18.80 24.57
C GLU B 350 -13.28 18.82 23.50
N TYR B 351 -13.99 19.93 23.38
CA TYR B 351 -15.11 20.05 22.42
C TYR B 351 -14.90 21.28 21.56
N ILE B 352 -15.33 21.18 20.30
CA ILE B 352 -15.44 22.35 19.45
C ILE B 352 -16.89 22.73 19.53
N ALA B 353 -17.17 23.80 20.25
CA ALA B 353 -18.52 24.32 20.42
C ALA B 353 -19.05 24.96 19.14
N ARG B 354 -18.32 25.93 18.59
CA ARG B 354 -18.76 26.71 17.39
C ARG B 354 -17.53 27.08 16.58
N ALA B 355 -17.76 27.38 15.30
CA ALA B 355 -16.73 27.99 14.50
C ALA B 355 -17.30 28.82 13.35
N GLY B 356 -16.39 29.55 12.73
CA GLY B 356 -16.67 30.28 11.51
C GLY B 356 -15.49 31.12 11.12
N TRP B 357 -15.77 32.23 10.43
CA TRP B 357 -14.74 33.13 9.92
C TRP B 357 -15.13 34.59 10.15
N THR B 358 -14.12 35.48 10.09
CA THR B 358 -14.33 36.91 9.99
C THR B 358 -14.94 37.21 8.61
N ARG B 359 -15.65 38.32 8.47
CA ARG B 359 -16.39 38.64 7.24
C ARG B 359 -15.50 38.90 6.01
N ASP B 360 -14.30 39.46 6.24
CA ASP B 360 -13.28 39.63 5.20
C ASP B 360 -12.48 38.38 4.80
N GLY B 361 -12.62 37.29 5.56
CA GLY B 361 -11.91 36.03 5.30
C GLY B 361 -10.49 35.99 5.84
N LYS B 362 -10.15 36.94 6.72
CA LYS B 362 -8.78 37.11 7.19
C LYS B 362 -8.41 35.99 8.16
N TYR B 363 -9.27 35.75 9.15
CA TYR B 363 -9.12 34.69 10.12
C TYR B 363 -10.33 33.75 10.14
N ALA B 364 -10.08 32.44 10.22
CA ALA B 364 -11.04 31.50 10.79
C ALA B 364 -11.08 31.71 12.29
N TRP B 365 -12.17 31.29 12.92
CA TRP B 365 -12.27 31.29 14.38
C TRP B 365 -13.02 30.09 14.91
N ALA B 366 -12.78 29.81 16.18
CA ALA B 366 -13.35 28.68 16.87
C ALA B 366 -13.63 29.02 18.33
N MET B 367 -14.65 28.35 18.87
CA MET B 367 -15.08 28.46 20.27
C MET B 367 -14.75 27.09 20.92
N PHE B 368 -13.75 27.06 21.81
CA PHE B 368 -13.25 25.81 22.45
C PHE B 368 -13.74 25.67 23.86
N LEU B 369 -13.68 24.44 24.41
CA LEU B 369 -14.05 24.15 25.81
C LEU B 369 -13.23 23.01 26.41
N ASP B 370 -12.88 23.14 27.70
CA ASP B 370 -12.27 22.05 28.47
C ASP B 370 -13.29 21.02 28.89
N ARG B 371 -12.82 19.88 29.38
CA ARG B 371 -13.70 18.73 29.69
C ARG B 371 -14.68 18.98 30.88
N PRO B 372 -14.20 19.67 31.94
CA PRO B 372 -15.13 20.16 32.96
C PRO B 372 -16.15 21.20 32.53
N GLN B 373 -15.93 21.87 31.41
CA GLN B 373 -16.79 22.91 30.87
C GLN B 373 -16.86 24.11 31.83
N GLN B 374 -15.67 24.61 32.20
CA GLN B 374 -15.47 25.76 33.11
C GLN B 374 -14.42 26.80 32.58
N TRP B 375 -14.15 26.76 31.27
CA TRP B 375 -13.02 27.45 30.63
C TRP B 375 -13.31 27.39 29.14
N LEU B 376 -13.63 28.54 28.56
CA LEU B 376 -13.90 28.68 27.13
C LEU B 376 -12.90 29.66 26.55
N GLN B 377 -12.58 29.46 25.28
CA GLN B 377 -11.65 30.31 24.51
C GLN B 377 -12.13 30.64 23.08
N LEU B 378 -12.17 31.92 22.69
CA LEU B 378 -12.39 32.29 21.29
C LEU B 378 -11.00 32.45 20.68
N VAL B 379 -10.71 31.60 19.70
CA VAL B 379 -9.37 31.51 19.11
C VAL B 379 -9.47 31.82 17.63
N LEU B 380 -8.67 32.79 17.15
CA LEU B 380 -8.53 33.11 15.73
C LEU B 380 -7.43 32.24 15.13
N LEU B 381 -7.67 31.78 13.90
CA LEU B 381 -6.77 30.87 13.19
C LEU B 381 -6.57 31.42 11.78
N PRO B 382 -5.38 32.02 11.51
CA PRO B 382 -5.06 32.47 10.14
C PRO B 382 -4.92 31.29 9.18
N PRO B 383 -5.40 31.43 7.93
CA PRO B 383 -5.17 30.41 6.86
C PRO B 383 -3.71 29.97 6.64
N ALA B 384 -2.77 30.92 6.70
CA ALA B 384 -1.32 30.65 6.67
C ALA B 384 -0.79 29.69 7.75
N LEU B 385 -1.47 29.62 8.90
CA LEU B 385 -1.22 28.61 9.94
C LEU B 385 -1.43 27.15 9.51
N PHE B 386 -2.28 26.94 8.50
CA PHE B 386 -2.55 25.64 7.92
C PHE B 386 -1.64 25.34 6.72
N ILE B 387 -1.02 24.15 6.73
CA ILE B 387 -0.13 23.67 5.64
C ILE B 387 -0.68 22.35 5.03
N PRO B 388 -0.32 22.01 3.77
CA PRO B 388 -0.78 20.74 3.17
C PRO B 388 -0.43 19.50 3.99
N SER B 389 -1.36 18.57 4.11
CA SER B 389 -1.11 17.27 4.75
C SER B 389 -0.29 16.47 3.77
N THR B 390 0.76 15.83 4.28
CA THR B 390 1.60 14.90 3.50
C THR B 390 2.11 13.80 4.43
N GLU B 391 2.24 12.58 3.89
CA GLU B 391 2.92 11.46 4.60
C GLU B 391 4.47 11.52 4.56
N ASN B 392 5.03 12.39 3.72
CA ASN B 392 6.47 12.69 3.66
C ASN B 392 6.88 13.78 4.65
N GLU B 393 7.86 13.47 5.52
CA GLU B 393 8.40 14.42 6.52
C GLU B 393 9.18 15.59 5.90
N GLU B 394 9.88 15.34 4.80
CA GLU B 394 10.64 16.40 4.07
C GLU B 394 9.72 17.48 3.49
N GLN B 395 8.66 17.06 2.79
CA GLN B 395 7.61 17.97 2.28
C GLN B 395 6.89 18.75 3.38
N ARG B 396 6.64 18.10 4.54
CA ARG B 396 5.96 18.73 5.68
C ARG B 396 6.83 19.82 6.34
N LEU B 397 8.12 19.51 6.52
CA LEU B 397 9.11 20.51 7.00
C LEU B 397 9.38 21.67 6.04
N ALA B 398 9.18 21.44 4.73
CA ALA B 398 9.30 22.51 3.71
C ALA B 398 8.22 23.55 3.90
N SER B 399 6.97 23.07 3.92
CA SER B 399 5.82 23.89 4.27
C SER B 399 5.85 24.48 5.68
N ALA B 400 6.39 23.73 6.66
CA ALA B 400 6.46 24.17 8.07
C ALA B 400 7.44 25.31 8.30
N ARG B 401 8.64 25.21 7.70
CA ARG B 401 9.61 26.32 7.64
C ARG B 401 9.07 27.56 6.91
N ALA B 402 8.28 27.34 5.85
CA ALA B 402 7.70 28.40 5.02
C ALA B 402 6.61 29.29 5.69
N VAL B 403 5.98 28.80 6.77
CA VAL B 403 4.97 29.59 7.49
C VAL B 403 5.73 30.73 8.22
N PRO B 404 5.29 32.01 8.01
CA PRO B 404 5.90 33.15 8.70
C PRO B 404 5.99 33.04 10.22
N ARG B 405 7.01 33.66 10.79
CA ARG B 405 7.27 33.64 12.21
C ARG B 405 6.17 34.43 12.97
N ASN B 406 5.76 35.57 12.42
CA ASN B 406 4.70 36.38 13.03
C ASN B 406 3.28 35.72 13.08
N VAL B 407 2.97 34.80 12.15
CA VAL B 407 1.68 34.09 12.11
C VAL B 407 1.51 33.16 13.30
N GLN B 408 0.28 33.06 13.82
CA GLN B 408 -0.03 32.28 15.04
C GLN B 408 -1.54 32.22 15.36
N PRO B 409 -1.93 31.34 16.30
CA PRO B 409 -3.24 31.50 16.97
C PRO B 409 -3.29 32.80 17.81
N TYR B 410 -4.49 33.38 17.91
CA TYR B 410 -4.78 34.53 18.74
C TYR B 410 -6.01 34.21 19.57
N VAL B 411 -5.80 33.93 20.86
CA VAL B 411 -6.89 33.78 21.83
C VAL B 411 -7.39 35.17 22.20
N VAL B 412 -8.48 35.59 21.54
CA VAL B 412 -9.08 36.91 21.79
C VAL B 412 -10.00 37.02 23.03
N TYR B 413 -10.52 35.90 23.52
CA TYR B 413 -11.39 35.93 24.70
C TYR B 413 -11.28 34.67 25.57
N GLU B 414 -11.58 34.83 26.85
CA GLU B 414 -11.48 33.76 27.82
C GLU B 414 -12.57 33.97 28.89
N GLU B 415 -13.59 33.11 28.85
CA GLU B 415 -14.69 33.06 29.85
C GLU B 415 -14.43 31.90 30.81
N VAL B 416 -14.42 32.16 32.11
CA VAL B 416 -14.05 31.16 33.16
C VAL B 416 -15.01 31.26 34.35
N THR B 417 -15.26 30.15 35.04
CA THR B 417 -16.29 30.08 36.09
C THR B 417 -16.14 28.87 37.03
N ASN B 418 -16.62 29.04 38.27
CA ASN B 418 -16.84 27.96 39.25
C ASN B 418 -18.07 27.08 38.94
N VAL B 419 -19.05 27.60 38.19
CA VAL B 419 -20.32 26.90 37.94
C VAL B 419 -20.18 26.06 36.64
N TRP B 420 -20.52 26.64 35.49
CA TRP B 420 -20.23 26.05 34.17
C TRP B 420 -20.41 27.10 33.06
N ILE B 421 -19.75 26.85 31.93
CA ILE B 421 -19.90 27.65 30.72
C ILE B 421 -21.08 27.12 29.91
N ASN B 422 -22.15 27.90 29.91
CA ASN B 422 -23.14 27.79 28.89
C ASN B 422 -22.57 28.37 27.62
N VAL B 423 -22.78 27.67 26.51
CA VAL B 423 -22.31 28.14 25.20
C VAL B 423 -23.33 29.19 24.71
N HIS B 424 -22.88 30.43 24.50
CA HIS B 424 -23.71 31.54 23.96
C HIS B 424 -23.26 31.84 22.54
N ASP B 425 -24.21 31.92 21.61
CA ASP B 425 -23.93 32.04 20.16
C ASP B 425 -23.27 33.35 19.76
N ILE B 426 -23.62 34.43 20.47
CA ILE B 426 -23.33 35.82 20.03
C ILE B 426 -21.82 36.14 20.04
N PHE B 427 -21.30 36.41 18.84
CA PHE B 427 -19.89 36.78 18.64
C PHE B 427 -19.81 37.48 17.28
N TYR B 428 -19.79 38.80 17.29
CA TYR B 428 -19.79 39.64 16.07
C TYR B 428 -18.44 40.35 15.92
N PRO B 429 -17.54 39.80 15.05
CA PRO B 429 -16.27 40.51 14.81
C PRO B 429 -16.46 41.66 13.84
N PHE B 430 -16.04 42.86 14.25
CA PHE B 430 -16.04 44.03 13.34
C PHE B 430 -14.81 43.96 12.42
N PRO B 431 -14.92 44.50 11.19
CA PRO B 431 -13.78 44.45 10.28
C PRO B 431 -12.70 45.40 10.80
N GLN B 432 -11.42 45.09 10.53
CA GLN B 432 -10.30 45.68 11.23
C GLN B 432 -9.97 46.98 10.48
N SER B 433 -10.29 48.13 11.10
CA SER B 433 -10.12 49.47 10.50
C SER B 433 -8.71 49.99 10.76
N GLU B 436 -5.57 46.12 11.22
CA GLU B 436 -4.49 45.17 11.52
C GLU B 436 -3.80 45.53 12.83
N ASP B 437 -3.29 44.50 13.52
CA ASP B 437 -2.74 44.56 14.93
C ASP B 437 -3.76 44.72 16.13
N GLU B 438 -5.06 44.73 15.83
CA GLU B 438 -6.15 44.80 16.83
C GLU B 438 -7.44 44.16 16.28
N LEU B 439 -8.40 43.88 17.18
CA LEU B 439 -9.71 43.32 16.82
C LEU B 439 -10.79 43.79 17.80
N CYS B 440 -11.80 44.47 17.22
CA CYS B 440 -13.03 44.87 17.92
C CYS B 440 -14.08 43.74 17.70
N PHE B 441 -14.66 43.23 18.79
CA PHE B 441 -15.83 42.36 18.69
C PHE B 441 -16.86 42.51 19.84
N LEU B 442 -18.13 42.20 19.53
CA LEU B 442 -19.20 42.08 20.54
C LEU B 442 -19.25 40.64 21.04
N ARG B 443 -19.43 40.46 22.33
CA ARG B 443 -19.47 39.11 22.93
C ARG B 443 -20.46 39.04 24.11
N ALA B 444 -21.34 38.06 24.05
CA ALA B 444 -22.25 37.70 25.13
C ALA B 444 -21.48 36.91 26.17
N ASN B 445 -21.57 37.32 27.43
CA ASN B 445 -20.76 36.79 28.52
C ASN B 445 -21.65 36.70 29.76
N GLU B 446 -21.75 35.50 30.32
CA GLU B 446 -22.56 35.20 31.53
C GLU B 446 -21.72 35.03 32.80
N CYS B 447 -20.52 34.47 32.67
CA CYS B 447 -19.68 34.15 33.82
C CYS B 447 -19.12 35.37 34.57
N LYS B 448 -19.04 36.55 33.94
CA LYS B 448 -18.45 37.74 34.56
C LYS B 448 -19.20 38.13 35.82
N THR B 449 -20.50 38.36 35.65
CA THR B 449 -21.43 38.79 36.73
C THR B 449 -22.46 37.75 37.20
N GLY B 450 -22.65 36.65 36.43
CA GLY B 450 -23.74 35.69 36.63
C GLY B 450 -24.97 35.85 35.76
N PHE B 451 -25.02 36.89 34.91
CA PHE B 451 -26.08 37.07 33.93
C PHE B 451 -25.45 37.35 32.58
N CYS B 452 -26.09 36.85 31.54
CA CYS B 452 -25.61 36.93 30.18
C CYS B 452 -25.89 38.32 29.64
N HIS B 453 -24.82 39.03 29.27
CA HIS B 453 -24.86 40.45 28.83
C HIS B 453 -23.90 40.73 27.69
N LEU B 454 -24.21 41.74 26.88
CA LEU B 454 -23.38 42.15 25.74
C LEU B 454 -22.24 43.07 26.22
N TYR B 455 -21.05 42.82 25.69
CA TYR B 455 -19.85 43.62 25.93
C TYR B 455 -19.17 43.91 24.57
N LYS B 456 -18.60 45.11 24.41
CA LYS B 456 -17.71 45.46 23.28
C LYS B 456 -16.29 45.22 23.80
N VAL B 457 -15.48 44.56 23.00
CA VAL B 457 -14.13 44.14 23.41
C VAL B 457 -13.15 44.47 22.29
N THR B 458 -11.99 44.97 22.71
CA THR B 458 -10.86 45.22 21.85
C THR B 458 -9.70 44.37 22.37
N ALA B 459 -9.30 43.39 21.56
CA ALA B 459 -8.10 42.58 21.81
C ALA B 459 -6.97 43.11 20.95
N VAL B 460 -5.76 43.08 21.50
CA VAL B 460 -4.54 43.48 20.80
C VAL B 460 -3.89 42.19 20.29
N LEU B 461 -3.82 42.09 18.97
CA LEU B 461 -3.10 41.01 18.28
C LEU B 461 -1.64 41.46 18.04
N LYS B 462 -0.72 41.06 18.92
CA LYS B 462 0.73 41.34 18.81
C LYS B 462 1.51 40.04 18.58
N SER B 463 2.22 39.98 17.45
CA SER B 463 2.92 38.74 17.00
C SER B 463 4.17 38.40 17.80
N GLN B 464 4.12 37.32 18.58
CA GLN B 464 5.18 36.91 19.48
C GLN B 464 6.41 36.35 18.76
N GLY B 465 6.23 35.85 17.53
CA GLY B 465 7.31 35.28 16.73
C GLY B 465 7.55 33.84 17.16
N TYR B 466 7.38 32.92 16.19
CA TYR B 466 7.42 31.47 16.42
C TYR B 466 8.22 30.72 15.35
N ASP B 467 9.18 29.93 15.84
CA ASP B 467 9.92 28.95 15.03
C ASP B 467 8.99 27.75 14.82
N TRP B 468 8.15 27.82 13.77
CA TRP B 468 7.14 26.77 13.49
C TRP B 468 7.70 25.43 13.01
N SER B 469 8.91 25.43 12.48
CA SER B 469 9.56 24.21 11.98
C SER B 469 9.96 23.24 13.10
N GLU B 470 10.55 23.76 14.18
CA GLU B 470 10.78 22.98 15.42
C GLU B 470 9.45 22.84 16.19
N PRO B 471 9.10 21.64 16.71
CA PRO B 471 7.93 21.51 17.62
C PRO B 471 8.07 22.21 18.98
N PHE B 472 6.95 22.57 19.60
CA PHE B 472 6.95 23.10 20.99
C PHE B 472 5.69 22.89 21.83
N SER B 473 5.86 23.04 23.15
CA SER B 473 4.81 22.81 24.14
C SER B 473 4.26 24.15 24.65
N PRO B 474 3.01 24.54 24.26
CA PRO B 474 2.31 25.65 24.90
C PRO B 474 1.93 25.39 26.35
N GLY B 475 2.24 26.36 27.19
CA GLY B 475 1.64 26.43 28.52
C GLY B 475 0.29 27.11 28.54
N GLU B 476 -0.16 27.43 29.75
CA GLU B 476 -1.44 28.13 29.99
C GLU B 476 -1.27 29.59 29.55
N ASP B 477 -2.33 30.16 28.95
CA ASP B 477 -2.34 31.56 28.45
C ASP B 477 -1.16 31.82 27.45
N GLU B 478 -0.88 30.86 26.56
CA GLU B 478 0.22 30.96 25.56
C GLU B 478 -0.06 31.98 24.47
N PHE B 479 -1.26 31.88 23.89
CA PHE B 479 -1.72 32.79 22.84
C PHE B 479 -2.70 33.87 23.30
N LYS B 480 -2.74 34.15 24.62
CA LYS B 480 -3.67 35.13 25.25
C LYS B 480 -3.35 36.56 24.81
N CYS B 481 -4.20 37.10 23.93
CA CYS B 481 -4.16 38.51 23.54
C CYS B 481 -4.42 39.38 24.78
N PRO B 482 -3.68 40.50 24.92
CA PRO B 482 -4.08 41.51 25.89
C PRO B 482 -5.41 42.21 25.50
N ILE B 483 -6.24 42.45 26.50
CA ILE B 483 -7.52 43.14 26.32
C ILE B 483 -7.20 44.66 26.44
N LYS B 484 -7.44 45.42 25.37
CA LYS B 484 -7.28 46.89 25.40
C LYS B 484 -8.43 47.51 26.19
N GLU B 485 -9.67 47.13 25.82
CA GLU B 485 -10.87 47.46 26.61
C GLU B 485 -11.90 46.34 26.59
N GLU B 486 -12.81 46.42 27.57
CA GLU B 486 -13.97 45.52 27.72
C GLU B 486 -15.12 46.34 28.35
N ILE B 487 -15.97 46.93 27.50
CA ILE B 487 -17.06 47.82 27.94
C ILE B 487 -18.35 47.01 28.06
N ALA B 488 -19.05 47.11 29.18
CA ALA B 488 -20.42 46.55 29.35
C ALA B 488 -21.46 47.38 28.60
N LEU B 489 -22.09 46.80 27.57
CA LEU B 489 -23.25 47.45 26.86
C LEU B 489 -24.62 47.27 27.61
N THR B 490 -24.78 46.12 28.25
CA THR B 490 -25.92 45.76 29.04
C THR B 490 -25.46 45.31 30.44
N SER B 491 -26.38 45.46 31.39
CA SER B 491 -26.15 45.07 32.79
C SER B 491 -27.48 44.96 33.51
N GLY B 492 -27.47 44.25 34.64
CA GLY B 492 -28.65 44.07 35.51
C GLY B 492 -28.97 42.63 35.85
N GLU B 493 -30.03 42.50 36.65
CA GLU B 493 -30.55 41.24 37.15
C GLU B 493 -31.52 40.61 36.11
N TRP B 494 -30.99 40.31 34.94
CA TRP B 494 -31.76 39.89 33.75
C TRP B 494 -30.79 39.43 32.67
N GLU B 495 -31.26 38.70 31.65
CA GLU B 495 -30.35 38.14 30.64
C GLU B 495 -30.67 38.52 29.19
N VAL B 496 -29.59 38.63 28.41
CA VAL B 496 -29.63 38.71 26.96
C VAL B 496 -29.73 37.26 26.47
N LEU B 497 -30.56 37.07 25.47
CA LEU B 497 -30.82 35.75 24.91
C LEU B 497 -29.79 35.50 23.82
N ALA B 498 -29.03 34.40 23.98
CA ALA B 498 -27.95 34.02 23.06
C ALA B 498 -27.87 32.51 22.75
N ARG B 499 -28.87 31.71 23.10
CA ARG B 499 -28.84 30.25 22.97
C ARG B 499 -30.08 29.81 22.22
N HIS B 500 -30.07 28.55 21.76
CA HIS B 500 -31.23 27.90 21.14
C HIS B 500 -31.82 28.79 20.00
N GLY B 501 -30.94 29.28 19.12
CA GLY B 501 -31.35 30.09 17.97
C GLY B 501 -31.51 31.59 18.14
N SER B 502 -31.42 32.09 19.38
CA SER B 502 -31.40 33.53 19.63
C SER B 502 -30.10 34.10 19.07
N LYS B 503 -30.19 35.34 18.58
CA LYS B 503 -29.08 36.04 18.03
C LYS B 503 -29.28 37.56 18.07
N ILE B 504 -28.17 38.28 17.93
CA ILE B 504 -28.19 39.73 17.75
C ILE B 504 -28.18 40.11 16.26
N TRP B 505 -28.59 41.33 15.98
CA TRP B 505 -28.40 41.97 14.70
C TRP B 505 -27.67 43.26 14.98
N VAL B 506 -26.57 43.47 14.27
CA VAL B 506 -25.72 44.63 14.41
C VAL B 506 -25.84 45.47 13.14
N ASN B 507 -26.17 46.76 13.31
CA ASN B 507 -26.14 47.79 12.23
C ASN B 507 -24.89 48.65 12.45
N GLU B 508 -23.99 48.62 11.48
CA GLU B 508 -22.71 49.34 11.54
C GLU B 508 -22.73 50.84 11.12
N GLU B 509 -23.73 51.26 10.34
CA GLU B 509 -23.91 52.69 10.00
C GLU B 509 -24.26 53.45 11.29
N THR B 510 -25.37 53.04 11.91
CA THR B 510 -25.94 53.70 13.11
C THR B 510 -25.34 53.28 14.46
N LYS B 511 -24.46 52.29 14.45
CA LYS B 511 -23.73 51.82 15.63
C LYS B 511 -24.63 51.23 16.73
N LEU B 512 -25.69 50.53 16.29
CA LEU B 512 -26.69 49.92 17.17
C LEU B 512 -26.61 48.38 17.07
N VAL B 513 -26.79 47.73 18.24
CA VAL B 513 -26.97 46.27 18.33
C VAL B 513 -28.41 46.02 18.79
N TYR B 514 -29.18 45.35 17.94
CA TYR B 514 -30.53 44.87 18.27
C TYR B 514 -30.40 43.47 18.91
N PHE B 515 -31.09 43.22 20.02
CA PHE B 515 -31.07 41.92 20.73
C PHE B 515 -32.38 41.57 21.45
N GLN B 516 -32.45 40.37 22.03
CA GLN B 516 -33.61 39.89 22.77
C GLN B 516 -33.27 39.55 24.23
N GLY B 517 -34.25 39.69 25.11
CA GLY B 517 -33.96 39.59 26.55
C GLY B 517 -35.11 39.64 27.50
N THR B 518 -34.74 39.46 28.77
CA THR B 518 -35.69 39.35 29.90
C THR B 518 -35.68 40.59 30.84
N LYS B 519 -35.30 41.75 30.31
CA LYS B 519 -35.09 42.96 31.13
C LYS B 519 -36.37 43.37 31.84
N ASP B 520 -37.49 43.36 31.10
CA ASP B 520 -38.79 43.61 31.70
C ASP B 520 -39.17 42.55 32.73
N THR B 521 -38.97 41.26 32.41
CA THR B 521 -39.40 40.14 33.28
C THR B 521 -38.90 38.78 32.72
N PRO B 522 -38.56 37.80 33.60
CA PRO B 522 -38.28 36.39 33.20
C PRO B 522 -39.34 35.66 32.39
N LEU B 523 -40.59 36.08 32.54
CA LEU B 523 -41.73 35.44 31.90
C LEU B 523 -41.98 35.90 30.45
N GLU B 524 -41.26 36.91 29.95
CA GLU B 524 -41.54 37.46 28.60
C GLU B 524 -40.21 37.72 27.92
N HIS B 525 -40.03 37.18 26.72
CA HIS B 525 -38.96 37.61 25.81
C HIS B 525 -39.33 38.89 25.10
N HIS B 526 -38.39 39.84 25.06
CA HIS B 526 -38.59 41.13 24.41
C HIS B 526 -37.42 41.58 23.59
N LEU B 527 -37.74 42.30 22.52
CA LEU B 527 -36.78 42.93 21.64
C LEU B 527 -36.29 44.28 22.22
N TYR B 528 -34.96 44.41 22.37
CA TYR B 528 -34.31 45.69 22.71
C TYR B 528 -33.27 46.14 21.68
N VAL B 529 -32.90 47.41 21.78
CA VAL B 529 -31.84 48.02 20.95
C VAL B 529 -30.98 48.88 21.87
N VAL B 530 -29.66 48.87 21.61
CA VAL B 530 -28.69 49.65 22.39
C VAL B 530 -27.48 49.95 21.50
N SER B 531 -26.85 51.09 21.75
CA SER B 531 -25.71 51.54 20.98
C SER B 531 -24.46 50.84 21.50
N TYR B 532 -23.73 50.19 20.58
CA TYR B 532 -22.41 49.64 20.87
C TYR B 532 -21.31 50.72 20.95
N GLU B 533 -21.53 51.87 20.33
CA GLU B 533 -20.68 53.07 20.46
C GLU B 533 -20.72 53.65 21.87
N ALA B 534 -21.95 53.85 22.37
CA ALA B 534 -22.25 54.50 23.65
C ALA B 534 -23.24 53.65 24.44
N ALA B 535 -22.71 52.92 25.43
CA ALA B 535 -23.53 52.10 26.33
C ALA B 535 -24.48 52.93 27.22
N GLY B 536 -25.61 53.34 26.64
CA GLY B 536 -26.60 54.21 27.29
C GLY B 536 -27.97 53.57 27.36
N GLU B 537 -28.97 54.23 26.77
CA GLU B 537 -30.36 53.81 26.87
C GLU B 537 -30.64 52.55 26.03
N ILE B 538 -31.12 51.51 26.70
CA ILE B 538 -31.74 50.33 26.09
C ILE B 538 -33.23 50.72 25.87
N VAL B 539 -33.66 50.63 24.63
CA VAL B 539 -35.02 50.93 24.19
C VAL B 539 -35.73 49.64 23.85
N ARG B 540 -36.96 49.45 24.36
CA ARG B 540 -37.78 48.26 24.09
C ARG B 540 -38.68 48.51 22.88
N LEU B 541 -38.64 47.59 21.93
CA LEU B 541 -39.38 47.69 20.64
C LEU B 541 -40.66 46.85 20.53
N THR B 542 -40.91 45.98 21.53
CA THR B 542 -42.04 45.06 21.58
C THR B 542 -42.99 45.45 22.72
N THR B 543 -44.29 45.26 22.50
CA THR B 543 -45.33 45.72 23.47
C THR B 543 -45.39 44.79 24.69
N PRO B 544 -45.45 45.35 25.93
CA PRO B 544 -45.49 44.45 27.12
C PRO B 544 -46.81 43.71 27.32
N GLY B 545 -46.76 42.64 28.13
CA GLY B 545 -47.87 41.67 28.28
C GLY B 545 -47.87 40.47 27.35
N PHE B 546 -46.83 40.35 26.50
CA PHE B 546 -46.64 39.23 25.58
C PHE B 546 -45.15 38.86 25.55
N SER B 547 -44.84 37.62 25.20
CA SER B 547 -43.46 37.14 24.92
C SER B 547 -43.27 37.07 23.42
N HIS B 548 -42.08 37.47 22.95
CA HIS B 548 -41.83 37.74 21.53
C HIS B 548 -40.65 36.93 20.97
N SER B 549 -40.85 36.35 19.78
CA SER B 549 -39.78 35.77 18.97
C SER B 549 -39.58 36.62 17.72
N CYS B 550 -38.51 37.42 17.70
CA CYS B 550 -38.29 38.42 16.65
C CYS B 550 -37.23 38.03 15.61
N SER B 551 -37.37 38.67 14.46
CA SER B 551 -36.45 38.57 13.33
C SER B 551 -36.40 39.94 12.62
N MET B 552 -35.19 40.45 12.42
CA MET B 552 -34.91 41.79 11.86
C MET B 552 -34.59 41.69 10.36
N SER B 553 -35.01 42.71 9.60
CA SER B 553 -34.42 43.00 8.30
C SER B 553 -32.93 43.34 8.49
N GLN B 554 -32.07 42.77 7.65
CA GLN B 554 -30.65 43.17 7.60
C GLN B 554 -30.46 44.64 7.15
N ASN B 555 -31.47 45.21 6.50
CA ASN B 555 -31.61 46.67 6.24
C ASN B 555 -32.14 47.51 7.42
N PHE B 556 -32.56 46.88 8.52
CA PHE B 556 -32.99 47.54 9.79
C PHE B 556 -34.19 48.53 9.73
N ASP B 557 -34.97 48.44 8.66
CA ASP B 557 -36.17 49.29 8.42
C ASP B 557 -37.48 48.65 8.92
N MET B 558 -37.50 47.31 9.07
CA MET B 558 -38.63 46.58 9.63
C MET B 558 -38.26 45.23 10.26
N PHE B 559 -39.07 44.78 11.22
CA PHE B 559 -38.96 43.45 11.84
C PHE B 559 -40.30 42.70 11.89
N VAL B 560 -40.22 41.38 11.93
CA VAL B 560 -41.33 40.50 12.34
C VAL B 560 -41.20 40.16 13.83
N SER B 561 -42.34 40.08 14.50
CA SER B 561 -42.44 39.48 15.85
C SER B 561 -43.55 38.42 15.87
N HIS B 562 -43.14 37.17 16.07
CA HIS B 562 -44.03 36.04 16.33
C HIS B 562 -44.22 35.97 17.86
N TYR B 563 -45.34 36.52 18.35
CA TYR B 563 -45.57 36.75 19.79
C TYR B 563 -46.88 36.15 20.29
N SER B 564 -47.00 36.02 21.61
CA SER B 564 -48.14 35.37 22.28
C SER B 564 -48.22 35.69 23.76
N SER B 565 -49.32 35.27 24.39
CA SER B 565 -49.48 35.30 25.86
C SER B 565 -50.13 34.03 26.36
N VAL B 566 -50.12 33.84 27.67
CA VAL B 566 -50.77 32.67 28.31
C VAL B 566 -52.29 32.66 28.02
N SER B 567 -52.89 33.85 28.07
CA SER B 567 -54.33 34.06 27.82
C SER B 567 -54.76 34.10 26.36
N THR B 568 -53.84 34.41 25.44
CA THR B 568 -54.18 34.65 24.00
C THR B 568 -53.31 33.82 23.06
N PRO B 569 -53.89 33.26 21.96
CA PRO B 569 -53.04 32.47 21.04
C PRO B 569 -52.00 33.32 20.28
N PRO B 570 -51.02 32.67 19.64
CA PRO B 570 -49.94 33.44 19.03
C PRO B 570 -50.34 34.15 17.73
N CYS B 571 -49.78 35.34 17.52
CA CYS B 571 -49.83 36.09 16.24
C CYS B 571 -48.42 36.26 15.62
N VAL B 572 -48.38 36.62 14.35
CA VAL B 572 -47.14 37.03 13.65
C VAL B 572 -47.42 38.37 12.93
N HIS B 573 -46.89 39.47 13.45
CA HIS B 573 -47.08 40.84 12.92
C HIS B 573 -45.78 41.37 12.27
N VAL B 574 -45.93 42.31 11.34
CA VAL B 574 -44.83 43.00 10.64
C VAL B 574 -44.85 44.45 11.17
N TYR B 575 -43.77 44.82 11.87
CA TYR B 575 -43.57 46.17 12.41
C TYR B 575 -42.50 46.91 11.59
N LYS B 576 -42.82 48.14 11.18
CA LYS B 576 -41.88 49.01 10.48
C LYS B 576 -41.26 49.99 11.49
N LEU B 577 -39.93 50.07 11.51
CA LEU B 577 -39.20 51.07 12.32
C LEU B 577 -39.22 52.44 11.61
N SER B 578 -39.86 53.44 12.22
CA SER B 578 -40.07 54.77 11.62
C SER B 578 -39.63 55.91 12.55
N GLY B 579 -39.25 57.03 11.93
CA GLY B 579 -38.78 58.23 12.65
C GLY B 579 -37.60 58.94 11.98
N PRO B 580 -37.12 60.05 12.59
CA PRO B 580 -36.00 60.81 12.01
C PRO B 580 -34.70 60.01 11.95
N ASP B 581 -34.01 60.08 10.80
CA ASP B 581 -32.74 59.35 10.59
C ASP B 581 -31.55 59.85 11.44
N ASP B 582 -31.61 61.08 11.98
CA ASP B 582 -30.59 61.59 12.93
C ASP B 582 -30.62 60.92 14.34
N ASP B 583 -31.76 60.37 14.76
CA ASP B 583 -31.93 59.73 16.09
C ASP B 583 -32.40 58.24 15.95
N PRO B 584 -31.52 57.35 15.46
CA PRO B 584 -31.98 55.99 15.10
C PRO B 584 -32.31 55.08 16.29
N LEU B 585 -31.74 55.37 17.46
CA LEU B 585 -32.05 54.65 18.68
C LEU B 585 -33.54 54.72 19.08
N HIS B 586 -34.19 55.85 18.77
CA HIS B 586 -35.61 56.10 19.12
C HIS B 586 -36.55 56.01 17.92
N LYS B 587 -36.32 55.03 17.04
CA LYS B 587 -37.27 54.72 15.94
C LYS B 587 -38.47 54.03 16.57
N GLN B 588 -39.66 54.64 16.47
CA GLN B 588 -40.89 54.11 17.06
C GLN B 588 -41.42 52.98 16.15
N PRO B 589 -41.55 51.74 16.67
CA PRO B 589 -42.08 50.63 15.86
C PRO B 589 -43.59 50.77 15.68
N ARG B 590 -43.99 51.00 14.44
CA ARG B 590 -45.38 51.14 14.07
C ARG B 590 -45.84 49.86 13.36
N PHE B 591 -46.99 49.31 13.80
CA PHE B 591 -47.62 48.15 13.16
C PHE B 591 -47.85 48.43 11.68
N TRP B 592 -47.31 47.56 10.82
CA TRP B 592 -47.46 47.70 9.37
C TRP B 592 -48.57 46.79 8.86
N ALA B 593 -48.39 45.50 9.09
CA ALA B 593 -49.28 44.46 8.59
C ALA B 593 -49.16 43.19 9.42
N SER B 594 -50.11 42.27 9.25
CA SER B 594 -50.18 40.97 9.95
C SER B 594 -50.00 39.79 9.00
N MET B 595 -49.50 38.68 9.55
CA MET B 595 -49.33 37.39 8.83
C MET B 595 -50.18 36.24 9.37
N MET B 596 -50.26 36.14 10.70
CA MET B 596 -51.04 35.14 11.41
C MET B 596 -51.81 35.84 12.54
N GLU B 597 -53.07 35.44 12.70
CA GLU B 597 -53.97 35.90 13.76
C GLU B 597 -54.65 34.74 14.49
N ALA B 598 -55.27 35.04 15.62
CA ALA B 598 -56.22 34.12 16.27
C ALA B 598 -57.19 34.90 17.16
N ASP B 604 -63.17 23.84 24.57
CA ASP B 604 -63.35 24.61 25.80
C ASP B 604 -61.96 24.76 26.45
N TYR B 605 -61.19 25.72 25.93
CA TYR B 605 -59.86 26.06 26.48
C TYR B 605 -59.94 27.15 27.55
N VAL B 606 -59.39 26.87 28.74
CA VAL B 606 -59.29 27.84 29.84
C VAL B 606 -57.81 27.99 30.13
N PRO B 607 -57.21 29.19 29.91
CA PRO B 607 -55.77 29.33 30.16
C PRO B 607 -55.41 29.22 31.65
N PRO B 608 -54.14 28.84 31.96
CA PRO B 608 -53.70 28.86 33.35
C PRO B 608 -53.40 30.27 33.84
N GLU B 609 -53.07 30.38 35.12
CA GLU B 609 -52.76 31.66 35.79
C GLU B 609 -51.35 31.56 36.29
N ILE B 610 -50.50 32.48 35.85
CA ILE B 610 -49.13 32.55 36.37
C ILE B 610 -49.22 33.20 37.73
N PHE B 611 -48.38 32.69 38.63
CA PHE B 611 -48.16 33.24 39.94
C PHE B 611 -46.69 33.12 40.30
N HIS B 612 -46.37 33.68 41.46
CA HIS B 612 -45.06 33.58 42.05
C HIS B 612 -45.15 33.55 43.55
N PHE B 613 -44.08 33.11 44.16
CA PHE B 613 -43.96 33.02 45.62
C PHE B 613 -42.48 32.90 46.02
N HIS B 614 -42.24 33.02 47.31
CA HIS B 614 -40.89 32.97 47.87
C HIS B 614 -40.71 31.73 48.72
N THR B 615 -39.52 31.14 48.63
CA THR B 615 -39.13 30.03 49.49
C THR B 615 -38.78 30.54 50.89
N ARG B 616 -38.70 29.61 51.84
CA ARG B 616 -38.15 29.85 53.20
C ARG B 616 -36.76 30.52 53.23
N SER B 617 -35.96 30.28 52.19
CA SER B 617 -34.71 31.01 51.92
C SER B 617 -34.79 32.33 51.07
N ASP B 618 -36.00 32.88 50.89
CA ASP B 618 -36.28 34.11 50.08
C ASP B 618 -35.77 34.12 48.60
N VAL B 619 -36.07 33.03 47.89
CA VAL B 619 -35.83 32.87 46.44
C VAL B 619 -37.20 32.91 45.75
N ARG B 620 -37.35 33.84 44.80
CA ARG B 620 -38.62 33.98 44.07
C ARG B 620 -38.74 32.85 43.05
N LEU B 621 -39.77 32.01 43.20
CA LEU B 621 -40.09 30.96 42.22
C LEU B 621 -41.37 31.38 41.52
N TYR B 622 -41.42 31.15 40.19
CA TYR B 622 -42.63 31.37 39.38
C TYR B 622 -43.33 30.03 39.16
N GLY B 623 -44.65 30.12 39.04
CA GLY B 623 -45.49 28.92 38.92
C GLY B 623 -46.68 29.19 38.04
N MET B 624 -47.31 28.11 37.61
CA MET B 624 -48.46 28.14 36.72
C MET B 624 -49.49 27.21 37.34
N ILE B 625 -50.77 27.64 37.39
CA ILE B 625 -51.87 26.72 37.74
C ILE B 625 -53.00 26.73 36.71
N TYR B 626 -53.45 25.53 36.32
CA TYR B 626 -54.71 25.31 35.64
C TYR B 626 -55.74 25.01 36.72
N LYS B 627 -56.74 25.91 36.87
CA LYS B 627 -57.85 25.69 37.79
C LYS B 627 -58.79 24.62 37.18
N PRO B 628 -59.44 23.81 38.03
CA PRO B 628 -60.49 22.92 37.52
C PRO B 628 -61.63 23.66 36.85
N HIS B 629 -62.05 23.17 35.68
CA HIS B 629 -63.12 23.78 34.88
C HIS B 629 -64.44 23.60 35.62
N ALA B 630 -65.28 24.63 35.53
CA ALA B 630 -66.53 24.73 36.31
C ALA B 630 -66.32 24.50 37.82
N LEU B 631 -65.34 25.19 38.39
CA LEU B 631 -64.98 25.07 39.82
C LEU B 631 -66.13 25.51 40.76
N GLN B 632 -66.32 24.75 41.83
CA GLN B 632 -67.23 25.12 42.93
C GLN B 632 -66.32 25.35 44.16
N PRO B 633 -66.13 26.62 44.59
CA PRO B 633 -65.23 26.87 45.73
C PRO B 633 -65.70 26.17 47.01
N GLY B 634 -64.75 25.70 47.80
CA GLY B 634 -65.01 24.81 48.94
C GLY B 634 -64.76 23.34 48.67
N LYS B 635 -64.92 22.92 47.39
CA LYS B 635 -64.52 21.58 46.95
C LYS B 635 -63.01 21.50 46.90
N LYS B 636 -62.48 20.35 47.32
CA LYS B 636 -61.04 20.04 47.27
C LYS B 636 -60.82 18.96 46.20
N HIS B 637 -59.94 19.25 45.23
CA HIS B 637 -59.83 18.48 44.00
C HIS B 637 -58.50 17.75 43.95
N PRO B 638 -58.48 16.58 43.26
CA PRO B 638 -57.23 15.87 43.13
C PRO B 638 -56.31 16.64 42.14
N THR B 639 -55.00 16.47 42.30
CA THR B 639 -54.01 17.38 41.72
C THR B 639 -52.90 16.61 41.01
N VAL B 640 -52.50 17.12 39.84
CA VAL B 640 -51.38 16.61 39.04
C VAL B 640 -50.27 17.68 39.07
N LEU B 641 -49.15 17.39 39.71
CA LEU B 641 -47.93 18.21 39.62
C LEU B 641 -47.19 17.83 38.36
N PHE B 642 -47.45 18.53 37.26
CA PHE B 642 -46.70 18.33 36.03
C PHE B 642 -45.31 18.95 36.17
N VAL B 643 -44.28 18.16 35.90
CA VAL B 643 -42.91 18.55 36.18
C VAL B 643 -41.97 18.31 34.99
N TYR B 644 -40.98 19.21 34.81
CA TYR B 644 -39.75 18.91 34.08
C TYR B 644 -38.55 19.10 35.02
N GLY B 645 -38.17 20.33 35.32
CA GLY B 645 -37.22 20.62 36.43
C GLY B 645 -35.73 20.48 36.22
N GLY B 646 -35.32 20.05 35.04
CA GLY B 646 -33.91 20.04 34.63
C GLY B 646 -33.38 21.36 34.07
N PRO B 647 -32.04 21.41 33.82
CA PRO B 647 -31.41 22.57 33.19
C PRO B 647 -31.79 22.80 31.74
N GLN B 648 -31.76 24.08 31.34
CA GLN B 648 -32.02 24.59 29.99
C GLN B 648 -33.50 24.62 29.59
N VAL B 649 -34.41 24.55 30.57
CA VAL B 649 -35.88 24.66 30.30
C VAL B 649 -36.54 25.57 31.35
N GLN B 650 -37.43 26.43 30.85
CA GLN B 650 -38.38 27.19 31.67
C GLN B 650 -39.75 26.85 31.11
N LEU B 651 -40.54 26.12 31.89
CA LEU B 651 -41.94 25.82 31.57
C LEU B 651 -42.90 26.97 31.82
N VAL B 652 -42.66 27.69 32.92
CA VAL B 652 -43.53 28.78 33.40
C VAL B 652 -42.98 30.08 32.82
N ASN B 653 -43.66 30.54 31.77
CA ASN B 653 -43.56 31.89 31.26
C ASN B 653 -44.89 32.34 30.64
N ASN B 654 -44.98 33.63 30.28
CA ASN B 654 -46.15 34.24 29.68
C ASN B 654 -46.09 34.11 28.15
N SER B 655 -46.42 32.90 27.71
CA SER B 655 -46.70 32.61 26.30
C SER B 655 -47.77 31.53 26.24
N PHE B 656 -48.34 31.33 25.04
CA PHE B 656 -49.46 30.40 24.87
C PHE B 656 -49.04 28.93 25.05
N LYS B 657 -49.76 28.25 25.95
CA LYS B 657 -49.53 26.88 26.33
C LYS B 657 -50.54 25.88 25.73
N GLY B 658 -51.70 26.35 25.27
CA GLY B 658 -52.75 25.46 24.74
C GLY B 658 -52.48 24.55 23.55
N ILE B 659 -51.39 24.82 22.83
CA ILE B 659 -50.95 24.01 21.69
C ILE B 659 -50.18 22.80 22.22
N LYS B 660 -49.04 23.07 22.84
CA LYS B 660 -48.10 22.05 23.29
C LYS B 660 -48.57 21.33 24.57
N TYR B 661 -49.32 22.02 25.43
CA TYR B 661 -49.82 21.48 26.70
C TYR B 661 -51.36 21.45 26.76
N LEU B 662 -51.94 20.97 25.65
CA LEU B 662 -53.39 20.69 25.57
C LEU B 662 -53.84 19.67 26.60
N ARG B 663 -53.02 18.63 26.81
CA ARG B 663 -53.33 17.58 27.80
C ARG B 663 -53.53 18.09 29.23
N LEU B 664 -52.79 19.13 29.59
CA LEU B 664 -52.99 19.78 30.90
C LEU B 664 -54.35 20.47 31.02
N ASN B 665 -54.80 21.12 29.94
CA ASN B 665 -56.18 21.62 29.87
C ASN B 665 -57.22 20.48 29.88
N THR B 666 -56.96 19.41 29.12
CA THR B 666 -57.83 18.23 29.14
C THR B 666 -57.96 17.65 30.57
N LEU B 667 -56.86 17.53 31.30
CA LEU B 667 -56.87 17.16 32.73
C LEU B 667 -57.77 18.07 33.55
N ALA B 668 -57.56 19.38 33.38
CA ALA B 668 -58.42 20.39 34.01
C ALA B 668 -59.93 20.30 33.63
N SER B 669 -60.24 20.00 32.37
CA SER B 669 -61.63 19.74 31.92
C SER B 669 -62.37 18.59 32.67
N LEU B 670 -61.61 17.62 33.17
CA LEU B 670 -62.12 16.52 34.01
C LEU B 670 -62.15 16.79 35.52
N GLY B 671 -61.56 17.89 35.97
CA GLY B 671 -61.58 18.30 37.39
C GLY B 671 -60.29 18.08 38.18
N TYR B 672 -59.18 17.92 37.46
CA TYR B 672 -57.86 17.86 38.08
C TYR B 672 -57.31 19.28 38.24
N ALA B 673 -56.75 19.60 39.39
CA ALA B 673 -55.85 20.74 39.51
C ALA B 673 -54.53 20.35 38.84
N VAL B 674 -54.01 21.22 37.97
CA VAL B 674 -52.68 20.99 37.36
C VAL B 674 -51.81 22.17 37.74
N VAL B 675 -50.69 21.87 38.41
CA VAL B 675 -49.75 22.81 38.98
C VAL B 675 -48.40 22.58 38.29
N VAL B 676 -47.78 23.67 37.83
CA VAL B 676 -46.43 23.64 37.27
C VAL B 676 -45.54 24.66 37.96
N ILE B 677 -44.38 24.21 38.42
CA ILE B 677 -43.42 25.00 39.20
C ILE B 677 -42.08 24.99 38.47
N ASP B 678 -41.52 26.17 38.19
CA ASP B 678 -40.11 26.28 37.75
C ASP B 678 -39.22 26.44 38.96
N GLY B 679 -38.70 25.31 39.43
CA GLY B 679 -37.75 25.30 40.54
C GLY B 679 -36.34 25.77 40.20
N ARG B 680 -35.51 25.94 41.24
CA ARG B 680 -34.07 26.24 41.09
C ARG B 680 -33.39 25.18 40.24
N GLY B 681 -32.57 25.62 39.31
CA GLY B 681 -32.02 24.74 38.22
C GLY B 681 -32.55 25.10 36.84
N SER B 682 -33.83 25.45 36.75
CA SER B 682 -34.46 25.91 35.49
C SER B 682 -33.73 27.14 34.91
N CYS B 683 -33.83 27.34 33.60
CA CYS B 683 -33.16 28.46 32.91
C CYS B 683 -34.06 29.74 32.86
N GLN B 684 -33.54 30.79 32.20
CA GLN B 684 -34.03 32.20 32.18
C GLN B 684 -33.76 33.07 33.42
N ARG B 685 -33.12 32.52 34.44
CA ARG B 685 -32.90 33.15 35.72
C ARG B 685 -31.44 33.42 36.05
N GLY B 686 -30.55 33.23 35.06
CA GLY B 686 -29.12 33.42 35.26
C GLY B 686 -28.48 32.20 35.90
N LEU B 687 -27.17 32.35 36.05
CA LEU B 687 -26.27 31.25 36.37
C LEU B 687 -26.41 30.73 37.78
N ARG B 688 -26.53 31.60 38.77
CA ARG B 688 -26.58 31.18 40.19
C ARG B 688 -27.83 30.38 40.56
N PHE B 689 -28.95 30.69 39.91
CA PHE B 689 -30.22 29.97 40.08
C PHE B 689 -30.15 28.56 39.49
N GLU B 690 -29.66 28.50 38.24
CA GLU B 690 -29.32 27.26 37.51
C GLU B 690 -28.28 26.45 38.27
N GLY B 691 -27.30 27.14 38.88
CA GLY B 691 -26.17 26.54 39.62
C GLY B 691 -26.46 25.85 40.92
N ALA B 692 -27.69 26.02 41.44
CA ALA B 692 -28.20 25.25 42.58
C ALA B 692 -28.17 23.70 42.40
N LEU B 693 -28.25 23.24 41.16
CA LEU B 693 -28.06 21.85 40.78
C LEU B 693 -26.68 21.24 41.01
N LYS B 694 -25.64 22.06 41.03
CA LYS B 694 -24.28 21.58 40.69
C LYS B 694 -23.81 20.46 41.63
N ASN B 695 -23.62 19.27 41.05
CA ASN B 695 -23.13 18.04 41.73
C ASN B 695 -24.10 17.46 42.79
N GLN B 696 -25.40 17.74 42.63
CA GLN B 696 -26.44 17.20 43.52
C GLN B 696 -27.82 17.17 42.84
N MET B 697 -27.83 16.67 41.58
CA MET B 697 -29.08 16.57 40.82
C MET B 697 -30.02 15.60 41.53
N GLY B 698 -31.30 15.97 41.54
CA GLY B 698 -32.32 15.36 42.38
C GLY B 698 -32.57 15.91 43.77
N GLN B 699 -31.57 16.59 44.36
CA GLN B 699 -31.58 16.92 45.80
C GLN B 699 -32.34 18.21 46.14
N VAL B 700 -32.14 19.24 45.34
CA VAL B 700 -32.75 20.57 45.54
C VAL B 700 -34.17 20.70 44.93
N GLU B 701 -34.44 19.98 43.84
CA GLU B 701 -35.56 20.31 42.92
C GLU B 701 -36.94 20.01 43.51
N ILE B 702 -37.08 18.85 44.15
CA ILE B 702 -38.35 18.40 44.74
C ILE B 702 -38.81 19.28 45.92
N GLU B 703 -37.86 19.75 46.74
CA GLU B 703 -38.13 20.68 47.84
C GLU B 703 -38.88 21.92 47.34
N ASP B 704 -38.33 22.55 46.30
CA ASP B 704 -38.99 23.69 45.61
C ASP B 704 -40.37 23.31 45.03
N GLN B 705 -40.48 22.09 44.49
CA GLN B 705 -41.76 21.58 43.97
C GLN B 705 -42.80 21.38 45.09
N VAL B 706 -42.35 20.85 46.23
CA VAL B 706 -43.21 20.66 47.41
C VAL B 706 -43.66 22.01 47.96
N GLU B 707 -42.69 22.93 48.18
CA GLU B 707 -42.97 24.33 48.57
C GLU B 707 -43.98 25.05 47.67
N GLY B 708 -43.82 24.90 46.35
CA GLY B 708 -44.78 25.44 45.39
C GLY B 708 -46.16 24.83 45.47
N LEU B 709 -46.22 23.51 45.62
CA LEU B 709 -47.46 22.76 45.83
C LEU B 709 -48.21 23.18 47.14
N GLN B 710 -47.48 23.26 48.25
CA GLN B 710 -48.03 23.81 49.53
C GLN B 710 -48.47 25.30 49.45
N PHE B 711 -47.75 26.10 48.67
CA PHE B 711 -48.13 27.51 48.43
C PHE B 711 -49.45 27.58 47.69
N VAL B 712 -49.54 26.81 46.60
CA VAL B 712 -50.74 26.69 45.78
C VAL B 712 -51.96 26.23 46.62
N ALA B 713 -51.72 25.36 47.59
CA ALA B 713 -52.75 24.89 48.54
C ALA B 713 -53.36 25.99 49.39
N GLU B 714 -52.52 26.87 49.93
CA GLU B 714 -52.99 27.97 50.79
C GLU B 714 -53.66 29.10 49.96
N LYS B 715 -53.00 29.53 48.87
CA LYS B 715 -53.48 30.62 48.00
C LYS B 715 -54.82 30.28 47.34
N TYR B 716 -54.85 29.17 46.61
CA TYR B 716 -56.04 28.72 45.86
C TYR B 716 -56.74 27.69 46.73
N GLY B 717 -58.04 27.85 46.94
CA GLY B 717 -58.74 27.00 47.92
C GLY B 717 -59.17 25.60 47.51
N PHE B 718 -58.56 25.01 46.46
CA PHE B 718 -59.11 23.82 45.77
C PHE B 718 -58.18 22.59 45.64
N ILE B 719 -57.06 22.60 46.35
CA ILE B 719 -56.07 21.50 46.29
C ILE B 719 -56.38 20.53 47.42
N ASP B 720 -56.64 19.28 47.06
CA ASP B 720 -56.63 18.17 48.01
C ASP B 720 -55.23 17.55 47.95
N LEU B 721 -54.38 17.91 48.93
CA LEU B 721 -53.01 17.37 49.07
C LEU B 721 -52.95 15.87 49.42
N SER B 722 -54.07 15.29 49.85
CA SER B 722 -54.23 13.83 49.95
C SER B 722 -54.28 13.07 48.61
N ARG B 723 -54.57 13.77 47.50
CA ARG B 723 -54.64 13.18 46.16
C ARG B 723 -53.76 13.92 45.13
N VAL B 724 -52.45 13.93 45.39
CA VAL B 724 -51.49 14.58 44.49
C VAL B 724 -50.69 13.51 43.72
N ALA B 725 -50.68 13.66 42.40
CA ALA B 725 -49.84 12.87 41.47
C ALA B 725 -48.70 13.72 40.89
N ILE B 726 -47.51 13.13 40.74
CA ILE B 726 -46.36 13.79 40.05
C ILE B 726 -46.18 13.13 38.68
N HIS B 727 -46.02 13.93 37.63
CA HIS B 727 -45.92 13.43 36.27
C HIS B 727 -44.96 14.28 35.46
N GLY B 728 -44.05 13.63 34.77
CA GLY B 728 -43.10 14.29 33.86
C GLY B 728 -42.34 13.32 32.98
N TRP B 729 -41.78 13.87 31.91
N TRP B 729 -41.78 13.87 31.90
CA TRP B 729 -41.04 13.13 30.90
CA TRP B 729 -41.04 13.14 30.90
C TRP B 729 -39.57 13.50 31.01
C TRP B 729 -39.57 13.50 31.01
N SER B 730 -38.69 12.53 30.78
CA SER B 730 -37.21 12.74 30.77
C SER B 730 -36.61 13.14 32.14
N TYR B 731 -36.24 14.41 32.34
CA TYR B 731 -35.85 14.90 33.67
C TYR B 731 -37.05 14.87 34.64
N GLY B 732 -38.23 15.20 34.09
CA GLY B 732 -39.49 15.17 34.79
C GLY B 732 -39.88 13.81 35.32
N GLY B 733 -39.54 12.76 34.56
CA GLY B 733 -39.76 11.37 34.97
C GLY B 733 -38.80 11.01 36.08
N PHE B 734 -37.54 11.42 35.90
CA PHE B 734 -36.53 11.35 36.95
C PHE B 734 -37.02 12.02 38.25
N LEU B 735 -37.51 13.25 38.14
CA LEU B 735 -38.07 13.96 39.30
C LEU B 735 -39.37 13.34 39.85
N SER B 736 -40.21 12.80 38.97
CA SER B 736 -41.42 12.10 39.44
C SER B 736 -41.06 10.94 40.35
N LEU B 737 -40.02 10.18 39.97
CA LEU B 737 -39.45 9.10 40.80
C LEU B 737 -38.80 9.60 42.08
N MET B 738 -38.03 10.68 42.00
CA MET B 738 -37.48 11.35 43.19
C MET B 738 -38.53 11.88 44.18
N GLY B 739 -39.61 12.42 43.64
CA GLY B 739 -40.77 12.80 44.44
C GLY B 739 -41.37 11.66 45.23
N LEU B 740 -41.51 10.49 44.60
CA LEU B 740 -42.10 9.30 45.21
C LEU B 740 -41.15 8.69 46.26
N ILE B 741 -39.87 8.61 45.92
CA ILE B 741 -38.79 8.15 46.84
C ILE B 741 -38.74 9.00 48.12
N HIS B 742 -38.47 10.29 47.94
CA HIS B 742 -38.18 11.21 49.05
C HIS B 742 -39.41 11.85 49.72
N LYS B 743 -40.54 11.94 49.03
CA LYS B 743 -41.79 12.54 49.56
C LYS B 743 -43.04 11.64 49.31
N PRO B 744 -43.02 10.36 49.76
CA PRO B 744 -44.16 9.43 49.57
C PRO B 744 -45.48 9.83 50.25
N GLN B 745 -45.41 10.49 51.40
CA GLN B 745 -46.59 11.14 52.05
C GLN B 745 -47.19 12.35 51.28
N VAL B 746 -46.42 12.98 50.40
CA VAL B 746 -46.89 14.12 49.57
C VAL B 746 -47.55 13.63 48.28
N PHE B 747 -46.83 12.79 47.52
CA PHE B 747 -47.27 12.27 46.22
C PHE B 747 -47.82 10.83 46.32
N LYS B 748 -49.11 10.65 45.99
CA LYS B 748 -49.77 9.32 46.08
C LYS B 748 -49.38 8.38 44.90
N VAL B 749 -49.33 8.93 43.69
CA VAL B 749 -48.89 8.19 42.50
C VAL B 749 -47.79 8.93 41.74
N ALA B 750 -47.15 8.22 40.78
CA ALA B 750 -46.11 8.77 39.90
C ALA B 750 -46.20 8.18 38.51
N ILE B 751 -46.32 9.02 37.48
CA ILE B 751 -46.27 8.58 36.08
C ILE B 751 -44.95 9.09 35.50
N ALA B 752 -43.89 8.28 35.67
CA ALA B 752 -42.54 8.61 35.15
C ALA B 752 -42.40 8.20 33.68
N GLY B 753 -42.33 9.19 32.80
CA GLY B 753 -42.03 8.99 31.37
C GLY B 753 -40.53 9.14 31.06
N ALA B 754 -40.05 8.28 30.17
CA ALA B 754 -38.62 8.19 29.74
C ALA B 754 -37.52 8.64 30.74
N PRO B 755 -37.54 8.10 31.96
CA PRO B 755 -36.80 8.69 33.05
C PRO B 755 -35.32 8.41 32.95
N VAL B 756 -34.53 9.34 33.50
CA VAL B 756 -33.09 9.16 33.72
C VAL B 756 -32.95 8.52 35.10
N THR B 757 -32.67 7.23 35.11
CA THR B 757 -32.58 6.40 36.32
C THR B 757 -31.16 6.13 36.83
N VAL B 758 -30.16 6.24 35.94
CA VAL B 758 -28.74 6.03 36.26
C VAL B 758 -27.93 7.07 35.53
N TRP B 759 -27.37 8.04 36.28
CA TRP B 759 -26.58 9.13 35.66
C TRP B 759 -25.29 8.62 35.00
N MET B 760 -24.69 7.54 35.54
CA MET B 760 -23.58 6.80 34.88
C MET B 760 -23.80 6.35 33.43
N ALA B 761 -25.06 6.09 33.05
CA ALA B 761 -25.45 5.72 31.70
C ALA B 761 -25.77 6.88 30.77
N TYR B 762 -25.85 8.11 31.27
CA TYR B 762 -26.12 9.29 30.39
C TYR B 762 -24.78 9.79 29.82
N ASP B 763 -24.82 10.68 28.82
CA ASP B 763 -23.59 11.14 28.13
C ASP B 763 -22.59 12.07 28.89
N THR B 764 -21.44 12.31 28.26
CA THR B 764 -20.40 13.23 28.72
C THR B 764 -20.87 14.67 28.82
N GLY B 765 -21.29 15.21 27.68
CA GLY B 765 -21.60 16.64 27.50
C GLY B 765 -22.55 17.28 28.50
N TYR B 766 -23.71 16.64 28.68
CA TYR B 766 -24.71 17.08 29.64
C TYR B 766 -24.29 16.76 31.04
N THR B 767 -23.93 15.51 31.30
CA THR B 767 -23.77 15.02 32.69
C THR B 767 -22.56 15.64 33.39
N GLU B 768 -21.42 15.70 32.70
CA GLU B 768 -20.17 16.22 33.29
C GLU B 768 -20.26 17.71 33.68
N ARG B 769 -20.89 18.47 32.80
CA ARG B 769 -21.24 19.87 33.01
C ARG B 769 -21.93 20.17 34.37
N TYR B 770 -23.00 19.43 34.69
CA TYR B 770 -23.79 19.65 35.93
C TYR B 770 -23.36 18.76 37.11
N MET B 771 -22.99 17.52 36.82
CA MET B 771 -22.70 16.52 37.85
C MET B 771 -21.26 16.08 37.98
N ASP B 772 -20.34 16.63 37.15
CA ASP B 772 -18.91 16.26 37.15
C ASP B 772 -18.72 14.83 36.57
N VAL B 773 -17.47 14.39 36.55
CA VAL B 773 -17.10 12.98 36.26
C VAL B 773 -17.49 12.04 37.44
N PRO B 774 -17.84 10.73 37.19
CA PRO B 774 -18.17 9.79 38.30
C PRO B 774 -17.09 9.60 39.38
N GLU B 775 -15.84 9.46 38.96
CA GLU B 775 -14.66 9.43 39.85
C GLU B 775 -14.53 10.67 40.80
N ASN B 776 -15.06 11.83 40.38
CA ASN B 776 -15.05 13.05 41.18
C ASN B 776 -16.31 13.33 42.02
N ASN B 777 -17.39 12.57 41.82
CA ASN B 777 -18.68 12.84 42.51
C ASN B 777 -19.48 11.55 42.75
N GLN B 778 -18.85 10.60 43.44
CA GLN B 778 -19.47 9.29 43.74
C GLN B 778 -20.77 9.49 44.54
N HIS B 779 -20.70 10.32 45.60
CA HIS B 779 -21.85 10.63 46.47
C HIS B 779 -23.06 11.24 45.73
N GLY B 780 -22.80 12.14 44.79
CA GLY B 780 -23.85 12.81 44.00
C GLY B 780 -24.50 11.97 42.90
N TYR B 781 -23.67 11.26 42.13
CA TYR B 781 -24.13 10.23 41.16
C TYR B 781 -25.04 9.17 41.78
N GLU B 782 -24.63 8.65 42.94
CA GLU B 782 -25.43 7.69 43.69
C GLU B 782 -26.73 8.33 44.24
N ALA B 783 -26.60 9.45 44.92
CA ALA B 783 -27.75 10.17 45.51
C ALA B 783 -28.84 10.58 44.52
N GLY B 784 -28.41 10.94 43.31
CA GLY B 784 -29.28 11.33 42.20
C GLY B 784 -29.69 10.26 41.18
N SER B 785 -29.35 8.99 41.44
CA SER B 785 -29.70 7.84 40.57
C SER B 785 -30.93 7.12 41.15
N VAL B 786 -32.12 7.39 40.62
CA VAL B 786 -33.38 6.79 41.19
C VAL B 786 -33.44 5.25 41.20
N ALA B 787 -32.70 4.61 40.29
CA ALA B 787 -32.56 3.13 40.27
C ALA B 787 -31.86 2.54 41.49
N LEU B 788 -30.94 3.29 42.13
CA LEU B 788 -30.25 2.84 43.33
C LEU B 788 -31.02 3.00 44.63
N HIS B 789 -32.18 3.68 44.60
CA HIS B 789 -32.97 3.92 45.81
C HIS B 789 -34.35 3.27 45.72
N VAL B 790 -34.38 2.10 45.10
CA VAL B 790 -35.61 1.39 44.81
C VAL B 790 -36.23 0.79 46.09
N GLU B 791 -35.42 0.43 47.11
CA GLU B 791 -35.94 0.09 48.46
C GLU B 791 -36.90 1.16 49.00
N LYS B 792 -36.57 2.43 48.79
CA LYS B 792 -37.41 3.55 49.20
C LYS B 792 -38.71 3.74 48.38
N LEU B 793 -38.85 3.08 47.23
CA LEU B 793 -40.10 3.13 46.41
C LEU B 793 -41.21 2.30 47.05
N PRO B 794 -42.50 2.57 46.67
CA PRO B 794 -43.60 2.02 47.50
C PRO B 794 -43.81 0.49 47.47
N ASN B 795 -44.11 -0.07 48.65
CA ASN B 795 -44.60 -1.44 48.79
C ASN B 795 -46.00 -1.62 48.24
N GLU B 796 -46.80 -0.55 48.23
CA GLU B 796 -48.16 -0.58 47.71
C GLU B 796 -48.12 -0.50 46.16
N PRO B 797 -48.86 -1.38 45.45
CA PRO B 797 -49.01 -1.23 43.98
C PRO B 797 -49.93 -0.07 43.60
N ASN B 798 -50.08 0.16 42.30
CA ASN B 798 -50.84 1.29 41.72
C ASN B 798 -50.32 2.73 42.03
N ARG B 799 -49.08 2.87 42.51
CA ARG B 799 -48.46 4.15 42.83
C ARG B 799 -47.33 4.58 41.88
N LEU B 800 -47.01 3.75 40.87
CA LEU B 800 -45.92 4.00 39.94
C LEU B 800 -46.25 3.45 38.59
N LEU B 801 -46.36 4.34 37.61
CA LEU B 801 -46.50 3.99 36.20
C LEU B 801 -45.22 4.44 35.47
N ILE B 802 -44.51 3.49 34.87
CA ILE B 802 -43.33 3.77 34.03
C ILE B 802 -43.76 3.77 32.55
N LEU B 803 -43.26 4.73 31.79
CA LEU B 803 -43.51 4.83 30.34
C LEU B 803 -42.17 5.08 29.68
N HIS B 804 -41.94 4.48 28.53
CA HIS B 804 -40.70 4.70 27.78
C HIS B 804 -40.87 4.32 26.30
N GLY B 805 -40.25 5.13 25.42
CA GLY B 805 -40.12 4.84 24.00
C GLY B 805 -39.05 3.81 23.79
N PHE B 806 -39.37 2.69 23.13
CA PHE B 806 -38.42 1.62 22.88
C PHE B 806 -37.22 2.05 21.99
N LEU B 807 -37.49 2.87 20.97
CA LEU B 807 -36.47 3.37 20.04
C LEU B 807 -35.77 4.67 20.52
N ASP B 808 -35.79 4.97 21.82
CA ASP B 808 -35.22 6.21 22.38
C ASP B 808 -33.68 6.05 22.35
N GLU B 809 -33.05 6.88 21.52
CA GLU B 809 -31.58 6.95 21.34
C GLU B 809 -30.89 8.05 22.12
N ASN B 810 -31.66 8.79 22.94
CA ASN B 810 -31.17 9.83 23.82
C ASN B 810 -31.05 9.22 25.22
N VAL B 811 -32.21 8.94 25.82
CA VAL B 811 -32.36 8.25 27.11
C VAL B 811 -32.71 6.80 26.73
N HIS B 812 -31.72 5.92 26.77
CA HIS B 812 -31.90 4.57 26.27
C HIS B 812 -32.91 3.81 27.13
N PHE B 813 -33.72 2.96 26.48
CA PHE B 813 -34.71 2.12 27.17
C PHE B 813 -34.10 1.37 28.36
N PHE B 814 -32.80 1.05 28.25
CA PHE B 814 -31.99 0.58 29.38
C PHE B 814 -32.36 1.22 30.73
N HIS B 815 -32.52 2.54 30.75
CA HIS B 815 -32.87 3.28 31.97
C HIS B 815 -34.11 2.70 32.65
N THR B 816 -35.19 2.55 31.87
CA THR B 816 -36.42 1.85 32.33
C THR B 816 -36.12 0.39 32.66
N ASN B 817 -35.41 -0.28 31.77
CA ASN B 817 -35.05 -1.69 31.92
C ASN B 817 -34.34 -1.96 33.25
N PHE B 818 -33.33 -1.14 33.52
CA PHE B 818 -32.53 -1.24 34.71
C PHE B 818 -33.29 -0.83 35.99
N LEU B 819 -34.20 0.14 35.88
CA LEU B 819 -35.16 0.46 36.98
C LEU B 819 -36.04 -0.78 37.28
N VAL B 820 -36.58 -1.42 36.26
CA VAL B 820 -37.43 -2.62 36.40
C VAL B 820 -36.65 -3.80 37.02
N SER B 821 -35.43 -4.00 36.51
CA SER B 821 -34.52 -5.01 37.04
C SER B 821 -34.34 -4.85 38.55
N GLN B 822 -34.09 -3.60 38.99
CA GLN B 822 -33.92 -3.27 40.42
C GLN B 822 -35.20 -3.28 41.24
N LEU B 823 -36.33 -2.92 40.61
CA LEU B 823 -37.68 -3.08 41.19
C LEU B 823 -38.04 -4.55 41.53
N ILE B 824 -37.65 -5.47 40.64
CA ILE B 824 -37.78 -6.91 40.85
C ILE B 824 -36.89 -7.39 42.01
N ARG B 825 -35.63 -6.93 42.05
CA ARG B 825 -34.66 -7.29 43.12
C ARG B 825 -35.11 -6.86 44.53
N ALA B 826 -35.71 -5.68 44.65
CA ALA B 826 -36.28 -5.18 45.93
C ALA B 826 -37.68 -5.72 46.25
N GLY B 827 -38.34 -6.36 45.28
CA GLY B 827 -39.65 -6.99 45.46
C GLY B 827 -40.81 -6.03 45.36
N LYS B 828 -40.67 -5.09 44.41
CA LYS B 828 -41.49 -3.88 44.38
C LYS B 828 -42.45 -3.90 43.19
N PRO B 829 -43.73 -3.56 43.42
CA PRO B 829 -44.69 -3.49 42.33
C PRO B 829 -44.46 -2.33 41.33
N TYR B 830 -44.90 -2.52 40.09
CA TYR B 830 -44.87 -1.48 39.06
C TYR B 830 -45.88 -1.81 37.95
N GLN B 831 -46.30 -0.78 37.21
CA GLN B 831 -46.99 -0.93 35.92
C GLN B 831 -46.06 -0.33 34.85
N LEU B 832 -46.22 -0.77 33.60
CA LEU B 832 -45.31 -0.37 32.52
C LEU B 832 -46.07 -0.29 31.19
N GLN B 833 -45.67 0.71 30.38
CA GLN B 833 -46.12 0.89 29.00
C GLN B 833 -44.89 1.16 28.11
N ILE B 834 -44.81 0.47 26.98
CA ILE B 834 -43.76 0.66 25.99
C ILE B 834 -44.41 1.34 24.78
N TYR B 835 -43.59 2.11 24.04
CA TYR B 835 -43.96 2.69 22.76
C TYR B 835 -42.95 2.10 21.79
N PRO B 836 -43.35 1.01 21.07
CA PRO B 836 -42.39 0.33 20.17
C PRO B 836 -41.91 1.10 18.95
N ASN B 837 -42.67 2.08 18.49
CA ASN B 837 -42.31 2.86 17.30
C ASN B 837 -42.00 4.34 17.61
N GLU B 838 -41.44 4.59 18.80
CA GLU B 838 -41.22 5.94 19.32
C GLU B 838 -39.87 6.10 19.96
N ARG B 839 -39.21 7.24 19.69
CA ARG B 839 -37.89 7.55 20.26
C ARG B 839 -38.13 8.36 21.55
N HIS B 840 -37.40 9.45 21.78
CA HIS B 840 -37.58 10.26 23.01
C HIS B 840 -38.92 11.04 23.12
N SER B 841 -39.55 11.36 21.98
CA SER B 841 -40.89 11.94 21.93
C SER B 841 -41.84 10.95 21.28
N ILE B 842 -43.09 10.97 21.76
CA ILE B 842 -44.21 10.31 21.09
C ILE B 842 -44.70 11.23 19.94
N ARG B 843 -44.19 10.98 18.75
CA ARG B 843 -44.56 11.75 17.56
C ARG B 843 -45.87 11.29 16.89
N CYS B 844 -46.05 9.97 16.72
CA CYS B 844 -47.25 9.40 16.08
C CYS B 844 -48.53 9.73 16.88
N PRO B 845 -49.55 10.33 16.20
CA PRO B 845 -50.76 10.76 16.92
C PRO B 845 -51.51 9.64 17.65
N GLU B 846 -51.64 8.48 17.01
CA GLU B 846 -52.33 7.29 17.58
C GLU B 846 -51.65 6.78 18.88
N SER B 847 -50.31 6.77 18.89
CA SER B 847 -49.53 6.53 20.11
C SER B 847 -49.81 7.59 21.16
N GLY B 848 -49.80 8.86 20.73
CA GLY B 848 -50.09 10.01 21.58
C GLY B 848 -51.44 9.93 22.27
N GLU B 849 -52.50 9.64 21.51
CA GLU B 849 -53.86 9.44 22.06
C GLU B 849 -53.89 8.29 23.08
N HIS B 850 -53.23 7.17 22.74
CA HIS B 850 -53.16 6.03 23.65
C HIS B 850 -52.47 6.39 24.97
N TYR B 851 -51.39 7.17 24.89
CA TYR B 851 -50.65 7.67 26.05
C TYR B 851 -51.56 8.48 26.99
N GLU B 852 -52.31 9.41 26.42
CA GLU B 852 -53.22 10.27 27.18
C GLU B 852 -54.37 9.51 27.81
N VAL B 853 -54.91 8.51 27.09
CA VAL B 853 -56.00 7.66 27.60
C VAL B 853 -55.57 6.84 28.80
N THR B 854 -54.37 6.26 28.71
CA THR B 854 -53.75 5.49 29.79
C THR B 854 -53.62 6.34 31.06
N LEU B 855 -53.06 7.55 30.89
CA LEU B 855 -52.85 8.48 31.99
C LEU B 855 -54.16 8.80 32.69
N LEU B 856 -55.20 9.10 31.91
CA LEU B 856 -56.52 9.41 32.47
C LEU B 856 -57.06 8.25 33.28
N HIS B 857 -56.95 7.03 32.73
CA HIS B 857 -57.41 5.82 33.42
C HIS B 857 -56.62 5.55 34.70
N PHE B 858 -55.29 5.65 34.61
CA PHE B 858 -54.43 5.45 35.80
C PHE B 858 -54.75 6.44 36.92
N LEU B 859 -55.01 7.71 36.55
CA LEU B 859 -55.40 8.74 37.53
C LEU B 859 -56.81 8.52 38.10
N GLN B 860 -57.76 8.25 37.20
CA GLN B 860 -59.16 7.97 37.53
C GLN B 860 -59.32 6.85 38.56
N GLU B 861 -58.72 5.69 38.26
CA GLU B 861 -58.82 4.52 39.16
C GLU B 861 -58.03 4.68 40.46
N TYR B 862 -56.78 5.15 40.35
CA TYR B 862 -55.78 5.02 41.44
C TYR B 862 -55.43 6.27 42.27
N LEU B 863 -55.83 7.46 41.84
CA LEU B 863 -55.65 8.69 42.63
C LEU B 863 -56.87 8.92 43.50
N PRO C 20 68.33 -15.28 -47.18
CA PRO C 20 68.97 -15.23 -48.50
C PRO C 20 67.95 -15.01 -49.63
N ALA C 21 68.27 -15.46 -50.85
CA ALA C 21 67.25 -15.71 -51.91
C ALA C 21 66.14 -16.70 -51.47
N ALA C 22 66.47 -17.61 -50.52
CA ALA C 22 65.49 -18.52 -49.87
C ALA C 22 64.29 -17.86 -49.19
N ARG C 23 64.49 -16.75 -48.49
CA ARG C 23 63.41 -16.04 -47.82
C ARG C 23 62.56 -15.34 -48.84
N PHE C 24 61.28 -15.74 -48.93
CA PHE C 24 60.29 -15.10 -49.82
C PHE C 24 59.87 -13.83 -49.14
N GLN C 25 60.04 -12.71 -49.84
CA GLN C 25 59.57 -11.42 -49.35
C GLN C 25 58.20 -11.17 -49.99
N VAL C 26 57.21 -10.88 -49.15
CA VAL C 26 55.88 -10.48 -49.60
C VAL C 26 56.02 -9.16 -50.37
N GLN C 27 55.26 -9.02 -51.45
CA GLN C 27 55.19 -7.74 -52.20
C GLN C 27 54.53 -6.63 -51.34
N LYS C 28 55.23 -5.50 -51.20
CA LYS C 28 54.82 -4.41 -50.33
C LYS C 28 54.01 -3.40 -51.14
N HIS C 29 52.68 -3.41 -50.99
CA HIS C 29 51.75 -2.43 -51.57
C HIS C 29 51.56 -1.18 -50.70
N SER C 30 51.20 -0.06 -51.34
CA SER C 30 50.61 1.08 -50.65
C SER C 30 49.25 0.72 -50.04
N TRP C 31 48.74 1.62 -49.19
CA TRP C 31 47.48 1.41 -48.48
C TRP C 31 46.29 1.31 -49.41
N ASP C 32 46.23 2.18 -50.43
CA ASP C 32 45.19 2.09 -51.47
C ASP C 32 45.29 0.77 -52.26
N GLY C 33 46.52 0.31 -52.50
CA GLY C 33 46.77 -1.02 -53.11
C GLY C 33 46.19 -2.19 -52.33
N LEU C 34 46.47 -2.20 -51.03
CA LEU C 34 45.90 -3.19 -50.11
C LEU C 34 44.35 -3.12 -50.02
N ARG C 35 43.80 -1.89 -50.04
CA ARG C 35 42.34 -1.65 -50.08
C ARG C 35 41.66 -2.32 -51.28
N SER C 36 42.27 -2.15 -52.46
CA SER C 36 41.79 -2.79 -53.71
C SER C 36 41.92 -4.32 -53.68
N ILE C 37 43.01 -4.80 -53.08
CA ILE C 37 43.21 -6.24 -52.81
C ILE C 37 42.08 -6.80 -51.94
N ILE C 38 41.80 -6.13 -50.82
CA ILE C 38 40.75 -6.54 -49.89
C ILE C 38 39.36 -6.41 -50.53
N HIS C 39 39.13 -5.33 -51.28
CA HIS C 39 37.85 -5.12 -51.99
C HIS C 39 37.63 -6.16 -53.10
N GLY C 40 38.70 -6.52 -53.83
CA GLY C 40 38.66 -7.57 -54.86
C GLY C 40 38.32 -8.98 -54.37
N SER C 41 38.81 -9.34 -53.18
CA SER C 41 38.51 -10.63 -52.55
C SER C 41 37.03 -10.78 -52.14
N ARG C 42 36.46 -9.73 -51.55
CA ARG C 42 35.03 -9.71 -51.18
C ARG C 42 34.00 -9.53 -52.32
N LYS C 43 34.46 -9.30 -53.56
CA LYS C 43 33.58 -9.25 -54.74
C LYS C 43 33.03 -10.64 -55.12
N VAL C 49 27.98 -17.90 -49.65
CA VAL C 49 28.14 -16.60 -49.00
C VAL C 49 26.87 -16.20 -48.24
N ASN C 50 25.72 -16.31 -48.91
CA ASN C 50 24.39 -16.23 -48.28
C ASN C 50 24.08 -17.51 -47.53
N LYS C 51 23.33 -17.38 -46.42
CA LYS C 51 23.08 -18.46 -45.47
C LYS C 51 22.18 -19.57 -46.05
N ALA C 52 22.54 -20.83 -45.76
CA ALA C 52 21.86 -21.98 -46.36
C ALA C 52 20.50 -22.24 -45.71
N PRO C 53 19.61 -22.99 -46.39
CA PRO C 53 18.35 -23.45 -45.78
C PRO C 53 18.51 -24.15 -44.43
N HIS C 54 17.80 -23.64 -43.43
CA HIS C 54 17.86 -24.13 -42.05
C HIS C 54 16.49 -23.96 -41.40
N ASP C 55 16.36 -24.48 -40.18
CA ASP C 55 15.15 -24.36 -39.37
C ASP C 55 13.96 -25.00 -40.14
N PHE C 56 14.15 -26.30 -40.43
CA PHE C 56 13.23 -27.08 -41.29
C PHE C 56 11.98 -27.59 -40.61
N GLN C 57 10.90 -27.75 -41.39
CA GLN C 57 9.68 -28.42 -40.96
C GLN C 57 9.09 -29.25 -42.11
N PHE C 58 9.04 -30.57 -41.94
CA PHE C 58 8.42 -31.48 -42.89
C PHE C 58 6.92 -31.57 -42.59
N VAL C 59 6.10 -31.33 -43.62
CA VAL C 59 4.64 -31.50 -43.54
C VAL C 59 4.21 -32.36 -44.73
N GLN C 60 3.56 -33.49 -44.45
CA GLN C 60 3.01 -34.40 -45.48
C GLN C 60 1.76 -33.80 -46.16
N LYS C 61 1.61 -34.05 -47.46
CA LYS C 61 0.40 -33.70 -48.23
C LYS C 61 -0.55 -34.91 -48.13
N THR C 62 -1.75 -34.71 -47.58
CA THR C 62 -2.79 -35.75 -47.50
C THR C 62 -3.74 -35.58 -48.68
N ASP C 63 -3.22 -35.92 -49.86
CA ASP C 63 -3.95 -35.84 -51.13
C ASP C 63 -3.25 -36.73 -52.16
N GLU C 64 -3.83 -37.89 -52.41
CA GLU C 64 -3.24 -38.92 -53.28
C GLU C 64 -3.22 -38.52 -54.77
N SER C 65 -4.19 -37.71 -55.20
CA SER C 65 -4.27 -37.22 -56.59
C SER C 65 -3.21 -36.18 -57.00
N GLY C 66 -2.74 -35.36 -56.04
CA GLY C 66 -1.72 -34.33 -56.30
C GLY C 66 -0.30 -34.88 -56.55
N PRO C 67 0.59 -34.06 -57.16
CA PRO C 67 1.93 -34.52 -57.57
C PRO C 67 3.05 -34.51 -56.51
N HIS C 68 2.78 -33.92 -55.33
CA HIS C 68 3.76 -33.71 -54.25
C HIS C 68 3.45 -34.56 -53.00
N SER C 69 4.49 -35.18 -52.44
CA SER C 69 4.39 -36.00 -51.22
C SER C 69 4.47 -35.18 -49.93
N HIS C 70 5.32 -34.14 -49.94
CA HIS C 70 5.51 -33.22 -48.82
C HIS C 70 5.65 -31.78 -49.30
N ARG C 71 5.46 -30.86 -48.36
CA ARG C 71 5.94 -29.49 -48.45
C ARG C 71 6.97 -29.33 -47.32
N LEU C 72 8.17 -28.91 -47.71
CA LEU C 72 9.28 -28.66 -46.80
C LEU C 72 9.35 -27.15 -46.56
N TYR C 73 9.10 -26.74 -45.32
CA TYR C 73 9.16 -25.34 -44.89
C TYR C 73 10.50 -25.10 -44.23
N TYR C 74 11.05 -23.89 -44.43
CA TYR C 74 12.37 -23.53 -43.91
C TYR C 74 12.66 -22.03 -43.96
N LEU C 75 13.65 -21.62 -43.18
CA LEU C 75 14.26 -20.28 -43.27
C LEU C 75 15.33 -20.32 -44.34
N GLY C 76 15.40 -19.26 -45.13
CA GLY C 76 16.46 -19.10 -46.12
C GLY C 76 16.59 -17.71 -46.71
N MET C 77 17.75 -17.49 -47.33
CA MET C 77 18.13 -16.23 -47.95
C MET C 77 18.54 -16.52 -49.41
N PRO C 78 17.65 -16.22 -50.39
CA PRO C 78 18.00 -16.39 -51.82
C PRO C 78 19.13 -15.46 -52.29
N ARG C 82 18.86 -11.67 -50.68
CA ARG C 82 18.54 -10.30 -50.26
C ARG C 82 18.40 -10.17 -48.73
N GLU C 83 17.68 -11.11 -48.11
CA GLU C 83 17.29 -11.11 -46.67
C GLU C 83 16.75 -12.48 -46.24
N ASN C 84 16.89 -12.77 -44.95
CA ASN C 84 16.42 -14.08 -44.42
C ASN C 84 14.91 -14.05 -44.30
N SER C 85 14.26 -15.14 -44.68
CA SER C 85 12.80 -15.19 -44.76
C SER C 85 12.26 -16.62 -44.74
N LEU C 86 10.95 -16.71 -44.44
CA LEU C 86 10.24 -18.00 -44.43
C LEU C 86 9.95 -18.40 -45.87
N LEU C 87 10.39 -19.60 -46.24
CA LEU C 87 10.31 -20.14 -47.59
C LEU C 87 9.74 -21.55 -47.57
N TYR C 88 9.42 -22.06 -48.77
CA TYR C 88 9.05 -23.46 -48.95
C TYR C 88 9.52 -24.04 -50.30
N SER C 89 9.72 -25.36 -50.31
CA SER C 89 9.89 -26.15 -51.54
C SER C 89 8.85 -27.28 -51.54
N GLU C 90 8.50 -27.75 -52.75
CA GLU C 90 7.54 -28.83 -52.96
C GLU C 90 8.35 -30.08 -53.25
N ILE C 91 8.17 -31.11 -52.41
CA ILE C 91 8.85 -32.40 -52.63
C ILE C 91 7.93 -33.27 -53.52
N PRO C 92 8.38 -33.64 -54.75
CA PRO C 92 7.53 -34.43 -55.66
C PRO C 92 7.42 -35.92 -55.32
N LYS C 93 6.36 -36.54 -55.81
CA LYS C 93 6.07 -37.97 -55.60
C LYS C 93 6.96 -38.91 -56.46
N LYS C 94 7.26 -38.49 -57.70
CA LYS C 94 8.22 -39.18 -58.57
C LYS C 94 9.14 -38.16 -59.25
N VAL C 95 10.41 -38.55 -59.39
CA VAL C 95 11.47 -37.72 -59.99
C VAL C 95 12.02 -38.50 -61.19
N ARG C 96 12.43 -37.79 -62.24
CA ARG C 96 13.20 -38.38 -63.37
C ARG C 96 14.60 -38.89 -62.90
N LYS C 97 14.94 -40.14 -63.24
CA LYS C 97 16.14 -40.81 -62.68
C LYS C 97 17.48 -40.35 -63.26
N GLU C 98 17.45 -39.87 -64.51
CA GLU C 98 18.65 -39.32 -65.18
C GLU C 98 18.89 -37.87 -64.76
N ALA C 99 17.89 -37.01 -64.98
CA ALA C 99 18.01 -35.58 -64.70
C ALA C 99 17.99 -35.26 -63.19
N LEU C 100 18.92 -34.42 -62.77
CA LEU C 100 19.06 -33.96 -61.39
C LEU C 100 18.04 -32.86 -61.10
N LEU C 101 17.04 -33.19 -60.29
CA LEU C 101 16.00 -32.24 -59.87
C LEU C 101 16.55 -31.33 -58.77
N LEU C 102 16.48 -30.02 -59.04
CA LEU C 102 16.73 -28.97 -58.07
C LEU C 102 15.36 -28.34 -57.76
N LEU C 103 15.09 -28.17 -56.46
CA LEU C 103 13.79 -27.68 -56.00
C LEU C 103 13.74 -26.14 -56.06
N SER C 104 12.58 -25.62 -56.46
CA SER C 104 12.33 -24.17 -56.46
C SER C 104 12.15 -23.65 -55.03
N TRP C 105 12.67 -22.44 -54.79
CA TRP C 105 12.54 -21.76 -53.51
C TRP C 105 11.38 -20.80 -53.60
N LYS C 106 10.20 -21.29 -53.20
CA LYS C 106 8.97 -20.48 -53.24
C LYS C 106 8.91 -19.58 -51.99
N GLN C 107 8.60 -18.30 -52.17
CA GLN C 107 8.33 -17.38 -51.05
C GLN C 107 6.98 -17.72 -50.39
N MET C 108 6.92 -17.58 -49.05
CA MET C 108 5.67 -17.61 -48.27
C MET C 108 5.00 -16.22 -48.19
N LEU C 109 5.84 -15.20 -47.92
CA LEU C 109 5.39 -13.84 -47.63
C LEU C 109 5.45 -13.03 -48.94
N ASP C 110 4.38 -12.29 -49.22
CA ASP C 110 4.22 -11.52 -50.46
C ASP C 110 4.78 -10.09 -50.29
N HIS C 111 6.01 -9.88 -50.79
CA HIS C 111 6.72 -8.58 -50.80
C HIS C 111 6.77 -7.89 -49.41
N PHE C 112 7.27 -8.65 -48.44
CA PHE C 112 7.29 -8.29 -47.02
C PHE C 112 8.72 -8.09 -46.52
N GLN C 113 8.98 -6.89 -45.99
CA GLN C 113 10.25 -6.54 -45.31
C GLN C 113 10.14 -6.92 -43.81
N ALA C 114 10.81 -8.01 -43.45
CA ALA C 114 10.92 -8.44 -42.06
C ALA C 114 11.93 -7.62 -41.24
N THR C 115 13.00 -7.12 -41.88
CA THR C 115 14.01 -6.26 -41.21
C THR C 115 13.43 -4.87 -40.99
N PRO C 116 13.62 -4.24 -39.79
CA PRO C 116 13.18 -2.85 -39.59
C PRO C 116 14.02 -1.83 -40.36
N HIS C 117 13.51 -0.60 -40.42
CA HIS C 117 13.83 0.36 -41.48
C HIS C 117 15.30 0.52 -41.95
N HIS C 118 16.16 1.01 -41.07
CA HIS C 118 17.60 1.21 -41.38
C HIS C 118 18.45 -0.02 -41.00
N GLY C 119 17.88 -1.23 -40.92
CA GLY C 119 18.53 -2.39 -40.27
C GLY C 119 18.83 -2.28 -38.78
N VAL C 120 18.13 -1.38 -38.09
CA VAL C 120 18.38 -1.00 -36.71
C VAL C 120 17.27 -1.61 -35.89
N TYR C 121 17.62 -2.68 -35.20
CA TYR C 121 16.71 -3.37 -34.28
C TYR C 121 16.56 -2.59 -32.95
N SER C 122 15.56 -2.99 -32.15
CA SER C 122 15.45 -2.59 -30.76
C SER C 122 16.60 -3.20 -29.95
N ARG C 123 16.84 -2.61 -28.78
CA ARG C 123 17.96 -2.98 -27.91
C ARG C 123 17.88 -4.47 -27.47
N GLU C 124 16.70 -4.90 -27.02
CA GLU C 124 16.46 -6.29 -26.57
C GLU C 124 16.71 -7.29 -27.75
N GLU C 125 16.12 -6.99 -28.90
CA GLU C 125 16.21 -7.83 -30.12
C GLU C 125 17.61 -7.84 -30.77
N GLU C 126 18.32 -6.73 -30.73
CA GLU C 126 19.74 -6.66 -31.21
C GLU C 126 20.65 -7.49 -30.32
N LEU C 127 20.44 -7.42 -29.00
CA LEU C 127 21.24 -8.20 -28.03
C LEU C 127 20.95 -9.70 -28.07
N LEU C 128 19.71 -10.09 -28.36
CA LEU C 128 19.38 -11.50 -28.67
C LEU C 128 20.18 -12.02 -29.89
N ARG C 129 20.34 -11.19 -30.92
CA ARG C 129 21.15 -11.54 -32.11
C ARG C 129 22.68 -11.67 -31.85
N GLU C 130 23.18 -10.94 -30.86
CA GLU C 130 24.57 -11.08 -30.35
C GLU C 130 24.77 -12.40 -29.56
N ARG C 131 23.82 -12.71 -28.66
CA ARG C 131 23.83 -13.96 -27.87
C ARG C 131 23.65 -15.22 -28.74
N LYS C 132 22.86 -15.11 -29.81
CA LYS C 132 22.68 -16.18 -30.83
C LYS C 132 23.69 -16.19 -32.02
N ARG C 133 24.66 -15.26 -32.02
CA ARG C 133 25.68 -15.10 -33.11
C ARG C 133 25.06 -14.90 -34.53
N LEU C 134 23.88 -14.27 -34.58
CA LEU C 134 23.07 -14.19 -35.81
C LEU C 134 23.58 -13.04 -36.65
N GLY C 135 24.31 -13.40 -37.71
CA GLY C 135 24.80 -12.42 -38.71
C GLY C 135 23.79 -11.87 -39.70
N VAL C 136 22.71 -12.62 -39.93
CA VAL C 136 21.82 -12.40 -41.08
C VAL C 136 20.65 -11.51 -40.70
N PHE C 137 20.22 -10.63 -41.60
CA PHE C 137 19.05 -9.77 -41.43
C PHE C 137 17.76 -10.49 -41.84
N GLY C 138 16.66 -10.13 -41.17
CA GLY C 138 15.34 -10.70 -41.39
C GLY C 138 14.89 -11.68 -40.31
N ILE C 139 14.06 -12.63 -40.68
CA ILE C 139 13.45 -13.60 -39.74
C ILE C 139 14.53 -14.65 -39.39
N THR C 140 14.99 -14.66 -38.14
CA THR C 140 16.00 -15.63 -37.64
C THR C 140 15.45 -16.76 -36.76
N SER C 141 14.33 -16.51 -36.09
CA SER C 141 13.52 -17.57 -35.47
C SER C 141 12.10 -17.57 -35.99
N TYR C 142 11.45 -18.73 -35.95
CA TYR C 142 9.99 -18.81 -36.00
C TYR C 142 9.45 -19.99 -35.18
N ASP C 143 8.19 -19.89 -34.77
CA ASP C 143 7.44 -20.99 -34.12
C ASP C 143 6.38 -21.51 -35.10
N PHE C 144 6.13 -22.82 -35.06
CA PHE C 144 5.19 -23.51 -35.98
C PHE C 144 4.33 -24.51 -35.21
N HIS C 145 3.05 -24.56 -35.54
CA HIS C 145 2.08 -25.48 -34.97
C HIS C 145 1.46 -26.30 -36.11
N SER C 146 1.60 -27.63 -36.01
CA SER C 146 1.41 -28.52 -37.15
C SER C 146 -0.05 -28.74 -37.59
N GLU C 147 -0.95 -29.00 -36.63
CA GLU C 147 -2.37 -29.30 -36.90
C GLU C 147 -3.13 -28.13 -37.53
N SER C 148 -2.97 -26.96 -36.92
CA SER C 148 -3.51 -25.67 -37.41
C SER C 148 -2.74 -25.02 -38.57
N GLY C 149 -1.44 -25.30 -38.68
CA GLY C 149 -0.58 -24.70 -39.72
C GLY C 149 -0.18 -23.24 -39.49
N LEU C 150 -0.07 -22.85 -38.22
CA LEU C 150 0.13 -21.46 -37.80
C LEU C 150 1.63 -21.20 -37.64
N PHE C 151 2.12 -20.16 -38.29
CA PHE C 151 3.50 -19.68 -38.19
C PHE C 151 3.50 -18.40 -37.36
N LEU C 152 4.42 -18.27 -36.40
CA LEU C 152 4.51 -17.11 -35.48
C LEU C 152 5.96 -16.70 -35.33
N PHE C 153 6.21 -15.40 -35.52
CA PHE C 153 7.59 -14.88 -35.62
C PHE C 153 7.71 -13.36 -35.43
N GLN C 154 8.88 -12.92 -34.95
CA GLN C 154 9.21 -11.50 -34.88
C GLN C 154 9.56 -10.94 -36.27
N ALA C 155 9.23 -9.66 -36.47
CA ALA C 155 9.54 -8.90 -37.70
C ALA C 155 9.16 -7.43 -37.51
N SER C 156 9.94 -6.54 -38.11
CA SER C 156 9.76 -5.07 -38.04
C SER C 156 9.64 -4.51 -36.61
N ASN C 157 10.41 -5.11 -35.69
CA ASN C 157 10.31 -4.87 -34.24
C ASN C 157 8.84 -5.00 -33.74
N SER C 158 8.16 -6.03 -34.25
CA SER C 158 6.75 -6.34 -33.98
C SER C 158 6.53 -7.84 -34.12
N LEU C 159 5.27 -8.29 -34.01
CA LEU C 159 4.89 -9.72 -34.19
C LEU C 159 3.96 -9.92 -35.41
N PHE C 160 4.14 -11.06 -36.06
CA PHE C 160 3.49 -11.40 -37.32
C PHE C 160 3.12 -12.89 -37.38
N HIS C 161 2.14 -13.21 -38.23
CA HIS C 161 1.66 -14.57 -38.42
C HIS C 161 1.09 -14.82 -39.82
N CYS C 162 1.15 -16.08 -40.23
CA CYS C 162 0.54 -16.57 -41.47
C CYS C 162 0.12 -18.04 -41.32
N ARG C 163 -0.82 -18.46 -42.17
CA ARG C 163 -1.46 -19.78 -42.08
C ARG C 163 -1.31 -20.51 -43.42
N ASP C 164 -0.75 -21.73 -43.37
CA ASP C 164 -0.55 -22.59 -44.53
C ASP C 164 -0.42 -24.04 -44.06
N GLY C 165 -0.93 -24.96 -44.88
CA GLY C 165 -1.04 -26.38 -44.52
C GLY C 165 -2.13 -26.68 -43.50
N GLY C 166 -2.35 -27.98 -43.27
CA GLY C 166 -3.32 -28.45 -42.26
C GLY C 166 -4.77 -28.08 -42.58
N LYS C 167 -5.46 -27.49 -41.60
CA LYS C 167 -6.83 -26.98 -41.77
C LYS C 167 -6.97 -25.83 -42.78
N ASN C 168 -5.95 -24.97 -42.85
CA ASN C 168 -5.90 -23.85 -43.80
C ASN C 168 -5.78 -24.26 -45.27
N GLY C 169 -5.09 -25.39 -45.55
CA GLY C 169 -4.79 -25.85 -46.93
C GLY C 169 -3.51 -25.25 -47.51
N PHE C 170 -3.01 -25.83 -48.61
CA PHE C 170 -1.71 -25.45 -49.23
C PHE C 170 -1.86 -24.41 -50.35
N MET C 171 -1.26 -23.24 -50.16
CA MET C 171 -1.30 -22.12 -51.13
C MET C 171 -0.26 -22.27 -52.23
N VAL C 172 -0.57 -21.72 -53.42
CA VAL C 172 0.32 -21.73 -54.59
C VAL C 172 1.16 -20.45 -54.61
N SER C 173 0.48 -19.29 -54.60
CA SER C 173 1.13 -17.97 -54.53
C SER C 173 1.27 -17.47 -53.07
N PRO C 174 2.23 -16.54 -52.80
CA PRO C 174 2.42 -16.03 -51.42
C PRO C 174 1.27 -15.15 -50.88
N MET C 175 1.20 -15.07 -49.55
CA MET C 175 0.22 -14.25 -48.80
C MET C 175 0.95 -13.23 -47.92
N LYS C 176 0.37 -12.05 -47.73
CA LYS C 176 0.90 -11.03 -46.79
C LYS C 176 0.72 -11.51 -45.33
N PRO C 177 1.78 -11.43 -44.48
CA PRO C 177 1.66 -11.85 -43.09
C PRO C 177 0.87 -10.85 -42.24
N LEU C 178 -0.12 -11.32 -41.50
CA LEU C 178 -1.01 -10.45 -40.72
C LEU C 178 -0.27 -9.97 -39.48
N GLU C 179 -0.18 -8.65 -39.29
CA GLU C 179 0.37 -8.06 -38.06
C GLU C 179 -0.61 -8.28 -36.89
N ILE C 180 -0.06 -8.55 -35.69
CA ILE C 180 -0.85 -8.70 -34.44
C ILE C 180 -0.74 -7.39 -33.68
N LYS C 181 -1.90 -6.79 -33.43
CA LYS C 181 -2.00 -5.52 -32.71
C LYS C 181 -1.75 -5.75 -31.22
N THR C 182 -1.27 -4.70 -30.54
CA THR C 182 -0.93 -4.77 -29.11
C THR C 182 -1.14 -3.44 -28.37
N GLN C 183 -1.61 -3.53 -27.11
CA GLN C 183 -1.64 -2.40 -26.18
C GLN C 183 -0.31 -2.19 -25.44
N CYS C 184 0.61 -3.15 -25.54
CA CYS C 184 1.93 -3.04 -24.90
C CYS C 184 2.82 -2.05 -25.62
N SER C 185 3.63 -1.33 -24.84
CA SER C 185 4.75 -0.53 -25.34
C SER C 185 6.06 -1.28 -25.09
N GLY C 186 7.03 -1.04 -25.97
CA GLY C 186 8.27 -1.81 -26.02
C GLY C 186 8.14 -3.07 -26.87
N PRO C 187 9.26 -3.80 -27.07
CA PRO C 187 9.21 -5.03 -27.87
C PRO C 187 8.50 -6.21 -27.20
N ARG C 188 7.88 -7.06 -28.05
CA ARG C 188 7.38 -8.37 -27.67
C ARG C 188 8.39 -9.44 -28.07
N MET C 189 9.14 -9.89 -27.05
CA MET C 189 10.23 -10.85 -27.21
C MET C 189 9.72 -12.28 -27.03
N ASP C 190 10.36 -13.21 -27.73
CA ASP C 190 10.24 -14.66 -27.44
C ASP C 190 8.81 -15.23 -27.64
N PRO C 191 8.22 -15.01 -28.84
CA PRO C 191 6.88 -15.53 -29.09
C PRO C 191 6.86 -17.05 -29.22
N LYS C 192 5.86 -17.68 -28.58
CA LYS C 192 5.55 -19.09 -28.76
C LYS C 192 4.05 -19.31 -28.84
N ILE C 193 3.61 -20.12 -29.79
CA ILE C 193 2.22 -20.58 -29.89
C ILE C 193 2.00 -21.60 -28.77
N CYS C 194 0.81 -21.57 -28.16
CA CYS C 194 0.39 -22.53 -27.14
C CYS C 194 0.15 -23.90 -27.83
N PRO C 195 0.86 -24.98 -27.40
CA PRO C 195 0.67 -26.29 -28.07
C PRO C 195 -0.73 -26.88 -27.93
N ALA C 196 -1.28 -26.80 -26.71
CA ALA C 196 -2.66 -27.28 -26.40
C ALA C 196 -3.80 -26.58 -27.16
N ASP C 197 -3.60 -25.31 -27.55
CA ASP C 197 -4.63 -24.50 -28.19
C ASP C 197 -3.99 -23.41 -29.08
N PRO C 198 -3.94 -23.62 -30.43
CA PRO C 198 -3.31 -22.61 -31.33
C PRO C 198 -3.98 -21.23 -31.43
N ALA C 199 -5.21 -21.10 -30.92
CA ALA C 199 -5.80 -19.77 -30.62
C ALA C 199 -4.94 -18.91 -29.68
N PHE C 200 -4.16 -19.54 -28.80
CA PHE C 200 -3.31 -18.85 -27.85
C PHE C 200 -1.83 -18.77 -28.22
N PHE C 201 -1.19 -17.73 -27.69
CA PHE C 201 0.26 -17.52 -27.79
C PHE C 201 0.74 -16.63 -26.65
N SER C 202 2.05 -16.65 -26.46
CA SER C 202 2.72 -15.98 -25.34
C SER C 202 3.89 -15.15 -25.82
N PHE C 203 4.37 -14.26 -24.95
CA PHE C 203 5.50 -13.34 -25.21
C PHE C 203 5.97 -12.67 -23.95
N ILE C 204 7.17 -12.09 -24.06
CA ILE C 204 7.76 -11.32 -22.97
C ILE C 204 7.64 -9.87 -23.39
N ASN C 205 7.14 -9.04 -22.47
CA ASN C 205 7.10 -7.60 -22.61
C ASN C 205 7.55 -7.01 -21.25
N ASN C 206 8.60 -6.19 -21.26
CA ASN C 206 9.13 -5.54 -20.08
C ASN C 206 9.41 -6.53 -18.93
N SER C 207 10.17 -7.58 -19.25
CA SER C 207 10.55 -8.65 -18.31
C SER C 207 9.42 -9.33 -17.50
N ASP C 208 8.25 -9.48 -18.14
CA ASP C 208 7.15 -10.26 -17.58
C ASP C 208 6.48 -11.12 -18.66
N LEU C 209 5.78 -12.16 -18.19
CA LEU C 209 5.05 -13.03 -19.07
C LEU C 209 3.69 -12.43 -19.41
N TRP C 210 3.39 -12.36 -20.70
CA TRP C 210 2.06 -12.03 -21.22
C TRP C 210 1.52 -13.18 -22.06
N VAL C 211 0.21 -13.20 -22.21
CA VAL C 211 -0.49 -14.16 -23.08
C VAL C 211 -1.56 -13.43 -23.84
N ALA C 212 -1.90 -13.98 -25.01
CA ALA C 212 -2.88 -13.37 -25.89
C ALA C 212 -3.54 -14.38 -26.76
N ASN C 213 -4.68 -13.97 -27.32
CA ASN C 213 -5.50 -14.79 -28.19
C ASN C 213 -5.37 -14.24 -29.62
N ILE C 214 -4.75 -15.02 -30.50
CA ILE C 214 -4.52 -14.63 -31.91
C ILE C 214 -5.82 -14.38 -32.70
N GLU C 215 -6.89 -15.10 -32.37
CA GLU C 215 -8.18 -14.99 -33.07
C GLU C 215 -8.99 -13.75 -32.64
N THR C 216 -9.09 -13.53 -31.34
CA THR C 216 -9.91 -12.44 -30.73
C THR C 216 -9.17 -11.14 -30.40
N GLY C 217 -7.84 -11.16 -30.36
CA GLY C 217 -7.03 -9.97 -30.04
C GLY C 217 -6.91 -9.56 -28.57
N GLU C 218 -7.47 -10.38 -27.67
CA GLU C 218 -7.37 -10.13 -26.23
C GLU C 218 -5.96 -10.47 -25.75
N GLU C 219 -5.39 -9.58 -24.92
CA GLU C 219 -4.09 -9.76 -24.26
C GLU C 219 -4.28 -9.77 -22.74
N ARG C 220 -3.47 -10.56 -22.02
CA ARG C 220 -3.48 -10.62 -20.55
C ARG C 220 -2.06 -10.84 -19.99
N ARG C 221 -1.67 -9.99 -19.04
CA ARG C 221 -0.40 -10.09 -18.33
C ARG C 221 -0.51 -11.14 -17.24
N LEU C 222 0.49 -12.04 -17.14
CA LEU C 222 0.52 -13.10 -16.11
C LEU C 222 1.48 -12.92 -14.95
N THR C 223 2.58 -12.16 -15.13
CA THR C 223 3.55 -11.87 -14.05
C THR C 223 3.68 -10.38 -13.82
N PHE C 224 4.07 -10.01 -12.59
CA PHE C 224 4.13 -8.59 -12.15
C PHE C 224 5.44 -8.32 -11.36
N CYS C 225 6.56 -8.86 -11.85
CA CYS C 225 7.92 -8.58 -11.31
C CYS C 225 8.46 -7.21 -11.64
N HIS C 226 8.03 -6.63 -12.79
CA HIS C 226 8.52 -5.33 -13.32
C HIS C 226 7.46 -4.27 -13.00
N GLN C 227 7.98 -3.15 -12.52
CA GLN C 227 7.14 -2.13 -11.83
C GLN C 227 6.72 -0.95 -12.72
N GLY C 228 7.17 -0.94 -13.98
CA GLY C 228 7.16 0.24 -14.83
C GLY C 228 8.40 1.11 -14.76
N LEU C 229 9.32 0.83 -13.82
CA LEU C 229 10.56 1.62 -13.66
C LEU C 229 11.55 1.21 -14.74
N SER C 230 11.38 1.85 -15.90
CA SER C 230 12.21 1.63 -17.10
C SER C 230 13.72 1.90 -16.89
N ASN C 231 14.05 2.75 -15.90
CA ASN C 231 15.40 2.80 -15.33
C ASN C 231 15.53 1.57 -14.46
N VAL C 232 16.27 0.57 -14.96
CA VAL C 232 16.34 -0.74 -14.36
C VAL C 232 17.65 -0.90 -13.58
N LEU C 233 17.86 -0.01 -12.61
CA LEU C 233 18.69 -0.31 -11.44
C LEU C 233 17.79 -0.52 -10.23
N ASP C 234 16.74 0.31 -10.06
CA ASP C 234 15.76 0.14 -8.98
C ASP C 234 14.77 -1.05 -9.15
N ASP C 235 14.81 -1.78 -10.28
CA ASP C 235 13.72 -2.71 -10.69
C ASP C 235 14.32 -4.10 -11.05
N PRO C 236 14.84 -4.84 -10.05
CA PRO C 236 15.70 -5.97 -10.30
C PRO C 236 15.07 -7.35 -10.59
N LYS C 237 13.76 -7.46 -10.39
CA LYS C 237 13.06 -8.68 -10.58
C LYS C 237 12.56 -8.80 -12.03
N SER C 238 12.59 -10.03 -12.54
CA SER C 238 12.24 -10.35 -13.91
C SER C 238 11.52 -11.70 -13.90
N ALA C 239 10.65 -11.90 -14.89
CA ALA C 239 9.88 -13.17 -15.02
C ALA C 239 9.83 -13.62 -16.44
N GLY C 240 10.16 -14.90 -16.65
CA GLY C 240 10.18 -15.52 -17.98
C GLY C 240 11.40 -15.22 -18.84
N VAL C 241 12.48 -14.79 -18.21
CA VAL C 241 13.64 -14.21 -18.88
C VAL C 241 14.86 -15.07 -18.59
N ALA C 242 15.63 -15.36 -19.64
CA ALA C 242 17.00 -15.88 -19.47
C ALA C 242 17.90 -14.68 -19.25
N THR C 243 18.62 -14.67 -18.12
CA THR C 243 19.61 -13.62 -17.82
C THR C 243 20.87 -13.79 -18.67
N PHE C 244 21.74 -12.77 -18.64
CA PHE C 244 22.97 -12.67 -19.46
C PHE C 244 23.77 -13.97 -19.50
N VAL C 245 24.27 -14.39 -18.34
CA VAL C 245 25.14 -15.58 -18.20
C VAL C 245 24.44 -16.86 -18.68
N ILE C 246 23.12 -16.94 -18.51
CA ILE C 246 22.31 -18.04 -19.04
C ILE C 246 22.25 -18.01 -20.57
N GLN C 247 21.98 -16.85 -21.16
CA GLN C 247 22.01 -16.67 -22.62
C GLN C 247 23.41 -16.98 -23.22
N GLU C 248 24.41 -16.26 -22.73
CA GLU C 248 25.78 -16.21 -23.30
C GLU C 248 26.58 -17.51 -23.05
N GLU C 249 26.49 -18.06 -21.83
CA GLU C 249 27.34 -19.18 -21.38
C GLU C 249 26.65 -20.56 -21.22
N PHE C 250 25.31 -20.60 -21.16
CA PHE C 250 24.51 -21.85 -21.10
C PHE C 250 23.58 -22.09 -22.29
N ASP C 251 23.61 -21.24 -23.33
CA ASP C 251 22.91 -21.48 -24.58
C ASP C 251 21.36 -21.64 -24.46
N ARG C 252 20.77 -21.08 -23.40
CA ARG C 252 19.33 -21.03 -23.19
C ARG C 252 18.88 -19.58 -23.38
N PHE C 253 17.92 -19.38 -24.27
CA PHE C 253 17.43 -18.06 -24.66
C PHE C 253 15.93 -17.90 -24.31
N THR C 254 15.50 -18.53 -23.22
CA THR C 254 14.09 -18.49 -22.81
C THR C 254 13.98 -18.92 -21.36
N GLY C 255 13.08 -18.27 -20.65
CA GLY C 255 12.81 -18.52 -19.24
C GLY C 255 11.39 -18.95 -18.94
N TYR C 256 10.66 -19.40 -19.96
CA TYR C 256 9.30 -19.90 -19.81
C TYR C 256 9.05 -21.05 -20.78
N TRP C 257 8.23 -22.01 -20.36
CA TRP C 257 7.94 -23.24 -21.12
C TRP C 257 6.45 -23.57 -21.03
N TRP C 258 5.77 -23.61 -22.19
CA TRP C 258 4.36 -23.99 -22.24
C TRP C 258 4.18 -25.43 -21.77
N CYS C 259 3.16 -25.66 -20.96
CA CYS C 259 2.63 -26.98 -20.75
C CYS C 259 1.96 -27.45 -22.08
N PRO C 260 2.26 -28.67 -22.55
CA PRO C 260 1.73 -29.12 -23.86
C PRO C 260 0.27 -29.61 -23.92
N THR C 261 -0.41 -29.68 -22.77
CA THR C 261 -1.80 -30.12 -22.67
C THR C 261 -2.59 -29.26 -21.69
N ALA C 262 -3.91 -29.35 -21.83
CA ALA C 262 -4.88 -28.57 -21.07
C ALA C 262 -5.64 -29.45 -20.08
N SER C 263 -5.92 -28.92 -18.89
CA SER C 263 -6.86 -29.57 -17.92
C SER C 263 -8.23 -28.93 -18.01
N TRP C 264 -9.24 -29.65 -17.50
CA TRP C 264 -10.66 -29.27 -17.58
C TRP C 264 -11.31 -29.53 -16.22
N LEU C 270 -14.97 -24.55 -18.25
CA LEU C 270 -13.63 -23.97 -18.36
C LEU C 270 -12.54 -24.99 -18.73
N LYS C 271 -11.49 -24.51 -19.40
CA LYS C 271 -10.23 -25.22 -19.61
C LYS C 271 -9.06 -24.37 -19.09
N THR C 272 -8.11 -24.98 -18.36
CA THR C 272 -6.86 -24.33 -17.93
C THR C 272 -5.65 -24.62 -18.88
N LEU C 273 -4.80 -23.62 -19.05
CA LEU C 273 -3.52 -23.73 -19.75
C LEU C 273 -2.44 -23.27 -18.76
N ARG C 274 -1.26 -23.90 -18.85
CA ARG C 274 -0.15 -23.69 -17.91
C ARG C 274 1.15 -23.23 -18.61
N ILE C 275 1.96 -22.46 -17.88
CA ILE C 275 3.32 -22.08 -18.28
C ILE C 275 4.25 -22.19 -17.04
N LEU C 276 5.20 -23.12 -17.10
CA LEU C 276 6.35 -23.14 -16.18
C LEU C 276 7.24 -21.96 -16.53
N TYR C 277 7.80 -21.29 -15.52
CA TYR C 277 8.65 -20.10 -15.73
C TYR C 277 9.67 -19.79 -14.64
N GLU C 278 10.82 -19.23 -15.04
CA GLU C 278 11.90 -18.88 -14.11
C GLU C 278 11.64 -17.47 -13.64
N GLU C 279 11.51 -17.28 -12.33
CA GLU C 279 11.45 -15.92 -11.71
C GLU C 279 12.86 -15.62 -11.28
N VAL C 280 13.23 -14.36 -11.43
CA VAL C 280 14.62 -13.91 -11.36
C VAL C 280 14.70 -12.63 -10.52
N ASP C 281 15.65 -12.57 -9.58
CA ASP C 281 15.99 -11.36 -8.80
C ASP C 281 17.50 -11.05 -8.95
N GLU C 282 17.80 -9.96 -9.69
CA GLU C 282 19.19 -9.50 -9.96
C GLU C 282 19.67 -8.36 -9.03
N SER C 283 19.12 -8.27 -7.82
CA SER C 283 19.45 -7.21 -6.84
C SER C 283 20.91 -7.25 -6.44
N GLU C 284 21.35 -8.46 -6.04
CA GLU C 284 22.71 -8.74 -5.58
C GLU C 284 23.78 -8.97 -6.69
N VAL C 285 23.42 -8.72 -7.94
CA VAL C 285 24.30 -8.83 -9.09
C VAL C 285 24.87 -7.45 -9.40
N GLU C 286 26.18 -7.42 -9.57
CA GLU C 286 26.92 -6.19 -9.90
C GLU C 286 26.47 -5.56 -11.21
N VAL C 287 26.50 -4.24 -11.22
CA VAL C 287 26.11 -3.44 -12.38
C VAL C 287 27.38 -2.94 -13.03
N ILE C 288 27.41 -2.97 -14.34
CA ILE C 288 28.47 -2.38 -15.12
C ILE C 288 27.80 -1.61 -16.25
N HIS C 289 28.49 -0.56 -16.69
CA HIS C 289 27.98 0.36 -17.73
C HIS C 289 28.76 0.11 -19.03
N VAL C 290 28.04 -0.08 -20.14
CA VAL C 290 28.64 -0.36 -21.49
C VAL C 290 28.19 0.76 -22.43
N PRO C 291 29.07 1.22 -23.37
CA PRO C 291 28.63 2.32 -24.27
C PRO C 291 27.51 1.93 -25.22
N SER C 292 26.55 2.85 -25.35
CA SER C 292 25.39 2.67 -26.22
C SER C 292 25.84 2.76 -27.69
N PRO C 293 25.17 2.02 -28.62
CA PRO C 293 25.32 2.22 -30.07
C PRO C 293 25.18 3.67 -30.58
N ALA C 294 24.32 4.46 -29.94
CA ALA C 294 24.14 5.89 -30.27
C ALA C 294 25.29 6.71 -29.64
N LEU C 295 26.43 6.74 -30.35
CA LEU C 295 27.66 7.38 -29.88
C LEU C 295 27.51 8.90 -29.66
N GLU C 296 26.73 9.54 -30.53
CA GLU C 296 26.34 10.97 -30.41
C GLU C 296 25.69 11.32 -29.03
N GLU C 297 24.81 10.46 -28.53
CA GLU C 297 24.21 10.61 -27.17
C GLU C 297 25.25 10.61 -26.02
N ARG C 298 26.36 9.90 -26.18
CA ARG C 298 27.41 9.73 -25.12
C ARG C 298 26.86 9.16 -23.79
N LYS C 299 25.87 8.27 -23.91
CA LYS C 299 25.29 7.56 -22.79
C LYS C 299 25.73 6.08 -22.86
N THR C 300 25.37 5.36 -21.80
CA THR C 300 25.69 3.95 -21.61
C THR C 300 24.40 3.19 -21.37
N ASP C 301 24.52 1.87 -21.36
CA ASP C 301 23.50 0.99 -20.84
C ASP C 301 23.95 0.27 -19.59
N SER C 302 23.07 0.19 -18.60
CA SER C 302 23.28 -0.62 -17.39
C SER C 302 23.04 -2.10 -17.71
N TYR C 303 23.79 -2.95 -17.03
CA TYR C 303 23.85 -4.37 -17.29
C TYR C 303 24.14 -5.05 -15.99
N ARG C 304 23.31 -6.03 -15.65
CA ARG C 304 23.64 -6.96 -14.58
C ARG C 304 24.69 -7.93 -15.18
N TYR C 305 25.92 -7.84 -14.70
CA TYR C 305 27.04 -8.70 -15.14
C TYR C 305 27.68 -9.38 -13.92
N PRO C 306 27.30 -10.67 -13.65
CA PRO C 306 27.94 -11.39 -12.55
C PRO C 306 29.33 -11.81 -12.97
N ARG C 307 30.33 -11.10 -12.46
CA ARG C 307 31.72 -11.49 -12.65
C ARG C 307 32.03 -12.71 -11.77
N THR C 308 32.97 -13.51 -12.24
CA THR C 308 33.51 -14.63 -11.50
C THR C 308 33.75 -14.32 -10.02
N GLY C 309 33.28 -15.19 -9.15
CA GLY C 309 33.36 -14.99 -7.71
C GLY C 309 32.19 -14.23 -7.09
N SER C 310 31.63 -13.27 -7.82
CA SER C 310 30.54 -12.42 -7.34
C SER C 310 29.19 -13.13 -7.49
N LYS C 311 28.16 -12.53 -6.91
CA LYS C 311 26.82 -13.17 -6.84
C LYS C 311 26.11 -13.21 -8.19
N ASN C 312 25.69 -14.43 -8.58
CA ASN C 312 24.71 -14.67 -9.66
C ASN C 312 23.29 -14.33 -9.22
N PRO C 313 22.30 -14.38 -10.13
CA PRO C 313 20.92 -14.10 -9.71
C PRO C 313 20.36 -15.05 -8.64
N LYS C 314 19.48 -14.53 -7.76
CA LYS C 314 18.57 -15.35 -6.93
C LYS C 314 17.43 -15.83 -7.85
N ILE C 315 17.19 -17.15 -7.92
CA ILE C 315 16.29 -17.78 -8.95
C ILE C 315 15.18 -18.66 -8.35
N ALA C 316 14.19 -18.99 -9.17
CA ALA C 316 13.11 -19.92 -8.81
C ALA C 316 12.30 -20.34 -10.05
N LEU C 317 11.81 -21.59 -10.06
CA LEU C 317 10.76 -22.02 -10.99
C LEU C 317 9.41 -21.75 -10.34
N LYS C 318 8.54 -21.07 -11.10
CA LYS C 318 7.16 -20.75 -10.74
C LYS C 318 6.27 -21.27 -11.85
N LEU C 319 4.98 -21.35 -11.53
CA LEU C 319 3.96 -21.77 -12.46
C LEU C 319 2.90 -20.69 -12.61
N ALA C 320 2.37 -20.53 -13.82
CA ALA C 320 1.31 -19.55 -14.11
C ALA C 320 0.17 -20.22 -14.87
N GLU C 321 -0.98 -20.31 -14.19
CA GLU C 321 -2.21 -20.88 -14.80
C GLU C 321 -3.10 -19.77 -15.37
N PHE C 322 -3.84 -20.10 -16.41
CA PHE C 322 -4.94 -19.25 -16.84
C PHE C 322 -6.03 -20.08 -17.46
N GLN C 323 -7.27 -19.76 -17.07
CA GLN C 323 -8.46 -20.48 -17.52
C GLN C 323 -9.06 -19.74 -18.72
N THR C 324 -9.66 -20.53 -19.61
CA THR C 324 -10.33 -20.04 -20.83
C THR C 324 -11.74 -20.63 -20.92
N ASP C 325 -12.69 -19.84 -21.43
CA ASP C 325 -14.03 -20.36 -21.78
C ASP C 325 -14.04 -20.93 -23.21
N SER C 326 -15.15 -21.52 -23.60
CA SER C 326 -15.33 -22.04 -24.96
C SER C 326 -15.21 -20.98 -26.08
N GLN C 327 -15.52 -19.72 -25.78
CA GLN C 327 -15.32 -18.57 -26.70
C GLN C 327 -13.86 -18.02 -26.81
N GLY C 328 -12.91 -18.60 -26.09
CA GLY C 328 -11.52 -18.11 -26.08
C GLY C 328 -11.24 -16.86 -25.25
N LYS C 329 -12.18 -16.52 -24.34
CA LYS C 329 -12.00 -15.41 -23.41
C LYS C 329 -11.19 -15.93 -22.24
N ILE C 330 -10.13 -15.20 -21.85
CA ILE C 330 -9.29 -15.53 -20.69
C ILE C 330 -10.08 -15.08 -19.47
N VAL C 331 -10.56 -16.05 -18.70
CA VAL C 331 -11.49 -15.79 -17.58
C VAL C 331 -10.68 -15.29 -16.39
N SER C 332 -9.84 -16.16 -15.84
CA SER C 332 -9.06 -15.93 -14.65
C SER C 332 -7.61 -16.31 -14.92
N THR C 333 -6.72 -15.70 -14.14
CA THR C 333 -5.27 -15.95 -14.19
C THR C 333 -4.74 -16.10 -12.77
N GLN C 334 -3.74 -16.96 -12.60
CA GLN C 334 -3.16 -17.29 -11.29
C GLN C 334 -1.61 -17.37 -11.33
N GLU C 335 -0.97 -16.86 -10.28
CA GLU C 335 0.47 -16.92 -10.10
C GLU C 335 0.77 -17.99 -9.04
N LYS C 336 1.33 -19.14 -9.43
CA LYS C 336 1.65 -20.25 -8.50
C LYS C 336 3.15 -20.34 -8.22
N GLU C 337 3.46 -20.76 -7.00
CA GLU C 337 4.83 -20.94 -6.52
C GLU C 337 4.94 -22.30 -5.87
N LEU C 338 6.16 -22.81 -5.80
CA LEU C 338 6.43 -24.07 -5.10
C LEU C 338 6.00 -24.02 -3.61
N VAL C 339 5.34 -25.09 -3.16
CA VAL C 339 4.80 -25.24 -1.79
C VAL C 339 5.84 -24.98 -0.68
N GLN C 340 7.09 -25.36 -0.91
CA GLN C 340 8.25 -24.84 -0.15
C GLN C 340 9.11 -23.98 -1.06
N PRO C 341 10.02 -23.14 -0.51
CA PRO C 341 10.95 -22.38 -1.36
C PRO C 341 11.81 -23.22 -2.28
N PHE C 342 12.17 -22.65 -3.43
CA PHE C 342 13.13 -23.28 -4.37
C PHE C 342 14.53 -23.41 -3.72
N SER C 343 14.98 -22.36 -3.05
CA SER C 343 16.23 -22.38 -2.29
C SER C 343 16.32 -23.38 -1.10
N SER C 344 15.19 -23.83 -0.56
CA SER C 344 15.16 -24.82 0.53
C SER C 344 15.11 -26.27 0.00
N LEU C 345 14.18 -26.53 -0.93
CA LEU C 345 14.07 -27.82 -1.68
C LEU C 345 15.34 -28.22 -2.46
N PHE C 346 15.95 -27.21 -3.07
CA PHE C 346 17.10 -27.35 -3.93
C PHE C 346 18.19 -26.38 -3.43
N PRO C 347 18.74 -26.64 -2.21
CA PRO C 347 19.69 -25.75 -1.55
C PRO C 347 20.99 -25.39 -2.28
N LYS C 348 21.53 -26.32 -3.07
CA LYS C 348 22.81 -26.13 -3.81
C LYS C 348 22.65 -25.83 -5.32
N VAL C 349 21.43 -25.63 -5.81
CA VAL C 349 21.18 -25.29 -7.23
C VAL C 349 21.49 -23.82 -7.48
N GLU C 350 22.39 -23.57 -8.43
CA GLU C 350 22.84 -22.23 -8.81
C GLU C 350 22.26 -21.69 -10.15
N TYR C 351 22.13 -22.55 -11.16
CA TYR C 351 21.59 -22.16 -12.46
C TYR C 351 20.50 -23.14 -12.87
N ILE C 352 19.51 -22.65 -13.61
CA ILE C 352 18.59 -23.53 -14.33
C ILE C 352 19.17 -23.55 -15.72
N ALA C 353 19.77 -24.68 -16.08
CA ALA C 353 20.27 -24.91 -17.45
C ALA C 353 19.13 -25.03 -18.45
N ARG C 354 18.20 -25.95 -18.20
CA ARG C 354 17.12 -26.30 -19.16
C ARG C 354 15.85 -26.66 -18.44
N ALA C 355 14.73 -26.60 -19.15
CA ALA C 355 13.47 -27.06 -18.62
C ALA C 355 12.45 -27.36 -19.72
N GLY C 356 11.38 -28.01 -19.28
CA GLY C 356 10.21 -28.26 -20.11
C GLY C 356 9.21 -29.14 -19.37
N TRP C 357 8.44 -29.91 -20.14
CA TRP C 357 7.41 -30.81 -19.62
C TRP C 357 7.46 -32.16 -20.34
N THR C 358 6.85 -33.16 -19.71
CA THR C 358 6.51 -34.43 -20.37
C THR C 358 5.41 -34.15 -21.40
N ARG C 359 5.28 -35.00 -22.42
CA ARG C 359 4.34 -34.74 -23.55
C ARG C 359 2.85 -34.77 -23.14
N ASP C 360 2.52 -35.61 -22.15
CA ASP C 360 1.16 -35.66 -21.57
C ASP C 360 0.83 -34.56 -20.54
N GLY C 361 1.82 -33.75 -20.15
CA GLY C 361 1.67 -32.65 -19.21
C GLY C 361 1.75 -33.04 -17.75
N LYS C 362 2.11 -34.30 -17.47
CA LYS C 362 2.01 -34.90 -16.14
C LYS C 362 3.01 -34.27 -15.18
N TYR C 363 4.26 -34.19 -15.64
CA TYR C 363 5.31 -33.49 -14.90
C TYR C 363 5.93 -32.37 -15.73
N ALA C 364 6.17 -31.22 -15.10
CA ALA C 364 7.22 -30.30 -15.57
C ALA C 364 8.56 -30.92 -15.23
N TRP C 365 9.62 -30.49 -15.91
CA TRP C 365 10.99 -30.91 -15.57
C TRP C 365 11.99 -29.79 -15.74
N ALA C 366 13.13 -29.97 -15.09
CA ALA C 366 14.21 -29.00 -15.07
C ALA C 366 15.57 -29.71 -15.00
N MET C 367 16.60 -29.03 -15.52
CA MET C 367 18.00 -29.46 -15.48
C MET C 367 18.71 -28.42 -14.59
N PHE C 368 19.10 -28.81 -13.36
CA PHE C 368 19.75 -27.92 -12.37
C PHE C 368 21.25 -28.12 -12.37
N LEU C 369 21.98 -27.15 -11.80
CA LEU C 369 23.45 -27.17 -11.69
C LEU C 369 23.96 -26.44 -10.45
N ASP C 370 25.01 -26.98 -9.84
CA ASP C 370 25.71 -26.27 -8.73
C ASP C 370 26.66 -25.20 -9.29
N ARG C 371 27.20 -24.37 -8.40
CA ARG C 371 28.03 -23.22 -8.78
C ARG C 371 29.39 -23.61 -9.43
N PRO C 372 30.05 -24.67 -8.91
CA PRO C 372 31.19 -25.24 -9.62
C PRO C 372 30.93 -25.87 -10.97
N GLN C 373 29.68 -26.24 -11.25
CA GLN C 373 29.28 -26.94 -12.45
C GLN C 373 29.96 -28.31 -12.55
N GLN C 374 29.79 -29.09 -11.47
CA GLN C 374 30.25 -30.46 -11.35
C GLN C 374 29.18 -31.48 -10.85
N TRP C 375 27.90 -31.08 -10.93
N TRP C 375 27.90 -31.09 -10.95
CA TRP C 375 26.80 -31.81 -10.34
CA TRP C 375 26.78 -31.82 -10.32
C TRP C 375 25.54 -31.29 -11.02
C TRP C 375 25.51 -31.31 -10.98
N LEU C 376 24.94 -32.13 -11.87
CA LEU C 376 23.68 -31.82 -12.54
C LEU C 376 22.60 -32.79 -12.07
N GLN C 377 21.35 -32.30 -12.05
CA GLN C 377 20.19 -33.06 -11.61
C GLN C 377 18.98 -32.83 -12.53
N LEU C 378 18.44 -33.90 -13.10
CA LEU C 378 17.19 -33.83 -13.88
C LEU C 378 16.06 -34.11 -12.89
N VAL C 379 15.24 -33.08 -12.63
CA VAL C 379 14.23 -33.09 -11.58
C VAL C 379 12.86 -32.95 -12.25
N LEU C 380 11.92 -33.84 -11.91
CA LEU C 380 10.51 -33.70 -12.29
C LEU C 380 9.77 -32.92 -11.21
N LEU C 381 8.88 -32.04 -11.64
CA LEU C 381 8.10 -31.18 -10.75
C LEU C 381 6.62 -31.35 -11.14
N PRO C 382 5.85 -32.07 -10.30
CA PRO C 382 4.38 -32.17 -10.52
C PRO C 382 3.69 -30.82 -10.35
N PRO C 383 2.71 -30.48 -11.22
CA PRO C 383 1.88 -29.24 -11.04
C PRO C 383 1.21 -29.05 -9.66
N ALA C 384 0.72 -30.14 -9.07
CA ALA C 384 0.19 -30.16 -7.68
C ALA C 384 1.19 -29.72 -6.61
N LEU C 385 2.50 -29.88 -6.85
CA LEU C 385 3.57 -29.31 -6.00
C LEU C 385 3.60 -27.78 -5.90
N PHE C 386 3.04 -27.11 -6.91
CA PHE C 386 2.89 -25.65 -6.92
C PHE C 386 1.52 -25.21 -6.37
N ILE C 387 1.52 -24.19 -5.50
CA ILE C 387 0.29 -23.62 -4.86
C ILE C 387 0.18 -22.11 -5.11
N PRO C 388 -1.04 -21.52 -5.06
CA PRO C 388 -1.18 -20.08 -5.31
C PRO C 388 -0.35 -19.19 -4.39
N SER C 389 0.26 -18.16 -4.95
CA SER C 389 1.06 -17.20 -4.16
C SER C 389 0.04 -16.32 -3.46
N THR C 390 0.27 -16.08 -2.17
CA THR C 390 -0.57 -15.22 -1.33
C THR C 390 0.31 -14.57 -0.26
N GLU C 391 -0.01 -13.32 0.07
CA GLU C 391 0.61 -12.63 1.22
C GLU C 391 0.02 -13.00 2.60
N ASN C 392 -1.13 -13.69 2.62
CA ASN C 392 -1.74 -14.25 3.85
C ASN C 392 -1.20 -15.64 4.18
N GLU C 393 -0.61 -15.81 5.36
CA GLU C 393 -0.01 -17.09 5.82
C GLU C 393 -1.06 -18.19 6.07
N GLU C 394 -2.26 -17.80 6.55
CA GLU C 394 -3.42 -18.71 6.70
C GLU C 394 -3.88 -19.32 5.37
N GLN C 395 -4.05 -18.48 4.35
CA GLN C 395 -4.37 -18.92 2.98
C GLN C 395 -3.31 -19.85 2.37
N ARG C 396 -2.02 -19.56 2.65
CA ARG C 396 -0.87 -20.36 2.20
C ARG C 396 -0.85 -21.75 2.85
N LEU C 397 -1.10 -21.81 4.17
CA LEU C 397 -1.26 -23.08 4.89
C LEU C 397 -2.48 -23.90 4.48
N ALA C 398 -3.53 -23.24 3.96
CA ALA C 398 -4.72 -23.92 3.43
C ALA C 398 -4.37 -24.70 2.18
N SER C 399 -3.78 -24.00 1.22
CA SER C 399 -3.22 -24.65 0.01
C SER C 399 -2.08 -25.65 0.30
N ALA C 400 -1.26 -25.37 1.32
CA ALA C 400 -0.14 -26.26 1.74
C ALA C 400 -0.59 -27.61 2.31
N ARG C 401 -1.61 -27.56 3.16
CA ARG C 401 -2.32 -28.76 3.67
C ARG C 401 -3.00 -29.56 2.55
N ALA C 402 -3.54 -28.86 1.55
CA ALA C 402 -4.24 -29.47 0.38
C ALA C 402 -3.35 -30.27 -0.60
N VAL C 403 -2.04 -30.03 -0.60
CA VAL C 403 -1.14 -30.76 -1.50
C VAL C 403 -1.05 -32.23 -1.02
N PRO C 404 -1.29 -33.23 -1.91
CA PRO C 404 -1.13 -34.65 -1.53
C PRO C 404 0.25 -35.00 -0.98
N ARG C 405 0.27 -35.93 -0.04
CA ARG C 405 1.51 -36.29 0.70
C ARG C 405 2.47 -37.04 -0.23
N ASN C 406 1.91 -37.93 -1.06
CA ASN C 406 2.66 -38.66 -2.06
C ASN C 406 3.37 -37.80 -3.15
N VAL C 407 2.81 -36.63 -3.49
CA VAL C 407 3.40 -35.66 -4.43
C VAL C 407 4.76 -35.12 -3.93
N GLN C 408 5.70 -34.97 -4.86
CA GLN C 408 7.05 -34.52 -4.56
C GLN C 408 7.89 -34.26 -5.83
N PRO C 409 9.04 -33.58 -5.65
CA PRO C 409 10.10 -33.67 -6.66
C PRO C 409 10.67 -35.09 -6.78
N TYR C 410 11.00 -35.44 -8.02
CA TYR C 410 11.62 -36.70 -8.35
C TYR C 410 12.89 -36.38 -9.15
N VAL C 411 14.04 -36.56 -8.52
CA VAL C 411 15.36 -36.48 -9.18
C VAL C 411 15.56 -37.78 -9.96
N VAL C 412 15.25 -37.76 -11.25
CA VAL C 412 15.40 -38.92 -12.15
C VAL C 412 16.82 -39.19 -12.65
N TYR C 413 17.71 -38.19 -12.64
CA TYR C 413 19.10 -38.39 -13.08
C TYR C 413 20.09 -37.50 -12.34
N GLU C 414 21.33 -37.96 -12.26
CA GLU C 414 22.40 -37.26 -11.53
C GLU C 414 23.73 -37.59 -12.20
N GLU C 415 24.27 -36.56 -12.85
CA GLU C 415 25.57 -36.59 -13.52
C GLU C 415 26.58 -35.82 -12.65
N VAL C 416 27.72 -36.43 -12.36
CA VAL C 416 28.76 -35.88 -11.47
C VAL C 416 30.15 -36.07 -12.13
N THR C 417 31.11 -35.20 -11.82
CA THR C 417 32.41 -35.18 -12.52
C THR C 417 33.48 -34.35 -11.78
N ASN C 418 34.73 -34.78 -11.92
CA ASN C 418 35.92 -34.02 -11.49
C ASN C 418 36.31 -32.88 -12.43
N VAL C 419 35.90 -32.96 -13.70
CA VAL C 419 36.26 -31.92 -14.71
C VAL C 419 35.17 -30.82 -14.71
N TRP C 420 34.14 -30.99 -15.54
CA TRP C 420 32.92 -30.15 -15.49
C TRP C 420 31.80 -30.80 -16.29
N ILE C 421 30.58 -30.42 -15.93
CA ILE C 421 29.38 -30.72 -16.70
C ILE C 421 29.23 -29.70 -17.84
N ASN C 422 29.47 -30.16 -19.04
CA ASN C 422 28.91 -29.54 -20.23
C ASN C 422 27.43 -29.88 -20.24
N VAL C 423 26.60 -28.88 -20.48
CA VAL C 423 25.16 -29.08 -20.62
C VAL C 423 24.89 -29.65 -22.01
N HIS C 424 24.27 -30.83 -22.03
CA HIS C 424 23.79 -31.51 -23.24
C HIS C 424 22.27 -31.37 -23.30
N ASP C 425 21.75 -30.95 -24.46
CA ASP C 425 20.31 -30.65 -24.65
C ASP C 425 19.40 -31.90 -24.56
N ILE C 426 19.94 -33.06 -24.96
CA ILE C 426 19.15 -34.29 -25.19
C ILE C 426 18.51 -34.87 -23.93
N PHE C 427 17.16 -34.84 -23.90
CA PHE C 427 16.38 -35.39 -22.81
C PHE C 427 14.99 -35.71 -23.33
N TYR C 428 14.76 -36.99 -23.65
CA TYR C 428 13.51 -37.46 -24.23
C TYR C 428 12.78 -38.39 -23.26
N PRO C 429 11.75 -37.84 -22.51
CA PRO C 429 10.93 -38.71 -21.66
C PRO C 429 9.89 -39.47 -22.50
N PHE C 430 9.84 -40.80 -22.31
CA PHE C 430 8.79 -41.63 -22.92
C PHE C 430 7.49 -41.53 -22.14
N PRO C 431 6.32 -41.76 -22.81
CA PRO C 431 5.08 -41.65 -22.09
C PRO C 431 4.96 -42.83 -21.16
N GLN C 432 4.48 -42.54 -19.96
CA GLN C 432 4.14 -43.61 -18.98
C GLN C 432 2.80 -44.25 -19.38
N SER C 433 2.71 -45.58 -19.32
CA SER C 433 1.50 -46.34 -19.69
C SER C 433 0.57 -46.49 -18.44
N GLU C 434 0.21 -47.69 -17.98
CA GLU C 434 -0.54 -47.87 -16.70
C GLU C 434 0.29 -47.56 -15.44
N GLY C 435 1.61 -47.76 -15.57
CA GLY C 435 2.57 -47.48 -14.52
C GLY C 435 2.75 -46.00 -14.20
N GLU C 436 2.06 -45.56 -13.15
CA GLU C 436 2.45 -44.36 -12.37
C GLU C 436 3.93 -44.37 -11.90
N ASP C 437 4.41 -45.55 -11.51
CA ASP C 437 5.60 -45.76 -10.68
C ASP C 437 6.98 -45.88 -11.41
N GLU C 438 7.06 -45.47 -12.68
CA GLU C 438 8.32 -45.41 -13.43
C GLU C 438 8.40 -44.23 -14.38
N LEU C 439 9.62 -43.91 -14.80
CA LEU C 439 9.86 -43.13 -15.99
C LEU C 439 11.06 -43.69 -16.77
N CYS C 440 10.78 -44.04 -18.03
CA CYS C 440 11.79 -44.38 -19.02
C CYS C 440 12.14 -43.11 -19.82
N PHE C 441 13.44 -42.80 -19.92
CA PHE C 441 13.93 -41.68 -20.74
C PHE C 441 15.33 -41.89 -21.36
N LEU C 442 15.55 -41.25 -22.52
CA LEU C 442 16.90 -41.19 -23.17
C LEU C 442 17.62 -39.98 -22.67
N ARG C 443 18.93 -40.12 -22.44
CA ARG C 443 19.75 -39.00 -21.97
C ARG C 443 21.19 -39.07 -22.54
N ALA C 444 21.67 -37.91 -23.02
CA ALA C 444 23.07 -37.74 -23.41
C ALA C 444 23.87 -37.51 -22.14
N ASN C 445 24.93 -38.29 -21.96
CA ASN C 445 25.73 -38.31 -20.73
C ASN C 445 27.20 -38.45 -21.15
N GLU C 446 28.03 -37.49 -20.70
CA GLU C 446 29.47 -37.47 -20.99
C GLU C 446 30.35 -37.87 -19.81
N CYS C 447 29.92 -37.55 -18.59
CA CYS C 447 30.72 -37.80 -17.41
C CYS C 447 30.93 -39.28 -17.04
N LYS C 448 30.07 -40.19 -17.52
CA LYS C 448 30.17 -41.61 -17.15
C LYS C 448 31.47 -42.20 -17.67
N THR C 449 31.67 -42.10 -18.99
CA THR C 449 32.86 -42.66 -19.71
C THR C 449 33.93 -41.66 -20.17
N GLY C 450 33.60 -40.35 -20.17
CA GLY C 450 34.41 -39.28 -20.74
C GLY C 450 34.03 -38.80 -22.15
N PHE C 451 33.07 -39.45 -22.80
CA PHE C 451 32.51 -38.99 -24.09
C PHE C 451 30.98 -38.98 -24.01
N CYS C 452 30.34 -38.09 -24.77
CA CYS C 452 28.90 -37.94 -24.78
C CYS C 452 28.28 -39.11 -25.58
N HIS C 453 27.43 -39.87 -24.88
CA HIS C 453 26.79 -41.07 -25.40
C HIS C 453 25.35 -41.17 -24.96
N LEU C 454 24.55 -41.85 -25.79
CA LEU C 454 23.12 -42.06 -25.49
C LEU C 454 22.93 -43.26 -24.57
N TYR C 455 22.07 -43.08 -23.56
CA TYR C 455 21.69 -44.14 -22.61
C TYR C 455 20.18 -44.10 -22.47
N LYS C 456 19.58 -45.29 -22.35
CA LYS C 456 18.16 -45.44 -21.92
C LYS C 456 18.20 -45.68 -20.43
N VAL C 457 17.36 -44.93 -19.71
CA VAL C 457 17.34 -45.00 -18.25
C VAL C 457 15.90 -45.14 -17.75
N THR C 458 15.73 -46.01 -16.76
CA THR C 458 14.45 -46.21 -16.08
C THR C 458 14.67 -45.81 -14.62
N ALA C 459 14.03 -44.71 -14.22
CA ALA C 459 13.95 -44.29 -12.81
C ALA C 459 12.64 -44.79 -12.21
N VAL C 460 12.69 -45.17 -10.93
CA VAL C 460 11.52 -45.60 -10.17
C VAL C 460 11.07 -44.38 -9.36
N LEU C 461 9.86 -43.88 -9.67
CA LEU C 461 9.19 -42.82 -8.88
C LEU C 461 8.30 -43.51 -7.82
N LYS C 462 8.81 -43.62 -6.59
CA LYS C 462 8.06 -44.13 -5.43
C LYS C 462 7.98 -43.05 -4.33
N SER C 463 6.74 -42.69 -3.98
CA SER C 463 6.42 -41.58 -3.09
C SER C 463 6.78 -41.82 -1.61
N GLN C 464 7.76 -41.06 -1.11
CA GLN C 464 8.21 -41.14 0.29
C GLN C 464 7.19 -40.63 1.31
N GLY C 465 6.29 -39.74 0.86
CA GLY C 465 5.21 -39.21 1.70
C GLY C 465 5.74 -38.05 2.53
N TYR C 466 5.15 -36.88 2.35
CA TYR C 466 5.62 -35.60 2.94
C TYR C 466 4.49 -34.74 3.54
N ASP C 467 4.71 -34.29 4.79
CA ASP C 467 3.91 -33.27 5.43
C ASP C 467 4.33 -31.90 4.85
N TRP C 468 3.70 -31.52 3.75
CA TRP C 468 4.09 -30.27 3.01
C TRP C 468 3.74 -28.95 3.68
N SER C 469 2.81 -28.97 4.64
CA SER C 469 2.51 -27.79 5.47
C SER C 469 3.67 -27.39 6.40
N GLU C 470 4.29 -28.37 7.08
CA GLU C 470 5.44 -28.12 7.96
C GLU C 470 6.72 -27.99 7.11
N PRO C 471 7.56 -26.96 7.35
CA PRO C 471 8.86 -26.84 6.63
C PRO C 471 9.89 -27.89 7.03
N PHE C 472 10.90 -28.12 6.16
CA PHE C 472 12.00 -29.07 6.43
C PHE C 472 13.30 -28.84 5.62
N SER C 473 14.35 -29.51 6.08
CA SER C 473 15.69 -29.53 5.46
C SER C 473 15.87 -30.86 4.71
N PRO C 474 15.88 -30.84 3.34
CA PRO C 474 16.17 -32.09 2.59
C PRO C 474 17.64 -32.49 2.68
N GLY C 475 17.87 -33.79 2.88
CA GLY C 475 19.22 -34.35 2.98
C GLY C 475 19.94 -34.54 1.65
N GLU C 476 21.06 -35.23 1.73
CA GLU C 476 22.04 -35.31 0.64
C GLU C 476 21.56 -36.08 -0.60
N ASP C 477 20.69 -37.09 -0.39
CA ASP C 477 20.02 -37.79 -1.47
C ASP C 477 18.53 -37.95 -1.10
N GLU C 478 17.86 -36.80 -0.94
CA GLU C 478 16.48 -36.75 -0.45
C GLU C 478 15.48 -37.18 -1.51
N PHE C 479 15.55 -36.51 -2.66
CA PHE C 479 14.65 -36.81 -3.80
C PHE C 479 15.23 -37.70 -4.89
N LYS C 480 16.39 -38.33 -4.65
CA LYS C 480 17.09 -39.20 -5.63
C LYS C 480 16.32 -40.50 -5.89
N CYS C 481 15.65 -40.58 -7.04
CA CYS C 481 14.97 -41.79 -7.49
C CYS C 481 15.99 -42.93 -7.65
N PRO C 482 15.62 -44.17 -7.20
CA PRO C 482 16.44 -45.31 -7.57
C PRO C 482 16.35 -45.64 -9.08
N ILE C 483 17.49 -46.00 -9.66
CA ILE C 483 17.62 -46.34 -11.07
C ILE C 483 17.33 -47.82 -11.19
N LYS C 484 16.32 -48.20 -11.99
CA LYS C 484 15.99 -49.61 -12.23
C LYS C 484 17.02 -50.21 -13.21
N GLU C 485 17.21 -49.53 -14.33
CA GLU C 485 18.27 -49.86 -15.30
C GLU C 485 18.88 -48.62 -15.92
N GLU C 486 20.07 -48.83 -16.47
CA GLU C 486 20.81 -47.83 -17.23
C GLU C 486 21.60 -48.54 -18.35
N ILE C 487 21.02 -48.57 -19.55
CA ILE C 487 21.68 -49.22 -20.68
C ILE C 487 22.38 -48.21 -21.55
N ALA C 488 23.67 -48.45 -21.86
CA ALA C 488 24.40 -47.75 -22.92
C ALA C 488 23.92 -48.12 -24.32
N LEU C 489 23.33 -47.16 -25.04
CA LEU C 489 23.00 -47.32 -26.52
C LEU C 489 24.23 -47.12 -27.46
N THR C 490 25.12 -46.21 -27.06
CA THR C 490 26.33 -45.89 -27.80
C THR C 490 27.57 -45.96 -26.87
N SER C 491 28.71 -46.25 -27.49
CA SER C 491 29.99 -46.33 -26.79
C SER C 491 31.13 -46.14 -27.76
N GLY C 492 32.27 -45.73 -27.21
CA GLY C 492 33.54 -45.58 -27.96
C GLY C 492 34.25 -44.25 -27.69
N GLU C 493 35.43 -44.09 -28.30
CA GLU C 493 36.23 -42.85 -28.23
C GLU C 493 35.78 -41.84 -29.29
N TRP C 494 34.55 -41.41 -29.14
CA TRP C 494 33.86 -40.53 -30.08
C TRP C 494 32.59 -40.02 -29.39
N GLU C 495 31.99 -38.95 -29.90
CA GLU C 495 30.83 -38.34 -29.24
C GLU C 495 29.57 -38.22 -30.09
N VAL C 496 28.44 -38.36 -29.39
CA VAL C 496 27.12 -37.96 -29.89
C VAL C 496 27.02 -36.45 -29.72
N LEU C 497 26.43 -35.78 -30.71
CA LEU C 497 26.29 -34.32 -30.69
C LEU C 497 25.03 -33.96 -29.96
N ALA C 498 25.15 -33.16 -28.91
CA ALA C 498 24.00 -32.70 -28.07
C ALA C 498 24.00 -31.23 -27.63
N ARG C 499 24.86 -30.41 -28.24
CA ARG C 499 25.09 -29.03 -27.84
C ARG C 499 24.95 -28.18 -29.08
N HIS C 500 24.78 -26.89 -28.86
CA HIS C 500 24.70 -25.86 -29.91
C HIS C 500 23.69 -26.27 -31.02
N GLY C 501 22.50 -26.68 -30.59
CA GLY C 501 21.41 -27.06 -31.49
C GLY C 501 21.35 -28.46 -32.04
N SER C 502 22.36 -29.29 -31.76
CA SER C 502 22.34 -30.69 -32.15
C SER C 502 21.26 -31.40 -31.31
N LYS C 503 20.60 -32.36 -31.93
CA LYS C 503 19.45 -33.02 -31.32
C LYS C 503 19.17 -34.40 -31.91
N ILE C 504 18.43 -35.19 -31.15
CA ILE C 504 17.99 -36.52 -31.57
C ILE C 504 16.55 -36.45 -32.07
N TRP C 505 16.23 -37.44 -32.89
CA TRP C 505 14.86 -37.71 -33.32
C TRP C 505 14.60 -39.15 -32.93
N VAL C 506 13.51 -39.32 -32.18
CA VAL C 506 13.10 -40.62 -31.68
C VAL C 506 11.80 -41.01 -32.41
N ASN C 507 11.83 -42.20 -33.04
CA ASN C 507 10.66 -42.84 -33.65
C ASN C 507 10.19 -43.96 -32.73
N GLU C 508 8.97 -43.81 -32.21
CA GLU C 508 8.37 -44.73 -31.23
C GLU C 508 7.64 -45.96 -31.82
N GLU C 509 7.22 -45.89 -33.09
CA GLU C 509 6.71 -47.08 -33.81
C GLU C 509 7.84 -48.09 -33.97
N THR C 510 8.91 -47.67 -34.64
CA THR C 510 10.05 -48.56 -35.00
C THR C 510 11.12 -48.78 -33.93
N LYS C 511 11.01 -48.06 -32.82
CA LYS C 511 11.94 -48.12 -31.69
C LYS C 511 13.40 -47.73 -32.03
N LEU C 512 13.53 -46.74 -32.91
CA LEU C 512 14.82 -46.23 -33.37
C LEU C 512 15.01 -44.78 -32.92
N VAL C 513 16.26 -44.46 -32.54
CA VAL C 513 16.69 -43.09 -32.21
C VAL C 513 17.73 -42.68 -33.27
N TYR C 514 17.40 -41.65 -34.04
CA TYR C 514 18.30 -41.01 -35.00
C TYR C 514 19.11 -39.94 -34.28
N PHE C 515 20.44 -39.90 -34.50
CA PHE C 515 21.33 -38.93 -33.90
C PHE C 515 22.52 -38.54 -34.80
N GLN C 516 23.27 -37.53 -34.35
CA GLN C 516 24.50 -37.07 -35.04
C GLN C 516 25.74 -37.35 -34.19
N GLY C 517 26.86 -37.60 -34.87
CA GLY C 517 28.11 -37.89 -34.14
C GLY C 517 29.39 -37.87 -34.94
N THR C 518 30.48 -38.07 -34.18
CA THR C 518 31.86 -38.10 -34.69
C THR C 518 32.44 -39.54 -34.79
N LYS C 519 31.58 -40.55 -34.90
CA LYS C 519 31.98 -41.97 -34.78
C LYS C 519 32.99 -42.34 -35.87
N ASP C 520 32.71 -41.93 -37.11
CA ASP C 520 33.66 -42.10 -38.20
C ASP C 520 34.97 -41.36 -37.98
N THR C 521 34.88 -40.10 -37.54
CA THR C 521 36.04 -39.22 -37.42
C THR C 521 35.65 -37.91 -36.73
N PRO C 522 36.54 -37.36 -35.85
CA PRO C 522 36.35 -36.00 -35.27
C PRO C 522 36.18 -34.82 -36.26
N LEU C 523 36.69 -35.00 -37.47
CA LEU C 523 36.65 -34.03 -38.52
C LEU C 523 35.33 -33.91 -39.29
N GLU C 524 34.38 -34.82 -39.08
CA GLU C 524 33.15 -34.87 -39.88
C GLU C 524 32.00 -35.17 -38.96
N HIS C 525 30.96 -34.34 -38.99
CA HIS C 525 29.67 -34.70 -38.36
C HIS C 525 28.86 -35.61 -39.25
N HIS C 526 28.28 -36.67 -38.68
CA HIS C 526 27.48 -37.66 -39.45
C HIS C 526 26.22 -38.09 -38.75
N LEU C 527 25.22 -38.41 -39.57
CA LEU C 527 23.95 -38.95 -39.12
C LEU C 527 24.05 -40.48 -38.90
N TYR C 528 23.72 -40.92 -37.68
CA TYR C 528 23.53 -42.36 -37.37
C TYR C 528 22.14 -42.69 -36.85
N VAL C 529 21.81 -43.98 -36.91
CA VAL C 529 20.59 -44.53 -36.34
C VAL C 529 20.95 -45.73 -35.48
N VAL C 530 20.21 -45.90 -34.38
CA VAL C 530 20.38 -47.04 -33.48
C VAL C 530 19.05 -47.33 -32.76
N SER C 531 18.84 -48.60 -32.42
CA SER C 531 17.63 -49.04 -31.74
C SER C 531 17.76 -48.74 -30.25
N TYR C 532 16.78 -48.01 -29.72
CA TYR C 532 16.69 -47.76 -28.29
C TYR C 532 16.17 -48.97 -27.49
N GLU C 533 15.45 -49.86 -28.15
CA GLU C 533 15.02 -51.15 -27.57
C GLU C 533 16.18 -52.08 -27.31
N ALA C 534 17.03 -52.23 -28.34
CA ALA C 534 18.15 -53.16 -28.38
C ALA C 534 19.42 -52.41 -28.85
N ALA C 535 20.29 -52.12 -27.89
CA ALA C 535 21.57 -51.47 -28.17
C ALA C 535 22.55 -52.33 -29.01
N GLY C 536 22.32 -52.32 -30.34
CA GLY C 536 23.13 -53.08 -31.30
C GLY C 536 23.80 -52.21 -32.34
N GLU C 537 23.52 -52.49 -33.60
CA GLU C 537 24.28 -51.97 -34.71
C GLU C 537 23.93 -50.50 -34.99
N ILE C 538 24.97 -49.67 -34.95
CA ILE C 538 24.89 -48.24 -35.30
C ILE C 538 25.13 -48.18 -36.82
N VAL C 539 24.14 -47.67 -37.57
CA VAL C 539 24.21 -47.54 -39.03
C VAL C 539 24.39 -46.08 -39.39
N ARG C 540 25.39 -45.78 -40.23
CA ARG C 540 25.64 -44.44 -40.79
C ARG C 540 24.77 -44.17 -42.04
N LEU C 541 24.11 -43.01 -42.08
CA LEU C 541 23.19 -42.61 -43.16
C LEU C 541 23.71 -41.55 -44.15
N THR C 542 24.86 -40.97 -43.84
CA THR C 542 25.46 -39.84 -44.58
C THR C 542 26.79 -40.30 -45.21
N THR C 543 27.15 -39.70 -46.35
CA THR C 543 28.29 -40.15 -47.16
C THR C 543 29.62 -39.69 -46.52
N PRO C 544 30.63 -40.58 -46.41
CA PRO C 544 31.95 -40.14 -45.89
C PRO C 544 32.74 -39.22 -46.83
N GLY C 545 33.67 -38.48 -46.22
CA GLY C 545 34.40 -37.39 -46.89
C GLY C 545 33.80 -35.99 -46.77
N PHE C 546 32.67 -35.86 -46.08
CA PHE C 546 31.97 -34.58 -45.86
C PHE C 546 31.44 -34.57 -44.44
N SER C 547 31.28 -33.36 -43.88
CA SER C 547 30.64 -33.13 -42.57
C SER C 547 29.21 -32.64 -42.80
N HIS C 548 28.28 -33.08 -41.97
CA HIS C 548 26.84 -32.96 -42.22
C HIS C 548 26.07 -32.31 -41.06
N SER C 549 25.18 -31.36 -41.40
CA SER C 549 24.18 -30.82 -40.48
C SER C 549 22.79 -31.28 -40.91
N CYS C 550 22.22 -32.22 -40.16
CA CYS C 550 21.01 -32.95 -40.60
C CYS C 550 19.73 -32.57 -39.84
N SER C 551 18.60 -32.87 -40.50
CA SER C 551 17.23 -32.61 -39.99
C SER C 551 16.25 -33.64 -40.59
N MET C 552 15.47 -34.31 -39.73
CA MET C 552 14.57 -35.42 -40.09
C MET C 552 13.12 -34.93 -40.18
N SER C 553 12.34 -35.58 -41.06
CA SER C 553 10.90 -35.57 -40.96
C SER C 553 10.45 -36.19 -39.64
N GLN C 554 9.48 -35.58 -38.95
CA GLN C 554 8.81 -36.21 -37.79
C GLN C 554 8.05 -37.51 -38.17
N ASN C 555 7.70 -37.64 -39.45
CA ASN C 555 7.24 -38.89 -40.07
C ASN C 555 8.34 -39.91 -40.48
N PHE C 556 9.62 -39.56 -40.30
CA PHE C 556 10.80 -40.47 -40.48
C PHE C 556 11.00 -41.15 -41.87
N ASP C 557 10.34 -40.61 -42.89
CA ASP C 557 10.40 -41.13 -44.27
C ASP C 557 11.48 -40.44 -45.15
N MET C 558 11.88 -39.21 -44.77
CA MET C 558 12.94 -38.45 -45.48
C MET C 558 13.62 -37.41 -44.61
N PHE C 559 14.93 -37.19 -44.88
CA PHE C 559 15.75 -36.18 -44.17
C PHE C 559 16.56 -35.29 -45.14
N VAL C 560 16.84 -34.08 -44.68
CA VAL C 560 17.75 -33.14 -45.31
C VAL C 560 19.11 -33.22 -44.61
N SER C 561 20.17 -32.99 -45.41
CA SER C 561 21.56 -32.80 -44.90
C SER C 561 22.21 -31.62 -45.60
N HIS C 562 22.51 -30.58 -44.82
CA HIS C 562 23.29 -29.42 -45.24
C HIS C 562 24.77 -29.73 -44.93
N TYR C 563 25.52 -30.09 -45.98
CA TYR C 563 26.86 -30.70 -45.86
C TYR C 563 27.91 -30.01 -46.72
N SER C 564 29.17 -30.31 -46.42
CA SER C 564 30.34 -29.70 -47.10
C SER C 564 31.65 -30.43 -46.82
N SER C 565 32.70 -30.06 -47.55
CA SER C 565 34.08 -30.45 -47.24
C SER C 565 35.03 -29.26 -47.30
N VAL C 566 36.26 -29.49 -46.82
CA VAL C 566 37.32 -28.47 -46.85
C VAL C 566 37.61 -28.00 -48.29
N SER C 567 37.63 -28.94 -49.23
CA SER C 567 37.88 -28.72 -50.64
C SER C 567 36.68 -28.26 -51.45
N THR C 568 35.44 -28.61 -51.04
CA THR C 568 34.21 -28.43 -51.87
C THR C 568 33.19 -27.53 -51.17
N PRO C 569 32.52 -26.62 -51.91
CA PRO C 569 31.53 -25.75 -51.23
C PRO C 569 30.29 -26.49 -50.71
N PRO C 570 29.46 -25.83 -49.87
CA PRO C 570 28.35 -26.54 -49.26
C PRO C 570 27.18 -26.84 -50.21
N CYS C 571 26.55 -28.01 -50.00
CA CYS C 571 25.27 -28.38 -50.60
C CYS C 571 24.18 -28.60 -49.54
N VAL C 572 22.92 -28.64 -49.99
CA VAL C 572 21.78 -29.12 -49.16
C VAL C 572 20.96 -30.07 -50.05
N HIS C 573 21.00 -31.37 -49.72
CA HIS C 573 20.30 -32.42 -50.45
C HIS C 573 19.16 -33.02 -49.61
N VAL C 574 18.17 -33.55 -50.33
CA VAL C 574 16.98 -34.19 -49.78
C VAL C 574 17.14 -35.70 -50.03
N TYR C 575 17.26 -36.46 -48.93
CA TYR C 575 17.36 -37.94 -48.96
C TYR C 575 16.04 -38.56 -48.47
N LYS C 576 15.51 -39.53 -49.23
CA LYS C 576 14.34 -40.34 -48.84
C LYS C 576 14.87 -41.67 -48.25
N LEU C 577 14.40 -42.02 -47.06
CA LEU C 577 14.67 -43.34 -46.45
C LEU C 577 13.76 -44.41 -47.04
N SER C 578 14.36 -45.42 -47.69
CA SER C 578 13.64 -46.40 -48.51
C SER C 578 14.08 -47.83 -48.17
N GLY C 579 13.16 -48.77 -48.41
CA GLY C 579 13.36 -50.20 -48.10
C GLY C 579 12.20 -50.84 -47.35
N PRO C 580 12.31 -52.16 -47.05
CA PRO C 580 11.22 -52.90 -46.43
C PRO C 580 10.89 -52.42 -45.02
N ASP C 581 9.60 -52.27 -44.71
CA ASP C 581 9.16 -51.79 -43.37
C ASP C 581 9.39 -52.79 -42.21
N ASP C 582 9.61 -54.07 -42.51
CA ASP C 582 10.01 -55.07 -41.49
C ASP C 582 11.45 -54.91 -40.92
N ASP C 583 12.36 -54.28 -41.68
CA ASP C 583 13.74 -54.00 -41.23
C ASP C 583 14.04 -52.47 -41.31
N PRO C 584 13.45 -51.68 -40.37
CA PRO C 584 13.58 -50.21 -40.48
C PRO C 584 14.98 -49.66 -40.14
N LEU C 585 15.77 -50.42 -39.38
CA LEU C 585 17.16 -50.04 -39.07
C LEU C 585 18.02 -49.88 -40.32
N HIS C 586 17.78 -50.71 -41.35
CA HIS C 586 18.60 -50.71 -42.58
C HIS C 586 17.88 -50.12 -43.79
N LYS C 587 17.17 -49.00 -43.56
CA LYS C 587 16.59 -48.21 -44.64
C LYS C 587 17.74 -47.51 -45.37
N GLN C 588 17.92 -47.80 -46.66
CA GLN C 588 19.01 -47.22 -47.47
C GLN C 588 18.57 -45.81 -47.88
N PRO C 589 19.35 -44.75 -47.52
CA PRO C 589 19.00 -43.39 -47.92
C PRO C 589 19.32 -43.17 -49.40
N ARG C 590 18.29 -42.97 -50.21
CA ARG C 590 18.40 -42.68 -51.64
C ARG C 590 18.27 -41.17 -51.84
N PHE C 591 19.20 -40.59 -52.62
CA PHE C 591 19.11 -39.20 -53.08
C PHE C 591 17.78 -38.97 -53.78
N TRP C 592 17.03 -37.98 -53.29
CA TRP C 592 15.76 -37.61 -53.88
C TRP C 592 15.92 -36.40 -54.76
N ALA C 593 16.40 -35.32 -54.16
CA ALA C 593 16.47 -34.00 -54.81
C ALA C 593 17.48 -33.13 -54.11
N SER C 594 17.83 -32.01 -54.76
CA SER C 594 18.75 -30.98 -54.22
C SER C 594 18.05 -29.64 -53.96
N MET C 595 18.65 -28.82 -53.07
CA MET C 595 18.17 -27.47 -52.72
C MET C 595 19.21 -26.36 -52.87
N MET C 596 20.43 -26.64 -52.46
CA MET C 596 21.59 -25.79 -52.73
C MET C 596 22.70 -26.63 -53.37
N GLU C 597 23.37 -26.04 -54.36
CA GLU C 597 24.54 -26.62 -55.03
C GLU C 597 25.73 -25.68 -54.96
N ALA C 598 26.90 -26.26 -55.23
CA ALA C 598 28.23 -25.66 -54.99
C ALA C 598 28.47 -24.35 -55.77
N ALA C 599 28.55 -23.23 -55.04
CA ALA C 599 28.62 -21.88 -55.62
C ALA C 599 29.91 -21.62 -56.35
N SER C 600 29.84 -20.84 -57.43
CA SER C 600 31.00 -20.53 -58.28
C SER C 600 31.85 -19.43 -57.64
N ASP C 604 40.06 -17.63 -57.58
CA ASP C 604 41.18 -17.45 -56.62
C ASP C 604 41.21 -18.16 -55.24
N TYR C 605 40.20 -18.98 -54.89
CA TYR C 605 40.17 -19.78 -53.65
C TYR C 605 40.91 -21.13 -53.79
N VAL C 606 41.89 -21.35 -52.91
CA VAL C 606 42.66 -22.59 -52.83
C VAL C 606 42.39 -23.17 -51.45
N PRO C 607 41.72 -24.36 -51.37
CA PRO C 607 41.38 -24.88 -50.02
C PRO C 607 42.61 -25.29 -49.21
N PRO C 608 42.52 -25.26 -47.88
CA PRO C 608 43.64 -25.74 -47.06
C PRO C 608 43.68 -27.27 -47.00
N GLU C 609 44.69 -27.79 -46.29
CA GLU C 609 44.94 -29.22 -46.18
C GLU C 609 44.88 -29.58 -44.73
N ILE C 610 44.01 -30.52 -44.37
CA ILE C 610 44.00 -31.04 -43.00
C ILE C 610 45.19 -31.98 -42.88
N PHE C 611 45.85 -31.90 -41.73
CA PHE C 611 46.87 -32.84 -41.32
C PHE C 611 46.70 -33.14 -39.84
N HIS C 612 47.53 -34.05 -39.35
CA HIS C 612 47.58 -34.41 -37.93
C HIS C 612 48.96 -34.86 -37.55
N PHE C 613 49.20 -34.85 -36.25
CA PHE C 613 50.51 -35.18 -35.69
C PHE C 613 50.37 -35.48 -34.21
N HIS C 614 51.45 -36.01 -33.63
CA HIS C 614 51.47 -36.43 -32.23
C HIS C 614 52.44 -35.57 -31.44
N THR C 615 52.04 -35.23 -30.22
CA THR C 615 52.88 -34.49 -29.30
C THR C 615 53.96 -35.41 -28.70
N ARG C 616 54.96 -34.79 -28.05
CA ARG C 616 55.94 -35.49 -27.20
C ARG C 616 55.33 -36.42 -26.12
N SER C 617 54.11 -36.05 -25.66
CA SER C 617 53.28 -36.91 -24.82
C SER C 617 52.29 -37.91 -25.54
N ASP C 618 52.48 -38.13 -26.85
CA ASP C 618 51.65 -39.03 -27.70
C ASP C 618 50.11 -38.75 -27.72
N VAL C 619 49.76 -37.48 -27.92
CA VAL C 619 48.38 -37.00 -28.06
C VAL C 619 48.21 -36.54 -29.51
N ARG C 620 47.21 -37.08 -30.20
CA ARG C 620 46.97 -36.72 -31.60
C ARG C 620 46.32 -35.34 -31.67
N LEU C 621 46.97 -34.38 -32.30
CA LEU C 621 46.40 -33.05 -32.58
C LEU C 621 46.16 -32.96 -34.09
N TYR C 622 45.03 -32.37 -34.48
CA TYR C 622 44.72 -32.05 -35.90
C TYR C 622 45.07 -30.62 -36.21
N GLY C 623 45.43 -30.38 -37.47
CA GLY C 623 45.78 -29.07 -37.93
C GLY C 623 45.38 -28.83 -39.34
N MET C 624 45.42 -27.56 -39.72
CA MET C 624 45.01 -27.08 -41.03
C MET C 624 46.15 -26.19 -41.53
N ILE C 625 46.51 -26.31 -42.80
CA ILE C 625 47.44 -25.36 -43.46
C ILE C 625 46.91 -24.83 -44.80
N TYR C 626 46.97 -23.51 -44.97
CA TYR C 626 46.82 -22.86 -46.27
C TYR C 626 48.25 -22.65 -46.80
N LYS C 627 48.59 -23.34 -47.88
CA LYS C 627 49.90 -23.21 -48.52
C LYS C 627 49.95 -21.87 -49.27
N PRO C 628 51.15 -21.23 -49.35
CA PRO C 628 51.24 -20.00 -50.17
C PRO C 628 50.93 -20.24 -51.65
N HIS C 629 50.11 -19.36 -52.24
CA HIS C 629 49.63 -19.54 -53.62
C HIS C 629 50.81 -19.34 -54.57
N ALA C 630 50.83 -20.11 -55.65
CA ALA C 630 51.98 -20.18 -56.59
C ALA C 630 53.33 -20.42 -55.88
N LEU C 631 53.35 -21.44 -55.00
CA LEU C 631 54.56 -21.84 -54.25
C LEU C 631 55.72 -22.27 -55.17
N GLN C 632 56.93 -21.85 -54.80
CA GLN C 632 58.18 -22.29 -55.45
C GLN C 632 58.94 -23.07 -54.36
N PRO C 633 59.06 -24.41 -54.51
CA PRO C 633 59.78 -25.17 -53.48
C PRO C 633 61.23 -24.75 -53.29
N GLY C 634 61.68 -24.82 -52.04
CA GLY C 634 62.95 -24.23 -51.61
C GLY C 634 62.83 -22.87 -50.92
N LYS C 635 61.79 -22.10 -51.27
CA LYS C 635 61.54 -20.80 -50.63
C LYS C 635 60.99 -21.02 -49.22
N LYS C 636 61.35 -20.12 -48.30
CA LYS C 636 60.82 -20.07 -46.94
C LYS C 636 59.98 -18.79 -46.79
N HIS C 637 58.71 -18.95 -46.40
CA HIS C 637 57.71 -17.89 -46.43
C HIS C 637 57.36 -17.41 -45.02
N PRO C 638 56.97 -16.12 -44.87
CA PRO C 638 56.53 -15.66 -43.55
C PRO C 638 55.15 -16.28 -43.22
N THR C 639 54.86 -16.42 -41.95
CA THR C 639 53.80 -17.32 -41.48
C THR C 639 52.92 -16.61 -40.47
N VAL C 640 51.61 -16.84 -40.58
CA VAL C 640 50.59 -16.40 -39.64
C VAL C 640 50.01 -17.66 -38.96
N LEU C 641 50.29 -17.84 -37.67
CA LEU C 641 49.61 -18.81 -36.82
C LEU C 641 48.22 -18.22 -36.42
N PHE C 642 47.18 -18.53 -37.18
CA PHE C 642 45.80 -18.18 -36.77
C PHE C 642 45.36 -19.10 -35.63
N VAL C 643 44.89 -18.50 -34.55
CA VAL C 643 44.53 -19.21 -33.34
C VAL C 643 43.17 -18.76 -32.81
N TYR C 644 42.44 -19.70 -32.22
CA TYR C 644 41.43 -19.42 -31.20
C TYR C 644 41.81 -20.17 -29.93
N GLY C 645 41.65 -21.49 -29.87
CA GLY C 645 42.24 -22.31 -28.81
C GLY C 645 41.55 -22.45 -27.47
N GLY C 646 40.42 -21.75 -27.27
CA GLY C 646 39.57 -21.91 -26.09
C GLY C 646 38.58 -23.06 -26.13
N PRO C 647 37.87 -23.32 -25.00
CA PRO C 647 36.81 -24.35 -24.93
C PRO C 647 35.58 -24.07 -25.76
N GLN C 648 34.95 -25.17 -26.21
CA GLN C 648 33.70 -25.19 -26.99
C GLN C 648 33.87 -24.80 -28.48
N VAL C 649 35.11 -24.87 -29.00
CA VAL C 649 35.36 -24.55 -30.43
C VAL C 649 36.36 -25.56 -31.02
N GLN C 650 36.05 -25.98 -32.26
CA GLN C 650 36.93 -26.78 -33.10
C GLN C 650 37.02 -25.99 -34.40
N LEU C 651 38.22 -25.49 -34.69
CA LEU C 651 38.52 -24.82 -35.96
C LEU C 651 38.80 -25.82 -37.07
N VAL C 652 39.57 -26.88 -36.74
CA VAL C 652 40.08 -27.85 -37.69
C VAL C 652 39.08 -29.00 -37.75
N ASN C 653 38.35 -28.99 -38.85
CA ASN C 653 37.52 -30.11 -39.28
C ASN C 653 37.37 -30.06 -40.80
N ASN C 654 36.80 -31.12 -41.35
CA ASN C 654 36.57 -31.26 -42.78
C ASN C 654 35.19 -30.70 -43.14
N SER C 655 35.16 -29.37 -43.22
CA SER C 655 34.04 -28.61 -43.81
C SER C 655 34.59 -27.34 -44.46
N PHE C 656 33.76 -26.68 -45.28
CA PHE C 656 34.20 -25.54 -46.07
C PHE C 656 34.48 -24.31 -45.20
N LYS C 657 35.68 -23.78 -45.38
CA LYS C 657 36.21 -22.64 -44.62
C LYS C 657 36.22 -21.32 -45.37
N GLY C 658 36.09 -21.35 -46.70
CA GLY C 658 36.19 -20.15 -47.53
C GLY C 658 35.19 -19.03 -47.36
N ILE C 659 34.10 -19.27 -46.63
CA ILE C 659 33.07 -18.24 -46.35
C ILE C 659 33.56 -17.37 -45.19
N LYS C 660 33.65 -17.99 -44.02
CA LYS C 660 33.99 -17.30 -42.77
C LYS C 660 35.49 -16.98 -42.64
N TYR C 661 36.35 -17.80 -43.26
CA TYR C 661 37.82 -17.60 -43.26
C TYR C 661 38.40 -17.34 -44.65
N LEU C 662 37.70 -16.49 -45.39
CA LEU C 662 38.21 -15.95 -46.66
C LEU C 662 39.51 -15.16 -46.47
N ARG C 663 39.60 -14.40 -45.40
CA ARG C 663 40.81 -13.63 -45.04
C ARG C 663 42.10 -14.48 -44.93
N LEU C 664 41.96 -15.73 -44.47
CA LEU C 664 43.09 -16.67 -44.44
C LEU C 664 43.56 -17.06 -45.83
N ASN C 665 42.61 -17.29 -46.75
CA ASN C 665 42.95 -17.45 -48.17
C ASN C 665 43.55 -16.17 -48.80
N THR C 666 43.00 -15.01 -48.48
CA THR C 666 43.56 -13.72 -48.91
C THR C 666 45.02 -13.56 -48.45
N LEU C 667 45.32 -13.89 -47.19
CA LEU C 667 46.71 -13.94 -46.67
C LEU C 667 47.58 -14.86 -47.52
N ALA C 668 47.09 -16.08 -47.74
CA ALA C 668 47.75 -17.04 -48.62
C ALA C 668 47.98 -16.56 -50.07
N SER C 669 47.01 -15.84 -50.66
CA SER C 669 47.17 -15.19 -51.97
C SER C 669 48.37 -14.21 -52.10
N LEU C 670 48.73 -13.58 -50.98
CA LEU C 670 49.92 -12.71 -50.87
C LEU C 670 51.25 -13.39 -50.51
N GLY C 671 51.21 -14.68 -50.18
CA GLY C 671 52.41 -15.49 -49.86
C GLY C 671 52.73 -15.71 -48.39
N TYR C 672 51.70 -15.55 -47.56
CA TYR C 672 51.76 -15.95 -46.17
C TYR C 672 51.44 -17.44 -46.05
N ALA C 673 52.22 -18.18 -45.27
CA ALA C 673 51.76 -19.47 -44.76
C ALA C 673 50.75 -19.18 -43.65
N VAL C 674 49.58 -19.81 -43.71
CA VAL C 674 48.58 -19.71 -42.61
C VAL C 674 48.41 -21.12 -42.06
N VAL C 675 48.64 -21.26 -40.76
CA VAL C 675 48.68 -22.54 -40.03
C VAL C 675 47.67 -22.42 -38.88
N VAL C 676 46.80 -23.43 -38.76
CA VAL C 676 45.78 -23.48 -37.68
C VAL C 676 45.85 -24.84 -36.98
N ILE C 677 45.91 -24.82 -35.65
CA ILE C 677 46.09 -25.98 -34.81
C ILE C 677 44.91 -26.00 -33.80
N ASP C 678 44.23 -27.14 -33.73
CA ASP C 678 43.35 -27.45 -32.60
C ASP C 678 44.17 -28.15 -31.51
N GLY C 679 44.70 -27.35 -30.58
CA GLY C 679 45.35 -27.86 -29.39
C GLY C 679 44.40 -28.40 -28.33
N ARG C 680 45.00 -28.95 -27.27
CA ARG C 680 44.28 -29.47 -26.11
C ARG C 680 43.44 -28.37 -25.48
N GLY C 681 42.20 -28.71 -25.13
CA GLY C 681 41.18 -27.76 -24.69
C GLY C 681 40.05 -27.67 -25.70
N SER C 682 40.36 -27.67 -27.01
CA SER C 682 39.35 -27.59 -28.07
C SER C 682 38.32 -28.73 -27.97
N CYS C 683 37.10 -28.52 -28.51
CA CYS C 683 36.00 -29.51 -28.35
C CYS C 683 36.00 -30.58 -29.49
N GLN C 684 35.02 -31.50 -29.44
CA GLN C 684 34.86 -32.69 -30.30
C GLN C 684 35.81 -33.89 -30.05
N ARG C 685 36.54 -33.85 -28.95
CA ARG C 685 37.52 -34.88 -28.53
C ARG C 685 37.27 -35.45 -27.13
N GLY C 686 36.08 -35.20 -26.59
CA GLY C 686 35.70 -35.65 -25.27
C GLY C 686 36.21 -34.75 -24.19
N LEU C 687 35.78 -35.10 -22.98
CA LEU C 687 36.02 -34.33 -21.76
C LEU C 687 37.49 -34.25 -21.35
N ARG C 688 38.24 -35.35 -21.47
CA ARG C 688 39.65 -35.38 -21.02
C ARG C 688 40.59 -34.49 -21.81
N PHE C 689 40.31 -34.38 -23.11
CA PHE C 689 41.06 -33.50 -24.02
C PHE C 689 40.79 -32.02 -23.73
N GLU C 690 39.49 -31.69 -23.59
CA GLU C 690 39.01 -30.37 -23.11
C GLU C 690 39.58 -30.03 -21.73
N GLY C 691 39.63 -31.04 -20.85
CA GLY C 691 40.04 -30.90 -19.46
C GLY C 691 41.48 -30.56 -19.15
N ALA C 692 42.36 -30.63 -20.16
CA ALA C 692 43.74 -30.10 -20.06
C ALA C 692 43.88 -28.61 -19.63
N LEU C 693 42.84 -27.82 -19.91
CA LEU C 693 42.70 -26.44 -19.42
C LEU C 693 42.54 -26.26 -17.92
N LYS C 694 42.04 -27.27 -17.21
CA LYS C 694 41.34 -27.05 -15.93
C LYS C 694 42.24 -26.34 -14.90
N ASN C 695 41.86 -25.11 -14.55
CA ASN C 695 42.53 -24.24 -13.55
C ASN C 695 43.96 -23.79 -13.93
N GLN C 696 44.24 -23.74 -15.23
CA GLN C 696 45.55 -23.30 -15.75
C GLN C 696 45.45 -22.77 -17.18
N MET C 697 44.40 -21.96 -17.44
CA MET C 697 44.15 -21.43 -18.79
C MET C 697 45.31 -20.52 -19.18
N GLY C 698 45.71 -20.64 -20.45
CA GLY C 698 46.95 -20.07 -20.95
C GLY C 698 48.21 -20.92 -20.92
N GLN C 699 48.26 -21.93 -20.04
CA GLN C 699 49.51 -22.65 -19.74
C GLN C 699 49.81 -23.81 -20.71
N VAL C 700 48.79 -24.60 -21.02
CA VAL C 700 48.90 -25.78 -21.90
C VAL C 700 48.84 -25.45 -23.42
N GLU C 701 48.12 -24.38 -23.79
CA GLU C 701 47.64 -24.20 -25.18
C GLU C 701 48.74 -23.81 -26.16
N ILE C 702 49.60 -22.86 -25.77
CA ILE C 702 50.69 -22.35 -26.62
C ILE C 702 51.76 -23.41 -26.94
N GLU C 703 52.06 -24.27 -25.97
CA GLU C 703 53.01 -25.40 -26.14
C GLU C 703 52.58 -26.25 -27.35
N ASP C 704 51.31 -26.67 -27.35
CA ASP C 704 50.69 -27.42 -28.47
C ASP C 704 50.73 -26.63 -29.77
N GLN C 705 50.50 -25.32 -29.71
CA GLN C 705 50.58 -24.44 -30.88
C GLN C 705 51.99 -24.32 -31.44
N VAL C 706 52.99 -24.24 -30.54
CA VAL C 706 54.41 -24.25 -30.92
C VAL C 706 54.78 -25.60 -31.58
N GLU C 707 54.44 -26.70 -30.92
CA GLU C 707 54.63 -28.06 -31.45
C GLU C 707 54.03 -28.29 -32.85
N GLY C 708 52.80 -27.81 -33.04
CA GLY C 708 52.13 -27.86 -34.35
C GLY C 708 52.81 -27.03 -35.41
N LEU C 709 53.22 -25.81 -35.04
CA LEU C 709 53.99 -24.92 -35.91
C LEU C 709 55.36 -25.54 -36.33
N GLN C 710 56.11 -26.08 -35.37
CA GLN C 710 57.36 -26.84 -35.67
C GLN C 710 57.16 -28.11 -36.51
N PHE C 711 56.03 -28.79 -36.30
CA PHE C 711 55.68 -29.95 -37.12
C PHE C 711 55.46 -29.55 -38.58
N VAL C 712 54.65 -28.50 -38.76
CA VAL C 712 54.35 -27.89 -40.06
C VAL C 712 55.63 -27.48 -40.81
N ALA C 713 56.62 -26.98 -40.07
CA ALA C 713 57.92 -26.60 -40.63
C ALA C 713 58.73 -27.77 -41.21
N GLU C 714 58.72 -28.92 -40.53
CA GLU C 714 59.45 -30.12 -40.99
C GLU C 714 58.71 -30.79 -42.18
N LYS C 715 57.40 -31.01 -42.02
CA LYS C 715 56.56 -31.72 -43.03
C LYS C 715 56.53 -30.96 -44.35
N TYR C 716 56.08 -29.71 -44.29
CA TYR C 716 55.99 -28.82 -45.45
C TYR C 716 57.26 -27.97 -45.48
N GLY C 717 57.92 -27.91 -46.61
CA GLY C 717 59.24 -27.22 -46.67
C GLY C 717 59.27 -25.70 -46.76
N PHE C 718 58.16 -25.00 -46.43
CA PHE C 718 57.96 -23.58 -46.82
C PHE C 718 57.76 -22.56 -45.69
N ILE C 719 58.03 -22.95 -44.45
CA ILE C 719 57.85 -22.08 -43.29
C ILE C 719 59.20 -21.45 -42.97
N ASP C 720 59.24 -20.11 -42.92
CA ASP C 720 60.31 -19.37 -42.29
C ASP C 720 59.90 -19.09 -40.84
N LEU C 721 60.41 -19.89 -39.90
CA LEU C 721 60.15 -19.74 -38.45
C LEU C 721 60.73 -18.48 -37.82
N SER C 722 61.63 -17.80 -38.53
CA SER C 722 62.07 -16.44 -38.18
C SER C 722 61.01 -15.33 -38.38
N ARG C 723 59.97 -15.60 -39.19
CA ARG C 723 58.90 -14.62 -39.51
C ARG C 723 57.49 -15.15 -39.20
N VAL C 724 57.24 -15.45 -37.93
CA VAL C 724 55.94 -15.98 -37.51
C VAL C 724 55.16 -14.92 -36.74
N ALA C 725 53.91 -14.73 -37.15
CA ALA C 725 52.88 -13.92 -36.44
C ALA C 725 51.83 -14.83 -35.80
N ILE C 726 51.40 -14.50 -34.59
CA ILE C 726 50.24 -15.13 -33.92
C ILE C 726 49.07 -14.15 -33.96
N HIS C 727 47.90 -14.64 -34.34
CA HIS C 727 46.73 -13.80 -34.54
C HIS C 727 45.47 -14.55 -34.15
N GLY C 728 44.63 -13.90 -33.33
CA GLY C 728 43.34 -14.44 -32.97
C GLY C 728 42.43 -13.45 -32.28
N TRP C 729 41.13 -13.75 -32.27
N TRP C 729 41.14 -13.76 -32.25
CA TRP C 729 40.10 -12.91 -31.66
CA TRP C 729 40.12 -12.92 -31.65
C TRP C 729 39.60 -13.58 -30.38
C TRP C 729 39.60 -13.59 -30.38
N SER C 730 39.32 -12.77 -29.37
CA SER C 730 38.74 -13.23 -28.09
C SER C 730 39.68 -14.14 -27.25
N TYR C 731 39.44 -15.46 -27.21
CA TYR C 731 40.41 -16.39 -26.60
C TYR C 731 41.72 -16.41 -27.43
N GLY C 732 41.58 -16.34 -28.75
CA GLY C 732 42.70 -16.25 -29.69
C GLY C 732 43.60 -15.04 -29.49
N GLY C 733 42.98 -13.91 -29.11
CA GLY C 733 43.71 -12.69 -28.78
C GLY C 733 44.45 -12.85 -27.47
N PHE C 734 43.75 -13.45 -26.52
CA PHE C 734 44.33 -13.90 -25.26
C PHE C 734 45.56 -14.79 -25.50
N LEU C 735 45.40 -15.80 -26.34
CA LEU C 735 46.51 -16.67 -26.69
C LEU C 735 47.61 -16.00 -27.52
N SER C 736 47.24 -15.07 -28.39
CA SER C 736 48.23 -14.27 -29.12
C SER C 736 49.17 -13.54 -28.17
N LEU C 737 48.60 -12.95 -27.12
CA LEU C 737 49.38 -12.31 -26.03
C LEU C 737 50.21 -13.29 -25.23
N MET C 738 49.63 -14.45 -24.87
CA MET C 738 50.42 -15.54 -24.22
C MET C 738 51.58 -16.08 -25.05
N GLY C 739 51.36 -16.18 -26.35
CA GLY C 739 52.41 -16.49 -27.30
C GLY C 739 53.58 -15.53 -27.30
N LEU C 740 53.28 -14.23 -27.23
CA LEU C 740 54.32 -13.19 -27.22
C LEU C 740 55.05 -13.12 -25.88
N ILE C 741 54.29 -13.22 -24.79
CA ILE C 741 54.83 -13.25 -23.41
C ILE C 741 55.80 -14.42 -23.20
N HIS C 742 55.28 -15.62 -23.37
CA HIS C 742 56.00 -16.86 -23.05
C HIS C 742 56.89 -17.42 -24.18
N LYS C 743 56.63 -17.06 -25.45
CA LYS C 743 57.46 -17.54 -26.60
C LYS C 743 57.88 -16.39 -27.57
N PRO C 744 58.55 -15.34 -27.05
CA PRO C 744 58.99 -14.19 -27.89
C PRO C 744 60.01 -14.52 -29.01
N GLN C 745 60.88 -15.49 -28.77
CA GLN C 745 61.75 -16.07 -29.81
C GLN C 745 61.04 -16.88 -30.92
N VAL C 746 59.81 -17.34 -30.68
CA VAL C 746 58.98 -18.06 -31.67
C VAL C 746 58.19 -17.08 -32.55
N PHE C 747 57.40 -16.21 -31.89
CA PHE C 747 56.49 -15.26 -32.55
C PHE C 747 57.08 -13.85 -32.60
N LYS C 748 57.27 -13.34 -33.82
CA LYS C 748 57.82 -12.00 -34.05
C LYS C 748 56.82 -10.86 -33.80
N VAL C 749 55.57 -11.04 -34.25
CA VAL C 749 54.49 -10.11 -33.93
C VAL C 749 53.30 -10.82 -33.30
N ALA C 750 52.39 -10.01 -32.76
CA ALA C 750 51.10 -10.41 -32.27
C ALA C 750 50.05 -9.39 -32.71
N ILE C 751 48.95 -9.88 -33.28
CA ILE C 751 47.75 -9.06 -33.50
C ILE C 751 46.64 -9.69 -32.62
N ALA C 752 46.54 -9.21 -31.39
CA ALA C 752 45.50 -9.61 -30.44
C ALA C 752 44.20 -8.85 -30.66
N GLY C 753 43.17 -9.55 -31.13
CA GLY C 753 41.79 -9.01 -31.21
C GLY C 753 40.97 -9.32 -29.97
N ALA C 754 40.18 -8.35 -29.51
CA ALA C 754 39.31 -8.40 -28.32
C ALA C 754 39.70 -9.38 -27.17
N PRO C 755 40.95 -9.28 -26.68
CA PRO C 755 41.47 -10.31 -25.80
C PRO C 755 40.88 -10.24 -24.41
N VAL C 756 40.84 -11.41 -23.76
CA VAL C 756 40.61 -11.53 -22.31
C VAL C 756 41.98 -11.39 -21.64
N THR C 757 42.16 -10.23 -21.02
CA THR C 757 43.39 -9.85 -20.33
C THR C 757 43.40 -10.02 -18.80
N VAL C 758 42.20 -10.07 -18.22
CA VAL C 758 41.99 -10.23 -16.79
C VAL C 758 40.83 -11.24 -16.65
N TRP C 759 41.14 -12.45 -16.19
CA TRP C 759 40.08 -13.46 -15.94
C TRP C 759 39.10 -13.04 -14.83
N MET C 760 39.58 -12.30 -13.83
CA MET C 760 38.75 -11.64 -12.80
C MET C 760 37.63 -10.71 -13.31
N ALA C 761 37.79 -10.13 -14.49
CA ALA C 761 36.77 -9.29 -15.14
C ALA C 761 35.76 -10.03 -16.00
N TYR C 762 35.97 -11.33 -16.26
CA TYR C 762 35.00 -12.10 -17.11
C TYR C 762 33.91 -12.67 -16.20
N ASP C 763 32.85 -13.23 -16.77
CA ASP C 763 31.68 -13.72 -15.97
C ASP C 763 31.87 -15.02 -15.10
N THR C 764 30.88 -15.32 -14.27
CA THR C 764 30.78 -16.55 -13.46
C THR C 764 30.72 -17.82 -14.32
N GLY C 765 29.73 -17.88 -15.20
CA GLY C 765 29.37 -19.11 -15.95
C GLY C 765 30.48 -19.78 -16.72
N TYR C 766 31.18 -19.00 -17.54
CA TYR C 766 32.34 -19.46 -18.30
C TYR C 766 33.52 -19.65 -17.39
N THR C 767 33.90 -18.63 -16.65
CA THR C 767 35.21 -18.61 -15.97
C THR C 767 35.28 -19.63 -14.83
N GLU C 768 34.25 -19.71 -13.98
CA GLU C 768 34.22 -20.64 -12.83
C GLU C 768 34.27 -22.11 -13.25
N ARG C 769 33.52 -22.43 -14.31
CA ARG C 769 33.54 -23.76 -14.94
C ARG C 769 34.98 -24.27 -15.29
N TYR C 770 35.78 -23.45 -15.97
CA TYR C 770 37.18 -23.84 -16.38
C TYR C 770 38.27 -23.48 -15.37
N MET C 771 38.11 -22.32 -14.73
CA MET C 771 39.15 -21.75 -13.86
C MET C 771 38.85 -21.67 -12.38
N ASP C 772 37.67 -22.13 -11.95
CA ASP C 772 37.20 -22.05 -10.54
C ASP C 772 36.87 -20.61 -10.17
N VAL C 773 36.46 -20.43 -8.93
CA VAL C 773 36.33 -19.11 -8.28
C VAL C 773 37.74 -18.52 -7.97
N PRO C 774 37.93 -17.16 -8.03
CA PRO C 774 39.26 -16.55 -7.78
C PRO C 774 39.90 -16.85 -6.43
N GLU C 775 39.12 -16.80 -5.34
CA GLU C 775 39.62 -17.22 -4.00
C GLU C 775 40.16 -18.67 -3.92
N ASN C 776 39.69 -19.56 -4.80
CA ASN C 776 40.17 -20.95 -4.91
C ASN C 776 41.29 -21.22 -5.91
N ASN C 777 41.63 -20.26 -6.76
CA ASN C 777 42.69 -20.44 -7.78
C ASN C 777 43.45 -19.15 -8.05
N GLN C 778 44.05 -18.60 -7.00
CA GLN C 778 44.80 -17.33 -7.09
C GLN C 778 45.96 -17.48 -8.09
N HIS C 779 46.73 -18.57 -7.96
CA HIS C 779 47.88 -18.88 -8.83
C HIS C 779 47.53 -18.99 -10.32
N GLY C 780 46.40 -19.62 -10.64
CA GLY C 780 45.96 -19.85 -12.03
C GLY C 780 45.33 -18.64 -12.71
N TYR C 781 44.45 -17.93 -12.00
CA TYR C 781 43.94 -16.60 -12.40
C TYR C 781 45.04 -15.60 -12.74
N GLU C 782 46.05 -15.52 -11.88
CA GLU C 782 47.22 -14.66 -12.11
C GLU C 782 48.05 -15.13 -13.31
N ALA C 783 48.40 -16.42 -13.33
CA ALA C 783 49.21 -17.02 -14.41
C ALA C 783 48.58 -16.88 -15.82
N GLY C 784 47.24 -16.96 -15.88
CA GLY C 784 46.46 -16.83 -17.11
C GLY C 784 45.95 -15.46 -17.49
N SER C 785 46.28 -14.42 -16.70
CA SER C 785 45.86 -13.03 -16.93
C SER C 785 46.99 -12.27 -17.64
N VAL C 786 46.88 -12.11 -18.96
CA VAL C 786 47.96 -11.50 -19.78
C VAL C 786 48.36 -10.07 -19.39
N ALA C 787 47.41 -9.31 -18.81
CA ALA C 787 47.69 -7.95 -18.30
C ALA C 787 48.65 -7.89 -17.10
N LEU C 788 48.69 -8.96 -16.31
CA LEU C 788 49.57 -9.07 -15.15
C LEU C 788 51.01 -9.47 -15.49
N HIS C 789 51.31 -9.84 -16.74
CA HIS C 789 52.68 -10.24 -17.15
C HIS C 789 53.20 -9.33 -18.27
N VAL C 790 52.88 -8.06 -18.14
CA VAL C 790 53.21 -7.05 -19.14
C VAL C 790 54.72 -6.74 -19.18
N GLU C 791 55.44 -6.86 -18.06
CA GLU C 791 56.92 -6.82 -18.06
C GLU C 791 57.54 -7.79 -19.07
N LYS C 792 56.96 -8.99 -19.19
CA LYS C 792 57.41 -9.99 -20.17
C LYS C 792 57.10 -9.67 -21.65
N LEU C 793 56.23 -8.69 -21.93
CA LEU C 793 55.94 -8.23 -23.32
C LEU C 793 57.10 -7.44 -23.91
N PRO C 794 57.17 -7.35 -25.26
CA PRO C 794 58.45 -6.89 -25.85
C PRO C 794 58.73 -5.37 -25.70
N ASN C 795 60.00 -5.09 -25.41
CA ASN C 795 60.59 -3.74 -25.37
C ASN C 795 60.67 -3.10 -26.76
N GLU C 796 60.74 -3.93 -27.81
CA GLU C 796 60.77 -3.47 -29.19
C GLU C 796 59.33 -3.05 -29.62
N PRO C 797 59.15 -1.85 -30.24
CA PRO C 797 57.85 -1.52 -30.85
C PRO C 797 57.57 -2.29 -32.15
N ASN C 798 56.38 -2.11 -32.68
CA ASN C 798 55.91 -2.82 -33.91
C ASN C 798 55.75 -4.37 -33.83
N ARG C 799 55.70 -4.92 -32.61
CA ARG C 799 55.51 -6.36 -32.37
C ARG C 799 54.16 -6.73 -31.74
N LEU C 800 53.29 -5.74 -31.50
CA LEU C 800 52.04 -5.94 -30.76
C LEU C 800 51.00 -4.97 -31.26
N LEU C 801 49.94 -5.51 -31.83
CA LEU C 801 48.79 -4.77 -32.28
C LEU C 801 47.58 -5.26 -31.48
N ILE C 802 46.92 -4.33 -30.78
CA ILE C 802 45.65 -4.63 -30.07
C ILE C 802 44.47 -4.14 -30.92
N LEU C 803 43.39 -4.91 -30.98
CA LEU C 803 42.13 -4.50 -31.64
C LEU C 803 40.98 -4.77 -30.67
N HIS C 804 39.97 -3.91 -30.64
CA HIS C 804 38.77 -4.17 -29.81
C HIS C 804 37.58 -3.37 -30.31
N GLY C 805 36.38 -3.97 -30.24
CA GLY C 805 35.10 -3.29 -30.45
C GLY C 805 34.75 -2.49 -29.21
N PHE C 806 34.50 -1.20 -29.39
CA PHE C 806 34.18 -0.32 -28.27
C PHE C 806 32.88 -0.67 -27.51
N LEU C 807 31.86 -1.12 -28.25
CA LEU C 807 30.56 -1.50 -27.71
C LEU C 807 30.50 -2.99 -27.25
N ASP C 808 31.62 -3.61 -26.92
CA ASP C 808 31.67 -5.03 -26.61
C ASP C 808 31.10 -5.23 -25.18
N GLU C 809 29.93 -5.89 -25.09
CA GLU C 809 29.25 -6.23 -23.81
C GLU C 809 29.55 -7.63 -23.24
N ASN C 810 30.42 -8.36 -23.94
CA ASN C 810 30.80 -9.73 -23.61
C ASN C 810 32.18 -9.63 -22.96
N VAL C 811 33.18 -9.33 -23.81
CA VAL C 811 34.56 -9.05 -23.39
C VAL C 811 34.67 -7.51 -23.36
N HIS C 812 34.57 -6.92 -22.16
CA HIS C 812 34.46 -5.48 -22.08
C HIS C 812 35.71 -4.80 -22.60
N PHE C 813 35.55 -3.65 -23.28
CA PHE C 813 36.68 -2.82 -23.72
C PHE C 813 37.69 -2.57 -22.58
N PHE C 814 37.18 -2.53 -21.35
CA PHE C 814 38.01 -2.58 -20.14
C PHE C 814 39.27 -3.45 -20.28
N HIS C 815 39.10 -4.67 -20.80
CA HIS C 815 40.21 -5.61 -20.97
C HIS C 815 41.37 -5.00 -21.72
N THR C 816 41.07 -4.40 -22.89
CA THR C 816 42.06 -3.65 -23.70
C THR C 816 42.54 -2.41 -22.91
N ASN C 817 41.60 -1.68 -22.33
CA ASN C 817 41.89 -0.47 -21.54
C ASN C 817 42.91 -0.76 -20.43
N PHE C 818 42.63 -1.82 -19.68
CA PHE C 818 43.47 -2.29 -18.57
C PHE C 818 44.83 -2.84 -19.04
N LEU C 819 44.85 -3.50 -20.19
CA LEU C 819 46.12 -3.91 -20.83
C LEU C 819 46.97 -2.69 -21.19
N VAL C 820 46.35 -1.66 -21.78
CA VAL C 820 47.05 -0.42 -22.15
C VAL C 820 47.56 0.31 -20.91
N SER C 821 46.71 0.42 -19.90
CA SER C 821 47.07 1.01 -18.60
C SER C 821 48.36 0.38 -18.06
N GLN C 822 48.40 -0.96 -18.05
CA GLN C 822 49.57 -1.72 -17.56
C GLN C 822 50.77 -1.70 -18.48
N LEU C 823 50.54 -1.64 -19.79
CA LEU C 823 51.61 -1.40 -20.81
C LEU C 823 52.34 -0.07 -20.64
N ILE C 824 51.58 0.98 -20.30
CA ILE C 824 52.12 2.29 -19.95
C ILE C 824 52.96 2.22 -18.65
N ARG C 825 52.44 1.55 -17.62
CA ARG C 825 53.16 1.37 -16.32
C ARG C 825 54.49 0.62 -16.42
N ALA C 826 54.55 -0.39 -17.27
CA ALA C 826 55.77 -1.15 -17.56
C ALA C 826 56.70 -0.50 -18.60
N GLY C 827 56.24 0.55 -19.27
CA GLY C 827 57.02 1.35 -20.21
C GLY C 827 57.08 0.76 -21.60
N LYS C 828 56.00 0.11 -22.03
CA LYS C 828 56.02 -0.85 -23.12
C LYS C 828 55.27 -0.34 -24.34
N PRO C 829 55.89 -0.47 -25.54
CA PRO C 829 55.23 0.00 -26.76
C PRO C 829 54.02 -0.84 -27.19
N TYR C 830 53.05 -0.17 -27.83
CA TYR C 830 51.87 -0.82 -28.38
C TYR C 830 51.27 0.03 -29.50
N GLN C 831 50.61 -0.64 -30.42
CA GLN C 831 49.71 -0.04 -31.39
C GLN C 831 48.28 -0.50 -31.10
N LEU C 832 47.30 0.29 -31.50
CA LEU C 832 45.89 0.08 -31.13
C LEU C 832 44.97 0.55 -32.22
N GLN C 833 43.87 -0.21 -32.42
CA GLN C 833 42.74 0.13 -33.29
C GLN C 833 41.41 -0.14 -32.54
N ILE C 834 40.49 0.81 -32.59
CA ILE C 834 39.17 0.70 -31.98
C ILE C 834 38.17 0.56 -33.15
N TYR C 835 37.05 -0.12 -32.86
CA TYR C 835 35.89 -0.20 -33.73
C TYR C 835 34.77 0.38 -32.92
N PRO C 836 34.46 1.68 -33.13
CA PRO C 836 33.50 2.37 -32.25
C PRO C 836 32.04 1.93 -32.34
N ASN C 837 31.65 1.34 -33.46
CA ASN C 837 30.26 0.94 -33.70
C ASN C 837 30.07 -0.59 -33.76
N GLU C 838 30.88 -1.32 -33.00
CA GLU C 838 30.99 -2.78 -33.06
C GLU C 838 31.05 -3.36 -31.67
N ARG C 839 30.33 -4.47 -31.44
CA ARG C 839 30.38 -5.20 -30.18
C ARG C 839 31.47 -6.28 -30.31
N HIS C 840 31.21 -7.54 -29.94
CA HIS C 840 32.22 -8.58 -29.97
C HIS C 840 32.69 -9.04 -31.37
N SER C 841 31.85 -8.91 -32.40
CA SER C 841 32.24 -9.15 -33.82
C SER C 841 32.17 -7.87 -34.65
N ILE C 842 33.01 -7.76 -35.69
CA ILE C 842 32.92 -6.67 -36.68
C ILE C 842 31.84 -7.09 -37.72
N ARG C 843 30.60 -6.64 -37.49
CA ARG C 843 29.48 -6.87 -38.42
C ARG C 843 29.50 -5.97 -39.69
N CYS C 844 29.73 -4.67 -39.52
CA CYS C 844 29.67 -3.74 -40.64
C CYS C 844 30.81 -4.00 -41.67
N PRO C 845 30.47 -4.19 -42.96
CA PRO C 845 31.47 -4.57 -43.96
C PRO C 845 32.62 -3.60 -44.12
N GLU C 846 32.32 -2.28 -44.13
CA GLU C 846 33.35 -1.21 -44.25
C GLU C 846 34.36 -1.25 -43.08
N SER C 847 33.88 -1.49 -41.86
CA SER C 847 34.75 -1.76 -40.70
C SER C 847 35.60 -3.01 -40.91
N GLY C 848 34.93 -4.07 -41.39
CA GLY C 848 35.58 -5.34 -41.72
C GLY C 848 36.72 -5.23 -42.72
N GLU C 849 36.48 -4.53 -43.83
CA GLU C 849 37.53 -4.23 -44.83
C GLU C 849 38.69 -3.45 -44.23
N HIS C 850 38.39 -2.45 -43.41
CA HIS C 850 39.41 -1.67 -42.71
C HIS C 850 40.28 -2.54 -41.81
N TYR C 851 39.65 -3.45 -41.09
CA TYR C 851 40.35 -4.41 -40.23
C TYR C 851 41.37 -5.25 -41.00
N GLU C 852 40.92 -5.81 -42.13
CA GLU C 852 41.75 -6.66 -42.95
C GLU C 852 42.91 -5.88 -43.62
N VAL C 853 42.65 -4.64 -44.05
CA VAL C 853 43.67 -3.79 -44.71
C VAL C 853 44.79 -3.44 -43.72
N THR C 854 44.40 -3.07 -42.50
CA THR C 854 45.32 -2.78 -41.39
C THR C 854 46.23 -3.98 -41.10
N LEU C 855 45.60 -5.16 -40.98
CA LEU C 855 46.31 -6.43 -40.72
C LEU C 855 47.37 -6.68 -41.80
N LEU C 856 46.97 -6.54 -43.05
CA LEU C 856 47.89 -6.74 -44.18
C LEU C 856 49.08 -5.79 -44.10
N HIS C 857 48.80 -4.52 -43.82
CA HIS C 857 49.81 -3.49 -43.65
C HIS C 857 50.74 -3.77 -42.49
N PHE C 858 50.18 -4.12 -41.34
CA PHE C 858 50.97 -4.46 -40.15
C PHE C 858 51.90 -5.64 -40.40
N LEU C 859 51.40 -6.66 -41.10
CA LEU C 859 52.21 -7.85 -41.47
C LEU C 859 53.28 -7.51 -42.53
N GLN C 860 52.85 -6.78 -43.57
CA GLN C 860 53.71 -6.29 -44.67
C GLN C 860 54.93 -5.53 -44.17
N GLU C 861 54.66 -4.49 -43.38
CA GLU C 861 55.72 -3.58 -42.91
C GLU C 861 56.61 -4.21 -41.82
N TYR C 862 55.98 -4.87 -40.84
CA TYR C 862 56.63 -5.26 -39.58
C TYR C 862 56.96 -6.75 -39.38
N LEU C 863 56.39 -7.67 -40.14
CA LEU C 863 56.91 -9.06 -40.21
C LEU C 863 57.98 -9.19 -41.29
N HIS C 864 58.01 -8.26 -42.26
CA HIS C 864 59.10 -8.06 -43.28
C HIS C 864 59.00 -9.04 -44.44
N ASP D 19 70.37 19.81 -50.59
CA ASP D 19 69.50 18.59 -50.68
C ASP D 19 70.07 17.27 -50.09
N PRO D 20 71.30 16.83 -50.50
CA PRO D 20 71.73 15.48 -50.09
C PRO D 20 72.38 15.48 -48.70
N ALA D 21 73.64 15.89 -48.61
CA ALA D 21 74.36 15.98 -47.33
C ALA D 21 73.73 17.00 -46.35
N ALA D 22 73.04 18.01 -46.89
CA ALA D 22 72.36 19.07 -46.16
C ALA D 22 71.32 18.63 -45.11
N ARG D 23 70.52 17.59 -45.41
CA ARG D 23 69.51 17.11 -44.49
C ARG D 23 70.16 16.43 -43.30
N PHE D 24 69.93 16.98 -42.10
CA PHE D 24 70.37 16.40 -40.84
C PHE D 24 69.43 15.25 -40.55
N GLN D 25 70.02 14.07 -40.34
CA GLN D 25 69.27 12.90 -39.93
C GLN D 25 69.36 12.81 -38.40
N VAL D 26 68.20 12.68 -37.77
CA VAL D 26 68.10 12.42 -36.33
C VAL D 26 68.75 11.06 -36.05
N GLN D 27 69.48 10.96 -34.94
CA GLN D 27 69.99 9.68 -34.44
C GLN D 27 68.84 8.73 -34.01
N LYS D 28 68.82 7.52 -34.56
CA LYS D 28 67.75 6.55 -34.37
C LYS D 28 68.04 5.67 -33.15
N HIS D 29 67.29 5.91 -32.08
CA HIS D 29 67.35 5.10 -30.85
C HIS D 29 66.32 3.98 -30.80
N SER D 30 66.71 2.90 -30.14
CA SER D 30 65.76 1.88 -29.68
C SER D 30 64.79 2.45 -28.62
N TRP D 31 63.75 1.68 -28.32
CA TRP D 31 62.70 2.14 -27.38
C TRP D 31 63.22 2.35 -25.97
N ASP D 32 64.05 1.42 -25.48
CA ASP D 32 64.74 1.59 -24.20
C ASP D 32 65.67 2.81 -24.20
N GLY D 33 66.33 3.05 -25.33
CA GLY D 33 67.15 4.25 -25.53
C GLY D 33 66.41 5.57 -25.38
N LEU D 34 65.25 5.67 -26.04
CA LEU D 34 64.36 6.81 -25.91
C LEU D 34 63.81 6.99 -24.47
N ARG D 35 63.48 5.87 -23.81
CA ARG D 35 63.06 5.86 -22.39
C ARG D 35 64.11 6.50 -21.45
N SER D 36 65.38 6.11 -21.63
CA SER D 36 66.50 6.66 -20.85
C SER D 36 66.76 8.15 -21.15
N ILE D 37 66.61 8.52 -22.43
CA ILE D 37 66.66 9.94 -22.86
C ILE D 37 65.59 10.76 -22.14
N ILE D 38 64.34 10.28 -22.16
CA ILE D 38 63.22 10.96 -21.49
C ILE D 38 63.40 10.97 -19.97
N HIS D 39 63.86 9.85 -19.41
CA HIS D 39 64.17 9.75 -17.97
C HIS D 39 65.30 10.68 -17.50
N GLY D 40 66.33 10.82 -18.34
CA GLY D 40 67.44 11.77 -18.09
C GLY D 40 67.04 13.25 -18.09
N SER D 41 66.10 13.63 -18.96
CA SER D 41 65.62 15.03 -19.07
C SER D 41 64.84 15.48 -17.82
N ARG D 42 63.91 14.65 -17.37
CA ARG D 42 63.07 14.95 -16.18
C ARG D 42 63.78 14.72 -14.82
N LYS D 43 65.03 14.22 -14.79
CA LYS D 43 65.80 14.03 -13.53
C LYS D 43 66.24 15.37 -12.92
N ASN D 50 58.90 22.91 -9.45
CA ASN D 50 57.96 23.11 -8.34
C ASN D 50 57.32 24.50 -8.39
N LYS D 51 56.07 24.59 -7.92
CA LYS D 51 55.27 25.83 -8.00
C LYS D 51 55.79 26.88 -7.01
N ALA D 52 55.86 28.13 -7.49
CA ALA D 52 56.43 29.24 -6.71
C ALA D 52 55.45 29.74 -5.65
N PRO D 53 55.94 30.48 -4.62
CA PRO D 53 55.08 31.17 -3.66
C PRO D 53 53.97 32.03 -4.30
N HIS D 54 52.75 31.75 -3.88
CA HIS D 54 51.55 32.41 -4.39
C HIS D 54 50.49 32.48 -3.27
N ASP D 55 49.34 33.12 -3.57
CA ASP D 55 48.20 33.21 -2.65
C ASP D 55 48.65 33.96 -1.37
N PHE D 56 49.18 35.17 -1.59
CA PHE D 56 49.85 35.97 -0.54
C PHE D 56 48.88 36.75 0.35
N GLN D 57 49.32 37.01 1.58
CA GLN D 57 48.63 37.91 2.52
C GLN D 57 49.68 38.68 3.32
N PHE D 58 49.70 40.00 3.14
CA PHE D 58 50.55 40.89 3.96
C PHE D 58 49.81 41.25 5.25
N VAL D 59 50.46 41.00 6.39
CA VAL D 59 49.95 41.44 7.69
C VAL D 59 51.09 42.19 8.38
N GLN D 60 50.83 43.44 8.79
CA GLN D 60 51.77 44.27 9.56
C GLN D 60 51.88 43.78 11.02
N LYS D 61 53.09 43.87 11.58
CA LYS D 61 53.35 43.66 13.02
C LYS D 61 53.12 45.00 13.72
N THR D 62 52.20 45.01 14.69
CA THR D 62 51.85 46.22 15.47
C THR D 62 52.67 46.21 16.77
N ASP D 63 53.97 46.43 16.62
CA ASP D 63 54.98 46.23 17.67
C ASP D 63 56.30 46.90 17.24
N GLU D 64 56.58 48.06 17.83
CA GLU D 64 57.82 48.82 17.55
C GLU D 64 59.11 48.13 18.03
N SER D 65 59.00 47.36 19.12
CA SER D 65 60.17 46.74 19.78
C SER D 65 60.82 45.57 19.03
N GLY D 66 60.02 44.82 18.27
CA GLY D 66 60.51 43.64 17.54
C GLY D 66 61.35 43.97 16.30
N PRO D 67 62.05 42.94 15.72
CA PRO D 67 62.88 43.13 14.52
C PRO D 67 62.14 43.07 13.16
N HIS D 68 60.85 42.67 13.14
CA HIS D 68 60.10 42.41 11.88
C HIS D 68 58.95 43.40 11.66
N SER D 69 58.85 43.93 10.43
CA SER D 69 57.81 44.89 10.02
C SER D 69 56.49 44.24 9.62
N HIS D 70 56.60 43.10 8.93
CA HIS D 70 55.46 42.30 8.48
C HIS D 70 55.72 40.81 8.67
N ARG D 71 54.62 40.07 8.65
CA ARG D 71 54.64 38.64 8.36
C ARG D 71 53.86 38.46 7.06
N LEU D 72 54.52 37.86 6.08
CA LEU D 72 53.95 37.55 4.78
C LEU D 72 53.54 36.07 4.80
N TYR D 73 52.23 35.81 4.72
CA TYR D 73 51.67 34.44 4.67
C TYR D 73 51.41 34.10 3.22
N TYR D 74 51.63 32.85 2.85
CA TYR D 74 51.47 32.38 1.45
C TYR D 74 51.43 30.87 1.34
N LEU D 75 50.93 30.42 0.20
CA LEU D 75 51.02 29.02 -0.22
C LEU D 75 52.36 28.79 -0.88
N GLY D 76 52.97 27.65 -0.58
CA GLY D 76 54.22 27.25 -1.23
C GLY D 76 54.55 25.79 -1.04
N MET D 77 55.28 25.26 -2.02
CA MET D 77 55.80 23.89 -2.05
C MET D 77 57.33 24.00 -2.09
N PRO D 78 58.01 23.72 -0.95
CA PRO D 78 59.49 23.69 -0.95
C PRO D 78 60.10 22.59 -1.84
N TYR D 79 61.35 22.80 -2.29
CA TYR D 79 62.08 21.87 -3.17
C TYR D 79 62.18 20.45 -2.62
N GLY D 80 62.43 20.35 -1.31
CA GLY D 80 62.43 19.06 -0.60
C GLY D 80 61.05 18.45 -0.43
N SER D 81 60.06 19.28 -0.11
CA SER D 81 58.72 18.85 0.27
C SER D 81 57.91 18.22 -0.86
N ARG D 82 57.03 17.29 -0.48
CA ARG D 82 56.11 16.63 -1.39
C ARG D 82 54.95 17.55 -1.83
N GLU D 83 54.36 18.29 -0.87
CA GLU D 83 53.05 18.94 -1.06
C GLU D 83 53.09 20.45 -0.96
N ASN D 84 52.08 21.10 -1.55
CA ASN D 84 51.80 22.53 -1.37
C ASN D 84 51.23 22.73 0.05
N SER D 85 51.56 23.85 0.67
CA SER D 85 51.18 24.09 2.09
C SER D 85 51.23 25.56 2.49
N LEU D 86 50.61 25.86 3.65
CA LEU D 86 50.61 27.20 4.24
C LEU D 86 51.97 27.46 4.88
N LEU D 87 52.60 28.56 4.46
CA LEU D 87 53.92 28.98 4.92
C LEU D 87 53.90 30.43 5.30
N TYR D 88 54.98 30.87 5.94
CA TYR D 88 55.21 32.28 6.21
C TYR D 88 56.69 32.66 6.17
N SER D 89 56.94 33.89 5.75
CA SER D 89 58.24 34.52 5.83
C SER D 89 58.12 35.73 6.75
N GLU D 90 59.22 36.04 7.41
CA GLU D 90 59.34 37.17 8.33
C GLU D 90 60.02 38.30 7.56
N ILE D 91 59.34 39.43 7.37
CA ILE D 91 59.90 40.60 6.67
C ILE D 91 60.63 41.45 7.72
N PRO D 92 61.98 41.62 7.61
CA PRO D 92 62.72 42.41 8.61
C PRO D 92 62.60 43.93 8.47
N LYS D 93 62.88 44.64 9.57
CA LYS D 93 62.76 46.12 9.65
C LYS D 93 63.89 46.86 8.95
N LYS D 94 65.11 46.33 9.04
CA LYS D 94 66.28 46.83 8.28
C LYS D 94 67.15 45.67 7.84
N VAL D 95 67.68 45.77 6.63
CA VAL D 95 68.53 44.76 5.98
C VAL D 95 69.74 45.49 5.40
N ARG D 96 70.90 44.83 5.42
CA ARG D 96 72.16 45.44 4.96
C ARG D 96 72.21 45.58 3.44
N ALA D 99 74.54 43.23 0.87
CA ALA D 99 74.27 41.79 1.00
C ALA D 99 72.81 41.42 0.65
N LEU D 100 72.65 40.34 -0.13
CA LEU D 100 71.35 39.84 -0.58
C LEU D 100 70.72 38.99 0.51
N LEU D 101 69.66 39.53 1.14
CA LEU D 101 68.85 38.79 2.11
C LEU D 101 67.92 37.83 1.40
N LEU D 102 68.00 36.56 1.80
CA LEU D 102 67.04 35.52 1.44
C LEU D 102 66.17 35.26 2.68
N LEU D 103 64.86 35.25 2.48
CA LEU D 103 63.89 35.04 3.55
C LEU D 103 63.73 33.54 3.89
N SER D 104 63.54 33.22 5.17
CA SER D 104 63.22 31.85 5.61
C SER D 104 61.77 31.50 5.22
N TRP D 105 61.55 30.25 4.83
CA TRP D 105 60.21 29.67 4.64
C TRP D 105 59.88 28.90 5.91
N LYS D 106 59.22 29.57 6.84
CA LYS D 106 58.78 28.98 8.11
C LYS D 106 57.46 28.22 7.85
N GLN D 107 57.39 26.99 8.34
CA GLN D 107 56.16 26.19 8.31
C GLN D 107 55.13 26.74 9.30
N MET D 108 53.85 26.73 8.88
CA MET D 108 52.72 27.01 9.77
C MET D 108 52.18 25.73 10.41
N LEU D 109 51.98 24.69 9.59
CA LEU D 109 51.37 23.42 10.00
C LEU D 109 52.45 22.45 10.47
N ASP D 110 52.21 21.81 11.62
CA ASP D 110 53.22 20.97 12.30
C ASP D 110 53.10 19.51 11.85
N HIS D 111 54.00 19.12 10.93
CA HIS D 111 54.09 17.76 10.34
C HIS D 111 52.73 17.26 9.78
N PHE D 112 52.13 18.08 8.91
CA PHE D 112 50.72 17.95 8.50
C PHE D 112 50.63 17.58 7.01
N GLN D 113 50.01 16.42 6.75
CA GLN D 113 49.64 15.99 5.38
C GLN D 113 48.23 16.52 5.06
N ALA D 114 48.20 17.55 4.23
CA ALA D 114 46.98 18.07 3.63
C ALA D 114 46.41 17.19 2.50
N THR D 115 47.29 16.52 1.74
CA THR D 115 46.88 15.64 0.62
C THR D 115 46.29 14.34 1.18
N PRO D 116 45.14 13.86 0.61
CA PRO D 116 44.59 12.56 1.07
C PRO D 116 45.42 11.36 0.62
N HIS D 117 45.16 10.22 1.25
CA HIS D 117 45.97 8.98 1.09
C HIS D 117 46.14 8.55 -0.39
N HIS D 118 47.40 8.41 -0.81
CA HIS D 118 47.80 8.10 -2.21
C HIS D 118 47.44 9.16 -3.29
N GLY D 119 47.21 10.41 -2.85
CA GLY D 119 46.70 11.48 -3.73
C GLY D 119 45.32 11.30 -4.33
N VAL D 120 44.48 10.47 -3.69
CA VAL D 120 43.14 10.11 -4.17
C VAL D 120 42.14 11.02 -3.47
N TYR D 121 41.77 12.11 -4.17
CA TYR D 121 40.74 13.04 -3.71
C TYR D 121 39.32 12.44 -3.84
N SER D 122 38.36 13.09 -3.19
CA SER D 122 36.94 12.87 -3.49
C SER D 122 36.61 13.36 -4.90
N ARG D 123 35.52 12.85 -5.45
CA ARG D 123 35.10 13.12 -6.83
C ARG D 123 34.88 14.65 -7.07
N GLU D 124 34.14 15.29 -6.17
CA GLU D 124 33.85 16.73 -6.23
C GLU D 124 35.13 17.58 -6.19
N GLU D 125 35.99 17.26 -5.21
CA GLU D 125 37.26 17.95 -5.00
C GLU D 125 38.31 17.71 -6.10
N GLU D 126 38.36 16.50 -6.67
CA GLU D 126 39.24 16.22 -7.84
C GLU D 126 38.79 16.97 -9.09
N LEU D 127 37.46 17.04 -9.30
CA LEU D 127 36.90 17.77 -10.45
C LEU D 127 37.06 19.27 -10.36
N LEU D 128 36.98 19.83 -9.16
CA LEU D 128 37.39 21.21 -8.91
C LEU D 128 38.87 21.48 -9.32
N ARG D 129 39.76 20.54 -9.06
CA ARG D 129 41.19 20.63 -9.47
C ARG D 129 41.44 20.57 -11.00
N GLU D 130 40.54 19.89 -11.73
CA GLU D 130 40.49 19.92 -13.20
C GLU D 130 39.99 21.27 -13.75
N ARG D 131 38.89 21.77 -13.18
CA ARG D 131 38.30 23.09 -13.55
C ARG D 131 39.24 24.27 -13.25
N LYS D 132 40.00 24.18 -12.15
CA LYS D 132 41.05 25.16 -11.77
C LYS D 132 42.47 24.89 -12.33
N ARG D 133 42.66 23.82 -13.11
CA ARG D 133 44.00 23.39 -13.66
C ARG D 133 45.11 23.22 -12.59
N LEU D 134 44.70 22.77 -11.40
CA LEU D 134 45.60 22.65 -10.24
C LEU D 134 46.42 21.37 -10.38
N GLY D 135 47.67 21.54 -10.78
CA GLY D 135 48.64 20.43 -10.87
C GLY D 135 49.22 19.93 -9.57
N VAL D 136 49.23 20.78 -8.53
CA VAL D 136 49.99 20.54 -7.30
C VAL D 136 49.12 19.86 -6.26
N PHE D 137 49.70 18.92 -5.50
CA PHE D 137 49.04 18.28 -4.35
C PHE D 137 49.10 19.14 -3.07
N GLY D 138 48.12 18.95 -2.17
CA GLY D 138 48.01 19.71 -0.90
C GLY D 138 47.03 20.86 -0.94
N ILE D 139 47.25 21.87 -0.08
CA ILE D 139 46.34 23.02 0.07
C ILE D 139 46.55 23.95 -1.14
N THR D 140 45.51 24.07 -1.96
CA THR D 140 45.53 24.84 -3.21
C THR D 140 44.79 26.16 -3.16
N SER D 141 43.76 26.26 -2.31
CA SER D 141 43.18 27.53 -1.89
C SER D 141 43.09 27.59 -0.36
N TYR D 142 43.05 28.81 0.16
CA TYR D 142 42.61 29.05 1.53
C TYR D 142 41.89 30.39 1.64
N ASP D 143 41.06 30.48 2.68
CA ASP D 143 40.39 31.74 3.08
C ASP D 143 41.08 32.30 4.34
N PHE D 144 41.14 33.63 4.42
CA PHE D 144 41.77 34.34 5.54
C PHE D 144 40.89 35.51 6.02
N HIS D 145 40.85 35.72 7.34
CA HIS D 145 40.15 36.82 7.99
C HIS D 145 41.18 37.59 8.84
N SER D 146 41.32 38.88 8.55
CA SER D 146 42.47 39.66 8.99
C SER D 146 42.49 40.04 10.49
N GLU D 147 41.35 40.51 11.03
CA GLU D 147 41.25 40.99 12.43
C GLU D 147 41.46 39.89 13.45
N SER D 148 40.74 38.78 13.26
CA SER D 148 40.86 37.53 14.05
C SER D 148 42.06 36.65 13.71
N GLY D 149 42.59 36.74 12.48
CA GLY D 149 43.74 35.93 12.04
C GLY D 149 43.44 34.46 11.74
N LEU D 150 42.22 34.20 11.28
CA LEU D 150 41.67 32.86 11.11
C LEU D 150 41.92 32.38 9.68
N PHE D 151 42.49 31.19 9.54
CA PHE D 151 42.73 30.56 8.25
C PHE D 151 41.75 29.40 8.10
N LEU D 152 41.09 29.31 6.95
CA LEU D 152 40.09 28.24 6.67
C LEU D 152 40.34 27.62 5.30
N PHE D 153 40.39 26.28 5.26
CA PHE D 153 40.88 25.55 4.08
C PHE D 153 40.51 24.05 4.07
N GLN D 154 40.37 23.49 2.88
CA GLN D 154 40.17 22.02 2.70
C GLN D 154 41.51 21.29 2.91
N ALA D 155 41.43 20.06 3.42
CA ALA D 155 42.57 19.16 3.61
C ALA D 155 42.08 17.78 4.09
N SER D 156 42.77 16.72 3.66
CA SER D 156 42.45 15.31 3.95
C SER D 156 40.99 14.91 3.68
N ASN D 157 40.44 15.46 2.58
CA ASN D 157 39.01 15.37 2.23
C ASN D 157 38.09 15.78 3.43
N SER D 158 38.51 16.84 4.11
CA SER D 158 37.87 17.37 5.31
C SER D 158 38.14 18.89 5.38
N LEU D 159 37.72 19.52 6.48
CA LEU D 159 37.98 20.97 6.76
C LEU D 159 38.89 21.19 7.97
N PHE D 160 39.72 22.24 7.88
CA PHE D 160 40.76 22.55 8.85
C PHE D 160 40.90 24.06 9.05
N HIS D 161 41.42 24.42 10.23
CA HIS D 161 41.65 25.80 10.60
C HIS D 161 42.84 25.97 11.56
N CYS D 162 43.41 27.17 11.52
CA CYS D 162 44.44 27.61 12.46
C CYS D 162 44.34 29.13 12.69
N ARG D 163 44.92 29.56 13.82
CA ARG D 163 44.91 30.97 14.24
C ARG D 163 46.34 31.48 14.40
N ASP D 164 46.65 32.58 13.71
CA ASP D 164 47.94 33.28 13.83
C ASP D 164 47.77 34.75 13.48
N GLY D 165 48.53 35.62 14.17
CA GLY D 165 48.33 37.07 14.09
C GLY D 165 47.10 37.55 14.86
N GLY D 166 46.99 38.87 14.99
CA GLY D 166 45.82 39.51 15.60
C GLY D 166 45.63 39.20 17.08
N LYS D 167 44.41 38.81 17.44
CA LYS D 167 44.04 38.42 18.83
C LYS D 167 44.76 37.15 19.32
N ASN D 168 45.00 36.19 18.41
CA ASN D 168 45.72 34.96 18.75
C ASN D 168 47.23 35.17 19.05
N GLY D 169 47.85 36.19 18.44
CA GLY D 169 49.31 36.46 18.54
C GLY D 169 50.14 35.70 17.52
N PHE D 170 51.41 36.10 17.38
CA PHE D 170 52.35 35.49 16.41
C PHE D 170 53.20 34.34 16.99
N MET D 171 53.10 33.16 16.36
CA MET D 171 53.88 31.95 16.72
C MET D 171 55.31 31.98 16.16
N VAL D 172 56.23 31.32 16.87
CA VAL D 172 57.60 31.05 16.39
C VAL D 172 57.65 29.68 15.72
N SER D 173 57.24 28.64 16.46
CA SER D 173 57.16 27.25 15.97
C SER D 173 55.79 26.93 15.32
N PRO D 174 55.70 25.88 14.46
CA PRO D 174 54.40 25.49 13.90
C PRO D 174 53.39 24.90 14.90
N MET D 175 52.11 25.04 14.55
CA MET D 175 50.97 24.54 15.32
C MET D 175 50.20 23.49 14.49
N LYS D 176 49.64 22.49 15.17
CA LYS D 176 48.76 21.49 14.56
C LYS D 176 47.42 22.19 14.18
N PRO D 177 46.97 22.05 12.90
CA PRO D 177 45.68 22.65 12.49
C PRO D 177 44.49 21.88 13.02
N LEU D 178 43.55 22.58 13.66
CA LEU D 178 42.43 21.94 14.34
C LEU D 178 41.40 21.50 13.31
N GLU D 179 41.06 20.20 13.32
CA GLU D 179 40.01 19.65 12.46
C GLU D 179 38.63 20.13 12.96
N ILE D 180 37.72 20.37 12.00
CA ILE D 180 36.35 20.85 12.28
C ILE D 180 35.42 19.66 12.09
N LYS D 181 34.73 19.26 13.17
CA LYS D 181 33.86 18.09 13.16
C LYS D 181 32.57 18.42 12.43
N THR D 182 31.90 17.38 11.91
CA THR D 182 30.66 17.55 11.11
C THR D 182 29.68 16.39 11.21
N GLN D 183 28.38 16.69 11.22
CA GLN D 183 27.30 15.70 11.06
C GLN D 183 27.00 15.36 9.60
N CYS D 184 27.54 16.15 8.66
CA CYS D 184 27.28 15.96 7.24
C CYS D 184 28.05 14.76 6.70
N SER D 185 27.44 14.06 5.74
CA SER D 185 28.09 12.99 4.97
C SER D 185 28.48 13.54 3.59
N GLY D 186 29.61 13.05 3.09
CA GLY D 186 30.24 13.56 1.87
C GLY D 186 31.13 14.78 2.11
N PRO D 187 31.75 15.30 1.03
CA PRO D 187 32.67 16.44 1.19
C PRO D 187 31.99 17.79 1.49
N ARG D 188 32.74 18.64 2.21
CA ARG D 188 32.39 20.05 2.45
C ARG D 188 33.20 20.93 1.50
N MET D 189 32.52 21.37 0.44
CA MET D 189 33.13 22.09 -0.68
C MET D 189 32.98 23.59 -0.46
N ASP D 190 33.96 24.33 -0.95
CA ASP D 190 33.91 25.80 -1.09
C ASP D 190 33.76 26.55 0.25
N PRO D 191 34.65 26.27 1.23
CA PRO D 191 34.54 26.95 2.53
C PRO D 191 34.90 28.42 2.47
N LYS D 192 34.12 29.26 3.16
CA LYS D 192 34.42 30.70 3.35
C LYS D 192 34.05 31.14 4.76
N ILE D 193 34.93 31.92 5.40
CA ILE D 193 34.67 32.55 6.68
C ILE D 193 33.68 33.70 6.41
N CYS D 194 32.75 33.90 7.35
CA CYS D 194 31.80 35.01 7.34
C CYS D 194 32.57 36.33 7.65
N PRO D 195 32.56 37.33 6.72
CA PRO D 195 33.38 38.56 6.96
C PRO D 195 32.95 39.36 8.18
N ALA D 196 31.64 39.56 8.33
CA ALA D 196 31.05 40.29 9.48
C ALA D 196 31.29 39.66 10.87
N ASP D 197 31.49 38.33 10.94
CA ASP D 197 31.64 37.61 12.22
C ASP D 197 32.52 36.36 12.02
N PRO D 198 33.81 36.42 12.44
CA PRO D 198 34.72 35.28 12.25
C PRO D 198 34.41 33.98 13.03
N ALA D 199 33.51 34.04 14.01
CA ALA D 199 32.89 32.84 14.59
C ALA D 199 32.18 31.96 13.55
N PHE D 200 31.66 32.58 12.48
CA PHE D 200 30.90 31.87 11.45
C PHE D 200 31.68 31.56 10.18
N PHE D 201 31.23 30.49 9.52
CA PHE D 201 31.72 30.08 8.20
C PHE D 201 30.63 29.27 7.48
N SER D 202 30.83 29.09 6.18
CA SER D 202 29.88 28.44 5.27
C SER D 202 30.57 27.39 4.45
N PHE D 203 29.76 26.51 3.87
CA PHE D 203 30.21 25.47 2.92
C PHE D 203 29.07 24.91 2.10
N ILE D 204 29.44 24.15 1.09
CA ILE D 204 28.49 23.39 0.28
C ILE D 204 28.63 21.94 0.72
N ASN D 205 27.49 21.33 0.99
CA ASN D 205 27.38 19.90 1.20
C ASN D 205 26.17 19.43 0.39
N ASN D 206 26.39 18.44 -0.48
CA ASN D 206 25.34 17.85 -1.29
C ASN D 206 24.48 18.89 -2.04
N SER D 207 25.16 19.76 -2.78
CA SER D 207 24.53 20.83 -3.59
C SER D 207 23.55 21.77 -2.87
N ASP D 208 23.83 22.06 -1.59
CA ASP D 208 23.06 23.02 -0.80
C ASP D 208 23.99 23.86 0.06
N LEU D 209 23.50 25.03 0.44
CA LEU D 209 24.24 25.93 1.30
C LEU D 209 24.06 25.51 2.75
N TRP D 210 25.18 25.35 3.45
CA TRP D 210 25.22 25.17 4.89
C TRP D 210 25.99 26.33 5.54
N VAL D 211 25.77 26.50 6.84
CA VAL D 211 26.53 27.45 7.68
C VAL D 211 26.83 26.79 9.01
N ALA D 212 27.88 27.27 9.67
CA ALA D 212 28.35 26.68 10.92
C ALA D 212 29.19 27.64 11.74
N ASN D 213 29.31 27.31 13.03
CA ASN D 213 30.00 28.15 14.01
C ASN D 213 31.29 27.42 14.41
N ILE D 214 32.43 28.01 14.05
CA ILE D 214 33.75 27.42 14.32
C ILE D 214 34.05 27.23 15.82
N GLU D 215 33.53 28.13 16.66
CA GLU D 215 33.76 28.10 18.11
C GLU D 215 32.94 27.03 18.83
N THR D 216 31.64 26.97 18.53
CA THR D 216 30.67 26.06 19.19
C THR D 216 30.41 24.70 18.48
N GLY D 217 30.81 24.58 17.22
CA GLY D 217 30.57 23.36 16.43
C GLY D 217 29.18 23.18 15.84
N GLU D 218 28.26 24.15 16.05
CA GLU D 218 26.88 24.06 15.56
C GLU D 218 26.85 24.29 14.05
N GLU D 219 26.14 23.41 13.33
CA GLU D 219 25.92 23.49 11.90
C GLU D 219 24.43 23.71 11.61
N ARG D 220 24.12 24.47 10.55
CA ARG D 220 22.76 24.65 10.06
C ARG D 220 22.70 24.71 8.54
N ARG D 221 21.81 23.89 7.96
CA ARG D 221 21.51 23.86 6.53
C ARG D 221 20.58 25.01 6.19
N LEU D 222 20.88 25.73 5.10
CA LEU D 222 20.08 26.91 4.66
C LEU D 222 19.25 26.77 3.37
N THR D 223 19.61 25.83 2.50
CA THR D 223 18.82 25.51 1.28
C THR D 223 18.45 24.04 1.26
N PHE D 224 17.36 23.73 0.56
CA PHE D 224 16.79 22.39 0.46
C PHE D 224 16.42 22.03 -1.01
N CYS D 225 17.30 22.38 -1.96
CA CYS D 225 17.18 21.96 -3.36
C CYS D 225 17.50 20.49 -3.66
N HIS D 226 18.33 19.88 -2.79
CA HIS D 226 18.79 18.50 -2.93
C HIS D 226 18.09 17.58 -1.93
N GLN D 227 17.88 16.32 -2.32
CA GLN D 227 17.02 15.36 -1.63
C GLN D 227 17.80 14.10 -1.18
N VAL D 232 20.02 10.05 -9.17
CA VAL D 232 21.05 10.89 -9.78
C VAL D 232 20.53 11.89 -10.80
N LEU D 233 19.61 11.46 -11.67
CA LEU D 233 18.91 12.32 -12.65
C LEU D 233 17.61 12.93 -12.09
N ASP D 234 16.96 12.20 -11.18
CA ASP D 234 15.75 12.68 -10.51
C ASP D 234 15.92 13.80 -9.46
N ASP D 235 17.15 14.23 -9.18
CA ASP D 235 17.45 15.30 -8.23
C ASP D 235 18.21 16.49 -8.90
N PRO D 236 17.55 17.22 -9.82
CA PRO D 236 18.24 18.18 -10.70
C PRO D 236 18.52 19.61 -10.14
N LYS D 237 17.96 19.94 -8.98
CA LYS D 237 18.10 21.25 -8.38
C LYS D 237 19.36 21.32 -7.51
N SER D 238 20.00 22.47 -7.50
CA SER D 238 21.26 22.73 -6.81
C SER D 238 21.22 24.16 -6.27
N ALA D 239 21.98 24.40 -5.19
CA ALA D 239 22.04 25.71 -4.53
C ALA D 239 23.45 26.00 -4.05
N GLY D 240 23.94 27.20 -4.39
CA GLY D 240 25.30 27.64 -4.03
C GLY D 240 26.46 27.09 -4.87
N VAL D 241 26.12 26.54 -6.03
CA VAL D 241 27.02 25.76 -6.85
C VAL D 241 27.14 26.42 -8.22
N ALA D 242 28.39 26.55 -8.68
CA ALA D 242 28.67 26.87 -10.07
C ALA D 242 28.59 25.55 -10.85
N THR D 243 27.75 25.52 -11.89
CA THR D 243 27.62 24.39 -12.79
C THR D 243 28.82 24.28 -13.74
N PHE D 244 28.90 23.17 -14.46
CA PHE D 244 30.03 22.80 -15.32
C PHE D 244 30.54 23.95 -16.19
N VAL D 245 29.67 24.42 -17.09
CA VAL D 245 30.01 25.49 -18.06
C VAL D 245 30.44 26.79 -17.37
N ILE D 246 29.87 27.08 -16.19
CA ILE D 246 30.28 28.21 -15.36
C ILE D 246 31.70 28.03 -14.81
N GLN D 247 31.99 26.87 -14.24
CA GLN D 247 33.36 26.56 -13.76
C GLN D 247 34.40 26.57 -14.92
N GLU D 248 34.13 25.77 -15.95
CA GLU D 248 35.08 25.47 -17.03
C GLU D 248 35.28 26.66 -18.01
N GLU D 249 34.19 27.32 -18.39
CA GLU D 249 34.20 28.36 -19.46
C GLU D 249 34.07 29.85 -19.01
N PHE D 250 33.61 30.08 -17.77
CA PHE D 250 33.47 31.41 -17.18
C PHE D 250 34.32 31.68 -15.92
N ASP D 251 35.21 30.73 -15.54
CA ASP D 251 36.20 31.01 -14.48
C ASP D 251 35.61 31.37 -13.07
N ARG D 252 34.37 30.96 -12.82
CA ARG D 252 33.71 31.15 -11.53
C ARG D 252 33.61 29.81 -10.84
N PHE D 253 34.17 29.73 -9.63
CA PHE D 253 34.21 28.48 -8.86
C PHE D 253 33.36 28.54 -7.58
N THR D 254 32.28 29.31 -7.64
CA THR D 254 31.41 29.54 -6.49
C THR D 254 30.08 30.15 -6.92
N GLY D 255 29.01 29.76 -6.24
CA GLY D 255 27.66 30.28 -6.51
C GLY D 255 26.97 30.82 -5.27
N TYR D 256 27.77 31.27 -4.30
CA TYR D 256 27.28 31.96 -3.12
C TYR D 256 28.28 33.03 -2.69
N TRP D 257 27.76 34.14 -2.18
CA TRP D 257 28.57 35.31 -1.78
C TRP D 257 28.06 35.84 -0.45
N TRP D 258 28.93 35.83 0.58
CA TRP D 258 28.59 36.39 1.88
C TRP D 258 28.36 37.89 1.76
N CYS D 259 27.32 38.36 2.43
CA CYS D 259 27.18 39.78 2.70
C CYS D 259 28.29 40.18 3.70
N PRO D 260 29.02 41.29 3.44
CA PRO D 260 30.16 41.66 4.31
C PRO D 260 29.86 42.34 5.67
N THR D 261 28.59 42.62 5.95
CA THR D 261 28.14 43.30 7.17
C THR D 261 26.85 42.67 7.69
N ALA D 262 26.53 42.99 8.95
CA ALA D 262 25.40 42.43 9.68
C ALA D 262 24.35 43.50 9.94
N SER D 263 23.08 43.12 9.81
CA SER D 263 21.94 43.96 10.24
C SER D 263 21.48 43.56 11.63
N TRP D 264 20.77 44.49 12.27
CA TRP D 264 20.21 44.34 13.60
C TRP D 264 18.74 44.79 13.59
N GLU D 265 17.99 44.33 12.59
CA GLU D 265 16.54 44.54 12.57
C GLU D 265 15.85 43.56 13.51
N GLY D 266 14.64 43.93 13.94
CA GLY D 266 13.73 43.04 14.68
C GLY D 266 13.67 43.28 16.18
N SER D 267 13.13 42.29 16.88
CA SER D 267 12.99 42.32 18.34
C SER D 267 14.35 41.99 18.99
N LEU D 270 18.69 40.48 18.20
CA LEU D 270 19.38 39.48 17.39
C LEU D 270 20.14 40.10 16.21
N LYS D 271 21.25 39.45 15.84
CA LYS D 271 22.15 39.88 14.74
C LYS D 271 21.85 38.98 13.55
N THR D 272 21.61 39.61 12.39
CA THR D 272 21.32 38.88 11.13
C THR D 272 22.53 38.88 10.17
N LEU D 273 22.73 37.73 9.53
CA LEU D 273 23.78 37.54 8.52
C LEU D 273 23.11 37.10 7.24
N ARG D 274 23.66 37.51 6.11
CA ARG D 274 23.07 37.26 4.75
C ARG D 274 24.05 36.58 3.78
N ILE D 275 23.51 35.77 2.85
CA ILE D 275 24.27 35.16 1.75
C ILE D 275 23.43 35.26 0.47
N LEU D 276 23.93 36.02 -0.50
CA LEU D 276 23.44 35.96 -1.89
C LEU D 276 23.86 34.61 -2.47
N TYR D 277 22.96 33.97 -3.23
CA TYR D 277 23.26 32.64 -3.79
C TYR D 277 22.50 32.31 -5.08
N GLU D 278 23.18 31.56 -5.96
CA GLU D 278 22.62 31.16 -7.23
C GLU D 278 21.93 29.82 -7.01
N GLU D 279 20.65 29.76 -7.31
CA GLU D 279 19.86 28.53 -7.33
C GLU D 279 19.85 28.06 -8.77
N VAL D 280 19.86 26.74 -8.94
CA VAL D 280 20.04 26.10 -10.24
C VAL D 280 19.05 24.96 -10.37
N ASP D 281 18.35 24.91 -11.51
CA ASP D 281 17.54 23.76 -11.95
C ASP D 281 18.10 23.23 -13.29
N GLU D 282 18.72 22.04 -13.24
CA GLU D 282 19.35 21.39 -14.41
C GLU D 282 18.50 20.30 -15.08
N SER D 283 17.17 20.38 -14.95
CA SER D 283 16.24 19.36 -15.45
C SER D 283 16.30 19.19 -16.96
N GLU D 284 16.21 20.33 -17.66
CA GLU D 284 16.24 20.46 -19.12
C GLU D 284 17.64 20.34 -19.82
N VAL D 285 18.68 20.11 -19.02
CA VAL D 285 20.06 19.98 -19.50
C VAL D 285 20.36 18.52 -19.80
N GLU D 286 20.96 18.27 -20.97
CA GLU D 286 21.33 16.91 -21.39
C GLU D 286 22.32 16.27 -20.41
N VAL D 287 22.15 14.96 -20.25
CA VAL D 287 23.05 14.10 -19.48
C VAL D 287 23.97 13.41 -20.45
N ILE D 288 25.22 13.33 -20.06
CA ILE D 288 26.16 12.46 -20.73
C ILE D 288 26.88 11.68 -19.66
N HIS D 289 27.33 10.49 -20.04
CA HIS D 289 28.05 9.57 -19.18
C HIS D 289 29.54 9.55 -19.52
N VAL D 290 30.39 9.68 -18.50
CA VAL D 290 31.87 9.66 -18.65
C VAL D 290 32.42 8.53 -17.79
N PRO D 291 33.51 7.82 -18.22
CA PRO D 291 34.01 6.72 -17.39
C PRO D 291 34.61 7.15 -16.05
N SER D 292 34.35 6.36 -15.01
CA SER D 292 34.89 6.59 -13.68
C SER D 292 36.41 6.27 -13.69
N PRO D 293 37.21 6.98 -12.87
CA PRO D 293 38.59 6.61 -12.55
C PRO D 293 38.81 5.16 -12.07
N ALA D 294 37.83 4.60 -11.35
CA ALA D 294 37.86 3.20 -10.90
C ALA D 294 37.50 2.26 -12.06
N LEU D 295 38.50 1.96 -12.90
CA LEU D 295 38.28 1.20 -14.15
C LEU D 295 37.77 -0.23 -13.92
N GLU D 296 38.27 -0.86 -12.85
CA GLU D 296 37.81 -2.17 -12.38
C GLU D 296 36.28 -2.26 -12.12
N GLU D 297 35.70 -1.21 -11.53
CA GLU D 297 34.23 -1.09 -11.35
C GLU D 297 33.42 -1.11 -12.68
N ARG D 298 34.01 -0.60 -13.77
CA ARG D 298 33.33 -0.43 -15.08
C ARG D 298 32.02 0.38 -15.02
N LYS D 299 32.00 1.37 -14.12
CA LYS D 299 30.90 2.31 -13.97
C LYS D 299 31.30 3.65 -14.63
N THR D 300 30.33 4.54 -14.74
CA THR D 300 30.45 5.89 -15.29
C THR D 300 29.96 6.87 -14.26
N ASP D 301 30.12 8.14 -14.58
CA ASP D 301 29.52 9.25 -13.85
C ASP D 301 28.56 9.98 -14.78
N SER D 302 27.37 10.33 -14.27
CA SER D 302 26.44 11.25 -14.93
C SER D 302 26.92 12.71 -14.75
N TYR D 303 26.63 13.51 -15.76
CA TYR D 303 27.11 14.88 -15.87
C TYR D 303 26.04 15.64 -16.61
N ARG D 304 25.61 16.76 -16.04
CA ARG D 304 24.83 17.74 -16.80
C ARG D 304 25.82 18.46 -17.70
N TYR D 305 25.72 18.21 -19.00
CA TYR D 305 26.62 18.79 -20.02
C TYR D 305 25.78 19.51 -21.08
N PRO D 306 25.69 20.86 -20.99
CA PRO D 306 24.99 21.61 -22.02
C PRO D 306 25.85 21.69 -23.29
N ARG D 307 25.50 20.88 -24.28
CA ARG D 307 26.11 20.98 -25.60
C ARG D 307 25.59 22.22 -26.31
N THR D 308 26.44 22.79 -27.15
CA THR D 308 26.10 23.96 -27.97
C THR D 308 24.73 23.84 -28.61
N GLY D 309 23.91 24.89 -28.50
CA GLY D 309 22.54 24.89 -29.01
C GLY D 309 21.48 24.36 -28.04
N SER D 310 21.87 23.42 -27.17
CA SER D 310 20.95 22.82 -26.18
C SER D 310 20.79 23.71 -24.98
N LYS D 311 19.84 23.35 -24.11
CA LYS D 311 19.51 24.17 -22.92
C LYS D 311 20.62 24.14 -21.86
N ASN D 312 21.05 25.35 -21.45
CA ASN D 312 21.81 25.58 -20.20
C ASN D 312 20.88 25.49 -18.99
N PRO D 313 21.44 25.48 -17.76
CA PRO D 313 20.57 25.46 -16.59
C PRO D 313 19.63 26.68 -16.46
N LYS D 314 18.41 26.44 -15.92
CA LYS D 314 17.49 27.51 -15.50
C LYS D 314 18.00 28.04 -14.16
N ILE D 315 18.31 29.34 -14.08
CA ILE D 315 19.07 29.96 -12.95
C ILE D 315 18.27 31.02 -12.18
N ALA D 316 18.76 31.38 -11.01
CA ALA D 316 18.18 32.46 -10.19
C ALA D 316 19.12 32.89 -9.06
N LEU D 317 19.15 34.19 -8.75
CA LEU D 317 19.74 34.70 -7.51
C LEU D 317 18.67 34.72 -6.45
N LYS D 318 19.03 34.18 -5.28
CA LYS D 318 18.19 34.09 -4.10
C LYS D 318 19.02 34.59 -2.95
N LEU D 319 18.30 34.92 -1.87
CA LEU D 319 18.89 35.36 -0.63
C LEU D 319 18.60 34.36 0.49
N ALA D 320 19.56 34.15 1.39
CA ALA D 320 19.37 33.32 2.59
C ALA D 320 19.85 34.08 3.84
N GLU D 321 18.90 34.43 4.71
CA GLU D 321 19.18 35.09 5.99
C GLU D 321 19.26 34.09 7.12
N PHE D 322 20.06 34.40 8.14
CA PHE D 322 20.01 33.66 9.39
C PHE D 322 20.38 34.55 10.55
N GLN D 323 19.64 34.38 11.66
CA GLN D 323 19.81 35.20 12.84
C GLN D 323 20.66 34.43 13.85
N THR D 324 21.41 35.21 14.63
CA THR D 324 22.27 34.73 15.71
C THR D 324 21.95 35.47 17.00
N ASP D 325 22.03 34.78 18.15
CA ASP D 325 21.96 35.45 19.46
C ASP D 325 23.36 35.94 19.91
N SER D 326 23.42 36.61 21.05
CA SER D 326 24.69 37.08 21.62
C SER D 326 25.69 35.95 21.95
N GLN D 327 25.19 34.75 22.26
CA GLN D 327 26.01 33.53 22.45
C GLN D 327 26.53 32.81 21.18
N GLY D 328 26.20 33.32 19.99
CA GLY D 328 26.59 32.68 18.73
C GLY D 328 25.76 31.46 18.32
N LYS D 329 24.59 31.28 18.93
CA LYS D 329 23.65 30.18 18.57
C LYS D 329 22.86 30.66 17.36
N ILE D 330 22.72 29.80 16.33
CA ILE D 330 21.93 30.11 15.14
C ILE D 330 20.46 29.88 15.53
N VAL D 331 19.71 30.97 15.62
CA VAL D 331 18.33 30.94 16.14
C VAL D 331 17.41 30.44 15.00
N SER D 332 17.28 31.28 13.98
CA SER D 332 16.33 31.10 12.91
C SER D 332 17.04 31.24 11.57
N THR D 333 16.44 30.62 10.54
CA THR D 333 16.93 30.71 9.16
C THR D 333 15.76 31.01 8.22
N GLN D 334 16.03 31.75 7.16
CA GLN D 334 15.03 32.20 6.19
C GLN D 334 15.53 32.02 4.72
N GLU D 335 14.64 31.58 3.86
CA GLU D 335 14.91 31.39 2.42
C GLU D 335 14.17 32.48 1.66
N LYS D 336 14.91 33.41 1.05
CA LYS D 336 14.33 34.55 0.33
C LYS D 336 14.54 34.44 -1.19
N GLU D 337 13.59 34.99 -1.93
CA GLU D 337 13.55 34.99 -3.39
C GLU D 337 13.10 36.36 -3.86
N LEU D 338 13.49 36.72 -5.08
CA LEU D 338 13.13 38.01 -5.67
C LEU D 338 11.60 38.20 -5.77
N VAL D 339 11.14 39.43 -5.47
CA VAL D 339 9.71 39.83 -5.48
C VAL D 339 8.97 39.51 -6.78
N GLN D 340 9.67 39.63 -7.91
CA GLN D 340 9.25 39.02 -9.18
C GLN D 340 10.23 37.88 -9.51
N PRO D 341 9.86 36.94 -10.39
CA PRO D 341 10.80 35.95 -10.90
C PRO D 341 12.07 36.54 -11.54
N PHE D 342 13.16 35.78 -11.50
CA PHE D 342 14.40 36.14 -12.18
C PHE D 342 14.22 36.15 -13.72
N SER D 343 13.52 35.15 -14.26
CA SER D 343 13.18 35.12 -15.71
C SER D 343 12.26 36.25 -16.24
N SER D 344 11.50 36.92 -15.36
CA SER D 344 10.61 38.04 -15.73
C SER D 344 11.35 39.37 -15.65
N LEU D 345 11.99 39.64 -14.50
CA LEU D 345 12.85 40.84 -14.27
C LEU D 345 14.02 40.99 -15.24
N PHE D 346 14.64 39.85 -15.52
CA PHE D 346 15.83 39.75 -16.33
C PHE D 346 15.60 38.71 -17.45
N PRO D 347 14.64 39.01 -18.37
CA PRO D 347 14.17 38.04 -19.38
C PRO D 347 15.19 37.44 -20.34
N LYS D 348 16.21 38.23 -20.72
CA LYS D 348 17.25 37.81 -21.68
C LYS D 348 18.61 37.38 -21.04
N VAL D 349 18.68 37.29 -19.71
CA VAL D 349 19.88 36.88 -18.99
C VAL D 349 19.99 35.34 -19.03
N GLU D 350 21.14 34.85 -19.48
CA GLU D 350 21.44 33.43 -19.68
C GLU D 350 22.44 32.83 -18.68
N TYR D 351 23.48 33.58 -18.30
CA TYR D 351 24.48 33.13 -17.29
C TYR D 351 24.68 34.20 -16.25
N ILE D 352 24.99 33.80 -15.03
CA ILE D 352 25.50 34.75 -14.02
C ILE D 352 26.99 34.53 -14.08
N ALA D 353 27.69 35.50 -14.66
CA ALA D 353 29.16 35.51 -14.72
C ALA D 353 29.80 35.65 -13.35
N ARG D 354 29.42 36.69 -12.63
CA ARG D 354 30.04 37.08 -11.35
C ARG D 354 29.02 37.70 -10.46
N ALA D 355 29.31 37.67 -9.17
CA ALA D 355 28.52 38.39 -8.20
C ALA D 355 29.28 38.73 -6.92
N GLY D 356 28.65 39.55 -6.10
CA GLY D 356 29.16 39.91 -4.77
C GLY D 356 28.30 41.00 -4.15
N TRP D 357 28.91 41.80 -3.28
CA TRP D 357 28.21 42.90 -2.59
C TRP D 357 29.04 44.17 -2.55
N THR D 358 28.37 45.30 -2.29
CA THR D 358 29.04 46.55 -1.90
C THR D 358 29.62 46.34 -0.50
N ARG D 359 30.65 47.11 -0.14
CA ARG D 359 31.37 46.91 1.14
C ARG D 359 30.54 47.21 2.39
N ASP D 360 29.62 48.15 2.29
CA ASP D 360 28.64 48.46 3.37
C ASP D 360 27.45 47.50 3.49
N GLY D 361 27.28 46.60 2.51
CA GLY D 361 26.18 45.63 2.48
C GLY D 361 24.88 46.18 1.94
N LYS D 362 24.92 47.36 1.34
CA LYS D 362 23.72 48.09 0.89
C LYS D 362 23.06 47.36 -0.29
N TYR D 363 23.87 47.01 -1.27
CA TYR D 363 23.44 46.25 -2.45
C TYR D 363 24.26 44.98 -2.61
N ALA D 364 23.59 43.89 -2.95
CA ALA D 364 24.24 42.80 -3.69
C ALA D 364 24.41 43.26 -5.12
N TRP D 365 25.34 42.65 -5.83
CA TRP D 365 25.48 42.89 -7.28
C TRP D 365 25.78 41.65 -8.05
N ALA D 366 25.52 41.73 -9.34
CA ALA D 366 25.67 40.61 -10.25
C ALA D 366 26.07 41.12 -11.65
N MET D 367 26.81 40.27 -12.36
CA MET D 367 27.25 40.51 -13.75
C MET D 367 26.49 39.48 -14.61
N PHE D 368 25.54 39.96 -15.42
CA PHE D 368 24.64 39.13 -16.25
C PHE D 368 25.14 39.09 -17.69
N LEU D 369 24.69 38.07 -18.42
CA LEU D 369 25.05 37.90 -19.86
C LEU D 369 23.93 37.24 -20.64
N ASP D 370 23.73 37.68 -21.89
CA ASP D 370 22.82 37.01 -22.82
C ASP D 370 23.48 35.74 -23.42
N ARG D 371 22.69 34.93 -24.11
CA ARG D 371 23.16 33.64 -24.65
C ARG D 371 24.24 33.77 -25.77
N PRO D 372 24.10 34.77 -26.66
CA PRO D 372 25.21 35.08 -27.58
C PRO D 372 26.51 35.57 -26.94
N GLN D 373 26.44 36.09 -25.72
CA GLN D 373 27.55 36.76 -25.03
C GLN D 373 28.01 38.00 -25.82
N GLN D 374 27.04 38.88 -26.10
CA GLN D 374 27.27 40.19 -26.74
C GLN D 374 26.59 41.39 -26.02
N TRP D 375 26.24 41.19 -24.75
N TRP D 375 26.18 41.19 -24.76
CA TRP D 375 25.43 42.14 -23.98
CA TRP D 375 25.42 42.16 -23.98
C TRP D 375 25.63 41.72 -22.53
C TRP D 375 25.59 41.75 -22.51
N LEU D 376 26.37 42.54 -21.77
CA LEU D 376 26.58 42.35 -20.32
C LEU D 376 25.90 43.48 -19.57
N GLN D 377 25.45 43.20 -18.33
CA GLN D 377 24.80 44.15 -17.45
C GLN D 377 25.31 43.99 -16.00
N LEU D 378 25.83 45.07 -15.43
CA LEU D 378 26.18 45.11 -13.99
C LEU D 378 24.95 45.65 -13.28
N VAL D 379 24.35 44.81 -12.46
CA VAL D 379 23.05 45.04 -11.84
C VAL D 379 23.25 45.04 -10.32
N LEU D 380 22.73 46.06 -9.64
CA LEU D 380 22.60 46.06 -8.16
C LEU D 380 21.28 45.45 -7.78
N LEU D 381 21.29 44.67 -6.70
CA LEU D 381 20.09 44.03 -6.15
C LEU D 381 20.03 44.37 -4.66
N PRO D 382 19.15 45.33 -4.27
CA PRO D 382 18.96 45.62 -2.83
C PRO D 382 18.32 44.43 -2.10
N PRO D 383 18.76 44.13 -0.85
CA PRO D 383 18.12 43.08 -0.02
C PRO D 383 16.58 43.15 0.17
N ALA D 384 16.05 44.37 0.32
CA ALA D 384 14.61 44.63 0.34
C ALA D 384 13.83 44.17 -0.90
N LEU D 385 14.48 44.08 -2.05
CA LEU D 385 13.91 43.47 -3.28
C LEU D 385 13.57 41.96 -3.16
N PHE D 386 14.22 41.26 -2.23
CA PHE D 386 13.99 39.83 -1.96
C PHE D 386 12.99 39.65 -0.78
N ILE D 387 12.06 38.70 -0.91
CA ILE D 387 11.02 38.36 0.12
C ILE D 387 10.97 36.84 0.41
N PRO D 388 10.49 36.41 1.62
CA PRO D 388 10.45 34.96 1.92
C PRO D 388 9.70 34.11 0.91
N SER D 389 10.24 32.95 0.58
CA SER D 389 9.63 32.03 -0.37
C SER D 389 8.49 31.35 0.37
N THR D 390 7.36 31.23 -0.32
CA THR D 390 6.25 30.37 0.08
C THR D 390 5.56 29.86 -1.20
N GLU D 391 5.03 28.63 -1.13
CA GLU D 391 4.25 28.02 -2.23
C GLU D 391 2.74 28.48 -2.27
N ASN D 392 2.28 29.24 -1.26
CA ASN D 392 0.93 29.82 -1.24
C ASN D 392 0.96 31.26 -1.79
N GLU D 393 0.22 31.47 -2.87
CA GLU D 393 0.25 32.70 -3.65
C GLU D 393 -0.34 33.93 -2.94
N GLU D 394 -1.34 33.73 -2.09
CA GLU D 394 -1.91 34.82 -1.23
C GLU D 394 -0.88 35.39 -0.24
N GLN D 395 -0.16 34.50 0.46
CA GLN D 395 0.96 34.88 1.36
C GLN D 395 2.10 35.62 0.62
N ARG D 396 2.41 35.19 -0.62
CA ARG D 396 3.44 35.82 -1.45
C ARG D 396 3.04 37.23 -1.91
N LEU D 397 1.79 37.41 -2.33
CA LEU D 397 1.26 38.76 -2.66
C LEU D 397 1.14 39.72 -1.47
N ALA D 398 1.01 39.18 -0.25
CA ALA D 398 1.02 40.00 0.97
C ALA D 398 2.39 40.61 1.19
N SER D 399 3.38 39.74 1.23
CA SER D 399 4.81 40.14 1.33
C SER D 399 5.30 40.98 0.15
N ALA D 400 4.79 40.68 -1.06
CA ALA D 400 5.04 41.49 -2.28
C ALA D 400 4.49 42.92 -2.22
N ARG D 401 3.26 43.06 -1.69
CA ARG D 401 2.67 44.38 -1.39
C ARG D 401 3.46 45.23 -0.39
N ALA D 402 4.05 44.56 0.60
CA ALA D 402 4.87 45.25 1.63
C ALA D 402 6.22 45.88 1.15
N VAL D 403 6.74 45.42 0.03
CA VAL D 403 8.04 45.91 -0.46
C VAL D 403 7.89 47.35 -0.97
N PRO D 404 8.76 48.30 -0.49
CA PRO D 404 8.65 49.71 -0.88
C PRO D 404 8.66 49.98 -2.37
N ARG D 405 7.93 51.03 -2.78
CA ARG D 405 7.75 51.41 -4.19
C ARG D 405 9.09 51.89 -4.80
N ASN D 406 9.84 52.67 -4.03
CA ASN D 406 11.17 53.14 -4.46
C ASN D 406 12.24 52.03 -4.74
N VAL D 407 12.14 50.90 -4.07
CA VAL D 407 13.04 49.73 -4.21
C VAL D 407 12.98 49.12 -5.62
N GLN D 408 14.14 48.74 -6.14
CA GLN D 408 14.26 48.13 -7.48
C GLN D 408 15.70 47.65 -7.80
N PRO D 409 15.85 46.84 -8.86
CA PRO D 409 17.18 46.68 -9.47
C PRO D 409 17.72 48.00 -10.08
N TYR D 410 19.03 48.16 -10.05
CA TYR D 410 19.71 49.34 -10.64
C TYR D 410 20.82 48.83 -11.55
N VAL D 411 20.59 48.87 -12.86
CA VAL D 411 21.59 48.50 -13.87
C VAL D 411 22.57 49.65 -14.01
N VAL D 412 23.71 49.51 -13.33
CA VAL D 412 24.77 50.52 -13.31
C VAL D 412 25.69 50.55 -14.56
N TYR D 413 25.77 49.46 -15.32
CA TYR D 413 26.62 49.39 -16.49
C TYR D 413 26.08 48.47 -17.58
N GLU D 414 26.48 48.73 -18.82
CA GLU D 414 26.01 47.94 -19.98
C GLU D 414 27.10 47.96 -21.04
N GLU D 415 27.75 46.80 -21.21
CA GLU D 415 28.79 46.57 -22.21
C GLU D 415 28.19 45.81 -23.40
N VAL D 416 28.42 46.30 -24.61
CA VAL D 416 27.81 45.80 -25.84
C VAL D 416 28.88 45.65 -26.92
N THR D 417 28.71 44.67 -27.82
CA THR D 417 29.74 44.37 -28.86
C THR D 417 29.23 43.50 -30.01
N ASN D 418 29.81 43.71 -31.20
CA ASN D 418 29.65 42.80 -32.37
C ASN D 418 30.49 41.52 -32.27
N VAL D 419 31.57 41.53 -31.49
CA VAL D 419 32.49 40.39 -31.35
C VAL D 419 32.00 39.48 -30.20
N TRP D 420 32.46 39.72 -28.96
CA TRP D 420 31.94 39.07 -27.76
C TRP D 420 32.43 39.75 -26.48
N ILE D 421 31.68 39.54 -25.39
CA ILE D 421 32.09 39.91 -24.05
C ILE D 421 32.93 38.79 -23.44
N ASN D 422 34.22 39.04 -23.34
CA ASN D 422 35.08 38.37 -22.38
C ASN D 422 34.72 38.94 -21.02
N VAL D 423 34.58 38.07 -20.03
CA VAL D 423 34.27 38.48 -18.66
C VAL D 423 35.57 39.00 -18.02
N HIS D 424 35.55 40.27 -17.59
CA HIS D 424 36.64 40.92 -16.84
C HIS D 424 36.25 41.03 -15.38
N ASP D 425 37.13 40.57 -14.49
CA ASP D 425 36.87 40.44 -13.05
C ASP D 425 36.71 41.81 -12.34
N ILE D 426 37.41 42.83 -12.84
CA ILE D 426 37.57 44.15 -12.16
C ILE D 426 36.25 44.93 -12.02
N PHE D 427 35.82 45.11 -10.76
CA PHE D 427 34.60 45.85 -10.44
C PHE D 427 34.70 46.33 -8.98
N TYR D 428 35.16 47.56 -8.78
CA TYR D 428 35.44 48.12 -7.44
C TYR D 428 34.43 49.25 -7.14
N PRO D 429 33.32 48.96 -6.39
CA PRO D 429 32.39 50.02 -6.01
C PRO D 429 32.92 50.81 -4.81
N PHE D 430 32.97 52.13 -4.96
CA PHE D 430 33.32 53.04 -3.89
C PHE D 430 32.13 53.24 -2.95
N PRO D 431 32.40 53.53 -1.65
CA PRO D 431 31.30 53.73 -0.73
C PRO D 431 30.63 55.05 -1.06
N GLN D 432 29.31 55.11 -0.85
CA GLN D 432 28.49 56.27 -1.19
C GLN D 432 28.68 57.27 -0.03
N SER D 433 29.39 58.36 -0.34
CA SER D 433 29.92 59.30 0.66
C SER D 433 28.88 60.39 1.00
N GLU D 436 24.61 58.97 -1.85
CA GLU D 436 23.40 58.24 -1.48
C GLU D 436 22.49 57.91 -2.67
N ASP D 437 22.21 58.89 -3.54
CA ASP D 437 21.46 58.72 -4.80
C ASP D 437 22.38 58.51 -6.07
N GLU D 438 23.54 57.87 -5.88
CA GLU D 438 24.59 57.66 -6.92
C GLU D 438 25.49 56.46 -6.55
N LEU D 439 26.25 55.97 -7.51
CA LEU D 439 27.35 55.03 -7.27
C LEU D 439 28.53 55.32 -8.21
N CYS D 440 29.68 55.58 -7.59
CA CYS D 440 30.97 55.67 -8.23
C CYS D 440 31.64 54.28 -8.16
N PHE D 441 32.10 53.78 -9.30
CA PHE D 441 32.86 52.52 -9.37
C PHE D 441 33.88 52.46 -10.52
N LEU D 442 34.96 51.69 -10.30
CA LEU D 442 35.97 51.34 -11.33
C LEU D 442 35.51 50.13 -12.10
N ARG D 443 35.71 50.12 -13.43
CA ARG D 443 35.32 49.00 -14.25
C ARG D 443 36.30 48.77 -15.43
N ALA D 444 36.72 47.50 -15.59
CA ALA D 444 37.53 47.08 -16.72
C ALA D 444 36.59 46.84 -17.88
N ASN D 445 36.87 47.46 -19.04
CA ASN D 445 35.97 47.44 -20.21
C ASN D 445 36.85 47.34 -21.47
N GLU D 446 36.59 46.33 -22.28
CA GLU D 446 37.30 46.05 -23.55
C GLU D 446 36.49 46.42 -24.79
N CYS D 447 35.17 46.26 -24.75
CA CYS D 447 34.32 46.51 -25.91
C CYS D 447 34.23 47.98 -26.37
N LYS D 448 34.51 48.94 -25.50
CA LYS D 448 34.34 50.37 -25.85
C LYS D 448 35.31 50.76 -26.95
N THR D 449 36.60 50.54 -26.70
CA THR D 449 37.70 50.87 -27.63
C THR D 449 38.36 49.69 -28.38
N GLY D 450 38.12 48.45 -27.92
CA GLY D 450 38.78 47.23 -28.45
C GLY D 450 39.93 46.62 -27.60
N PHE D 451 40.33 47.33 -26.54
CA PHE D 451 41.33 46.85 -25.56
C PHE D 451 40.78 47.10 -24.15
N CYS D 452 41.16 46.23 -23.21
CA CYS D 452 40.69 46.28 -21.85
C CYS D 452 41.40 47.40 -21.10
N HIS D 453 40.59 48.36 -20.62
CA HIS D 453 41.06 49.58 -19.99
C HIS D 453 40.17 49.99 -18.82
N LEU D 454 40.80 50.67 -17.85
CA LEU D 454 40.16 51.12 -16.64
C LEU D 454 39.41 52.42 -16.87
N TYR D 455 38.17 52.42 -16.37
CA TYR D 455 37.33 53.57 -16.35
C TYR D 455 36.84 53.80 -14.93
N LYS D 456 36.73 55.07 -14.53
CA LYS D 456 35.84 55.50 -13.42
C LYS D 456 34.44 55.76 -13.97
N VAL D 457 33.39 55.33 -13.27
CA VAL D 457 32.00 55.50 -13.73
C VAL D 457 31.10 55.92 -12.57
N THR D 458 30.23 56.90 -12.83
CA THR D 458 29.24 57.37 -11.86
C THR D 458 27.86 57.10 -12.48
N ALA D 459 27.12 56.17 -11.89
CA ALA D 459 25.74 55.87 -12.29
C ALA D 459 24.81 56.52 -11.30
N VAL D 460 23.70 57.03 -11.81
CA VAL D 460 22.74 57.78 -11.04
C VAL D 460 21.61 56.81 -10.71
N LEU D 461 21.45 56.51 -9.42
CA LEU D 461 20.35 55.67 -8.91
C LEU D 461 19.18 56.57 -8.53
N LYS D 462 18.19 56.65 -9.44
CA LYS D 462 16.92 57.34 -9.15
C LYS D 462 15.75 56.38 -9.39
N SER D 463 14.99 56.16 -8.30
CA SER D 463 13.85 55.25 -8.25
C SER D 463 12.64 55.66 -9.11
N GLN D 464 12.36 54.84 -10.12
CA GLN D 464 11.19 55.03 -11.01
C GLN D 464 9.82 54.84 -10.31
N GLY D 465 9.81 54.07 -9.22
CA GLY D 465 8.61 53.82 -8.43
C GLY D 465 7.80 52.70 -9.06
N TYR D 466 7.70 51.54 -8.39
CA TYR D 466 7.09 50.31 -8.96
C TYR D 466 6.00 49.65 -8.09
N ASP D 467 4.86 49.33 -8.72
CA ASP D 467 3.81 48.50 -8.12
C ASP D 467 4.28 47.04 -8.24
N TRP D 468 5.08 46.60 -7.26
CA TRP D 468 5.68 45.25 -7.26
C TRP D 468 4.73 44.07 -7.06
N SER D 469 3.57 44.32 -6.48
CA SER D 469 2.57 43.29 -6.23
C SER D 469 1.89 42.78 -7.53
N GLU D 470 1.51 43.70 -8.43
CA GLU D 470 1.00 43.36 -9.76
C GLU D 470 2.19 42.99 -10.66
N PRO D 471 2.10 41.84 -11.39
CA PRO D 471 3.23 41.42 -12.26
C PRO D 471 3.43 42.29 -13.50
N PHE D 472 4.64 42.28 -14.05
CA PHE D 472 4.90 42.96 -15.32
C PHE D 472 6.00 42.38 -16.19
N SER D 473 5.87 42.71 -17.47
CA SER D 473 6.87 42.44 -18.50
C SER D 473 7.71 43.73 -18.75
N PRO D 474 8.99 43.77 -18.27
CA PRO D 474 9.80 44.98 -18.40
C PRO D 474 10.27 45.21 -19.83
N GLY D 475 10.18 46.48 -20.26
CA GLY D 475 10.63 46.90 -21.58
C GLY D 475 12.14 47.06 -21.70
N GLU D 476 12.56 47.63 -22.83
CA GLU D 476 13.98 47.79 -23.15
C GLU D 476 14.56 48.91 -22.29
N ASP D 477 15.74 48.64 -21.74
CA ASP D 477 16.45 49.51 -20.81
C ASP D 477 15.54 49.96 -19.64
N GLU D 478 14.92 48.98 -18.98
CA GLU D 478 13.96 49.19 -17.88
C GLU D 478 14.63 49.77 -16.64
N PHE D 479 15.68 49.09 -16.19
CA PHE D 479 16.42 49.49 -14.99
C PHE D 479 17.76 50.20 -15.27
N LYS D 480 18.00 50.61 -16.52
CA LYS D 480 19.28 51.26 -16.96
C LYS D 480 19.47 52.65 -16.35
N CYS D 481 20.33 52.75 -15.34
CA CYS D 481 20.66 54.00 -14.66
C CYS D 481 21.32 54.96 -15.66
N PRO D 482 21.00 56.27 -15.57
CA PRO D 482 21.76 57.27 -16.34
C PRO D 482 23.20 57.44 -15.83
N ILE D 483 24.14 57.58 -16.76
CA ILE D 483 25.57 57.69 -16.45
C ILE D 483 25.84 59.19 -16.29
N LYS D 484 26.30 59.59 -15.11
CA LYS D 484 26.64 61.01 -14.83
C LYS D 484 27.95 61.38 -15.54
N GLU D 485 28.98 60.53 -15.33
CA GLU D 485 30.26 60.60 -16.04
C GLU D 485 30.86 59.20 -16.25
N GLU D 486 31.82 59.15 -17.17
CA GLU D 486 32.56 57.91 -17.53
C GLU D 486 33.97 58.32 -18.00
N ILE D 487 34.94 58.31 -17.08
CA ILE D 487 36.28 58.82 -17.36
C ILE D 487 37.19 57.63 -17.72
N ALA D 488 37.89 57.71 -18.86
CA ALA D 488 39.00 56.76 -19.19
C ALA D 488 40.24 57.04 -18.37
N LEU D 489 40.62 56.12 -17.48
CA LEU D 489 41.89 56.18 -16.72
C LEU D 489 43.13 55.66 -17.50
N THR D 490 42.90 54.68 -18.37
CA THR D 490 43.91 54.08 -19.23
C THR D 490 43.43 54.05 -20.70
N SER D 491 44.39 54.01 -21.62
CA SER D 491 44.13 54.05 -23.06
C SER D 491 45.39 53.64 -23.81
N GLY D 492 45.18 53.18 -25.04
CA GLY D 492 46.25 52.73 -25.96
C GLY D 492 46.03 51.36 -26.57
N GLU D 493 46.98 50.96 -27.42
CA GLU D 493 47.01 49.68 -28.11
C GLU D 493 47.65 48.60 -27.19
N TRP D 494 47.02 48.37 -26.05
CA TRP D 494 47.56 47.48 -24.99
C TRP D 494 46.46 47.21 -23.98
N GLU D 495 46.61 46.13 -23.23
CA GLU D 495 45.56 45.74 -22.31
C GLU D 495 45.96 45.77 -20.84
N VAL D 496 44.95 46.19 -20.03
CA VAL D 496 44.96 45.95 -18.59
C VAL D 496 44.53 44.51 -18.36
N LEU D 497 45.21 43.83 -17.43
CA LEU D 497 44.92 42.43 -17.13
C LEU D 497 43.75 42.36 -16.16
N ALA D 498 42.68 41.66 -16.56
CA ALA D 498 41.46 41.52 -15.70
C ALA D 498 40.83 40.13 -15.68
N ARG D 499 41.57 39.10 -16.12
CA ARG D 499 41.05 37.74 -16.26
C ARG D 499 42.02 36.78 -15.60
N HIS D 500 41.53 35.58 -15.34
CA HIS D 500 42.35 34.44 -14.87
C HIS D 500 43.23 34.83 -13.68
N GLY D 501 42.60 35.46 -12.68
CA GLY D 501 43.28 35.83 -11.44
C GLY D 501 43.99 37.17 -11.38
N SER D 502 44.11 37.86 -12.52
CA SER D 502 44.61 39.24 -12.53
C SER D 502 43.55 40.12 -11.89
N LYS D 503 44.01 41.17 -11.22
CA LYS D 503 43.17 42.03 -10.39
C LYS D 503 43.83 43.38 -10.13
N ILE D 504 43.01 44.33 -9.67
CA ILE D 504 43.49 45.64 -9.24
C ILE D 504 43.54 45.70 -7.71
N TRP D 505 44.32 46.64 -7.22
CA TRP D 505 44.33 47.03 -5.83
C TRP D 505 44.15 48.54 -5.84
N VAL D 506 43.15 48.99 -5.10
CA VAL D 506 42.76 50.38 -5.05
C VAL D 506 43.10 50.90 -3.64
N ASN D 507 43.86 52.00 -3.58
CA ASN D 507 44.17 52.74 -2.36
C ASN D 507 43.30 54.00 -2.32
N GLU D 508 42.43 54.09 -1.31
CA GLU D 508 41.45 55.20 -1.16
C GLU D 508 42.00 56.46 -0.44
N GLU D 509 43.05 56.31 0.39
CA GLU D 509 43.73 57.45 1.01
C GLU D 509 44.39 58.29 -0.07
N THR D 510 45.28 57.66 -0.85
CA THR D 510 46.08 58.35 -1.89
C THR D 510 45.40 58.53 -3.26
N LYS D 511 44.24 57.92 -3.44
CA LYS D 511 43.45 57.98 -4.67
C LYS D 511 44.17 57.33 -5.89
N LEU D 512 44.93 56.27 -5.63
CA LEU D 512 45.68 55.54 -6.67
C LEU D 512 45.11 54.12 -6.85
N VAL D 513 45.06 53.66 -8.10
CA VAL D 513 44.68 52.30 -8.49
C VAL D 513 45.93 51.62 -9.06
N TYR D 514 46.34 50.54 -8.40
CA TYR D 514 47.44 49.70 -8.82
C TYR D 514 46.88 48.59 -9.71
N PHE D 515 47.51 48.40 -10.88
CA PHE D 515 47.08 47.37 -11.84
C PHE D 515 48.22 46.72 -12.64
N GLN D 516 47.89 45.70 -13.44
CA GLN D 516 48.88 45.02 -14.33
C GLN D 516 48.48 45.17 -15.79
N GLY D 517 49.50 45.18 -16.66
CA GLY D 517 49.24 45.32 -18.09
C GLY D 517 50.39 45.02 -19.04
N THR D 518 50.06 45.19 -20.33
CA THR D 518 50.96 44.94 -21.45
C THR D 518 51.48 46.26 -22.13
N LYS D 519 51.48 47.38 -21.40
CA LYS D 519 51.73 48.71 -21.97
C LYS D 519 53.14 48.78 -22.57
N ASP D 520 54.13 48.27 -21.84
CA ASP D 520 55.49 48.13 -22.37
C ASP D 520 55.57 47.22 -23.59
N THR D 521 54.91 46.05 -23.52
CA THR D 521 54.97 45.04 -24.56
C THR D 521 53.99 43.89 -24.28
N PRO D 522 53.33 43.31 -25.32
CA PRO D 522 52.51 42.07 -25.19
C PRO D 522 53.19 40.83 -24.59
N LEU D 523 54.52 40.79 -24.70
CA LEU D 523 55.35 39.72 -24.21
C LEU D 523 55.65 39.74 -22.71
N GLU D 524 55.32 40.83 -22.00
CA GLU D 524 55.68 40.97 -20.59
C GLU D 524 54.48 41.52 -19.87
N HIS D 525 54.04 40.86 -18.80
CA HIS D 525 53.14 41.49 -17.79
C HIS D 525 53.94 42.41 -16.87
N HIS D 526 53.45 43.64 -16.69
CA HIS D 526 54.05 44.62 -15.81
C HIS D 526 53.06 45.29 -14.88
N LEU D 527 53.55 45.64 -13.70
CA LEU D 527 52.81 46.36 -12.69
C LEU D 527 52.85 47.88 -12.98
N TYR D 528 51.67 48.51 -13.04
CA TYR D 528 51.53 49.96 -13.10
C TYR D 528 50.70 50.55 -11.94
N VAL D 529 50.80 51.87 -11.78
CA VAL D 529 49.98 52.65 -10.84
C VAL D 529 49.52 53.92 -11.54
N VAL D 530 48.27 54.33 -11.25
CA VAL D 530 47.67 55.53 -11.83
C VAL D 530 46.61 56.08 -10.87
N SER D 531 46.43 57.40 -10.89
CA SER D 531 45.49 58.08 -10.01
C SER D 531 44.10 57.98 -10.62
N TYR D 532 43.15 57.44 -9.84
CA TYR D 532 41.75 57.42 -10.22
C TYR D 532 41.03 58.77 -10.10
N GLU D 533 41.57 59.67 -9.28
CA GLU D 533 41.06 61.06 -9.15
C GLU D 533 41.37 61.87 -10.39
N ALA D 534 42.64 61.84 -10.78
CA ALA D 534 43.16 62.54 -11.98
C ALA D 534 43.92 61.56 -12.87
N ALA D 535 43.25 61.07 -13.91
CA ALA D 535 43.85 60.15 -14.90
C ALA D 535 45.04 60.76 -15.68
N GLY D 536 46.21 60.74 -15.04
CA GLY D 536 47.43 61.36 -15.57
C GLY D 536 48.49 60.33 -15.92
N GLU D 537 49.67 60.49 -15.34
CA GLU D 537 50.83 59.66 -15.65
C GLU D 537 50.69 58.27 -15.04
N ILE D 538 50.75 57.26 -15.92
CA ILE D 538 50.87 55.84 -15.56
C ILE D 538 52.36 55.58 -15.32
N VAL D 539 52.70 55.15 -14.10
CA VAL D 539 54.08 54.80 -13.71
C VAL D 539 54.21 53.29 -13.64
N ARG D 540 55.25 52.75 -14.29
CA ARG D 540 55.68 51.36 -14.14
C ARG D 540 56.54 51.10 -12.87
N LEU D 541 56.22 50.02 -12.13
CA LEU D 541 56.94 49.64 -10.90
C LEU D 541 57.83 48.39 -11.01
N THR D 542 57.73 47.67 -12.13
CA THR D 542 58.50 46.43 -12.37
C THR D 542 59.58 46.67 -13.47
N THR D 543 60.73 45.98 -13.35
CA THR D 543 61.87 46.22 -14.27
C THR D 543 61.61 45.58 -15.66
N PRO D 544 61.89 46.29 -16.78
CA PRO D 544 61.70 45.66 -18.10
C PRO D 544 62.70 44.56 -18.45
N GLY D 545 62.33 43.76 -19.46
CA GLY D 545 63.03 42.51 -19.82
C GLY D 545 62.56 41.23 -19.13
N PHE D 546 61.54 41.34 -18.27
CA PHE D 546 60.94 40.24 -17.53
C PHE D 546 59.45 40.44 -17.47
N SER D 547 58.72 39.33 -17.32
CA SER D 547 57.25 39.33 -17.14
C SER D 547 56.95 39.03 -15.69
N HIS D 548 55.95 39.71 -15.13
CA HIS D 548 55.73 39.79 -13.70
C HIS D 548 54.29 39.37 -13.31
N SER D 549 54.18 38.51 -12.29
CA SER D 549 52.95 38.18 -11.59
C SER D 549 53.00 38.78 -10.17
N CYS D 550 52.23 39.84 -9.97
CA CYS D 550 52.36 40.73 -8.78
C CYS D 550 51.22 40.60 -7.75
N SER D 551 51.54 41.03 -6.51
CA SER D 551 50.58 41.05 -5.38
C SER D 551 50.97 42.15 -4.38
N MET D 552 50.02 43.03 -4.03
CA MET D 552 50.23 44.21 -3.17
C MET D 552 49.79 43.92 -1.73
N SER D 553 50.48 44.53 -0.77
CA SER D 553 49.96 44.71 0.58
C SER D 553 48.69 45.58 0.53
N GLN D 554 47.66 45.21 1.30
CA GLN D 554 46.46 46.09 1.48
C GLN D 554 46.81 47.41 2.20
N ASN D 555 47.94 47.41 2.93
CA ASN D 555 48.58 48.64 3.45
C ASN D 555 49.46 49.44 2.44
N PHE D 556 49.65 48.93 1.22
CA PHE D 556 50.32 49.62 0.08
C PHE D 556 51.80 50.09 0.28
N ASP D 557 52.47 49.53 1.29
CA ASP D 557 53.89 49.84 1.61
C ASP D 557 54.90 48.91 0.91
N MET D 558 54.46 47.72 0.50
CA MET D 558 55.30 46.74 -0.20
C MET D 558 54.51 45.73 -1.04
N PHE D 559 55.13 45.30 -2.15
CA PHE D 559 54.58 44.27 -3.03
C PHE D 559 55.60 43.15 -3.35
N VAL D 560 55.06 41.96 -3.68
CA VAL D 560 55.82 40.86 -4.27
C VAL D 560 55.64 40.90 -5.79
N SER D 561 56.72 40.50 -6.49
CA SER D 561 56.66 40.12 -7.90
C SER D 561 57.32 38.75 -8.11
N HIS D 562 56.50 37.77 -8.51
CA HIS D 562 56.96 36.47 -9.02
C HIS D 562 57.19 36.64 -10.55
N TYR D 563 58.46 36.77 -10.93
CA TYR D 563 58.85 37.19 -12.28
C TYR D 563 59.88 36.26 -12.91
N SER D 564 60.01 36.39 -14.23
CA SER D 564 60.90 35.53 -15.06
C SER D 564 61.14 36.10 -16.46
N SER D 565 62.03 35.46 -17.22
CA SER D 565 62.22 35.71 -18.68
C SER D 565 62.40 34.39 -19.43
N VAL D 566 62.41 34.46 -20.77
CA VAL D 566 62.66 33.27 -21.63
C VAL D 566 64.02 32.63 -21.32
N SER D 567 65.02 33.47 -21.15
CA SER D 567 66.40 33.08 -20.87
C SER D 567 66.69 32.73 -19.42
N THR D 568 65.96 33.29 -18.45
CA THR D 568 66.28 33.20 -17.01
C THR D 568 65.17 32.51 -16.22
N PRO D 569 65.53 31.61 -15.26
CA PRO D 569 64.47 30.99 -14.43
C PRO D 569 63.73 31.98 -13.51
N PRO D 570 62.62 31.55 -12.88
CA PRO D 570 61.83 32.49 -12.10
C PRO D 570 62.45 32.88 -10.76
N CYS D 571 62.28 34.15 -10.39
CA CYS D 571 62.50 34.67 -9.05
C CYS D 571 61.17 35.09 -8.38
N VAL D 572 61.22 35.24 -7.07
CA VAL D 572 60.21 35.96 -6.30
C VAL D 572 60.96 36.94 -5.37
N HIS D 573 60.79 38.23 -5.65
CA HIS D 573 61.40 39.32 -4.88
C HIS D 573 60.32 40.13 -4.13
N VAL D 574 60.75 40.74 -3.03
CA VAL D 574 59.94 41.59 -2.17
C VAL D 574 60.44 43.04 -2.36
N TYR D 575 59.57 43.88 -2.93
CA TYR D 575 59.85 45.29 -3.21
C TYR D 575 59.06 46.17 -2.25
N LYS D 576 59.76 47.11 -1.61
CA LYS D 576 59.14 48.11 -0.71
C LYS D 576 58.98 49.41 -1.50
N LEU D 577 57.76 49.96 -1.51
CA LEU D 577 57.49 51.29 -2.09
C LEU D 577 57.88 52.39 -1.11
N SER D 578 58.85 53.23 -1.50
CA SER D 578 59.42 54.28 -0.63
C SER D 578 59.52 55.64 -1.32
N GLY D 579 59.49 56.69 -0.50
CA GLY D 579 59.54 58.09 -0.95
C GLY D 579 58.73 59.05 -0.06
N PRO D 580 58.78 60.38 -0.33
CA PRO D 580 57.95 61.36 0.40
C PRO D 580 56.45 61.14 0.20
N ASP D 581 55.69 61.17 1.29
CA ASP D 581 54.23 60.91 1.24
C ASP D 581 53.37 61.98 0.53
N ASP D 582 53.91 63.18 0.30
CA ASP D 582 53.28 64.21 -0.55
C ASP D 582 53.15 63.88 -2.07
N ASP D 583 54.00 62.99 -2.60
CA ASP D 583 53.97 62.55 -4.03
C ASP D 583 53.85 61.01 -4.13
N PRO D 584 52.67 60.44 -3.79
CA PRO D 584 52.55 58.98 -3.68
C PRO D 584 52.59 58.21 -5.01
N LEU D 585 52.26 58.90 -6.11
CA LEU D 585 52.36 58.33 -7.45
C LEU D 585 53.76 57.85 -7.80
N HIS D 586 54.78 58.59 -7.34
CA HIS D 586 56.20 58.29 -7.70
C HIS D 586 56.97 57.74 -6.49
N LYS D 587 56.35 56.78 -5.78
CA LYS D 587 57.08 55.97 -4.78
C LYS D 587 58.02 55.03 -5.56
N GLN D 588 59.33 55.18 -5.39
CA GLN D 588 60.32 54.38 -6.13
C GLN D 588 60.41 52.98 -5.50
N PRO D 589 60.20 51.90 -6.31
CA PRO D 589 60.26 50.55 -5.77
C PRO D 589 61.70 50.13 -5.51
N ARG D 590 62.04 49.95 -4.24
CA ARG D 590 63.39 49.51 -3.82
C ARG D 590 63.29 48.01 -3.48
N PHE D 591 64.19 47.20 -4.05
CA PHE D 591 64.39 45.78 -3.64
C PHE D 591 64.64 45.72 -2.14
N TRP D 592 63.80 44.95 -1.43
CA TRP D 592 63.93 44.74 0.01
C TRP D 592 64.65 43.42 0.25
N ALA D 593 64.06 42.34 -0.26
CA ALA D 593 64.51 40.98 0.00
C ALA D 593 64.02 40.04 -1.07
N SER D 594 64.59 38.83 -1.09
CA SER D 594 64.25 37.75 -2.04
C SER D 594 63.67 36.52 -1.34
N MET D 595 62.88 35.76 -2.08
CA MET D 595 62.14 34.57 -1.60
C MET D 595 62.42 33.27 -2.36
N MET D 596 62.47 33.38 -3.68
CA MET D 596 62.95 32.33 -4.55
C MET D 596 64.02 32.88 -5.53
N GLU D 597 65.06 32.08 -5.78
CA GLU D 597 66.10 32.37 -6.76
C GLU D 597 66.31 31.10 -7.59
N ALA D 598 66.25 31.24 -8.92
CA ALA D 598 66.97 30.39 -9.88
C ALA D 598 66.86 28.83 -9.86
N ALA D 599 67.55 28.20 -10.82
CA ALA D 599 67.78 26.74 -10.91
C ALA D 599 68.91 26.47 -11.92
N ASP D 604 70.51 19.40 -20.41
CA ASP D 604 70.91 20.80 -20.36
C ASP D 604 69.94 21.68 -21.14
N TYR D 605 69.43 22.73 -20.49
CA TYR D 605 68.42 23.61 -21.09
C TYR D 605 69.02 24.78 -21.88
N VAL D 606 68.59 24.94 -23.14
CA VAL D 606 68.97 26.08 -23.98
C VAL D 606 67.67 26.81 -24.31
N PRO D 607 67.52 28.08 -23.86
CA PRO D 607 66.24 28.75 -24.07
C PRO D 607 65.95 29.08 -25.54
N PRO D 608 64.65 29.21 -25.91
CA PRO D 608 64.32 29.61 -27.27
C PRO D 608 64.51 31.12 -27.48
N GLU D 609 64.25 31.56 -28.71
CA GLU D 609 64.44 32.97 -29.13
C GLU D 609 63.10 33.48 -29.56
N ILE D 610 62.65 34.57 -28.95
CA ILE D 610 61.44 35.25 -29.43
C ILE D 610 61.86 36.02 -30.69
N PHE D 611 60.97 35.98 -31.66
CA PHE D 611 61.02 36.81 -32.84
C PHE D 611 59.60 37.28 -33.16
N HIS D 612 59.51 38.12 -34.19
CA HIS D 612 58.26 38.58 -34.75
C HIS D 612 58.38 38.77 -36.24
N PHE D 613 57.25 38.91 -36.88
CA PHE D 613 57.18 39.13 -38.33
C PHE D 613 55.79 39.63 -38.70
N HIS D 614 55.67 40.11 -39.94
CA HIS D 614 54.44 40.68 -40.48
C HIS D 614 53.89 39.78 -41.58
N THR D 615 52.58 39.59 -41.56
CA THR D 615 51.89 38.82 -42.58
C THR D 615 51.76 39.63 -43.86
N ARG D 616 51.45 38.94 -44.96
CA ARG D 616 51.03 39.58 -46.25
C ARG D 616 49.87 40.59 -46.10
N SER D 617 49.03 40.39 -45.08
CA SER D 617 48.01 41.33 -44.61
C SER D 617 48.47 42.45 -43.60
N ASP D 618 49.78 42.61 -43.38
CA ASP D 618 50.39 43.58 -42.42
C ASP D 618 49.93 43.50 -40.94
N VAL D 619 49.92 42.29 -40.42
CA VAL D 619 49.59 41.98 -39.01
C VAL D 619 50.86 41.45 -38.36
N ARG D 620 51.29 42.08 -37.25
CA ARG D 620 52.47 41.62 -36.53
C ARG D 620 52.10 40.36 -35.74
N LEU D 621 52.79 39.26 -36.04
CA LEU D 621 52.70 38.03 -35.24
C LEU D 621 54.01 37.84 -34.51
N TYR D 622 53.93 37.39 -33.25
CA TYR D 622 55.12 36.99 -32.44
C TYR D 622 55.29 35.49 -32.48
N GLY D 623 56.54 35.07 -32.35
CA GLY D 623 56.89 33.66 -32.49
C GLY D 623 58.10 33.29 -31.68
N MET D 624 58.26 31.99 -31.48
CA MET D 624 59.29 31.42 -30.63
C MET D 624 59.97 30.32 -31.43
N ILE D 625 61.30 30.24 -31.37
CA ILE D 625 62.05 29.07 -31.94
C ILE D 625 63.09 28.49 -30.97
N TYR D 626 63.07 27.16 -30.83
CA TYR D 626 64.14 26.40 -30.21
C TYR D 626 65.03 25.92 -31.37
N LYS D 627 66.27 26.41 -31.44
CA LYS D 627 67.26 25.97 -32.44
C LYS D 627 67.74 24.56 -32.07
N PRO D 628 68.14 23.75 -33.07
CA PRO D 628 68.82 22.48 -32.76
C PRO D 628 70.11 22.66 -31.97
N HIS D 629 70.27 21.86 -30.91
CA HIS D 629 71.44 21.94 -30.02
C HIS D 629 72.66 21.46 -30.79
N ALA D 630 73.80 22.09 -30.51
CA ALA D 630 75.05 21.88 -31.27
C ALA D 630 74.87 22.02 -32.80
N LEU D 631 74.20 23.11 -33.22
CA LEU D 631 73.89 23.36 -34.64
C LEU D 631 75.14 23.49 -35.52
N GLN D 632 75.07 22.95 -36.74
CA GLN D 632 76.05 23.19 -37.79
C GLN D 632 75.30 23.98 -38.88
N PRO D 633 75.65 25.27 -39.08
CA PRO D 633 75.04 26.04 -40.19
C PRO D 633 75.31 25.41 -41.55
N GLY D 634 74.27 25.48 -42.40
CA GLY D 634 74.24 24.77 -43.68
C GLY D 634 73.41 23.49 -43.66
N LYS D 635 73.36 22.82 -42.49
CA LYS D 635 72.46 21.68 -42.29
C LYS D 635 71.01 22.17 -42.20
N LYS D 636 70.11 21.36 -42.74
CA LYS D 636 68.67 21.58 -42.69
C LYS D 636 68.04 20.46 -41.84
N HIS D 637 67.25 20.86 -40.85
CA HIS D 637 66.78 19.96 -39.79
C HIS D 637 65.28 19.72 -39.90
N PRO D 638 64.81 18.53 -39.46
CA PRO D 638 63.38 18.29 -39.43
C PRO D 638 62.76 19.14 -38.30
N THR D 639 61.50 19.49 -38.47
CA THR D 639 60.87 20.54 -37.70
C THR D 639 59.56 20.09 -37.11
N VAL D 640 59.34 20.42 -35.84
CA VAL D 640 58.05 20.21 -35.13
C VAL D 640 57.42 21.60 -34.89
N LEU D 641 56.33 21.87 -35.58
CA LEU D 641 55.50 23.04 -35.30
C LEU D 641 54.59 22.71 -34.12
N PHE D 642 55.01 23.07 -32.90
CA PHE D 642 54.14 22.96 -31.72
C PHE D 642 53.07 24.07 -31.79
N VAL D 643 51.81 23.66 -31.66
CA VAL D 643 50.68 24.57 -31.78
C VAL D 643 49.70 24.42 -30.62
N TYR D 644 49.07 25.53 -30.23
CA TYR D 644 47.74 25.50 -29.58
C TYR D 644 46.74 26.30 -30.41
N GLY D 645 46.84 27.62 -30.41
CA GLY D 645 46.13 28.47 -31.40
C GLY D 645 44.69 28.86 -31.14
N GLY D 646 44.08 28.34 -30.07
CA GLY D 646 42.73 28.74 -29.64
C GLY D 646 42.67 30.02 -28.79
N PRO D 647 41.45 30.52 -28.48
CA PRO D 647 41.24 31.68 -27.62
C PRO D 647 41.63 31.49 -26.15
N GLN D 648 42.05 32.58 -25.53
CA GLN D 648 42.40 32.70 -24.11
C GLN D 648 43.80 32.17 -23.78
N VAL D 649 44.67 32.02 -24.81
CA VAL D 649 46.05 31.54 -24.59
C VAL D 649 47.02 32.32 -25.48
N GLN D 650 48.16 32.66 -24.86
CA GLN D 650 49.35 33.17 -25.50
C GLN D 650 50.47 32.24 -25.07
N LEU D 651 51.04 31.57 -26.04
CA LEU D 651 52.22 30.72 -25.86
C LEU D 651 53.50 31.54 -25.86
N VAL D 652 53.60 32.49 -26.81
CA VAL D 652 54.80 33.28 -27.08
C VAL D 652 54.70 34.55 -26.25
N ASN D 653 55.49 34.54 -25.20
CA ASN D 653 55.79 35.70 -24.38
C ASN D 653 57.14 35.52 -23.70
N ASN D 654 57.63 36.60 -23.10
CA ASN D 654 58.92 36.63 -22.45
C ASN D 654 58.81 36.22 -20.98
N SER D 655 58.66 34.91 -20.78
CA SER D 655 58.71 34.26 -19.46
C SER D 655 59.30 32.87 -19.64
N PHE D 656 59.72 32.27 -18.53
CA PHE D 656 60.44 30.99 -18.58
C PHE D 656 59.56 29.82 -19.02
N LYS D 657 60.01 29.12 -20.05
CA LYS D 657 59.30 28.01 -20.67
C LYS D 657 59.82 26.61 -20.31
N GLY D 658 61.03 26.52 -19.78
CA GLY D 658 61.67 25.24 -19.50
C GLY D 658 61.03 24.29 -18.50
N ILE D 659 60.04 24.76 -17.73
CA ILE D 659 59.29 23.93 -16.77
C ILE D 659 58.23 23.12 -17.54
N LYS D 660 57.27 23.86 -18.10
CA LYS D 660 56.09 23.28 -18.78
C LYS D 660 56.43 22.75 -20.19
N TYR D 661 57.43 23.35 -20.86
CA TYR D 661 57.85 22.97 -22.23
C TYR D 661 59.28 22.44 -22.26
N LEU D 662 59.63 21.63 -21.24
CA LEU D 662 60.88 20.87 -21.23
C LEU D 662 60.98 19.90 -22.42
N ARG D 663 59.86 19.25 -22.76
CA ARG D 663 59.76 18.36 -23.93
C ARG D 663 60.18 19.03 -25.26
N LEU D 664 59.88 20.31 -25.41
CA LEU D 664 60.34 21.08 -26.56
C LEU D 664 61.85 21.26 -26.59
N ASN D 665 62.46 21.51 -25.43
CA ASN D 665 63.93 21.48 -25.32
C ASN D 665 64.51 20.07 -25.57
N THR D 666 63.87 19.03 -25.02
CA THR D 666 64.26 17.65 -25.28
C THR D 666 64.25 17.33 -26.79
N LEU D 667 63.18 17.75 -27.51
CA LEU D 667 63.12 17.66 -28.98
C LEU D 667 64.33 18.34 -29.62
N ALA D 668 64.57 19.58 -29.22
CA ALA D 668 65.73 20.35 -29.66
C ALA D 668 67.10 19.70 -29.36
N SER D 669 67.24 19.08 -28.19
CA SER D 669 68.45 18.30 -27.84
C SER D 669 68.80 17.14 -28.82
N LEU D 670 67.77 16.58 -29.45
CA LEU D 670 67.90 15.53 -30.49
C LEU D 670 68.08 16.05 -31.93
N GLY D 671 67.91 17.34 -32.16
CA GLY D 671 68.08 17.97 -33.49
C GLY D 671 66.82 18.26 -34.28
N TYR D 672 65.71 18.39 -33.56
CA TYR D 672 64.48 18.92 -34.12
C TYR D 672 64.51 20.43 -33.98
N ALA D 673 64.18 21.14 -35.04
CA ALA D 673 63.75 22.53 -34.93
C ALA D 673 62.33 22.51 -34.34
N VAL D 674 62.11 23.32 -33.30
CA VAL D 674 60.79 23.46 -32.69
C VAL D 674 60.41 24.94 -32.83
N VAL D 675 59.25 25.17 -33.45
CA VAL D 675 58.71 26.48 -33.79
C VAL D 675 57.35 26.67 -33.11
N VAL D 676 57.12 27.83 -32.50
CA VAL D 676 55.82 28.20 -31.89
C VAL D 676 55.38 29.59 -32.37
N ILE D 677 54.13 29.69 -32.82
CA ILE D 677 53.56 30.87 -33.44
C ILE D 677 52.28 31.21 -32.70
N ASP D 678 52.17 32.45 -32.22
CA ASP D 678 50.89 33.01 -31.76
C ASP D 678 50.20 33.69 -32.93
N GLY D 679 49.39 32.92 -33.65
CA GLY D 679 48.56 33.45 -34.72
C GLY D 679 47.35 34.25 -34.24
N ARG D 680 46.62 34.79 -35.22
CA ARG D 680 45.36 35.50 -35.00
C ARG D 680 44.36 34.59 -34.30
N GLY D 681 43.68 35.15 -33.30
CA GLY D 681 42.85 34.39 -32.35
C GLY D 681 43.41 34.44 -30.93
N SER D 682 44.73 34.27 -30.80
CA SER D 682 45.41 34.20 -29.49
C SER D 682 45.17 35.47 -28.66
N CYS D 683 45.26 35.36 -27.32
CA CYS D 683 44.96 36.46 -26.40
C CYS D 683 46.18 37.39 -26.15
N GLN D 684 45.95 38.45 -25.34
CA GLN D 684 46.91 39.56 -25.00
C GLN D 684 47.11 40.64 -26.09
N ARG D 685 46.35 40.57 -27.20
CA ARG D 685 46.42 41.51 -28.34
C ARG D 685 45.10 42.25 -28.60
N GLY D 686 44.18 42.18 -27.63
CA GLY D 686 42.90 42.84 -27.71
C GLY D 686 41.88 42.05 -28.47
N LEU D 687 40.68 42.63 -28.49
CA LEU D 687 39.48 41.96 -29.03
C LEU D 687 39.53 41.71 -30.54
N ARG D 688 40.03 42.69 -31.31
CA ARG D 688 40.01 42.60 -32.78
C ARG D 688 40.92 41.50 -33.34
N PHE D 689 42.05 41.27 -32.67
CA PHE D 689 43.02 40.21 -33.04
C PHE D 689 42.45 38.82 -32.73
N GLU D 690 41.91 38.68 -31.50
CA GLU D 690 41.13 37.50 -31.05
C GLU D 690 39.94 37.23 -31.97
N GLY D 691 39.27 38.30 -32.39
CA GLY D 691 38.08 38.24 -33.21
C GLY D 691 38.17 37.76 -34.63
N ALA D 692 39.38 37.59 -35.16
CA ALA D 692 39.61 36.91 -36.46
C ALA D 692 39.04 35.47 -36.57
N LEU D 693 38.92 34.80 -35.43
CA LEU D 693 38.24 33.50 -35.29
C LEU D 693 36.73 33.48 -35.57
N LYS D 694 36.05 34.62 -35.43
CA LYS D 694 34.59 34.63 -35.20
C LYS D 694 33.81 33.90 -36.31
N ASN D 695 33.18 32.79 -35.93
CA ASN D 695 32.34 31.93 -36.80
C ASN D 695 33.09 31.21 -37.94
N GLN D 696 34.40 31.01 -37.77
CA GLN D 696 35.22 30.30 -38.76
C GLN D 696 36.45 29.63 -38.12
N MET D 697 36.25 29.00 -36.96
CA MET D 697 37.33 28.38 -36.22
C MET D 697 37.90 27.23 -37.05
N GLY D 698 39.23 27.12 -37.03
CA GLY D 698 39.99 26.29 -37.97
C GLY D 698 40.46 26.90 -39.28
N GLN D 699 39.79 27.97 -39.76
CA GLN D 699 40.00 28.49 -41.12
C GLN D 699 41.18 29.45 -41.25
N VAL D 700 41.28 30.39 -40.32
CA VAL D 700 42.31 31.44 -40.34
C VAL D 700 43.66 31.02 -39.70
N GLU D 701 43.63 30.11 -38.73
CA GLU D 701 44.77 29.86 -37.81
C GLU D 701 45.97 29.20 -38.48
N ILE D 702 45.72 28.19 -39.30
CA ILE D 702 46.77 27.43 -39.98
C ILE D 702 47.55 28.27 -41.02
N GLU D 703 46.85 29.16 -41.73
CA GLU D 703 47.48 30.08 -42.69
C GLU D 703 48.58 30.90 -42.01
N ASP D 704 48.22 31.52 -40.88
CA ASP D 704 49.18 32.24 -40.02
C ASP D 704 50.33 31.35 -39.52
N GLN D 705 50.02 30.10 -39.17
CA GLN D 705 51.03 29.12 -38.76
C GLN D 705 51.98 28.75 -39.89
N VAL D 706 51.43 28.59 -41.10
CA VAL D 706 52.23 28.37 -42.32
C VAL D 706 53.16 29.57 -42.60
N GLU D 707 52.58 30.78 -42.61
CA GLU D 707 53.35 32.05 -42.75
C GLU D 707 54.50 32.20 -41.73
N GLY D 708 54.22 31.87 -40.47
CA GLY D 708 55.24 31.84 -39.42
C GLY D 708 56.34 30.83 -39.63
N LEU D 709 55.94 29.63 -40.03
CA LEU D 709 56.85 28.55 -40.39
C LEU D 709 57.76 28.91 -41.60
N GLN D 710 57.17 29.45 -42.67
CA GLN D 710 57.94 30.00 -43.83
C GLN D 710 58.83 31.20 -43.48
N PHE D 711 58.41 32.04 -42.54
CA PHE D 711 59.25 33.15 -42.06
C PHE D 711 60.50 32.61 -41.36
N VAL D 712 60.27 31.68 -40.44
CA VAL D 712 61.32 30.99 -39.71
C VAL D 712 62.35 30.31 -40.64
N ALA D 713 61.86 29.77 -41.77
CA ALA D 713 62.75 29.16 -42.79
C ALA D 713 63.71 30.13 -43.45
N GLU D 714 63.21 31.32 -43.81
CA GLU D 714 64.03 32.34 -44.48
C GLU D 714 65.02 33.03 -43.53
N LYS D 715 64.53 33.43 -42.36
CA LYS D 715 65.34 34.11 -41.33
C LYS D 715 66.45 33.21 -40.81
N TYR D 716 66.07 32.06 -40.24
CA TYR D 716 67.02 31.06 -39.67
C TYR D 716 67.33 30.03 -40.73
N GLY D 717 68.61 29.75 -40.95
CA GLY D 717 68.99 28.89 -42.08
C GLY D 717 68.82 27.37 -41.98
N PHE D 718 68.07 26.88 -40.98
CA PHE D 718 68.14 25.47 -40.54
C PHE D 718 66.83 24.65 -40.61
N ILE D 719 65.79 25.17 -41.26
CA ILE D 719 64.49 24.47 -41.37
C ILE D 719 64.50 23.70 -42.69
N ASP D 720 64.31 22.37 -42.60
CA ASP D 720 63.98 21.55 -43.77
C ASP D 720 62.44 21.47 -43.82
N LEU D 721 61.88 22.25 -44.74
CA LEU D 721 60.43 22.32 -44.97
C LEU D 721 59.83 21.05 -45.59
N SER D 722 60.66 20.17 -46.11
CA SER D 722 60.26 18.79 -46.48
C SER D 722 59.92 17.86 -45.29
N ARG D 723 60.38 18.20 -44.07
CA ARG D 723 60.17 17.37 -42.87
C ARG D 723 59.54 18.17 -41.71
N VAL D 724 58.33 18.64 -41.92
CA VAL D 724 57.59 19.38 -40.90
C VAL D 724 56.48 18.49 -40.26
N ALA D 725 56.47 18.46 -38.93
CA ALA D 725 55.41 17.84 -38.12
C ALA D 725 54.60 18.90 -37.37
N ILE D 726 53.28 18.72 -37.33
CA ILE D 726 52.37 19.59 -36.54
C ILE D 726 51.91 18.83 -35.30
N HIS D 727 51.97 19.46 -34.14
CA HIS D 727 51.67 18.77 -32.86
C HIS D 727 51.03 19.74 -31.87
N GLY D 728 49.90 19.34 -31.29
CA GLY D 728 49.20 20.14 -30.28
C GLY D 728 48.15 19.35 -29.52
N TRP D 729 47.80 19.84 -28.33
N TRP D 729 47.82 19.82 -28.32
CA TRP D 729 46.80 19.21 -27.46
CA TRP D 729 46.81 19.22 -27.45
C TRP D 729 45.54 20.09 -27.45
C TRP D 729 45.55 20.08 -27.42
N SER D 730 44.38 19.44 -27.37
CA SER D 730 43.07 20.11 -27.30
C SER D 730 42.69 20.92 -28.59
N TYR D 731 42.77 22.25 -28.56
CA TYR D 731 42.59 23.09 -29.75
C TYR D 731 43.76 22.84 -30.71
N GLY D 732 44.97 22.68 -30.14
CA GLY D 732 46.18 22.34 -30.90
C GLY D 732 46.09 21.03 -31.68
N GLY D 733 45.39 20.05 -31.11
CA GLY D 733 45.10 18.77 -31.74
C GLY D 733 44.14 18.94 -32.88
N PHE D 734 43.11 19.73 -32.61
CA PHE D 734 42.20 20.22 -33.64
C PHE D 734 42.96 20.90 -34.79
N LEU D 735 43.84 21.82 -34.46
CA LEU D 735 44.68 22.47 -35.47
C LEU D 735 45.69 21.55 -36.17
N SER D 736 46.24 20.58 -35.44
CA SER D 736 47.12 19.58 -36.05
C SER D 736 46.42 18.82 -37.16
N LEU D 737 45.16 18.44 -36.91
CA LEU D 737 44.30 17.79 -37.92
C LEU D 737 43.95 18.73 -39.08
N MET D 738 43.61 19.98 -38.77
CA MET D 738 43.40 21.01 -39.82
C MET D 738 44.62 21.30 -40.70
N GLY D 739 45.79 21.29 -40.09
CA GLY D 739 47.05 21.38 -40.81
C GLY D 739 47.24 20.24 -41.82
N LEU D 740 46.91 19.02 -41.42
CA LEU D 740 47.07 17.83 -42.28
C LEU D 740 46.02 17.81 -43.40
N ILE D 741 44.78 18.15 -43.05
CA ILE D 741 43.66 18.25 -44.02
C ILE D 741 43.96 19.30 -45.11
N HIS D 742 44.12 20.53 -44.69
CA HIS D 742 44.22 21.69 -45.58
C HIS D 742 45.63 22.03 -46.09
N LYS D 743 46.69 21.57 -45.41
CA LYS D 743 48.09 21.76 -45.84
C LYS D 743 48.94 20.46 -45.83
N PRO D 744 48.48 19.40 -46.55
CA PRO D 744 49.22 18.12 -46.61
C PRO D 744 50.63 18.17 -47.25
N GLN D 745 50.82 19.04 -48.23
CA GLN D 745 52.16 19.38 -48.76
C GLN D 745 53.13 20.09 -47.79
N VAL D 746 52.60 20.75 -46.76
CA VAL D 746 53.41 21.43 -45.72
C VAL D 746 53.84 20.48 -44.60
N PHE D 747 52.85 19.80 -44.03
CA PHE D 747 53.04 18.90 -42.87
C PHE D 747 53.08 17.42 -43.27
N LYS D 748 54.21 16.76 -42.99
CA LYS D 748 54.38 15.31 -43.28
C LYS D 748 53.63 14.40 -42.30
N VAL D 749 53.67 14.73 -41.02
CA VAL D 749 52.92 14.02 -39.98
C VAL D 749 52.07 14.98 -39.14
N ALA D 750 51.16 14.40 -38.36
CA ALA D 750 50.37 15.09 -37.35
C ALA D 750 50.21 14.23 -36.12
N ILE D 751 50.55 14.77 -34.95
CA ILE D 751 50.26 14.15 -33.66
C ILE D 751 49.18 15.03 -32.99
N ALA D 752 47.93 14.69 -33.23
CA ALA D 752 46.76 15.33 -32.60
C ALA D 752 46.49 14.74 -31.20
N GLY D 753 46.71 15.53 -30.16
CA GLY D 753 46.31 15.18 -28.77
C GLY D 753 44.93 15.75 -28.42
N ALA D 754 44.12 14.94 -27.72
CA ALA D 754 42.74 15.28 -27.28
C ALA D 754 41.91 16.28 -28.13
N PRO D 755 41.81 16.03 -29.45
CA PRO D 755 41.34 17.04 -30.35
C PRO D 755 39.85 17.27 -30.27
N VAL D 756 39.45 18.50 -30.62
CA VAL D 756 38.06 18.84 -30.90
C VAL D 756 37.81 18.50 -32.37
N THR D 757 37.07 17.42 -32.57
CA THR D 757 36.71 16.90 -33.90
C THR D 757 35.29 17.28 -34.38
N VAL D 758 34.41 17.59 -33.45
CA VAL D 758 33.01 17.92 -33.71
C VAL D 758 32.68 19.11 -32.79
N TRP D 759 32.51 20.29 -33.36
CA TRP D 759 32.07 21.46 -32.58
C TRP D 759 30.68 21.32 -31.96
N MET D 760 29.77 20.63 -32.65
CA MET D 760 28.45 20.22 -32.10
C MET D 760 28.47 19.44 -30.77
N ALA D 761 29.53 18.71 -30.51
CA ALA D 761 29.69 17.97 -29.23
C ALA D 761 30.36 18.76 -28.12
N TYR D 762 30.93 19.94 -28.41
CA TYR D 762 31.54 20.80 -27.33
C TYR D 762 30.44 21.66 -26.72
N ASP D 763 30.73 22.27 -25.58
CA ASP D 763 29.70 22.96 -24.77
C ASP D 763 29.10 24.32 -25.33
N THR D 764 28.05 24.82 -24.66
CA THR D 764 27.41 26.10 -24.93
C THR D 764 28.36 27.30 -24.75
N GLY D 765 28.92 27.42 -23.53
CA GLY D 765 29.68 28.61 -23.10
C GLY D 765 30.83 29.04 -24.00
N TYR D 766 31.70 28.10 -24.31
CA TYR D 766 32.82 28.31 -25.20
C TYR D 766 32.38 28.42 -26.61
N THR D 767 31.64 27.43 -27.10
CA THR D 767 31.41 27.28 -28.53
C THR D 767 30.50 28.39 -29.10
N GLU D 768 29.41 28.71 -28.40
CA GLU D 768 28.46 29.75 -28.84
C GLU D 768 29.09 31.15 -28.92
N ARG D 769 29.90 31.46 -27.91
CA ARG D 769 30.70 32.70 -27.87
C ARG D 769 31.56 32.94 -29.15
N TYR D 770 32.31 31.93 -29.60
CA TYR D 770 33.20 32.05 -30.81
C TYR D 770 32.54 31.64 -32.13
N MET D 771 31.70 30.60 -32.09
CA MET D 771 31.13 29.99 -33.28
C MET D 771 29.62 30.15 -33.48
N ASP D 772 28.93 30.84 -32.57
CA ASP D 772 27.45 30.99 -32.59
C ASP D 772 26.77 29.65 -32.23
N VAL D 773 25.45 29.68 -32.21
CA VAL D 773 24.58 28.51 -32.16
C VAL D 773 24.64 27.73 -33.52
N PRO D 774 24.50 26.37 -33.51
CA PRO D 774 24.61 25.58 -34.78
C PRO D 774 23.63 25.92 -35.88
N GLU D 775 22.35 26.12 -35.52
CA GLU D 775 21.34 26.57 -36.50
C GLU D 775 21.65 27.93 -37.18
N ASN D 776 22.42 28.79 -36.53
CA ASN D 776 22.85 30.09 -37.06
C ASN D 776 24.19 30.10 -37.83
N ASN D 777 24.96 29.00 -37.78
CA ASN D 777 26.26 28.93 -38.45
C ASN D 777 26.58 27.52 -38.95
N GLN D 778 25.70 27.02 -39.82
CA GLN D 778 25.84 25.68 -40.40
C GLN D 778 27.17 25.56 -41.16
N HIS D 779 27.48 26.56 -42.01
CA HIS D 779 28.72 26.60 -42.83
C HIS D 779 30.01 26.56 -41.99
N GLY D 780 30.04 27.28 -40.87
CA GLY D 780 31.23 27.42 -40.02
C GLY D 780 31.49 26.24 -39.09
N TYR D 781 30.44 25.76 -38.42
CA TYR D 781 30.46 24.48 -37.68
C TYR D 781 30.95 23.30 -38.53
N GLU D 782 30.44 23.18 -39.76
CA GLU D 782 30.86 22.10 -40.67
C GLU D 782 32.30 22.28 -41.13
N ALA D 783 32.64 23.47 -41.62
CA ALA D 783 33.99 23.79 -42.10
C ALA D 783 35.10 23.60 -41.06
N GLY D 784 34.78 23.90 -39.79
CA GLY D 784 35.69 23.76 -38.65
C GLY D 784 35.67 22.46 -37.86
N SER D 785 34.88 21.47 -38.30
CA SER D 785 34.73 20.16 -37.64
C SER D 785 35.59 19.12 -38.40
N VAL D 786 36.79 18.83 -37.88
CA VAL D 786 37.76 17.97 -38.60
C VAL D 786 37.27 16.55 -38.93
N ALA D 787 36.33 16.02 -38.13
CA ALA D 787 35.70 14.71 -38.39
C ALA D 787 34.87 14.62 -39.68
N LEU D 788 34.30 15.76 -40.11
CA LEU D 788 33.50 15.78 -41.35
C LEU D 788 34.32 15.89 -42.64
N HIS D 789 35.64 16.07 -42.56
CA HIS D 789 36.53 16.27 -43.73
C HIS D 789 37.60 15.17 -43.80
N VAL D 790 37.19 13.97 -43.42
CA VAL D 790 38.09 12.83 -43.30
C VAL D 790 38.56 12.31 -44.67
N GLU D 791 37.74 12.45 -45.72
CA GLU D 791 38.20 12.19 -47.12
C GLU D 791 39.50 12.95 -47.46
N LYS D 792 39.59 14.19 -47.00
CA LYS D 792 40.79 15.02 -47.19
C LYS D 792 42.04 14.59 -46.38
N LEU D 793 41.88 13.72 -45.37
CA LEU D 793 43.04 13.18 -44.58
C LEU D 793 43.85 12.16 -45.38
N PRO D 794 45.12 11.87 -44.96
CA PRO D 794 46.00 11.14 -45.87
C PRO D 794 45.67 9.66 -46.16
N ASN D 795 45.81 9.29 -47.44
CA ASN D 795 45.82 7.90 -47.91
C ASN D 795 47.05 7.14 -47.45
N GLU D 796 48.15 7.84 -47.19
CA GLU D 796 49.39 7.25 -46.69
C GLU D 796 49.25 7.00 -45.17
N PRO D 797 49.60 5.79 -44.69
CA PRO D 797 49.76 5.59 -43.23
C PRO D 797 51.03 6.22 -42.67
N ASN D 798 51.23 6.12 -41.37
CA ASN D 798 52.32 6.79 -40.62
C ASN D 798 52.38 8.33 -40.62
N ARG D 799 51.27 8.99 -40.97
CA ARG D 799 51.17 10.46 -41.05
C ARG D 799 50.21 11.08 -40.01
N LEU D 800 49.60 10.25 -39.15
CA LEU D 800 48.54 10.69 -38.23
C LEU D 800 48.59 9.86 -36.97
N LEU D 801 48.89 10.50 -35.85
CA LEU D 801 48.85 9.90 -34.55
C LEU D 801 47.79 10.63 -33.71
N ILE D 802 46.78 9.90 -33.23
CA ILE D 802 45.73 10.44 -32.34
C ILE D 802 46.06 10.00 -30.91
N LEU D 803 45.91 10.92 -29.97
CA LEU D 803 46.09 10.65 -28.54
C LEU D 803 44.87 11.17 -27.80
N HIS D 804 44.39 10.45 -26.79
CA HIS D 804 43.29 10.97 -25.95
C HIS D 804 43.31 10.33 -24.55
N GLY D 805 42.99 11.13 -23.53
CA GLY D 805 42.72 10.65 -22.16
C GLY D 805 41.32 10.05 -22.12
N PHE D 806 41.20 8.81 -21.69
CA PHE D 806 39.92 8.11 -21.59
C PHE D 806 38.91 8.76 -20.62
N LEU D 807 39.41 9.26 -19.48
CA LEU D 807 38.60 9.90 -18.46
C LEU D 807 38.34 11.41 -18.69
N ASP D 808 38.48 11.90 -19.93
CA ASP D 808 38.44 13.35 -20.20
C ASP D 808 36.96 13.76 -20.17
N GLU D 809 36.62 14.61 -19.19
CA GLU D 809 35.26 15.16 -18.98
C GLU D 809 35.02 16.56 -19.61
N ASN D 810 36.02 17.05 -20.33
CA ASN D 810 36.01 18.35 -20.97
C ASN D 810 35.82 18.09 -22.46
N VAL D 811 36.86 17.53 -23.10
CA VAL D 811 36.82 17.03 -24.48
C VAL D 811 36.60 15.51 -24.35
N HIS D 812 35.37 15.07 -24.57
CA HIS D 812 35.03 13.66 -24.37
C HIS D 812 35.77 12.79 -25.34
N PHE D 813 36.20 11.62 -24.88
CA PHE D 813 36.86 10.60 -25.74
C PHE D 813 36.07 10.35 -27.03
N PHE D 814 34.74 10.49 -26.95
CA PHE D 814 33.85 10.56 -28.11
C PHE D 814 34.48 11.22 -29.34
N HIS D 815 35.10 12.38 -29.13
CA HIS D 815 35.72 13.15 -30.21
C HIS D 815 36.69 12.30 -31.02
N THR D 816 37.62 11.64 -30.32
CA THR D 816 38.57 10.67 -30.93
C THR D 816 37.81 9.47 -31.50
N ASN D 817 36.88 8.93 -30.72
CA ASN D 817 36.05 7.80 -31.13
C ASN D 817 35.34 8.06 -32.46
N PHE D 818 34.71 9.23 -32.54
CA PHE D 818 33.99 9.68 -33.72
C PHE D 818 34.90 10.00 -34.92
N LEU D 819 36.09 10.52 -34.65
CA LEU D 819 37.12 10.68 -35.69
C LEU D 819 37.54 9.32 -36.26
N VAL D 820 37.75 8.34 -35.40
CA VAL D 820 38.11 6.98 -35.82
C VAL D 820 36.96 6.32 -36.61
N SER D 821 35.73 6.49 -36.13
CA SER D 821 34.51 6.04 -36.84
C SER D 821 34.51 6.51 -38.29
N GLN D 822 34.77 7.81 -38.47
CA GLN D 822 34.82 8.43 -39.81
C GLN D 822 36.06 8.08 -40.63
N LEU D 823 37.20 7.90 -39.97
CA LEU D 823 38.46 7.38 -40.60
C LEU D 823 38.31 5.98 -41.21
N ILE D 824 37.59 5.11 -40.49
CA ILE D 824 37.22 3.78 -40.97
C ILE D 824 36.28 3.86 -42.18
N ARG D 825 35.25 4.71 -42.11
CA ARG D 825 34.28 4.94 -43.23
C ARG D 825 34.91 5.42 -44.53
N ALA D 826 35.89 6.32 -44.44
CA ALA D 826 36.63 6.80 -45.62
C ALA D 826 37.80 5.91 -46.05
N GLY D 827 38.15 4.92 -45.23
CA GLY D 827 39.18 3.92 -45.57
C GLY D 827 40.60 4.41 -45.27
N LYS D 828 40.74 5.12 -44.16
CA LYS D 828 41.92 5.93 -43.87
C LYS D 828 42.73 5.35 -42.71
N PRO D 829 44.06 5.21 -42.88
CA PRO D 829 44.89 4.68 -41.80
C PRO D 829 45.07 5.65 -40.60
N TYR D 830 45.32 5.09 -39.42
CA TYR D 830 45.58 5.87 -38.20
C TYR D 830 46.35 5.02 -37.19
N GLN D 831 47.14 5.70 -36.35
CA GLN D 831 47.74 5.16 -35.13
C GLN D 831 47.10 5.86 -33.95
N LEU D 832 47.01 5.15 -32.83
CA LEU D 832 46.20 5.59 -31.69
C LEU D 832 46.83 5.14 -30.41
N GLN D 833 46.79 6.06 -29.43
CA GLN D 833 47.25 5.82 -28.04
C GLN D 833 46.20 6.37 -27.08
N ILE D 834 45.79 5.54 -26.13
CA ILE D 834 44.83 5.92 -25.08
C ILE D 834 45.63 6.11 -23.79
N TYR D 835 45.13 7.00 -22.93
CA TYR D 835 45.61 7.18 -21.55
C TYR D 835 44.40 6.86 -20.70
N PRO D 836 44.28 5.58 -20.25
CA PRO D 836 43.07 5.16 -19.52
C PRO D 836 42.81 5.77 -18.17
N ASN D 837 43.86 6.25 -17.49
CA ASN D 837 43.76 6.77 -16.14
C ASN D 837 43.96 8.30 -16.06
N GLU D 838 43.58 9.02 -17.12
CA GLU D 838 43.94 10.43 -17.33
C GLU D 838 42.76 11.18 -17.92
N ARG D 839 42.50 12.41 -17.42
CA ARG D 839 41.43 13.25 -17.95
C ARG D 839 42.03 14.16 -19.03
N HIS D 840 41.76 15.48 -19.01
CA HIS D 840 42.21 16.36 -20.12
C HIS D 840 43.75 16.60 -20.21
N SER D 841 44.46 16.50 -19.08
CA SER D 841 45.92 16.59 -19.02
C SER D 841 46.53 15.29 -18.47
N ILE D 842 47.76 14.99 -18.92
CA ILE D 842 48.48 13.81 -18.42
C ILE D 842 49.20 14.20 -17.11
N ARG D 843 48.56 13.94 -15.98
CA ARG D 843 49.12 14.24 -14.65
C ARG D 843 50.16 13.22 -14.15
N CYS D 844 49.87 11.92 -14.27
CA CYS D 844 50.74 10.87 -13.76
C CYS D 844 52.07 10.81 -14.53
N PRO D 845 53.21 10.91 -13.81
CA PRO D 845 54.52 11.03 -14.49
C PRO D 845 54.87 9.88 -15.43
N GLU D 846 54.60 8.63 -15.01
CA GLU D 846 54.89 7.43 -15.84
C GLU D 846 54.11 7.41 -17.17
N SER D 847 52.85 7.83 -17.13
CA SER D 847 52.05 8.07 -18.36
C SER D 847 52.69 9.18 -19.20
N GLY D 848 53.06 10.28 -18.53
CA GLY D 848 53.73 11.41 -19.17
C GLY D 848 55.01 11.06 -19.92
N GLU D 849 55.90 10.31 -19.26
CA GLU D 849 57.13 9.80 -19.88
C GLU D 849 56.84 8.90 -21.08
N HIS D 850 55.86 7.99 -20.93
CA HIS D 850 55.43 7.11 -22.04
C HIS D 850 54.95 7.91 -23.26
N TYR D 851 54.18 8.97 -23.00
CA TYR D 851 53.68 9.89 -24.05
C TYR D 851 54.84 10.49 -24.84
N GLU D 852 55.83 11.02 -24.12
CA GLU D 852 56.99 11.65 -24.73
C GLU D 852 57.86 10.65 -25.51
N VAL D 853 58.01 9.43 -25.00
CA VAL D 853 58.79 8.37 -25.68
C VAL D 853 58.16 7.99 -27.01
N THR D 854 56.84 7.82 -27.00
CA THR D 854 56.03 7.52 -28.19
C THR D 854 56.23 8.59 -29.27
N LEU D 855 56.09 9.86 -28.85
CA LEU D 855 56.25 11.01 -29.73
C LEU D 855 57.62 11.01 -30.39
N LEU D 856 58.66 10.80 -29.61
CA LEU D 856 60.03 10.74 -30.13
C LEU D 856 60.19 9.65 -31.16
N HIS D 857 59.65 8.46 -30.85
CA HIS D 857 59.67 7.32 -31.75
C HIS D 857 58.90 7.59 -33.04
N PHE D 858 57.68 8.11 -32.91
CA PHE D 858 56.86 8.43 -34.09
C PHE D 858 57.55 9.45 -35.02
N LEU D 859 58.19 10.46 -34.43
CA LEU D 859 58.95 11.47 -35.20
C LEU D 859 60.27 10.89 -35.81
N GLN D 860 60.97 10.12 -35.00
CA GLN D 860 62.20 9.38 -35.38
C GLN D 860 62.00 8.53 -36.62
N GLU D 861 61.01 7.63 -36.53
CA GLU D 861 60.72 6.66 -37.59
C GLU D 861 60.11 7.27 -38.84
N TYR D 862 59.12 8.14 -38.64
CA TYR D 862 58.19 8.57 -39.69
C TYR D 862 58.27 10.03 -40.18
N LEU D 863 59.03 10.91 -39.50
CA LEU D 863 59.28 12.29 -40.03
C LEU D 863 60.51 12.26 -40.95
N HIS D 864 60.30 11.85 -42.19
CA HIS D 864 61.31 11.81 -43.26
C HIS D 864 60.68 11.98 -44.66
N HIS D 865 61.31 12.79 -45.52
CA HIS D 865 61.06 12.81 -46.97
C HIS D 865 62.23 13.48 -47.69
#